data_2KWN
#
_entry.id   2KWN
#
_cell.length_a   1.000
_cell.length_b   1.000
_cell.length_c   1.000
_cell.angle_alpha   90.00
_cell.angle_beta   90.00
_cell.angle_gamma   90.00
#
_symmetry.space_group_name_H-M   'P 1'
#
loop_
_entity.id
_entity.type
_entity.pdbx_description
1 polymer 'Histone peptide'
2 polymer 'Zinc finger protein DPF3'
3 non-polymer 'ZINC ION'
#
loop_
_entity_poly.entity_id
_entity_poly.type
_entity_poly.pdbx_seq_one_letter_code
_entity_poly.pdbx_strand_id
1 'polypeptide(L)' GLGKGGA(ALY)RHRKVLR B
2 'polypeptide(L)'
;GSYCDFCLGGSNMNKKSGRPEELVSCADCGRSGHPTCLQFTLNMTEAVKTYKWQCIECKSCILCGTSENDDQLLFCDDCD
RGYHMYCLNPPVAEPPEGSWSCHLCWELLKEKAS
;
A
#
loop_
_chem_comp.id
_chem_comp.type
_chem_comp.name
_chem_comp.formula
ZN non-polymer 'ZINC ION' 'Zn 2'
#
# COMPACT_ATOMS: atom_id res chain seq x y z
N GLY A 1 -8.23 16.80 -3.77
CA GLY A 1 -7.78 17.63 -4.92
C GLY A 1 -6.55 18.47 -4.60
N LEU A 2 -6.22 18.54 -3.32
CA LEU A 2 -5.05 19.32 -2.89
C LEU A 2 -3.82 18.42 -2.76
N GLY A 3 -2.64 19.04 -2.80
CA GLY A 3 -1.41 18.29 -2.70
C GLY A 3 -0.80 18.34 -1.31
N LYS A 4 -1.67 18.44 -0.30
CA LYS A 4 -1.22 18.49 1.10
C LYS A 4 -0.65 17.15 1.54
N GLY A 5 -1.40 16.08 1.27
CA GLY A 5 -0.95 14.74 1.65
C GLY A 5 -0.84 14.58 3.14
N GLY A 6 -1.79 13.86 3.74
CA GLY A 6 -1.78 13.63 5.17
C GLY A 6 -0.58 12.83 5.62
N ALA A 7 -0.01 12.06 4.70
CA ALA A 7 1.15 11.23 5.00
C ALA A 7 2.11 11.16 3.80
OH ALY A 8 4.63 3.79 1.62
CH ALY A 8 5.81 3.96 1.92
CH3 ALY A 8 6.65 2.71 2.22
NZ ALY A 8 6.25 5.12 2.35
CE ALY A 8 5.37 6.08 3.01
CD ALY A 8 5.11 7.31 2.15
CG ALY A 8 4.26 8.33 2.91
CB ALY A 8 4.14 9.65 2.13
CA ALY A 8 2.71 10.02 1.74
N ALY A 8 1.88 10.18 2.93
C ALY A 8 2.13 8.96 0.81
O ALY A 8 2.06 9.16 -0.41
HH31 ALY A 8 7.70 2.97 2.19
HH32 ALY A 8 6.41 2.35 3.21
HH33 ALY A 8 6.44 1.94 1.50
HZ ALY A 8 7.20 5.20 2.58
HE3 ALY A 8 4.42 5.59 3.22
HE2 ALY A 8 5.82 6.39 3.94
HD3 ALY A 8 6.05 7.76 1.89
HD2 ALY A 8 4.58 7.02 1.26
HG3 ALY A 8 3.27 7.93 3.05
HG2 ALY A 8 4.72 8.53 3.85
HB3 ALY A 8 4.55 10.44 2.74
HB2 ALY A 8 4.74 9.56 1.23
HA ALY A 8 2.72 10.96 1.21
H ALY A 8 1.13 9.56 3.07
N ARG A 9 1.73 7.82 1.37
CA ARG A 9 1.17 6.72 0.58
C ARG A 9 2.17 6.27 -0.47
N HIS A 10 1.85 5.18 -1.14
CA HIS A 10 2.68 4.63 -2.19
C HIS A 10 2.83 5.64 -3.35
N ARG A 11 2.78 5.11 -4.58
CA ARG A 11 2.88 5.91 -5.80
C ARG A 11 4.32 6.23 -6.22
N LYS A 12 5.24 6.23 -5.28
CA LYS A 12 6.66 6.50 -5.55
C LYS A 12 6.87 7.69 -6.49
N VAL A 13 7.28 8.81 -5.91
CA VAL A 13 7.54 10.02 -6.68
C VAL A 13 9.04 10.30 -6.73
N LEU A 14 9.73 9.60 -7.63
CA LEU A 14 11.17 9.76 -7.80
C LEU A 14 11.90 9.46 -6.49
N ARG A 15 12.25 8.18 -6.30
CA ARG A 15 12.95 7.75 -5.09
C ARG A 15 12.12 8.06 -3.85
N GLY B 1 12.51 -7.28 12.85
CA GLY B 1 12.73 -5.93 13.45
C GLY B 1 12.06 -4.82 12.66
N SER B 2 12.85 -4.13 11.83
CA SER B 2 12.33 -3.04 11.00
C SER B 2 11.65 -1.97 11.83
N TYR B 3 11.01 -1.04 11.13
CA TYR B 3 10.31 0.05 11.77
C TYR B 3 9.48 0.82 10.76
N CYS B 4 8.51 1.56 11.25
CA CYS B 4 7.68 2.38 10.39
C CYS B 4 8.52 3.48 9.75
N ASP B 5 8.33 3.70 8.47
CA ASP B 5 9.08 4.73 7.75
C ASP B 5 8.63 6.13 8.15
N PHE B 6 7.69 6.18 9.08
CA PHE B 6 7.13 7.45 9.57
C PHE B 6 7.61 7.78 10.99
N CYS B 7 7.87 6.74 11.81
CA CYS B 7 8.35 6.98 13.17
C CYS B 7 9.63 6.23 13.46
N LEU B 8 9.84 5.16 12.70
CA LEU B 8 11.02 4.35 12.82
C LEU B 8 11.06 3.60 14.16
N GLY B 9 9.93 2.98 14.48
CA GLY B 9 9.84 2.20 15.72
C GLY B 9 9.83 0.71 15.46
N GLY B 10 8.65 0.13 15.24
CA GLY B 10 8.58 -1.29 14.99
C GLY B 10 7.16 -1.84 15.03
N SER B 11 7.03 -3.12 14.65
CA SER B 11 5.74 -3.78 14.61
C SER B 11 5.30 -4.26 15.99
N ASN B 12 5.91 -3.67 17.01
CA ASN B 12 5.60 -3.97 18.39
C ASN B 12 6.07 -2.83 19.27
N MET B 13 6.23 -1.66 18.64
CA MET B 13 6.69 -0.47 19.36
C MET B 13 6.58 0.77 18.49
N ASN B 14 5.56 1.58 18.74
CA ASN B 14 5.36 2.81 17.99
C ASN B 14 6.21 3.91 18.59
N LYS B 15 6.92 4.62 17.74
CA LYS B 15 7.81 5.69 18.17
C LYS B 15 7.07 6.98 18.45
N LYS B 16 5.94 7.18 17.78
CA LYS B 16 5.16 8.39 17.95
C LYS B 16 3.86 8.13 18.71
N SER B 17 3.69 6.91 19.19
CA SER B 17 2.51 6.54 19.95
C SER B 17 2.89 5.82 21.25
N GLY B 18 4.18 5.53 21.38
CA GLY B 18 4.69 4.88 22.57
C GLY B 18 4.03 3.56 22.88
N ARG B 19 3.34 2.99 21.90
CA ARG B 19 2.68 1.71 22.08
C ARG B 19 2.85 0.80 20.86
N PRO B 20 2.65 -0.50 21.08
CA PRO B 20 2.80 -1.53 20.04
C PRO B 20 1.85 -1.34 18.86
N GLU B 21 2.24 -1.92 17.73
CA GLU B 21 1.46 -1.86 16.50
C GLU B 21 1.88 -3.01 15.59
N GLU B 22 2.03 -2.73 14.29
CA GLU B 22 2.46 -3.76 13.34
C GLU B 22 2.73 -3.15 11.97
N LEU B 23 3.97 -2.74 11.77
CA LEU B 23 4.44 -2.14 10.52
C LEU B 23 4.13 -3.00 9.30
N VAL B 24 4.52 -2.45 8.15
CA VAL B 24 4.39 -3.13 6.89
C VAL B 24 5.77 -3.34 6.33
N SER B 25 6.25 -4.57 6.34
CA SER B 25 7.58 -4.84 5.86
C SER B 25 7.58 -5.21 4.39
N CYS B 26 8.43 -4.53 3.63
CA CYS B 26 8.56 -4.77 2.22
C CYS B 26 9.19 -6.13 1.97
N ALA B 27 8.72 -6.83 0.94
CA ALA B 27 9.24 -8.15 0.63
C ALA B 27 10.36 -8.07 -0.41
N ASP B 28 10.83 -6.86 -0.66
CA ASP B 28 11.90 -6.64 -1.63
C ASP B 28 13.14 -6.11 -0.94
N CYS B 29 13.03 -4.93 -0.31
CA CYS B 29 14.17 -4.33 0.38
C CYS B 29 14.08 -4.60 1.89
N GLY B 30 12.90 -4.41 2.47
CA GLY B 30 12.73 -4.69 3.89
C GLY B 30 12.37 -3.48 4.75
N ARG B 31 11.89 -2.40 4.15
CA ARG B 31 11.51 -1.23 4.93
C ARG B 31 10.08 -1.40 5.43
N SER B 32 9.78 -0.89 6.63
CA SER B 32 8.44 -1.05 7.18
C SER B 32 7.73 0.28 7.42
N GLY B 33 6.40 0.18 7.64
CA GLY B 33 5.59 1.37 7.90
C GLY B 33 4.41 1.10 8.83
N HIS B 34 4.00 2.05 9.66
CA HIS B 34 2.86 1.79 10.52
C HIS B 34 1.61 1.94 9.66
N PRO B 35 0.76 0.91 9.54
CA PRO B 35 -0.43 1.03 8.70
C PRO B 35 -1.19 2.32 8.98
N THR B 36 -1.37 2.62 10.25
CA THR B 36 -2.07 3.85 10.65
C THR B 36 -1.32 5.07 10.14
N CYS B 37 0.00 4.94 10.04
CA CYS B 37 0.85 6.02 9.55
C CYS B 37 0.77 6.15 8.05
N LEU B 38 0.58 5.03 7.35
CA LEU B 38 0.49 5.06 5.90
C LEU B 38 -0.93 5.38 5.44
N GLN B 39 -1.84 5.58 6.40
CA GLN B 39 -3.24 5.89 6.10
C GLN B 39 -3.94 4.65 5.56
N PHE B 40 -3.30 3.50 5.77
CA PHE B 40 -3.85 2.23 5.31
C PHE B 40 -5.21 1.94 5.92
N THR B 41 -5.78 0.81 5.52
CA THR B 41 -7.07 0.37 6.03
C THR B 41 -6.93 -1.02 6.63
N LEU B 42 -8.03 -1.60 7.10
CA LEU B 42 -7.97 -2.93 7.70
C LEU B 42 -7.67 -4.00 6.65
N ASN B 43 -8.35 -3.95 5.51
CA ASN B 43 -8.11 -4.93 4.45
C ASN B 43 -6.68 -4.84 3.95
N MET B 44 -6.18 -3.63 3.79
CA MET B 44 -4.81 -3.42 3.35
C MET B 44 -3.85 -3.94 4.39
N THR B 45 -3.99 -3.44 5.61
CA THR B 45 -3.11 -3.83 6.69
C THR B 45 -3.08 -5.34 6.79
N GLU B 46 -4.27 -5.92 6.96
CA GLU B 46 -4.41 -7.35 7.03
C GLU B 46 -3.76 -8.04 5.83
N ALA B 47 -4.11 -7.57 4.64
CA ALA B 47 -3.57 -8.13 3.40
C ALA B 47 -2.05 -8.13 3.41
N VAL B 48 -1.50 -6.94 3.49
CA VAL B 48 -0.08 -6.71 3.50
C VAL B 48 0.62 -7.40 4.65
N LYS B 49 -0.14 -7.71 5.69
CA LYS B 49 0.43 -8.38 6.85
C LYS B 49 0.82 -9.80 6.54
N THR B 50 -0.07 -10.48 5.83
CA THR B 50 0.13 -11.87 5.45
C THR B 50 0.92 -12.05 4.16
N TYR B 51 0.75 -11.15 3.17
CA TYR B 51 1.49 -11.34 1.91
C TYR B 51 2.64 -10.33 1.73
N LYS B 52 3.08 -10.18 0.49
CA LYS B 52 4.24 -9.35 0.14
C LYS B 52 4.08 -7.86 0.50
N TRP B 53 3.17 -7.18 -0.18
CA TRP B 53 2.94 -5.75 0.00
C TRP B 53 3.99 -4.95 -0.77
N GLN B 54 5.26 -5.20 -0.46
CA GLN B 54 6.37 -4.52 -1.12
C GLN B 54 6.23 -3.01 -1.02
N CYS B 55 7.17 -2.36 -0.34
CA CYS B 55 7.13 -0.91 -0.21
C CYS B 55 6.94 -0.29 -1.58
N ILE B 56 6.53 0.95 -1.61
CA ILE B 56 6.27 1.63 -2.86
C ILE B 56 7.52 1.81 -3.71
N GLU B 57 8.68 1.81 -3.07
CA GLU B 57 9.92 1.97 -3.80
C GLU B 57 10.24 0.72 -4.62
N CYS B 58 9.65 -0.41 -4.24
CA CYS B 58 9.86 -1.67 -4.94
C CYS B 58 8.59 -2.13 -5.65
N LYS B 59 7.59 -1.26 -5.61
CA LYS B 59 6.29 -1.49 -6.22
C LYS B 59 6.37 -2.22 -7.56
N SER B 60 5.20 -2.70 -8.01
CA SER B 60 5.07 -3.39 -9.28
C SER B 60 3.63 -3.73 -9.56
N CYS B 61 3.35 -3.97 -10.83
CA CYS B 61 2.02 -4.29 -11.30
C CYS B 61 1.71 -5.78 -11.10
N ILE B 62 0.93 -6.12 -10.07
CA ILE B 62 0.55 -7.51 -9.87
C ILE B 62 0.19 -8.11 -11.22
N LEU B 63 -0.32 -7.23 -12.08
CA LEU B 63 -0.71 -7.58 -13.42
C LEU B 63 0.53 -7.80 -14.29
N CYS B 64 1.40 -6.80 -14.35
CA CYS B 64 2.66 -6.90 -15.11
C CYS B 64 3.76 -7.43 -14.20
N GLY B 65 4.04 -6.66 -13.16
CA GLY B 65 5.08 -7.00 -12.22
C GLY B 65 6.38 -6.38 -12.66
N THR B 66 6.27 -5.20 -13.26
CA THR B 66 7.44 -4.51 -13.78
C THR B 66 7.52 -3.07 -13.29
N SER B 67 6.42 -2.59 -12.72
CA SER B 67 6.33 -1.22 -12.22
C SER B 67 6.78 -0.21 -13.29
N GLU B 68 6.84 -0.67 -14.55
CA GLU B 68 7.24 0.20 -15.65
C GLU B 68 6.46 1.50 -15.69
N ASN B 69 5.26 1.45 -16.25
CA ASN B 69 4.42 2.63 -16.38
C ASN B 69 3.71 3.00 -15.08
N ASP B 70 4.41 2.91 -13.95
CA ASP B 70 3.85 3.26 -12.65
C ASP B 70 3.00 4.53 -12.71
N ASP B 71 3.21 5.33 -13.73
CA ASP B 71 2.43 6.55 -13.90
C ASP B 71 0.96 6.19 -14.09
N GLN B 72 0.73 4.89 -14.29
CA GLN B 72 -0.59 4.36 -14.47
C GLN B 72 -0.88 3.33 -13.39
N LEU B 73 0.17 2.82 -12.78
CA LEU B 73 0.01 1.84 -11.74
C LEU B 73 -0.97 2.32 -10.71
N LEU B 74 -1.77 1.41 -10.24
CA LEU B 74 -2.79 1.70 -9.27
C LEU B 74 -2.50 0.97 -8.00
N PHE B 75 -2.30 1.75 -6.98
CA PHE B 75 -1.97 1.22 -5.69
C PHE B 75 -3.21 1.00 -4.88
N CYS B 76 -3.73 -0.22 -4.93
CA CYS B 76 -4.90 -0.54 -4.17
C CYS B 76 -4.55 -0.35 -2.72
N ASP B 77 -5.05 0.72 -2.14
CA ASP B 77 -4.73 0.99 -0.76
C ASP B 77 -5.58 0.10 0.16
N ASP B 78 -5.82 -1.13 -0.30
CA ASP B 78 -6.61 -2.10 0.44
C ASP B 78 -5.90 -3.45 0.49
N CYS B 79 -4.62 -3.44 0.07
CA CYS B 79 -3.77 -4.62 0.07
C CYS B 79 -2.43 -4.26 -0.56
N ASP B 80 -2.45 -3.16 -1.32
CA ASP B 80 -1.26 -2.60 -1.99
C ASP B 80 -1.08 -3.07 -3.45
N ARG B 81 -1.71 -4.17 -3.84
CA ARG B 81 -1.59 -4.68 -5.21
C ARG B 81 -1.66 -3.55 -6.25
N GLY B 82 -0.58 -3.41 -7.04
CA GLY B 82 -0.52 -2.35 -8.04
C GLY B 82 -0.90 -2.82 -9.44
N TYR B 83 -1.79 -2.09 -10.11
CA TYR B 83 -2.21 -2.42 -11.48
C TYR B 83 -2.18 -1.17 -12.31
N HIS B 84 -1.57 -1.20 -13.48
CA HIS B 84 -1.60 -0.02 -14.32
C HIS B 84 -3.06 0.19 -14.68
N MET B 85 -3.68 1.32 -14.35
CA MET B 85 -5.12 1.53 -14.65
C MET B 85 -5.56 0.84 -15.92
N TYR B 86 -4.65 0.70 -16.86
CA TYR B 86 -4.99 0.06 -18.11
C TYR B 86 -4.58 -1.40 -18.09
N CYS B 87 -4.54 -1.99 -16.90
CA CYS B 87 -4.17 -3.38 -16.77
C CYS B 87 -5.30 -4.14 -16.09
N LEU B 88 -6.06 -3.38 -15.33
CA LEU B 88 -7.17 -3.92 -14.58
C LEU B 88 -8.16 -4.68 -15.46
N ASN B 89 -9.18 -5.21 -14.82
CA ASN B 89 -10.24 -5.92 -15.51
C ASN B 89 -11.25 -4.92 -16.01
N PRO B 90 -11.59 -3.94 -15.14
CA PRO B 90 -12.46 -2.85 -15.47
C PRO B 90 -11.67 -1.54 -15.40
N PRO B 91 -10.58 -1.48 -16.19
CA PRO B 91 -9.65 -0.36 -16.26
C PRO B 91 -10.24 1.00 -15.93
N VAL B 92 -9.38 1.87 -15.42
CA VAL B 92 -9.73 3.22 -15.03
C VAL B 92 -8.78 4.17 -15.75
N ALA B 93 -9.03 5.47 -15.61
CA ALA B 93 -8.21 6.46 -16.30
C ALA B 93 -7.13 7.11 -15.43
N GLU B 94 -7.45 7.39 -14.18
CA GLU B 94 -6.48 8.06 -13.27
C GLU B 94 -6.94 7.99 -11.83
N PRO B 95 -8.19 8.40 -11.59
CA PRO B 95 -8.91 8.41 -10.33
C PRO B 95 -8.29 7.69 -9.13
N PRO B 96 -7.87 6.41 -9.23
CA PRO B 96 -7.33 5.70 -8.09
C PRO B 96 -5.91 6.08 -7.72
N GLU B 97 -5.65 7.38 -7.65
CA GLU B 97 -4.33 7.87 -7.28
C GLU B 97 -4.12 7.72 -5.78
N GLY B 98 -5.15 7.22 -5.09
CA GLY B 98 -5.07 7.02 -3.67
C GLY B 98 -5.86 5.84 -3.17
N SER B 99 -7.19 5.96 -3.24
CA SER B 99 -8.07 4.90 -2.77
C SER B 99 -7.92 3.62 -3.61
N TRP B 100 -9.00 3.24 -4.31
CA TRP B 100 -9.00 2.06 -5.15
C TRP B 100 -8.93 0.81 -4.30
N SER B 101 -9.44 -0.30 -4.85
CA SER B 101 -9.45 -1.55 -4.10
C SER B 101 -9.07 -2.78 -4.93
N CYS B 102 -8.46 -2.57 -6.09
CA CYS B 102 -8.04 -3.69 -6.96
C CYS B 102 -9.17 -4.72 -7.14
N HIS B 103 -8.89 -5.78 -7.88
CA HIS B 103 -9.86 -6.82 -8.11
C HIS B 103 -9.94 -7.79 -6.93
N LEU B 104 -8.80 -8.04 -6.28
CA LEU B 104 -8.75 -8.97 -5.15
C LEU B 104 -9.72 -8.58 -4.06
N CYS B 105 -9.60 -7.34 -3.66
CA CYS B 105 -10.42 -6.79 -2.57
C CYS B 105 -11.84 -6.61 -3.00
N TRP B 106 -12.00 -6.29 -4.26
CA TRP B 106 -13.31 -6.04 -4.79
C TRP B 106 -14.14 -7.25 -4.88
N GLU B 107 -13.62 -8.26 -5.48
CA GLU B 107 -14.38 -9.47 -5.59
C GLU B 107 -14.68 -9.96 -4.19
N LEU B 108 -13.79 -9.57 -3.28
CA LEU B 108 -13.94 -9.90 -1.88
C LEU B 108 -15.01 -9.00 -1.30
N LEU B 109 -15.14 -7.85 -1.93
CA LEU B 109 -16.10 -6.83 -1.58
C LEU B 109 -17.50 -7.30 -1.92
N LYS B 110 -17.66 -7.60 -3.20
CA LYS B 110 -18.92 -8.07 -3.74
C LYS B 110 -19.38 -9.25 -2.93
N GLU B 111 -18.42 -10.05 -2.48
CA GLU B 111 -18.69 -11.21 -1.66
C GLU B 111 -19.02 -10.80 -0.23
N LYS B 112 -18.28 -9.81 0.30
CA LYS B 112 -18.50 -9.34 1.63
C LYS B 112 -19.91 -8.81 1.83
N ALA B 113 -20.33 -7.94 0.92
CA ALA B 113 -21.65 -7.33 0.99
C ALA B 113 -22.75 -8.39 1.00
N SER B 114 -23.98 -7.93 1.19
CA SER B 114 -25.13 -8.82 1.20
C SER B 114 -26.44 -8.04 1.30
ZN ZN C . 4.65 5.32 12.43
ZN ZN D . 11.07 -2.03 -0.78
ZN ZN E . -6.62 -4.84 -3.04
ZN ZN F . 0.53 -3.40 -15.71
N GLY A 1 17.49 22.55 7.21
CA GLY A 1 16.30 21.81 6.69
C GLY A 1 16.60 21.06 5.41
N LEU A 2 16.47 19.73 5.45
CA LEU A 2 16.73 18.90 4.29
C LEU A 2 15.44 18.30 3.75
N GLY A 3 14.33 18.98 4.01
CA GLY A 3 13.04 18.50 3.54
C GLY A 3 11.99 18.48 4.64
N LYS A 4 10.86 17.85 4.36
CA LYS A 4 9.78 17.77 5.34
C LYS A 4 8.91 16.54 5.08
N GLY A 5 9.30 15.41 5.69
CA GLY A 5 8.55 14.19 5.53
C GLY A 5 7.25 14.18 6.29
N GLY A 6 6.23 13.57 5.70
CA GLY A 6 4.92 13.51 6.35
C GLY A 6 4.08 12.34 5.85
N ALA A 7 4.12 12.12 4.54
CA ALA A 7 3.37 11.03 3.93
C ALA A 7 4.15 10.39 2.79
OH ALY A 8 7.12 2.46 1.51
CH ALY A 8 7.73 2.72 2.53
CH3 ALY A 8 8.09 1.56 3.47
NZ ALY A 8 7.80 3.95 3.01
CE ALY A 8 6.83 4.98 2.65
CD ALY A 8 7.33 5.84 1.50
CG ALY A 8 6.22 6.68 0.90
CB ALY A 8 5.62 7.65 1.91
CA ALY A 8 4.44 8.44 1.36
N ALY A 8 3.76 9.17 2.43
C ALY A 8 3.47 7.51 0.64
O ALY A 8 3.27 7.61 -0.57
HH31 ALY A 8 8.78 1.89 4.22
HH32 ALY A 8 7.19 1.18 3.94
HH33 ALY A 8 8.55 0.76 2.89
HZ ALY A 8 8.32 4.10 3.84
HE3 ALY A 8 5.90 4.51 2.37
HE2 ALY A 8 6.68 5.62 3.51
HD3 ALY A 8 8.11 6.50 1.85
HD2 ALY A 8 7.74 5.20 0.73
HG3 ALY A 8 6.61 7.24 0.06
HG2 ALY A 8 5.44 6.01 0.54
HB3 ALY A 8 5.29 7.08 2.76
HB2 ALY A 8 6.39 8.33 2.22
HA ALY A 8 4.80 9.17 0.65
H ALY A 8 3.01 8.75 2.89
N ARG A 9 2.89 6.59 1.40
CA ARG A 9 1.95 5.62 0.85
C ARG A 9 2.63 4.79 -0.24
N HIS A 10 2.41 5.17 -1.49
CA HIS A 10 2.99 4.46 -2.63
C HIS A 10 3.33 5.46 -3.73
N ARG A 11 3.17 5.02 -4.98
CA ARG A 11 3.44 5.85 -6.16
C ARG A 11 4.93 6.09 -6.39
N LYS A 12 5.75 5.76 -5.41
CA LYS A 12 7.20 5.93 -5.51
C LYS A 12 7.60 7.22 -6.21
N VAL A 13 8.78 7.24 -6.82
CA VAL A 13 9.27 8.42 -7.52
C VAL A 13 8.84 8.40 -8.99
N LEU A 14 9.09 9.51 -9.68
CA LEU A 14 8.73 9.63 -11.09
C LEU A 14 9.41 10.83 -11.74
N ARG A 15 10.01 11.69 -10.91
CA ARG A 15 10.70 12.87 -11.41
C ARG A 15 12.19 12.62 -11.53
N GLY B 1 15.11 -6.03 14.54
CA GLY B 1 13.69 -5.61 14.41
C GLY B 1 13.52 -4.46 13.43
N SER B 2 12.30 -4.32 12.92
CA SER B 2 11.99 -3.27 11.96
C SER B 2 11.31 -2.09 12.62
N TYR B 3 10.85 -1.17 11.78
CA TYR B 3 10.17 0.01 12.25
C TYR B 3 9.49 0.74 11.09
N CYS B 4 8.51 1.56 11.41
CA CYS B 4 7.82 2.35 10.40
C CYS B 4 8.78 3.35 9.78
N ASP B 5 8.80 3.41 8.46
CA ASP B 5 9.68 4.34 7.76
C ASP B 5 9.23 5.79 7.97
N PHE B 6 8.18 5.95 8.77
CA PHE B 6 7.62 7.27 9.06
C PHE B 6 7.97 7.73 10.49
N CYS B 7 8.15 6.78 11.42
CA CYS B 7 8.51 7.13 12.81
C CYS B 7 9.72 6.37 13.28
N LEU B 8 9.92 5.21 12.70
CA LEU B 8 11.03 4.35 13.02
C LEU B 8 10.88 3.74 14.41
N GLY B 9 9.69 3.24 14.70
CA GLY B 9 9.43 2.60 15.97
C GLY B 9 9.39 1.09 15.85
N GLY B 10 8.20 0.54 15.57
CA GLY B 10 8.10 -0.91 15.42
C GLY B 10 6.67 -1.39 15.34
N SER B 11 6.51 -2.70 15.10
CA SER B 11 5.21 -3.32 14.96
C SER B 11 4.57 -3.61 16.31
N ASN B 12 5.16 -3.07 17.35
CA ASN B 12 4.65 -3.23 18.71
C ASN B 12 4.94 -1.97 19.50
N MET B 13 5.23 -0.90 18.78
CA MET B 13 5.54 0.37 19.40
C MET B 13 5.57 1.49 18.37
N ASN B 14 4.65 2.42 18.52
CA ASN B 14 4.57 3.57 17.63
C ASN B 14 5.32 4.75 18.22
N LYS B 15 6.30 5.22 17.46
CA LYS B 15 7.15 6.32 17.89
C LYS B 15 6.40 7.65 17.92
N LYS B 16 5.41 7.78 17.07
CA LYS B 16 4.65 9.03 16.99
C LYS B 16 3.22 8.86 17.52
N SER B 17 2.95 7.71 18.10
CA SER B 17 1.64 7.44 18.68
C SER B 17 1.79 6.92 20.11
N GLY B 18 3.01 6.56 20.46
CA GLY B 18 3.30 6.08 21.80
C GLY B 18 2.67 4.75 22.12
N ARG B 19 1.97 4.19 21.16
CA ARG B 19 1.30 2.91 21.38
C ARG B 19 1.63 1.88 20.30
N PRO B 20 1.39 0.61 20.61
CA PRO B 20 1.65 -0.51 19.69
C PRO B 20 0.80 -0.47 18.42
N GLU B 21 1.36 -1.04 17.36
CA GLU B 21 0.68 -1.13 16.07
C GLU B 21 1.19 -2.37 15.34
N GLU B 22 1.56 -2.22 14.07
CA GLU B 22 2.09 -3.34 13.31
C GLU B 22 2.49 -2.90 11.90
N LEU B 23 3.74 -2.49 11.81
CA LEU B 23 4.35 -2.01 10.57
C LEU B 23 4.12 -2.93 9.38
N VAL B 24 4.55 -2.44 8.21
CA VAL B 24 4.46 -3.17 6.97
C VAL B 24 5.85 -3.40 6.45
N SER B 25 6.31 -4.64 6.50
CA SER B 25 7.66 -4.96 6.04
C SER B 25 7.65 -5.43 4.59
N CYS B 26 8.48 -4.80 3.76
CA CYS B 26 8.53 -5.18 2.36
C CYS B 26 9.06 -6.60 2.23
N ALA B 27 8.49 -7.37 1.31
CA ALA B 27 8.91 -8.75 1.11
C ALA B 27 10.11 -8.81 0.18
N ASP B 28 10.80 -7.69 0.07
CA ASP B 28 11.97 -7.59 -0.79
C ASP B 28 13.08 -6.82 -0.08
N CYS B 29 12.75 -5.61 0.36
CA CYS B 29 13.70 -4.74 1.05
C CYS B 29 13.82 -5.11 2.53
N GLY B 30 12.68 -5.13 3.21
CA GLY B 30 12.66 -5.41 4.62
C GLY B 30 12.29 -4.17 5.42
N ARG B 31 11.92 -3.11 4.70
CA ARG B 31 11.54 -1.84 5.31
C ARG B 31 10.11 -1.92 5.82
N SER B 32 9.85 -1.34 6.98
CA SER B 32 8.50 -1.40 7.55
C SER B 32 7.85 -0.03 7.66
N GLY B 33 6.52 -0.01 7.77
CA GLY B 33 5.77 1.23 7.89
C GLY B 33 4.52 1.10 8.74
N HIS B 34 4.12 2.12 9.47
CA HIS B 34 2.90 1.99 10.26
C HIS B 34 1.73 2.12 9.32
N PRO B 35 0.85 1.11 9.21
CA PRO B 35 -0.29 1.19 8.31
C PRO B 35 -1.03 2.51 8.45
N THR B 36 -1.19 2.98 9.68
CA THR B 36 -1.85 4.25 9.92
C THR B 36 -1.04 5.39 9.33
N CYS B 37 0.28 5.20 9.32
CA CYS B 37 1.20 6.20 8.79
C CYS B 37 1.17 6.22 7.27
N LEU B 38 1.00 5.04 6.67
CA LEU B 38 0.93 4.97 5.21
C LEU B 38 -0.46 5.36 4.73
N GLN B 39 -1.35 5.59 5.70
CA GLN B 39 -2.74 5.96 5.41
C GLN B 39 -3.50 4.76 4.88
N PHE B 40 -2.98 3.57 5.18
CA PHE B 40 -3.60 2.33 4.74
C PHE B 40 -4.99 2.14 5.36
N THR B 41 -5.49 0.92 5.25
CA THR B 41 -6.78 0.56 5.82
C THR B 41 -6.66 -0.79 6.52
N LEU B 42 -7.68 -1.19 7.26
CA LEU B 42 -7.62 -2.46 7.97
C LEU B 42 -7.42 -3.63 7.02
N ASN B 43 -8.12 -3.63 5.89
CA ASN B 43 -8.00 -4.71 4.92
C ASN B 43 -6.59 -4.77 4.33
N MET B 44 -6.08 -3.62 3.87
CA MET B 44 -4.73 -3.57 3.30
C MET B 44 -3.75 -4.04 4.32
N THR B 45 -3.83 -3.45 5.50
CA THR B 45 -2.95 -3.78 6.57
C THR B 45 -2.97 -5.28 6.74
N GLU B 46 -4.18 -5.81 6.83
CA GLU B 46 -4.41 -7.24 6.97
C GLU B 46 -3.71 -8.03 5.86
N ALA B 47 -3.98 -7.62 4.63
CA ALA B 47 -3.41 -8.28 3.44
C ALA B 47 -1.90 -8.29 3.49
N VAL B 48 -1.36 -7.10 3.52
CA VAL B 48 0.06 -6.86 3.56
C VAL B 48 0.73 -7.46 4.77
N LYS B 49 -0.06 -7.75 5.80
CA LYS B 49 0.48 -8.34 7.00
C LYS B 49 0.88 -9.79 6.78
N THR B 50 -0.01 -10.51 6.10
CA THR B 50 0.20 -11.93 5.82
C THR B 50 0.95 -12.23 4.52
N TYR B 51 0.54 -11.63 3.39
CA TYR B 51 1.19 -11.93 2.12
C TYR B 51 2.36 -11.00 1.80
N LYS B 52 2.82 -11.05 0.55
CA LYS B 52 3.95 -10.26 0.07
C LYS B 52 3.52 -8.84 -0.25
N TRP B 53 3.58 -7.96 0.75
CA TRP B 53 3.20 -6.58 0.57
C TRP B 53 4.11 -5.89 -0.43
N GLN B 54 5.41 -6.12 -0.30
CA GLN B 54 6.39 -5.51 -1.20
C GLN B 54 6.18 -4.00 -1.24
N CYS B 55 7.01 -3.27 -0.51
CA CYS B 55 6.92 -1.82 -0.45
C CYS B 55 6.67 -1.21 -1.82
N ILE B 56 6.23 0.03 -1.82
CA ILE B 56 5.95 0.77 -3.05
C ILE B 56 7.13 0.66 -4.01
N GLU B 57 8.33 0.79 -3.48
CA GLU B 57 9.51 0.68 -4.31
C GLU B 57 9.55 -0.70 -4.99
N CYS B 58 8.58 -1.54 -4.65
CA CYS B 58 8.50 -2.90 -5.18
C CYS B 58 7.08 -3.37 -5.45
N LYS B 59 6.06 -2.53 -5.24
CA LYS B 59 4.69 -2.97 -5.45
C LYS B 59 4.49 -3.51 -6.87
N SER B 60 5.03 -2.77 -7.81
CA SER B 60 4.93 -3.10 -9.24
C SER B 60 3.50 -3.44 -9.66
N CYS B 61 3.33 -3.65 -10.95
CA CYS B 61 2.03 -4.00 -11.49
C CYS B 61 1.77 -5.49 -11.36
N ILE B 62 1.03 -5.91 -10.34
CA ILE B 62 0.70 -7.33 -10.20
C ILE B 62 0.32 -7.88 -11.57
N LEU B 63 -0.21 -6.98 -12.39
CA LEU B 63 -0.61 -7.29 -13.75
C LEU B 63 0.63 -7.44 -14.63
N CYS B 64 1.47 -6.40 -14.67
CA CYS B 64 2.71 -6.44 -15.44
C CYS B 64 3.84 -6.96 -14.56
N GLY B 65 4.10 -6.21 -13.49
CA GLY B 65 5.17 -6.54 -12.58
C GLY B 65 6.43 -5.86 -13.01
N THR B 66 6.28 -4.66 -13.57
CA THR B 66 7.41 -3.92 -14.07
C THR B 66 7.45 -2.50 -13.56
N SER B 67 6.31 -2.07 -12.99
CA SER B 67 6.18 -0.73 -12.45
C SER B 67 6.59 0.33 -13.47
N GLU B 68 6.66 -0.08 -14.75
CA GLU B 68 7.04 0.83 -15.83
C GLU B 68 6.23 2.11 -15.82
N ASN B 69 5.00 2.04 -16.35
CA ASN B 69 4.13 3.20 -16.44
C ASN B 69 3.43 3.51 -15.12
N ASP B 70 4.15 3.37 -14.00
CA ASP B 70 3.59 3.66 -12.68
C ASP B 70 2.74 4.91 -12.65
N ASP B 71 2.90 5.76 -13.64
CA ASP B 71 2.09 6.98 -13.73
C ASP B 71 0.63 6.58 -13.90
N GLN B 72 0.42 5.29 -14.16
CA GLN B 72 -0.89 4.73 -14.34
C GLN B 72 -1.13 3.66 -13.30
N LEU B 73 -0.05 3.14 -12.73
CA LEU B 73 -0.16 2.11 -11.74
C LEU B 73 -1.11 2.52 -10.65
N LEU B 74 -1.86 1.56 -10.20
CA LEU B 74 -2.85 1.77 -9.18
C LEU B 74 -2.49 0.97 -7.96
N PHE B 75 -2.19 1.70 -6.92
CA PHE B 75 -1.79 1.10 -5.68
C PHE B 75 -3.00 0.82 -4.83
N CYS B 76 -3.50 -0.40 -4.94
CA CYS B 76 -4.64 -0.78 -4.15
C CYS B 76 -4.28 -0.57 -2.71
N ASP B 77 -4.83 0.46 -2.11
CA ASP B 77 -4.52 0.72 -0.74
C ASP B 77 -5.31 -0.24 0.15
N ASP B 78 -5.49 -1.46 -0.34
CA ASP B 78 -6.25 -2.50 0.35
C ASP B 78 -5.47 -3.82 0.36
N CYS B 79 -4.21 -3.75 -0.08
CA CYS B 79 -3.31 -4.89 -0.11
C CYS B 79 -2.00 -4.51 -0.81
N ASP B 80 -2.03 -3.35 -1.49
CA ASP B 80 -0.88 -2.76 -2.18
C ASP B 80 -0.73 -3.21 -3.64
N ARG B 81 -1.44 -4.27 -4.04
CA ARG B 81 -1.37 -4.76 -5.43
C ARG B 81 -1.52 -3.61 -6.42
N GLY B 82 -0.47 -3.35 -7.21
CA GLY B 82 -0.49 -2.27 -8.18
C GLY B 82 -0.88 -2.71 -9.58
N TYR B 83 -1.79 -1.96 -10.22
CA TYR B 83 -2.21 -2.26 -11.58
C TYR B 83 -2.24 -0.97 -12.38
N HIS B 84 -1.65 -0.94 -13.55
CA HIS B 84 -1.72 0.28 -14.34
C HIS B 84 -3.20 0.45 -14.68
N MET B 85 -3.86 1.54 -14.25
CA MET B 85 -5.31 1.72 -14.52
C MET B 85 -5.75 1.07 -15.81
N TYR B 86 -4.86 0.99 -16.78
CA TYR B 86 -5.22 0.39 -18.05
C TYR B 86 -4.74 -1.05 -18.10
N CYS B 87 -4.67 -1.69 -16.93
CA CYS B 87 -4.25 -3.08 -16.86
C CYS B 87 -5.33 -3.88 -16.20
N LEU B 88 -6.10 -3.18 -15.39
CA LEU B 88 -7.18 -3.78 -14.64
C LEU B 88 -8.18 -4.53 -15.54
N ASN B 89 -9.18 -5.12 -14.91
CA ASN B 89 -10.21 -5.84 -15.62
C ASN B 89 -11.26 -4.84 -16.05
N PRO B 90 -11.62 -3.93 -15.13
CA PRO B 90 -12.53 -2.84 -15.40
C PRO B 90 -11.78 -1.52 -15.28
N PRO B 91 -10.70 -1.38 -16.08
CA PRO B 91 -9.80 -0.23 -16.12
C PRO B 91 -10.43 1.09 -15.72
N VAL B 92 -9.58 1.95 -15.16
CA VAL B 92 -9.97 3.28 -14.72
C VAL B 92 -9.08 4.30 -15.41
N ALA B 93 -9.39 5.56 -15.24
CA ALA B 93 -8.64 6.62 -15.90
C ALA B 93 -7.58 7.28 -15.01
N GLU B 94 -7.90 7.51 -13.74
CA GLU B 94 -6.97 8.18 -12.82
C GLU B 94 -7.41 8.04 -11.37
N PRO B 95 -8.69 8.35 -11.12
CA PRO B 95 -9.40 8.28 -9.86
C PRO B 95 -8.71 7.58 -8.68
N PRO B 96 -8.19 6.34 -8.82
CA PRO B 96 -7.59 5.66 -7.69
C PRO B 96 -6.21 6.20 -7.32
N GLU B 97 -6.09 7.52 -7.26
CA GLU B 97 -4.84 8.16 -6.89
C GLU B 97 -4.68 8.18 -5.38
N GLY B 98 -5.70 7.65 -4.69
CA GLY B 98 -5.67 7.60 -3.25
C GLY B 98 -6.81 6.80 -2.66
N SER B 99 -6.89 5.56 -3.09
CA SER B 99 -7.91 4.63 -2.62
C SER B 99 -7.81 3.32 -3.40
N TRP B 100 -8.88 2.97 -4.12
CA TRP B 100 -8.89 1.77 -4.94
C TRP B 100 -8.78 0.52 -4.09
N SER B 101 -9.23 -0.59 -4.65
CA SER B 101 -9.19 -1.86 -3.93
C SER B 101 -8.83 -3.05 -4.81
N CYS B 102 -8.29 -2.79 -6.00
CA CYS B 102 -7.89 -3.87 -6.93
C CYS B 102 -8.99 -4.93 -7.07
N HIS B 103 -8.74 -5.95 -7.89
CA HIS B 103 -9.71 -7.01 -8.09
C HIS B 103 -9.68 -8.00 -6.94
N LEU B 104 -8.49 -8.24 -6.38
CA LEU B 104 -8.35 -9.22 -5.30
C LEU B 104 -9.27 -8.89 -4.14
N CYS B 105 -9.20 -7.65 -3.72
CA CYS B 105 -9.99 -7.19 -2.59
C CYS B 105 -11.43 -7.02 -2.93
N TRP B 106 -11.68 -6.60 -4.14
CA TRP B 106 -13.03 -6.37 -4.56
C TRP B 106 -13.81 -7.62 -4.73
N GLU B 107 -13.29 -8.55 -5.47
CA GLU B 107 -14.01 -9.77 -5.66
C GLU B 107 -14.15 -10.42 -4.30
N LEU B 108 -13.20 -10.12 -3.43
CA LEU B 108 -13.22 -10.62 -2.08
C LEU B 108 -14.27 -9.83 -1.30
N LEU B 109 -14.49 -8.61 -1.78
CA LEU B 109 -15.45 -7.68 -1.23
C LEU B 109 -16.85 -8.18 -1.48
N LYS B 110 -17.13 -8.33 -2.76
CA LYS B 110 -18.42 -8.82 -3.22
C LYS B 110 -18.74 -10.10 -2.49
N GLU B 111 -17.68 -10.86 -2.20
CA GLU B 111 -17.80 -12.11 -1.47
C GLU B 111 -17.99 -11.85 0.02
N LYS B 112 -17.28 -10.85 0.56
CA LYS B 112 -17.38 -10.51 1.95
C LYS B 112 -18.81 -10.18 2.36
N ALA B 113 -19.60 -9.73 1.39
CA ALA B 113 -20.98 -9.36 1.63
C ALA B 113 -21.81 -10.53 2.11
N SER B 114 -23.12 -10.35 2.03
CA SER B 114 -24.08 -11.37 2.44
C SER B 114 -24.00 -11.62 3.95
ZN ZN C . 4.79 5.58 11.92
ZN ZN D . 10.76 -2.97 -1.35
ZN ZN E . -6.24 -5.16 -3.11
ZN ZN F . 0.48 -2.97 -15.86
N GLY A 1 7.62 18.44 12.56
CA GLY A 1 6.35 17.90 12.00
C GLY A 1 5.92 18.64 10.76
N LEU A 2 6.77 18.63 9.73
CA LEU A 2 6.47 19.32 8.48
C LEU A 2 5.49 18.49 7.64
N GLY A 3 5.94 17.32 7.19
CA GLY A 3 5.10 16.46 6.39
C GLY A 3 4.93 16.98 4.98
N LYS A 4 5.20 16.12 3.99
CA LYS A 4 5.09 16.50 2.59
C LYS A 4 3.62 16.62 2.18
N GLY A 5 2.90 15.49 2.23
CA GLY A 5 1.51 15.49 1.86
C GLY A 5 1.07 14.18 1.23
N GLY A 6 1.77 13.78 0.17
CA GLY A 6 1.44 12.55 -0.51
C GLY A 6 2.57 12.05 -1.40
N ALA A 7 3.68 11.68 -0.79
CA ALA A 7 4.84 11.19 -1.53
C ALA A 7 5.45 9.97 -0.86
OH ALY A 8 7.00 4.18 1.88
CH ALY A 8 7.81 3.87 2.74
CH3 ALY A 8 7.98 2.37 3.03
NZ ALY A 8 8.15 4.72 3.70
CE ALY A 8 7.21 5.74 4.16
CD ALY A 8 7.11 6.93 3.23
CG ALY A 8 5.90 7.78 3.56
CB ALY A 8 5.74 8.98 2.63
CA ALY A 8 5.59 8.60 1.15
N ALY A 8 5.07 9.74 0.39
C ALY A 8 4.68 7.38 0.99
O ALY A 8 5.15 6.24 1.01
HH31 ALY A 8 8.79 2.24 3.74
HH32 ALY A 8 7.06 1.99 3.46
HH33 ALY A 8 8.21 1.85 2.12
HZ ALY A 8 8.82 4.43 4.35
HE3 ALY A 8 6.23 5.28 4.27
HE2 ALY A 8 7.54 6.09 5.13
HD3 ALY A 8 8.00 7.53 3.32
HD2 ALY A 8 7.02 6.57 2.21
HG3 ALY A 8 5.00 7.17 3.48
HG2 ALY A 8 6.00 8.14 4.57
HB3 ALY A 8 4.88 9.54 2.94
HB2 ALY A 8 6.62 9.60 2.73
HA ALY A 8 6.56 8.36 0.74
H ALY A 8 4.44 10.35 0.83
N ARG A 9 3.38 7.63 0.83
CA ARG A 9 2.41 6.55 0.65
C ARG A 9 2.85 5.64 -0.50
N HIS A 10 2.40 5.96 -1.70
CA HIS A 10 2.75 5.20 -2.89
C HIS A 10 3.02 6.14 -4.05
N ARG A 11 2.82 5.66 -5.26
CA ARG A 11 3.00 6.44 -6.48
C ARG A 11 4.46 6.77 -6.74
N LYS A 12 5.32 6.49 -5.75
CA LYS A 12 6.76 6.73 -5.86
C LYS A 12 7.08 8.05 -6.56
N VAL A 13 8.29 8.14 -7.10
CA VAL A 13 8.73 9.34 -7.80
C VAL A 13 7.92 9.59 -9.07
N LEU A 14 7.77 10.85 -9.42
CA LEU A 14 7.01 11.23 -10.62
C LEU A 14 7.93 11.86 -11.66
N ARG A 15 7.72 11.52 -12.93
CA ARG A 15 8.52 12.05 -14.02
C ARG A 15 7.64 12.61 -15.13
N GLY B 1 13.02 -5.91 15.11
CA GLY B 1 12.48 -6.28 13.77
C GLY B 1 11.96 -5.08 13.01
N SER B 2 12.86 -4.40 12.30
CA SER B 2 12.49 -3.22 11.52
C SER B 2 11.84 -2.16 12.37
N TYR B 3 11.34 -1.14 11.69
CA TYR B 3 10.68 -0.02 12.34
C TYR B 3 9.94 0.81 11.31
N CYS B 4 8.85 1.42 11.73
CA CYS B 4 8.06 2.26 10.83
C CYS B 4 8.92 3.39 10.30
N ASP B 5 8.88 3.58 9.00
CA ASP B 5 9.66 4.64 8.35
C ASP B 5 9.18 6.04 8.80
N PHE B 6 8.15 6.05 9.63
CA PHE B 6 7.56 7.30 10.12
C PHE B 6 7.95 7.59 11.58
N CYS B 7 8.14 6.55 12.40
CA CYS B 7 8.52 6.75 13.80
C CYS B 7 9.80 6.02 14.13
N LEU B 8 10.06 4.97 13.38
CA LEU B 8 11.23 4.16 13.56
C LEU B 8 11.20 3.41 14.88
N GLY B 9 10.06 2.77 15.14
CA GLY B 9 9.89 1.99 16.36
C GLY B 9 9.85 0.51 16.08
N GLY B 10 8.66 -0.02 15.79
CA GLY B 10 8.53 -1.43 15.52
C GLY B 10 7.09 -1.87 15.39
N SER B 11 6.89 -3.14 15.07
CA SER B 11 5.55 -3.68 14.90
C SER B 11 4.87 -3.91 16.24
N ASN B 12 5.59 -4.50 17.18
CA ASN B 12 5.04 -4.72 18.50
C ASN B 12 5.41 -3.56 19.40
N MET B 13 5.68 -2.42 18.78
CA MET B 13 6.07 -1.21 19.53
C MET B 13 6.08 0.02 18.65
N ASN B 14 5.20 0.97 18.95
CA ASN B 14 5.14 2.21 18.18
C ASN B 14 5.90 3.30 18.93
N LYS B 15 6.59 4.14 18.18
CA LYS B 15 7.40 5.21 18.76
C LYS B 15 6.60 6.48 18.98
N LYS B 16 5.63 6.72 18.13
CA LYS B 16 4.81 7.91 18.22
C LYS B 16 3.40 7.61 18.69
N SER B 17 3.18 6.36 19.09
CA SER B 17 1.88 5.93 19.59
C SER B 17 2.03 5.27 20.96
N GLY B 18 3.27 5.00 21.32
CA GLY B 18 3.57 4.39 22.60
C GLY B 18 2.86 3.06 22.82
N ARG B 19 2.40 2.47 21.74
CA ARG B 19 1.70 1.19 21.83
C ARG B 19 2.00 0.31 20.62
N PRO B 20 1.75 -0.99 20.78
CA PRO B 20 1.97 -1.99 19.73
C PRO B 20 1.08 -1.82 18.51
N GLU B 21 1.66 -2.07 17.34
CA GLU B 21 0.96 -1.98 16.06
C GLU B 21 1.42 -3.14 15.19
N GLU B 22 1.88 -2.84 13.98
CA GLU B 22 2.40 -3.86 13.08
C GLU B 22 2.86 -3.28 11.75
N LEU B 23 4.14 -2.95 11.73
CA LEU B 23 4.80 -2.37 10.57
C LEU B 23 4.56 -3.11 9.27
N VAL B 24 5.02 -2.49 8.19
CA VAL B 24 4.96 -3.06 6.87
C VAL B 24 6.36 -3.08 6.31
N SER B 25 6.92 -4.26 6.21
CA SER B 25 8.28 -4.41 5.70
C SER B 25 8.28 -4.87 4.26
N CYS B 26 8.90 -4.10 3.39
CA CYS B 26 8.96 -4.47 1.99
C CYS B 26 9.65 -5.82 1.88
N ALA B 27 9.15 -6.69 1.02
CA ALA B 27 9.75 -8.02 0.87
C ALA B 27 10.97 -7.95 -0.02
N ASP B 28 11.28 -6.74 -0.45
CA ASP B 28 12.42 -6.50 -1.29
C ASP B 28 13.48 -5.69 -0.55
N CYS B 29 13.02 -4.60 0.07
CA CYS B 29 13.88 -3.70 0.81
C CYS B 29 13.99 -4.12 2.28
N GLY B 30 12.83 -4.32 2.89
CA GLY B 30 12.79 -4.70 4.29
C GLY B 30 12.45 -3.52 5.18
N ARG B 31 12.10 -2.39 4.55
CA ARG B 31 11.75 -1.18 5.28
C ARG B 31 10.34 -1.28 5.84
N SER B 32 10.15 -0.90 7.10
CA SER B 32 8.82 -0.99 7.71
C SER B 32 8.08 0.34 7.72
N GLY B 33 6.80 0.22 8.01
CA GLY B 33 5.92 1.37 8.14
C GLY B 33 4.72 1.06 9.01
N HIS B 34 4.32 1.95 9.89
CA HIS B 34 3.15 1.67 10.69
C HIS B 34 1.95 1.88 9.78
N PRO B 35 1.08 0.89 9.57
CA PRO B 35 -0.05 1.07 8.66
C PRO B 35 -0.79 2.39 8.91
N THR B 36 -1.11 2.66 10.17
CA THR B 36 -1.79 3.90 10.52
C THR B 36 -0.95 5.11 10.11
N CYS B 37 0.38 4.92 10.10
CA CYS B 37 1.30 5.98 9.71
C CYS B 37 1.34 6.17 8.20
N LEU B 38 1.24 5.06 7.45
CA LEU B 38 1.27 5.16 5.99
C LEU B 38 -0.09 5.58 5.43
N GLN B 39 -1.05 5.80 6.31
CA GLN B 39 -2.40 6.19 5.91
C GLN B 39 -3.17 5.00 5.37
N PHE B 40 -2.61 3.81 5.59
CA PHE B 40 -3.23 2.58 5.13
C PHE B 40 -4.62 2.40 5.76
N THR B 41 -5.18 1.21 5.57
CA THR B 41 -6.49 0.87 6.12
C THR B 41 -6.46 -0.55 6.67
N LEU B 42 -7.60 -1.04 7.15
CA LEU B 42 -7.65 -2.38 7.71
C LEU B 42 -7.47 -3.47 6.64
N ASN B 43 -8.17 -3.36 5.52
CA ASN B 43 -8.04 -4.37 4.46
C ASN B 43 -6.62 -4.38 3.89
N MET B 44 -6.02 -3.20 3.75
CA MET B 44 -4.66 -3.08 3.24
C MET B 44 -3.69 -3.62 4.25
N THR B 45 -3.78 -3.11 5.47
CA THR B 45 -2.89 -3.57 6.50
C THR B 45 -2.98 -5.08 6.52
N GLU B 46 -4.20 -5.57 6.44
CA GLU B 46 -4.48 -7.00 6.42
C GLU B 46 -3.76 -7.68 5.24
N ALA B 47 -3.96 -7.12 4.05
CA ALA B 47 -3.36 -7.67 2.83
C ALA B 47 -1.85 -7.67 2.93
N VAL B 48 -1.32 -6.48 3.08
CA VAL B 48 0.10 -6.24 3.20
C VAL B 48 0.74 -7.10 4.29
N LYS B 49 -0.07 -7.58 5.24
CA LYS B 49 0.43 -8.39 6.33
C LYS B 49 0.69 -9.82 5.89
N THR B 50 -0.27 -10.37 5.18
CA THR B 50 -0.21 -11.75 4.70
C THR B 50 0.74 -11.95 3.52
N TYR B 51 0.74 -11.01 2.56
CA TYR B 51 1.62 -11.20 1.40
C TYR B 51 2.83 -10.24 1.41
N LYS B 52 3.43 -10.05 0.24
CA LYS B 52 4.63 -9.24 0.08
C LYS B 52 4.44 -7.77 0.44
N TRP B 53 3.37 -7.18 -0.11
CA TRP B 53 3.09 -5.76 0.07
C TRP B 53 4.05 -4.95 -0.79
N GLN B 54 5.35 -5.18 -0.57
CA GLN B 54 6.39 -4.50 -1.34
C GLN B 54 6.22 -3.00 -1.30
N CYS B 55 7.15 -2.31 -0.67
CA CYS B 55 7.10 -0.87 -0.57
C CYS B 55 6.78 -0.27 -1.92
N ILE B 56 6.30 0.95 -1.92
CA ILE B 56 5.97 1.64 -3.15
C ILE B 56 7.10 1.55 -4.17
N GLU B 57 8.33 1.74 -3.73
CA GLU B 57 9.47 1.66 -4.63
C GLU B 57 9.54 0.30 -5.34
N CYS B 58 8.72 -0.65 -4.90
CA CYS B 58 8.70 -2.00 -5.47
C CYS B 58 7.27 -2.51 -5.70
N LYS B 59 6.29 -1.71 -5.34
CA LYS B 59 4.88 -2.07 -5.45
C LYS B 59 4.51 -2.81 -6.74
N SER B 60 5.20 -2.44 -7.81
CA SER B 60 4.98 -3.01 -9.15
C SER B 60 3.51 -3.29 -9.46
N CYS B 61 3.28 -3.87 -10.63
CA CYS B 61 1.97 -4.26 -11.08
C CYS B 61 1.67 -5.73 -10.77
N ILE B 62 0.92 -6.01 -9.70
CA ILE B 62 0.57 -7.39 -9.39
C ILE B 62 0.21 -8.10 -10.68
N LEU B 63 -0.33 -7.31 -11.61
CA LEU B 63 -0.74 -7.78 -12.92
C LEU B 63 0.51 -8.07 -13.77
N CYS B 64 1.36 -7.06 -13.92
CA CYS B 64 2.62 -7.21 -14.66
C CYS B 64 3.74 -7.61 -13.71
N GLY B 65 3.99 -6.72 -12.75
CA GLY B 65 5.03 -6.91 -11.76
C GLY B 65 6.32 -6.33 -12.27
N THR B 66 6.20 -5.27 -13.05
CA THR B 66 7.35 -4.62 -13.65
C THR B 66 7.44 -3.16 -13.25
N SER B 67 6.31 -2.64 -12.78
CA SER B 67 6.23 -1.24 -12.37
C SER B 67 6.58 -0.30 -13.54
N GLU B 68 6.63 -0.86 -14.74
CA GLU B 68 6.95 -0.09 -15.95
C GLU B 68 6.16 1.22 -16.06
N ASN B 69 4.95 1.13 -16.59
CA ASN B 69 4.11 2.29 -16.79
C ASN B 69 3.41 2.75 -15.51
N ASP B 70 4.15 2.78 -14.39
CA ASP B 70 3.60 3.23 -13.11
C ASP B 70 2.73 4.46 -13.24
N ASP B 71 2.90 5.19 -14.32
CA ASP B 71 2.10 6.39 -14.56
C ASP B 71 0.64 5.98 -14.67
N GLN B 72 0.43 4.66 -14.75
CA GLN B 72 -0.90 4.09 -14.85
C GLN B 72 -1.14 3.14 -13.70
N LEU B 73 -0.06 2.70 -13.06
CA LEU B 73 -0.17 1.78 -11.96
C LEU B 73 -1.11 2.31 -10.91
N LEU B 74 -1.92 1.40 -10.41
CA LEU B 74 -2.91 1.72 -9.42
C LEU B 74 -2.57 1.05 -8.12
N PHE B 75 -2.30 1.85 -7.15
CA PHE B 75 -1.89 1.39 -5.86
C PHE B 75 -3.09 1.15 -4.96
N CYS B 76 -3.57 -0.10 -4.91
CA CYS B 76 -4.69 -0.39 -4.04
C CYS B 76 -4.30 -0.01 -2.63
N ASP B 77 -4.81 1.08 -2.14
CA ASP B 77 -4.45 1.47 -0.80
C ASP B 77 -5.20 0.58 0.19
N ASP B 78 -5.62 -0.59 -0.30
CA ASP B 78 -6.36 -1.56 0.47
C ASP B 78 -5.63 -2.91 0.41
N CYS B 79 -4.38 -2.87 -0.09
CA CYS B 79 -3.48 -4.01 -0.18
C CYS B 79 -2.10 -3.53 -0.58
N ASP B 80 -2.12 -2.60 -1.54
CA ASP B 80 -0.94 -1.97 -2.12
C ASP B 80 -0.69 -2.57 -3.50
N ARG B 81 -1.49 -3.58 -3.82
CA ARG B 81 -1.42 -4.26 -5.11
C ARG B 81 -1.54 -3.26 -6.26
N GLY B 82 -0.44 -3.05 -6.98
CA GLY B 82 -0.45 -2.10 -8.08
C GLY B 82 -0.90 -2.71 -9.40
N TYR B 83 -1.81 -2.04 -10.09
CA TYR B 83 -2.27 -2.49 -11.40
C TYR B 83 -2.28 -1.31 -12.35
N HIS B 84 -1.67 -1.43 -13.51
CA HIS B 84 -1.72 -0.32 -14.44
C HIS B 84 -3.19 -0.17 -14.81
N MET B 85 -3.85 0.94 -14.47
CA MET B 85 -5.30 1.11 -14.77
C MET B 85 -5.75 0.33 -15.99
N TYR B 86 -4.87 0.14 -16.94
CA TYR B 86 -5.23 -0.60 -18.13
C TYR B 86 -4.79 -2.04 -18.03
N CYS B 87 -4.70 -2.54 -16.79
CA CYS B 87 -4.30 -3.92 -16.56
C CYS B 87 -5.42 -4.63 -15.82
N LEU B 88 -6.19 -3.82 -15.12
CA LEU B 88 -7.29 -4.31 -14.33
C LEU B 88 -8.28 -5.12 -15.15
N ASN B 89 -9.31 -5.62 -14.47
CA ASN B 89 -10.38 -6.37 -15.10
C ASN B 89 -11.38 -5.39 -15.63
N PRO B 90 -11.74 -4.39 -14.81
CA PRO B 90 -12.61 -3.32 -15.18
C PRO B 90 -11.83 -2.00 -15.20
N PRO B 91 -10.74 -1.96 -16.00
CA PRO B 91 -9.83 -0.85 -16.15
C PRO B 91 -10.43 0.53 -15.87
N VAL B 92 -9.55 1.43 -15.45
CA VAL B 92 -9.92 2.81 -15.14
C VAL B 92 -8.99 3.74 -15.91
N ALA B 93 -9.24 5.02 -15.82
CA ALA B 93 -8.45 6.01 -16.55
C ALA B 93 -7.39 6.72 -15.72
N GLU B 94 -7.74 7.09 -14.49
CA GLU B 94 -6.81 7.84 -13.61
C GLU B 94 -7.32 7.88 -12.18
N PRO B 95 -8.58 8.29 -12.01
CA PRO B 95 -9.31 8.39 -10.76
C PRO B 95 -8.68 7.77 -9.51
N PRO B 96 -8.35 6.46 -9.52
CA PRO B 96 -7.78 5.79 -8.36
C PRO B 96 -6.39 6.28 -7.96
N GLU B 97 -6.35 7.43 -7.32
CA GLU B 97 -5.11 8.02 -6.84
C GLU B 97 -5.07 8.01 -5.31
N GLY B 98 -6.15 7.51 -4.72
CA GLY B 98 -6.25 7.43 -3.27
C GLY B 98 -7.63 7.02 -2.82
N SER B 99 -8.08 5.89 -3.34
CA SER B 99 -9.40 5.36 -3.01
C SER B 99 -9.55 3.92 -3.51
N TRP B 100 -8.94 3.66 -4.67
CA TRP B 100 -8.97 2.36 -5.32
C TRP B 100 -8.91 1.21 -4.34
N SER B 101 -9.31 0.05 -4.83
CA SER B 101 -9.31 -1.15 -4.00
C SER B 101 -8.86 -2.43 -4.70
N CYS B 102 -8.37 -2.34 -5.92
CA CYS B 102 -7.92 -3.54 -6.66
C CYS B 102 -9.04 -4.56 -6.82
N HIS B 103 -8.78 -5.62 -7.59
CA HIS B 103 -9.76 -6.67 -7.81
C HIS B 103 -9.87 -7.60 -6.61
N LEU B 104 -8.76 -7.78 -5.89
CA LEU B 104 -8.75 -8.66 -4.72
C LEU B 104 -9.82 -8.24 -3.74
N CYS B 105 -9.83 -6.95 -3.49
CA CYS B 105 -10.77 -6.35 -2.54
C CYS B 105 -12.17 -6.40 -3.02
N TRP B 106 -12.32 -6.23 -4.29
CA TRP B 106 -13.63 -6.17 -4.88
C TRP B 106 -14.35 -7.45 -4.88
N GLU B 107 -13.71 -8.47 -5.32
CA GLU B 107 -14.35 -9.74 -5.33
C GLU B 107 -14.60 -10.11 -3.89
N LEU B 108 -13.75 -9.58 -3.02
CA LEU B 108 -13.88 -9.78 -1.60
C LEU B 108 -15.01 -8.91 -1.11
N LEU B 109 -15.26 -7.85 -1.87
CA LEU B 109 -16.30 -6.89 -1.61
C LEU B 109 -17.64 -7.54 -1.89
N LYS B 110 -17.75 -8.08 -3.09
CA LYS B 110 -18.92 -8.79 -3.51
C LYS B 110 -19.29 -9.79 -2.41
N GLU B 111 -18.25 -10.37 -1.82
CA GLU B 111 -18.42 -11.34 -0.75
C GLU B 111 -18.73 -10.66 0.59
N LYS B 112 -18.09 -9.51 0.84
CA LYS B 112 -18.29 -8.77 2.06
C LYS B 112 -19.76 -8.49 2.33
N ALA B 113 -20.50 -8.19 1.25
CA ALA B 113 -21.91 -7.87 1.35
C ALA B 113 -22.70 -8.98 2.03
N SER B 114 -24.00 -8.77 2.18
CA SER B 114 -24.86 -9.76 2.81
C SER B 114 -26.33 -9.47 2.49
ZN ZN C . 4.90 5.08 12.81
ZN ZN D . 10.94 -1.96 -1.67
ZN ZN E . -7.00 -4.45 -2.53
ZN ZN F . 0.41 -3.78 -15.53
N GLY A 1 6.53 18.59 3.18
CA GLY A 1 6.28 19.28 4.47
C GLY A 1 5.51 20.58 4.29
N LEU A 2 5.86 21.33 3.25
CA LEU A 2 5.21 22.60 2.96
C LEU A 2 4.10 22.42 1.93
N GLY A 3 2.85 22.42 2.39
CA GLY A 3 1.72 22.26 1.50
C GLY A 3 0.60 21.46 2.12
N LYS A 4 0.90 20.21 2.48
CA LYS A 4 -0.11 19.33 3.08
C LYS A 4 0.51 18.51 4.21
N GLY A 5 1.81 18.28 4.13
CA GLY A 5 2.49 17.50 5.15
C GLY A 5 3.33 16.38 4.56
N GLY A 6 3.17 15.18 5.12
CA GLY A 6 3.92 14.04 4.63
C GLY A 6 3.23 13.34 3.48
N ALA A 7 2.30 12.44 3.81
CA ALA A 7 1.56 11.69 2.78
C ALA A 7 2.50 10.89 1.90
OH ALY A 8 7.26 3.42 1.25
CH ALY A 8 7.18 3.70 2.45
CH3 ALY A 8 7.74 2.69 3.45
NZ ALY A 8 6.34 4.63 2.89
CE ALY A 8 5.15 5.00 2.14
CD ALY A 8 5.44 6.07 1.09
CG ALY A 8 5.76 7.41 1.73
CB ALY A 8 4.55 8.02 2.43
CA ALY A 8 3.59 8.75 1.49
N ALY A 8 2.71 9.63 2.25
C ALY A 8 2.79 7.75 0.67
O ALY A 8 2.82 7.78 -0.56
HH31 ALY A 8 7.68 3.10 4.45
HH32 ALY A 8 7.17 1.78 3.40
HH33 ALY A 8 8.78 2.48 3.21
HZ ALY A 8 6.33 4.81 3.85
HE3 ALY A 8 4.75 4.13 1.66
HE2 ALY A 8 4.41 5.40 2.83
HD3 ALY A 8 6.28 5.74 0.50
HD2 ALY A 8 4.57 6.18 0.46
HG3 ALY A 8 6.56 7.27 2.45
HG2 ALY A 8 6.10 8.08 0.95
HB3 ALY A 8 4.02 7.23 2.93
HB2 ALY A 8 4.92 8.73 3.17
HA ALY A 8 4.16 9.38 0.81
H ALY A 8 2.27 9.28 3.05
N ARG A 9 2.07 6.87 1.37
CA ARG A 9 1.26 5.85 0.70
C ARG A 9 2.11 5.02 -0.25
N HIS A 10 2.08 5.39 -1.53
CA HIS A 10 2.83 4.70 -2.56
C HIS A 10 3.16 5.66 -3.70
N ARG A 11 2.99 5.19 -4.93
CA ARG A 11 3.25 6.00 -6.13
C ARG A 11 4.71 6.35 -6.30
N LYS A 12 5.51 6.01 -5.29
CA LYS A 12 6.96 6.25 -5.31
C LYS A 12 7.32 7.56 -6.02
N VAL A 13 8.51 7.60 -6.60
CA VAL A 13 8.98 8.78 -7.31
C VAL A 13 8.15 9.02 -8.58
N LEU A 14 7.86 10.29 -8.86
CA LEU A 14 7.09 10.64 -10.04
C LEU A 14 7.81 10.24 -11.32
N ARG A 15 7.08 10.26 -12.43
CA ARG A 15 7.65 9.89 -13.72
C ARG A 15 8.18 8.46 -13.70
N GLY B 1 14.87 -5.77 14.69
CA GLY B 1 13.85 -6.03 13.63
C GLY B 1 13.65 -4.83 12.72
N SER B 2 12.39 -4.56 12.38
CA SER B 2 12.06 -3.44 11.51
C SER B 2 11.39 -2.32 12.28
N TYR B 3 10.93 -1.33 11.53
CA TYR B 3 10.25 -0.18 12.10
C TYR B 3 9.52 0.59 11.03
N CYS B 4 8.53 1.37 11.43
CA CYS B 4 7.80 2.20 10.51
C CYS B 4 8.72 3.27 9.93
N ASP B 5 8.65 3.45 8.62
CA ASP B 5 9.49 4.44 7.95
C ASP B 5 9.06 5.86 8.32
N PHE B 6 8.06 5.94 9.20
CA PHE B 6 7.51 7.23 9.65
C PHE B 6 7.85 7.53 11.13
N CYS B 7 8.04 6.49 11.96
CA CYS B 7 8.39 6.71 13.38
C CYS B 7 9.62 5.91 13.77
N LEU B 8 9.96 4.96 12.91
CA LEU B 8 11.11 4.12 13.14
C LEU B 8 11.05 3.41 14.48
N GLY B 9 9.86 2.91 14.80
CA GLY B 9 9.66 2.19 16.05
C GLY B 9 9.62 0.69 15.86
N GLY B 10 8.49 0.17 15.37
CA GLY B 10 8.39 -1.26 15.16
C GLY B 10 6.97 -1.77 15.18
N SER B 11 6.82 -3.06 14.91
CA SER B 11 5.50 -3.69 14.88
C SER B 11 4.99 -3.95 16.30
N ASN B 12 5.46 -3.10 17.20
CA ASN B 12 5.07 -3.12 18.60
C ASN B 12 5.53 -1.83 19.23
N MET B 13 5.63 -0.80 18.39
CA MET B 13 6.08 0.51 18.83
C MET B 13 5.66 1.60 17.84
N ASN B 14 4.89 2.57 18.31
CA ASN B 14 4.42 3.66 17.45
C ASN B 14 5.23 4.93 17.74
N LYS B 15 6.48 4.71 18.16
CA LYS B 15 7.42 5.76 18.52
C LYS B 15 6.77 7.12 18.77
N LYS B 16 6.32 7.74 17.69
CA LYS B 16 5.67 9.04 17.76
C LYS B 16 4.53 9.07 18.80
N SER B 17 4.09 7.89 19.24
CA SER B 17 3.03 7.77 20.24
C SER B 17 3.54 6.96 21.40
N GLY B 18 4.50 6.13 21.09
CA GLY B 18 5.05 5.24 22.08
C GLY B 18 4.10 4.09 22.32
N ARG B 19 3.23 3.86 21.34
CA ARG B 19 2.28 2.76 21.44
C ARG B 19 2.55 1.62 20.48
N PRO B 20 2.22 0.43 20.93
CA PRO B 20 2.39 -0.80 20.15
C PRO B 20 1.47 -0.87 18.93
N GLU B 21 2.02 -1.24 17.79
CA GLU B 21 1.27 -1.36 16.55
C GLU B 21 1.74 -2.57 15.74
N GLU B 22 1.82 -2.41 14.43
CA GLU B 22 2.28 -3.48 13.54
C GLU B 22 2.57 -2.94 12.15
N LEU B 23 3.86 -2.75 11.88
CA LEU B 23 4.36 -2.22 10.62
C LEU B 23 4.04 -3.06 9.38
N VAL B 24 4.55 -2.56 8.25
CA VAL B 24 4.43 -3.22 6.96
C VAL B 24 5.81 -3.44 6.40
N SER B 25 6.26 -4.69 6.38
CA SER B 25 7.60 -4.99 5.89
C SER B 25 7.58 -5.39 4.43
N CYS B 26 8.37 -4.71 3.61
CA CYS B 26 8.42 -5.05 2.19
C CYS B 26 8.89 -6.50 2.06
N ALA B 27 8.29 -7.23 1.13
CA ALA B 27 8.66 -8.63 0.94
C ALA B 27 9.88 -8.74 0.05
N ASP B 28 10.54 -7.59 -0.14
CA ASP B 28 11.75 -7.53 -0.94
C ASP B 28 12.85 -6.80 -0.17
N CYS B 29 12.59 -5.54 0.14
CA CYS B 29 13.54 -4.70 0.88
C CYS B 29 13.70 -5.19 2.31
N GLY B 30 12.58 -5.24 3.01
CA GLY B 30 12.59 -5.63 4.40
C GLY B 30 12.34 -4.44 5.33
N ARG B 31 12.01 -3.30 4.72
CA ARG B 31 11.73 -2.08 5.49
C ARG B 31 10.27 -2.08 5.91
N SER B 32 9.93 -1.36 6.98
CA SER B 32 8.54 -1.38 7.43
C SER B 32 7.92 0.01 7.62
N GLY B 33 6.59 0.01 7.75
CA GLY B 33 5.83 1.23 7.96
C GLY B 33 4.59 1.01 8.82
N HIS B 34 4.10 2.01 9.54
CA HIS B 34 2.89 1.79 10.33
C HIS B 34 1.71 1.99 9.40
N PRO B 35 0.84 0.98 9.23
CA PRO B 35 -0.28 1.13 8.31
C PRO B 35 -1.03 2.44 8.52
N THR B 36 -1.25 2.80 9.78
CA THR B 36 -1.92 4.04 10.10
C THR B 36 -1.09 5.22 9.60
N CYS B 37 0.23 5.05 9.62
CA CYS B 37 1.16 6.08 9.16
C CYS B 37 1.16 6.16 7.64
N LEU B 38 0.99 5.02 6.97
CA LEU B 38 0.97 4.99 5.51
C LEU B 38 -0.42 5.34 4.99
N GLN B 39 -1.34 5.64 5.90
CA GLN B 39 -2.72 6.00 5.55
C GLN B 39 -3.48 4.78 5.04
N PHE B 40 -2.95 3.60 5.35
CA PHE B 40 -3.57 2.35 4.93
C PHE B 40 -4.95 2.17 5.56
N THR B 41 -5.51 0.99 5.35
CA THR B 41 -6.81 0.63 5.90
C THR B 41 -6.71 -0.71 6.61
N LEU B 42 -7.79 -1.14 7.26
CA LEU B 42 -7.77 -2.42 7.96
C LEU B 42 -7.55 -3.59 7.02
N ASN B 43 -8.23 -3.59 5.88
CA ASN B 43 -8.09 -4.67 4.92
C ASN B 43 -6.66 -4.71 4.36
N MET B 44 -6.17 -3.56 3.88
CA MET B 44 -4.80 -3.48 3.36
C MET B 44 -3.84 -3.97 4.41
N THR B 45 -3.95 -3.40 5.59
CA THR B 45 -3.07 -3.75 6.67
C THR B 45 -3.11 -5.26 6.81
N GLU B 46 -4.32 -5.78 6.90
CA GLU B 46 -4.54 -7.22 7.02
C GLU B 46 -3.82 -8.00 5.92
N ALA B 47 -4.05 -7.58 4.69
CA ALA B 47 -3.47 -8.22 3.51
C ALA B 47 -1.96 -8.19 3.57
N VAL B 48 -1.46 -6.98 3.59
CA VAL B 48 -0.05 -6.70 3.63
C VAL B 48 0.64 -7.35 4.82
N LYS B 49 -0.14 -7.71 5.83
CA LYS B 49 0.38 -8.35 7.02
C LYS B 49 0.77 -9.79 6.76
N THR B 50 -0.12 -10.49 6.07
CA THR B 50 0.06 -11.91 5.76
C THR B 50 0.82 -12.18 4.45
N TYR B 51 0.41 -11.57 3.34
CA TYR B 51 1.06 -11.85 2.06
C TYR B 51 2.23 -10.91 1.76
N LYS B 52 2.68 -10.93 0.50
CA LYS B 52 3.81 -10.13 0.04
C LYS B 52 3.39 -8.69 -0.23
N TRP B 53 3.38 -7.87 0.81
CA TRP B 53 3.00 -6.48 0.66
C TRP B 53 3.90 -5.80 -0.35
N GLN B 54 5.21 -6.04 -0.24
CA GLN B 54 6.19 -5.46 -1.16
C GLN B 54 5.98 -3.96 -1.30
N CYS B 55 6.86 -3.20 -0.67
CA CYS B 55 6.80 -1.75 -0.72
C CYS B 55 6.56 -1.24 -2.13
N ILE B 56 6.14 0.01 -2.25
CA ILE B 56 5.90 0.64 -3.54
C ILE B 56 7.12 0.51 -4.44
N GLU B 57 8.31 0.67 -3.88
CA GLU B 57 9.52 0.55 -4.69
C GLU B 57 9.52 -0.81 -5.39
N CYS B 58 8.83 -1.77 -4.79
CA CYS B 58 8.71 -3.12 -5.33
C CYS B 58 7.25 -3.53 -5.44
N LYS B 59 6.44 -2.64 -5.95
CA LYS B 59 5.01 -2.89 -6.07
C LYS B 59 4.65 -3.37 -7.45
N SER B 60 5.59 -3.17 -8.36
CA SER B 60 5.45 -3.55 -9.78
C SER B 60 4.12 -4.18 -10.13
N CYS B 61 3.40 -3.51 -11.02
CA CYS B 61 2.09 -3.94 -11.51
C CYS B 61 1.86 -5.43 -11.35
N ILE B 62 1.12 -5.82 -10.33
CA ILE B 62 0.80 -7.24 -10.14
C ILE B 62 0.41 -7.81 -11.51
N LEU B 63 -0.15 -6.94 -12.33
CA LEU B 63 -0.58 -7.28 -13.67
C LEU B 63 0.63 -7.46 -14.59
N CYS B 64 1.46 -6.43 -14.69
CA CYS B 64 2.68 -6.49 -15.50
C CYS B 64 3.82 -7.04 -14.66
N GLY B 65 4.13 -6.30 -13.61
CA GLY B 65 5.22 -6.65 -12.74
C GLY B 65 6.47 -5.92 -13.18
N THR B 66 6.27 -4.73 -13.73
CA THR B 66 7.38 -3.94 -14.23
C THR B 66 7.43 -2.55 -13.62
N SER B 67 6.31 -2.12 -13.08
CA SER B 67 6.20 -0.81 -12.46
C SER B 67 6.53 0.30 -13.45
N GLU B 68 6.61 -0.05 -14.74
CA GLU B 68 6.92 0.90 -15.80
C GLU B 68 6.08 2.18 -15.72
N ASN B 69 4.86 2.10 -16.24
CA ASN B 69 3.96 3.25 -16.28
C ASN B 69 3.30 3.55 -14.93
N ASP B 70 4.08 3.50 -13.85
CA ASP B 70 3.56 3.80 -12.52
C ASP B 70 2.74 5.09 -12.47
N ASP B 71 2.76 5.84 -13.57
CA ASP B 71 1.97 7.07 -13.64
C ASP B 71 0.54 6.66 -13.93
N GLN B 72 0.38 5.35 -14.03
CA GLN B 72 -0.90 4.72 -14.31
C GLN B 72 -1.14 3.64 -13.27
N LEU B 73 -0.05 3.12 -12.71
CA LEU B 73 -0.17 2.09 -11.71
C LEU B 73 -1.15 2.51 -10.65
N LEU B 74 -1.94 1.56 -10.24
CA LEU B 74 -2.95 1.79 -9.26
C LEU B 74 -2.62 1.06 -7.98
N PHE B 75 -2.44 1.84 -6.97
CA PHE B 75 -2.06 1.33 -5.68
C PHE B 75 -3.29 0.98 -4.88
N CYS B 76 -3.68 -0.29 -4.96
CA CYS B 76 -4.81 -0.74 -4.20
C CYS B 76 -4.49 -0.53 -2.75
N ASP B 77 -5.08 0.48 -2.16
CA ASP B 77 -4.79 0.77 -0.77
C ASP B 77 -5.51 -0.22 0.15
N ASP B 78 -5.78 -1.41 -0.38
CA ASP B 78 -6.47 -2.44 0.37
C ASP B 78 -5.64 -3.72 0.43
N CYS B 79 -4.36 -3.61 0.07
CA CYS B 79 -3.40 -4.71 0.09
C CYS B 79 -2.09 -4.28 -0.56
N ASP B 80 -2.19 -3.18 -1.32
CA ASP B 80 -1.04 -2.56 -2.01
C ASP B 80 -0.82 -3.05 -3.45
N ARG B 81 -1.61 -4.01 -3.93
CA ARG B 81 -1.47 -4.51 -5.29
C ARG B 81 -1.55 -3.37 -6.32
N GLY B 82 -0.54 -3.26 -7.18
CA GLY B 82 -0.50 -2.20 -8.17
C GLY B 82 -0.89 -2.65 -9.57
N TYR B 83 -1.80 -1.93 -10.20
CA TYR B 83 -2.23 -2.23 -11.57
C TYR B 83 -2.26 -0.96 -12.38
N HIS B 84 -1.66 -0.95 -13.56
CA HIS B 84 -1.73 0.26 -14.36
C HIS B 84 -3.20 0.40 -14.71
N MET B 85 -3.87 1.51 -14.32
CA MET B 85 -5.31 1.66 -14.60
C MET B 85 -5.75 0.97 -15.88
N TYR B 86 -4.86 0.90 -16.84
CA TYR B 86 -5.20 0.28 -18.10
C TYR B 86 -4.71 -1.16 -18.12
N CYS B 87 -4.66 -1.78 -16.95
CA CYS B 87 -4.24 -3.16 -16.84
C CYS B 87 -5.32 -3.97 -16.18
N LEU B 88 -6.10 -3.26 -15.39
CA LEU B 88 -7.18 -3.86 -14.64
C LEU B 88 -8.15 -4.63 -15.53
N ASN B 89 -9.15 -5.22 -14.90
CA ASN B 89 -10.19 -5.97 -15.61
C ASN B 89 -11.22 -4.98 -16.08
N PRO B 90 -11.61 -4.05 -15.19
CA PRO B 90 -12.50 -2.97 -15.48
C PRO B 90 -11.77 -1.65 -15.38
N PRO B 91 -10.68 -1.52 -16.17
CA PRO B 91 -9.78 -0.37 -16.21
C PRO B 91 -10.41 0.97 -15.87
N VAL B 92 -9.57 1.83 -15.34
CA VAL B 92 -9.94 3.18 -14.94
C VAL B 92 -9.01 4.15 -15.64
N ALA B 93 -9.25 5.43 -15.48
CA ALA B 93 -8.44 6.44 -16.17
C ALA B 93 -7.42 7.14 -15.26
N GLU B 94 -7.79 7.42 -14.03
CA GLU B 94 -6.88 8.14 -13.10
C GLU B 94 -7.36 8.05 -11.66
N PRO B 95 -8.66 8.38 -11.46
CA PRO B 95 -9.38 8.35 -10.22
C PRO B 95 -8.71 7.68 -9.02
N PRO B 96 -8.20 6.44 -9.09
CA PRO B 96 -7.59 5.79 -7.95
C PRO B 96 -6.22 6.34 -7.62
N GLU B 97 -6.11 7.66 -7.57
CA GLU B 97 -4.87 8.32 -7.24
C GLU B 97 -4.70 8.37 -5.74
N GLY B 98 -5.81 8.15 -5.05
CA GLY B 98 -5.80 8.16 -3.60
C GLY B 98 -6.96 7.38 -3.03
N SER B 99 -7.13 6.20 -3.59
CA SER B 99 -8.17 5.27 -3.21
C SER B 99 -8.37 4.27 -4.33
N TRP B 100 -8.61 3.01 -3.96
CA TRP B 100 -8.79 1.94 -4.95
C TRP B 100 -8.70 0.56 -4.29
N SER B 101 -9.47 -0.37 -4.83
CA SER B 101 -9.47 -1.73 -4.35
C SER B 101 -9.31 -2.69 -5.53
N CYS B 102 -8.11 -3.23 -5.67
CA CYS B 102 -7.77 -4.17 -6.74
C CYS B 102 -8.84 -5.25 -6.91
N HIS B 103 -8.61 -6.17 -7.86
CA HIS B 103 -9.55 -7.24 -8.10
C HIS B 103 -9.50 -8.30 -7.02
N LEU B 104 -8.35 -8.43 -6.35
CA LEU B 104 -8.20 -9.41 -5.28
C LEU B 104 -9.15 -9.08 -4.16
N CYS B 105 -9.08 -7.82 -3.78
CA CYS B 105 -9.89 -7.28 -2.69
C CYS B 105 -11.33 -7.21 -3.09
N TRP B 106 -11.55 -6.95 -4.34
CA TRP B 106 -12.87 -6.80 -4.86
C TRP B 106 -13.63 -8.07 -4.88
N GLU B 107 -13.06 -9.07 -5.47
CA GLU B 107 -13.72 -10.33 -5.51
C GLU B 107 -13.96 -10.77 -4.08
N LEU B 108 -13.08 -10.29 -3.21
CA LEU B 108 -13.18 -10.58 -1.79
C LEU B 108 -14.28 -9.71 -1.22
N LEU B 109 -14.49 -8.59 -1.90
CA LEU B 109 -15.50 -7.61 -1.55
C LEU B 109 -16.87 -8.18 -1.83
N LYS B 110 -17.05 -8.57 -3.07
CA LYS B 110 -18.29 -9.15 -3.53
C LYS B 110 -18.61 -10.39 -2.69
N GLU B 111 -17.57 -11.07 -2.26
CA GLU B 111 -17.68 -12.26 -1.45
C GLU B 111 -18.00 -11.95 0.02
N LYS B 112 -17.27 -10.99 0.61
CA LYS B 112 -17.47 -10.67 2.00
C LYS B 112 -18.81 -9.96 2.22
N ALA B 113 -19.24 -9.21 1.22
CA ALA B 113 -20.49 -8.47 1.29
C ALA B 113 -21.68 -9.39 1.46
N SER B 114 -22.87 -8.80 1.50
CA SER B 114 -24.09 -9.57 1.65
C SER B 114 -25.32 -8.68 1.47
ZN ZN C . 4.71 5.24 12.31
ZN ZN D . 10.70 -2.89 -1.51
ZN ZN E . -6.16 -5.18 -3.10
ZN ZN F . 0.49 -3.00 -15.89
N GLY A 1 18.42 21.81 2.77
CA GLY A 1 17.30 21.23 1.96
C GLY A 1 16.03 21.04 2.77
N LEU A 2 14.90 21.43 2.19
CA LEU A 2 13.61 21.30 2.87
C LEU A 2 13.04 19.90 2.67
N GLY A 3 11.87 19.65 3.25
CA GLY A 3 11.24 18.36 3.12
C GLY A 3 10.33 18.04 4.30
N LYS A 4 9.03 18.27 4.11
CA LYS A 4 8.05 18.00 5.15
C LYS A 4 7.31 16.69 4.88
N GLY A 5 7.40 15.77 5.83
CA GLY A 5 6.74 14.48 5.66
C GLY A 5 5.42 14.41 6.41
N GLY A 6 4.83 13.21 6.43
CA GLY A 6 3.56 13.02 7.12
C GLY A 6 2.85 11.75 6.68
N ALA A 7 2.74 11.57 5.37
CA ALA A 7 2.08 10.38 4.81
C ALA A 7 2.40 10.23 3.33
OH ALY A 8 5.29 2.99 1.57
CH ALY A 8 6.36 3.41 2.00
CH3 ALY A 8 7.29 2.41 2.68
NZ ALY A 8 6.53 4.70 2.27
CE ALY A 8 5.42 5.58 2.59
CD ALY A 8 5.11 6.59 1.50
CG ALY A 8 4.77 7.96 2.09
CB ALY A 8 3.96 8.81 1.12
CA ALY A 8 2.44 8.76 1.40
N ALY A 8 2.18 9.03 2.80
C ALY A 8 1.90 7.40 0.97
O ALY A 8 1.48 7.23 -0.18
HH31 ALY A 8 8.15 2.93 3.09
HH32 ALY A 8 6.76 1.92 3.49
HH33 ALY A 8 7.63 1.68 1.97
HZ ALY A 8 7.41 4.98 2.59
HE3 ALY A 8 4.54 4.98 2.76
HE2 ALY A 8 5.66 6.12 3.50
HD3 ALY A 8 5.98 6.69 0.86
HD2 ALY A 8 4.27 6.24 0.92
HG3 ALY A 8 4.21 7.82 2.99
HG2 ALY A 8 5.70 8.47 2.32
HB3 ALY A 8 4.28 9.83 1.22
HB2 ALY A 8 4.14 8.46 0.12
HA ALY A 8 1.96 9.53 0.81
H ALY A 8 1.82 8.31 3.37
N ARG A 9 1.88 6.45 1.90
CA ARG A 9 1.41 5.08 1.67
C ARG A 9 2.25 4.38 0.58
N HIS A 10 2.17 4.88 -0.66
CA HIS A 10 2.94 4.34 -1.77
C HIS A 10 2.47 4.92 -3.10
N ARG A 11 3.31 5.80 -3.66
CA ARG A 11 3.04 6.45 -4.92
C ARG A 11 4.35 6.79 -5.62
N LYS A 12 5.44 6.68 -4.86
CA LYS A 12 6.81 6.93 -5.34
C LYS A 12 6.96 8.29 -6.02
N VAL A 13 5.90 9.12 -5.99
CA VAL A 13 5.96 10.45 -6.59
C VAL A 13 5.02 11.42 -5.87
N LEU A 14 5.32 12.70 -5.98
CA LEU A 14 4.51 13.74 -5.34
C LEU A 14 4.48 13.56 -3.83
N ARG A 15 5.30 14.33 -3.11
CA ARG A 15 5.36 14.25 -1.66
C ARG A 15 5.08 15.61 -1.03
N GLY B 1 15.09 -5.12 14.48
CA GLY B 1 14.15 -5.39 13.36
C GLY B 1 13.80 -4.14 12.57
N SER B 2 12.81 -4.25 11.70
CA SER B 2 12.39 -3.12 10.88
C SER B 2 11.78 -2.01 11.71
N TYR B 3 11.27 -1.01 11.01
CA TYR B 3 10.64 0.13 11.62
C TYR B 3 9.81 0.88 10.59
N CYS B 4 8.75 1.51 11.06
CA CYS B 4 7.90 2.30 10.19
C CYS B 4 8.70 3.40 9.52
N ASP B 5 8.60 3.51 8.21
CA ASP B 5 9.33 4.52 7.46
C ASP B 5 8.85 5.94 7.81
N PHE B 6 7.92 6.02 8.77
CA PHE B 6 7.36 7.30 9.19
C PHE B 6 7.86 7.69 10.59
N CYS B 7 8.14 6.69 11.44
CA CYS B 7 8.63 6.96 12.78
C CYS B 7 9.99 6.36 13.00
N LEU B 8 10.15 5.18 12.42
CA LEU B 8 11.37 4.43 12.51
C LEU B 8 11.48 3.72 13.86
N GLY B 9 10.33 3.25 14.34
CA GLY B 9 10.28 2.52 15.60
C GLY B 9 10.21 1.02 15.38
N GLY B 10 8.99 0.49 15.28
CA GLY B 10 8.81 -0.93 15.06
C GLY B 10 7.36 -1.31 15.06
N SER B 11 7.07 -2.60 14.96
CA SER B 11 5.70 -3.07 14.93
C SER B 11 5.12 -3.10 16.34
N ASN B 12 5.69 -3.92 17.21
CA ASN B 12 5.22 -4.00 18.58
C ASN B 12 5.76 -2.82 19.37
N MET B 13 6.29 -1.83 18.64
CA MET B 13 6.84 -0.64 19.28
C MET B 13 6.85 0.57 18.35
N ASN B 14 6.27 1.65 18.81
CA ASN B 14 6.23 2.88 18.06
C ASN B 14 7.35 3.84 18.46
N LYS B 15 7.26 5.05 17.95
CA LYS B 15 8.20 6.12 18.24
C LYS B 15 7.44 7.43 18.43
N LYS B 16 6.46 7.65 17.55
CA LYS B 16 5.62 8.83 17.60
C LYS B 16 4.28 8.49 18.24
N SER B 17 4.34 7.50 19.11
CA SER B 17 3.20 6.96 19.84
C SER B 17 2.29 6.22 18.90
N GLY B 18 2.87 5.67 17.86
CA GLY B 18 2.10 4.88 16.95
C GLY B 18 1.58 3.70 17.72
N ARG B 19 2.22 3.51 18.87
CA ARG B 19 1.90 2.44 19.80
C ARG B 19 2.14 1.10 19.16
N PRO B 20 2.31 0.10 20.02
CA PRO B 20 2.60 -1.27 19.62
C PRO B 20 1.66 -1.74 18.51
N GLU B 21 1.99 -1.29 17.31
CA GLU B 21 1.22 -1.59 16.12
C GLU B 21 1.76 -2.85 15.42
N GLU B 22 1.99 -2.73 14.12
CA GLU B 22 2.52 -3.84 13.33
C GLU B 22 2.89 -3.34 11.94
N LEU B 23 4.14 -2.95 11.82
CA LEU B 23 4.70 -2.43 10.57
C LEU B 23 4.37 -3.25 9.35
N VAL B 24 4.55 -2.63 8.21
CA VAL B 24 4.36 -3.29 6.95
C VAL B 24 5.72 -3.49 6.35
N SER B 25 6.18 -4.72 6.32
CA SER B 25 7.50 -5.01 5.79
C SER B 25 7.41 -5.40 4.34
N CYS B 26 8.12 -4.66 3.52
CA CYS B 26 8.15 -4.91 2.10
C CYS B 26 8.72 -6.29 1.84
N ALA B 27 8.16 -6.99 0.87
CA ALA B 27 8.61 -8.33 0.54
C ALA B 27 9.66 -8.31 -0.55
N ASP B 28 10.19 -7.12 -0.82
CA ASP B 28 11.22 -6.97 -1.84
C ASP B 28 12.51 -6.44 -1.24
N CYS B 29 12.45 -5.25 -0.64
CA CYS B 29 13.63 -4.65 -0.04
C CYS B 29 13.63 -4.85 1.49
N GLY B 30 12.49 -4.60 2.13
CA GLY B 30 12.39 -4.82 3.57
C GLY B 30 12.11 -3.57 4.40
N ARG B 31 11.49 -2.56 3.80
CA ARG B 31 11.16 -1.34 4.53
C ARG B 31 9.80 -1.48 5.22
N SER B 32 9.70 -1.03 6.48
CA SER B 32 8.44 -1.12 7.20
C SER B 32 7.67 0.18 7.20
N GLY B 33 6.42 0.08 7.65
CA GLY B 33 5.55 1.24 7.78
C GLY B 33 4.44 0.97 8.79
N HIS B 34 4.10 1.93 9.63
CA HIS B 34 2.99 1.68 10.55
C HIS B 34 1.72 1.80 9.74
N PRO B 35 0.87 0.78 9.67
CA PRO B 35 -0.35 0.87 8.88
C PRO B 35 -1.11 2.16 9.15
N THR B 36 -1.19 2.54 10.42
CA THR B 36 -1.86 3.77 10.80
C THR B 36 -1.12 4.97 10.23
N CYS B 37 0.20 4.83 10.08
CA CYS B 37 1.03 5.89 9.53
C CYS B 37 0.89 5.99 8.02
N LEU B 38 0.68 4.85 7.35
CA LEU B 38 0.52 4.87 5.89
C LEU B 38 -0.93 5.12 5.53
N GLN B 39 -1.76 5.29 6.57
CA GLN B 39 -3.19 5.51 6.39
C GLN B 39 -3.88 4.16 6.15
N PHE B 40 -3.47 3.48 5.09
CA PHE B 40 -4.01 2.17 4.73
C PHE B 40 -5.45 1.97 5.24
N THR B 41 -5.70 0.80 5.82
CA THR B 41 -7.00 0.47 6.38
C THR B 41 -6.94 -0.93 6.99
N LEU B 42 -8.06 -1.45 7.49
CA LEU B 42 -8.06 -2.77 8.09
C LEU B 42 -7.84 -3.85 7.03
N ASN B 43 -8.54 -3.74 5.91
CA ASN B 43 -8.37 -4.70 4.83
C ASN B 43 -6.95 -4.65 4.29
N MET B 44 -6.40 -3.44 4.20
CA MET B 44 -5.02 -3.27 3.72
C MET B 44 -4.06 -3.85 4.72
N THR B 45 -4.14 -3.37 5.95
CA THR B 45 -3.25 -3.83 6.98
C THR B 45 -3.29 -5.34 7.01
N GLU B 46 -4.48 -5.89 7.16
CA GLU B 46 -4.66 -7.33 7.18
C GLU B 46 -4.07 -7.99 5.94
N ALA B 47 -4.37 -7.44 4.77
CA ALA B 47 -3.87 -7.98 3.50
C ALA B 47 -2.35 -7.98 3.47
N VAL B 48 -1.82 -6.79 3.55
CA VAL B 48 -0.41 -6.54 3.54
C VAL B 48 0.33 -7.31 4.63
N LYS B 49 -0.40 -7.72 5.65
CA LYS B 49 0.20 -8.46 6.75
C LYS B 49 0.53 -9.89 6.37
N THR B 50 -0.41 -10.52 5.71
CA THR B 50 -0.27 -11.92 5.30
C THR B 50 0.45 -12.10 3.96
N TYR B 51 0.04 -11.40 2.91
CA TYR B 51 0.66 -11.59 1.60
C TYR B 51 1.85 -10.64 1.36
N LYS B 52 2.27 -10.54 0.11
CA LYS B 52 3.40 -9.70 -0.30
C LYS B 52 2.98 -8.25 -0.50
N TRP B 53 3.07 -7.46 0.56
CA TRP B 53 2.70 -6.06 0.51
C TRP B 53 3.62 -5.30 -0.43
N GLN B 54 4.92 -5.47 -0.27
CA GLN B 54 5.91 -4.80 -1.11
C GLN B 54 5.73 -3.28 -1.09
N CYS B 55 6.67 -2.60 -0.47
CA CYS B 55 6.63 -1.14 -0.36
C CYS B 55 6.48 -0.50 -1.74
N ILE B 56 6.30 0.80 -1.74
CA ILE B 56 6.13 1.57 -2.95
C ILE B 56 7.24 1.37 -3.97
N GLU B 57 8.48 1.58 -3.59
CA GLU B 57 9.58 1.44 -4.52
C GLU B 57 9.58 0.05 -5.18
N CYS B 58 8.93 -0.91 -4.52
CA CYS B 58 8.85 -2.27 -5.05
C CYS B 58 7.40 -2.76 -5.13
N LYS B 59 6.48 -1.83 -5.19
CA LYS B 59 5.05 -2.15 -5.24
C LYS B 59 4.66 -2.86 -6.54
N SER B 60 5.34 -2.50 -7.60
CA SER B 60 5.15 -3.05 -8.95
C SER B 60 3.69 -3.32 -9.31
N CYS B 61 3.50 -3.73 -10.57
CA CYS B 61 2.20 -4.08 -11.10
C CYS B 61 1.91 -5.56 -10.91
N ILE B 62 1.11 -5.93 -9.93
CA ILE B 62 0.75 -7.34 -9.73
C ILE B 62 0.45 -7.94 -11.10
N LEU B 63 -0.07 -7.07 -11.97
CA LEU B 63 -0.41 -7.44 -13.34
C LEU B 63 0.85 -7.65 -14.16
N CYS B 64 1.70 -6.62 -14.22
CA CYS B 64 2.98 -6.70 -14.94
C CYS B 64 4.07 -7.20 -14.02
N GLY B 65 4.30 -6.43 -12.96
CA GLY B 65 5.34 -6.73 -12.01
C GLY B 65 6.62 -6.09 -12.43
N THR B 66 6.51 -4.91 -13.03
CA THR B 66 7.66 -4.20 -13.54
C THR B 66 7.71 -2.75 -13.06
N SER B 67 6.58 -2.27 -12.55
CA SER B 67 6.45 -0.90 -12.08
C SER B 67 6.90 0.10 -13.16
N GLU B 68 7.02 -0.37 -14.40
CA GLU B 68 7.43 0.49 -15.52
C GLU B 68 6.64 1.79 -15.56
N ASN B 69 5.42 1.72 -16.09
CA ASN B 69 4.57 2.88 -16.21
C ASN B 69 3.85 3.21 -14.92
N ASP B 70 4.54 3.06 -13.77
CA ASP B 70 3.96 3.36 -12.47
C ASP B 70 3.11 4.62 -12.46
N ASP B 71 3.29 5.47 -13.46
CA ASP B 71 2.49 6.69 -13.55
C ASP B 71 1.03 6.32 -13.76
N GLN B 72 0.81 5.04 -14.06
CA GLN B 72 -0.50 4.50 -14.28
C GLN B 72 -0.82 3.45 -13.22
N LEU B 73 0.22 2.97 -12.57
CA LEU B 73 0.05 1.97 -11.55
C LEU B 73 -0.96 2.44 -10.53
N LEU B 74 -1.83 1.53 -10.18
CA LEU B 74 -2.88 1.81 -9.23
C LEU B 74 -2.60 1.11 -7.95
N PHE B 75 -2.43 1.89 -6.92
CA PHE B 75 -2.11 1.37 -5.63
C PHE B 75 -3.37 1.08 -4.83
N CYS B 76 -3.82 -0.17 -4.90
CA CYS B 76 -4.99 -0.55 -4.16
C CYS B 76 -4.67 -0.35 -2.70
N ASP B 77 -5.22 0.67 -2.11
CA ASP B 77 -4.92 0.93 -0.73
C ASP B 77 -5.71 -0.01 0.18
N ASP B 78 -5.92 -1.24 -0.29
CA ASP B 78 -6.66 -2.25 0.45
C ASP B 78 -5.86 -3.54 0.54
N CYS B 79 -4.62 -3.48 0.06
CA CYS B 79 -3.71 -4.62 0.07
C CYS B 79 -2.38 -4.22 -0.55
N ASP B 80 -2.41 -3.10 -1.30
CA ASP B 80 -1.21 -2.52 -1.94
C ASP B 80 -1.01 -2.98 -3.39
N ARG B 81 -1.64 -4.08 -3.80
CA ARG B 81 -1.52 -4.58 -5.16
C ARG B 81 -1.61 -3.45 -6.19
N GLY B 82 -0.54 -3.24 -6.97
CA GLY B 82 -0.52 -2.19 -7.97
C GLY B 82 -0.84 -2.68 -9.37
N TYR B 83 -1.73 -1.97 -10.06
CA TYR B 83 -2.10 -2.31 -11.45
C TYR B 83 -2.06 -1.06 -12.29
N HIS B 84 -1.40 -1.08 -13.43
CA HIS B 84 -1.41 0.10 -14.27
C HIS B 84 -2.86 0.27 -14.68
N MET B 85 -3.51 1.39 -14.32
CA MET B 85 -4.94 1.59 -14.67
C MET B 85 -5.35 0.89 -15.95
N TYR B 86 -4.44 0.76 -16.87
CA TYR B 86 -4.75 0.11 -18.13
C TYR B 86 -4.30 -1.34 -18.11
N CYS B 87 -4.27 -1.93 -16.91
CA CYS B 87 -3.88 -3.32 -16.76
C CYS B 87 -5.00 -4.09 -16.11
N LEU B 88 -5.80 -3.36 -15.37
CA LEU B 88 -6.93 -3.92 -14.64
C LEU B 88 -7.85 -4.73 -15.54
N ASN B 89 -8.87 -5.31 -14.93
CA ASN B 89 -9.86 -6.08 -15.65
C ASN B 89 -10.89 -5.14 -16.21
N PRO B 90 -11.32 -4.17 -15.39
CA PRO B 90 -12.21 -3.12 -15.78
C PRO B 90 -11.48 -1.78 -15.71
N PRO B 91 -10.36 -1.68 -16.45
CA PRO B 91 -9.48 -0.54 -16.51
C PRO B 91 -10.13 0.80 -16.19
N VAL B 92 -9.32 1.66 -15.60
CA VAL B 92 -9.72 2.99 -15.20
C VAL B 92 -8.88 3.99 -15.97
N ALA B 93 -9.02 5.25 -15.65
CA ALA B 93 -8.27 6.29 -16.35
C ALA B 93 -7.28 7.04 -15.46
N GLU B 94 -7.65 7.26 -14.20
CA GLU B 94 -6.78 8.01 -13.27
C GLU B 94 -7.29 7.93 -11.83
N PRO B 95 -8.57 8.24 -11.66
CA PRO B 95 -9.34 8.23 -10.43
C PRO B 95 -8.72 7.57 -9.19
N PRO B 96 -8.21 6.31 -9.25
CA PRO B 96 -7.67 5.66 -8.09
C PRO B 96 -6.29 6.18 -7.66
N GLU B 97 -6.16 7.50 -7.62
CA GLU B 97 -4.90 8.12 -7.20
C GLU B 97 -4.87 8.22 -5.67
N GLY B 98 -5.95 7.79 -5.04
CA GLY B 98 -6.04 7.84 -3.59
C GLY B 98 -7.21 7.06 -3.06
N SER B 99 -7.25 5.78 -3.43
CA SER B 99 -8.30 4.87 -3.02
C SER B 99 -8.14 3.55 -3.76
N TRP B 100 -9.20 3.12 -4.46
CA TRP B 100 -9.16 1.89 -5.24
C TRP B 100 -9.09 0.67 -4.35
N SER B 101 -9.51 -0.46 -4.89
CA SER B 101 -9.49 -1.70 -4.13
C SER B 101 -9.06 -2.92 -4.96
N CYS B 102 -8.46 -2.69 -6.12
CA CYS B 102 -8.01 -3.80 -6.99
C CYS B 102 -9.09 -4.86 -7.16
N HIS B 103 -8.79 -5.92 -7.91
CA HIS B 103 -9.75 -6.98 -8.12
C HIS B 103 -9.79 -7.93 -6.92
N LEU B 104 -8.63 -8.16 -6.30
CA LEU B 104 -8.55 -9.08 -5.17
C LEU B 104 -9.53 -8.72 -4.08
N CYS B 105 -9.47 -7.46 -3.70
CA CYS B 105 -10.31 -6.96 -2.62
C CYS B 105 -11.73 -6.80 -3.04
N TRP B 106 -11.92 -6.44 -4.27
CA TRP B 106 -13.24 -6.22 -4.79
C TRP B 106 -14.01 -7.47 -4.93
N GLU B 107 -13.46 -8.43 -5.59
CA GLU B 107 -14.16 -9.66 -5.77
C GLU B 107 -14.39 -10.26 -4.39
N LEU B 108 -13.51 -9.89 -3.47
CA LEU B 108 -13.62 -10.32 -2.10
C LEU B 108 -14.71 -9.48 -1.43
N LEU B 109 -14.88 -8.30 -2.00
CA LEU B 109 -15.87 -7.33 -1.55
C LEU B 109 -17.25 -7.83 -1.87
N LYS B 110 -17.46 -8.07 -3.16
CA LYS B 110 -18.71 -8.57 -3.67
C LYS B 110 -19.08 -9.83 -2.91
N GLU B 111 -18.05 -10.57 -2.52
CA GLU B 111 -18.22 -11.79 -1.75
C GLU B 111 -18.55 -11.44 -0.30
N LYS B 112 -17.89 -10.41 0.24
CA LYS B 112 -18.13 -10.00 1.60
C LYS B 112 -19.59 -9.61 1.82
N ALA B 113 -20.22 -9.09 0.76
CA ALA B 113 -21.61 -8.66 0.83
C ALA B 113 -22.53 -9.78 1.29
N SER B 114 -23.81 -9.45 1.42
CA SER B 114 -24.80 -10.42 1.84
C SER B 114 -26.22 -9.86 1.67
ZN ZN C . 4.93 5.25 12.28
ZN ZN D . 10.54 -2.24 -1.07
ZN ZN E . -6.55 -4.91 -3.08
ZN ZN F . 0.81 -3.22 -15.56
N GLY A 1 -7.97 23.85 -6.00
CA GLY A 1 -7.17 23.81 -4.74
C GLY A 1 -6.86 22.39 -4.30
N LEU A 2 -7.35 22.04 -3.10
CA LEU A 2 -7.12 20.70 -2.56
C LEU A 2 -5.63 20.38 -2.51
N GLY A 3 -4.91 21.04 -1.61
CA GLY A 3 -3.49 20.80 -1.48
C GLY A 3 -3.13 20.01 -0.23
N LYS A 4 -4.03 19.12 0.18
CA LYS A 4 -3.81 18.31 1.36
C LYS A 4 -3.31 16.92 0.98
N GLY A 5 -1.99 16.75 0.98
CA GLY A 5 -1.39 15.47 0.64
C GLY A 5 0.09 15.42 0.91
N GLY A 6 0.59 14.24 1.24
CA GLY A 6 2.01 14.08 1.52
C GLY A 6 2.36 12.68 2.00
N ALA A 7 3.06 12.61 3.13
CA ALA A 7 3.46 11.33 3.72
C ALA A 7 4.24 10.49 2.71
OH ALY A 8 7.83 3.17 1.40
CH ALY A 8 8.04 3.34 2.60
CH3 ALY A 8 8.23 2.12 3.49
NZ ALY A 8 7.72 4.49 3.20
CE ALY A 8 6.68 5.37 2.66
CD ALY A 8 7.16 6.14 1.44
CG ALY A 8 6.02 6.89 0.77
CB ALY A 8 5.38 7.91 1.71
CA ALY A 8 4.21 8.67 1.08
N ALY A 8 3.56 9.53 2.07
C ALY A 8 3.22 7.66 0.50
O ALY A 8 2.88 7.73 -0.69
HH31 ALY A 8 8.63 2.41 4.44
HH32 ALY A 8 7.28 1.63 3.63
HH33 ALY A 8 8.92 1.43 3.01
HZ ALY A 8 7.92 4.59 4.14
HE3 ALY A 8 5.82 4.79 2.40
HE2 ALY A 8 6.41 6.09 3.42
HD3 ALY A 8 7.91 6.85 1.74
HD2 ALY A 8 7.58 5.45 0.72
HG3 ALY A 8 6.41 7.42 -0.10
HG2 ALY A 8 5.27 6.19 0.46
HB3 ALY A 8 5.04 7.40 2.59
HB2 ALY A 8 6.14 8.63 2.00
HA ALY A 8 4.58 9.30 0.29
H ALY A 8 2.61 9.41 2.27
N ARG A 9 2.76 6.73 1.34
CA ARG A 9 1.82 5.70 0.89
C ARG A 9 2.45 4.88 -0.24
N HIS A 10 2.11 5.25 -1.48
CA HIS A 10 2.64 4.58 -2.65
C HIS A 10 2.94 5.63 -3.71
N ARG A 11 2.63 5.32 -4.97
CA ARG A 11 2.85 6.26 -6.05
C ARG A 11 4.24 6.87 -5.94
N LYS A 12 5.23 6.02 -6.15
CA LYS A 12 6.64 6.41 -6.07
C LYS A 12 6.92 7.69 -6.84
N VAL A 13 8.02 8.35 -6.48
CA VAL A 13 8.44 9.58 -7.14
C VAL A 13 9.87 9.46 -7.66
N LEU A 14 10.21 10.29 -8.64
CA LEU A 14 11.54 10.28 -9.23
C LEU A 14 11.82 8.94 -9.91
N ARG A 15 12.89 8.89 -10.71
CA ARG A 15 13.26 7.68 -11.43
C ARG A 15 13.58 6.54 -10.46
N GLY B 1 12.98 -6.75 14.33
CA GLY B 1 11.55 -6.37 14.49
C GLY B 1 11.16 -5.22 13.58
N SER B 2 12.15 -4.62 12.91
CA SER B 2 11.90 -3.50 12.02
C SER B 2 11.20 -2.36 12.71
N TYR B 3 10.80 -1.38 11.93
CA TYR B 3 10.10 -0.22 12.44
C TYR B 3 9.47 0.58 11.31
N CYS B 4 8.48 1.38 11.65
CA CYS B 4 7.84 2.24 10.69
C CYS B 4 8.82 3.28 10.18
N ASP B 5 8.86 3.46 8.88
CA ASP B 5 9.78 4.44 8.29
C ASP B 5 9.32 5.88 8.60
N PHE B 6 8.25 5.97 9.40
CA PHE B 6 7.69 7.27 9.80
C PHE B 6 7.98 7.60 11.27
N CYS B 7 8.11 6.56 12.14
CA CYS B 7 8.40 6.81 13.57
C CYS B 7 9.58 5.96 14.05
N LEU B 8 9.87 4.92 13.29
CA LEU B 8 10.96 4.01 13.57
C LEU B 8 10.81 3.28 14.89
N GLY B 9 9.62 2.73 15.12
CA GLY B 9 9.37 1.98 16.33
C GLY B 9 9.35 0.48 16.07
N GLY B 10 8.21 -0.05 15.66
CA GLY B 10 8.12 -1.47 15.37
C GLY B 10 6.70 -1.99 15.29
N SER B 11 6.57 -3.24 14.87
CA SER B 11 5.27 -3.88 14.71
C SER B 11 4.74 -4.36 16.05
N ASN B 12 5.50 -4.11 17.09
CA ASN B 12 5.12 -4.47 18.45
C ASN B 12 5.45 -3.30 19.36
N MET B 13 5.60 -2.13 18.75
CA MET B 13 5.93 -0.93 19.49
C MET B 13 5.85 0.31 18.60
N ASN B 14 5.17 1.34 19.08
CA ASN B 14 5.05 2.59 18.34
C ASN B 14 5.93 3.65 18.97
N LYS B 15 6.49 4.51 18.14
CA LYS B 15 7.39 5.55 18.59
C LYS B 15 6.67 6.86 18.84
N LYS B 16 5.42 6.90 18.45
CA LYS B 16 4.62 8.09 18.61
C LYS B 16 3.35 7.81 19.39
N SER B 17 3.22 6.56 19.84
CA SER B 17 2.08 6.14 20.64
C SER B 17 2.53 5.24 21.76
N GLY B 18 3.62 4.56 21.51
CA GLY B 18 4.14 3.62 22.47
C GLY B 18 3.29 2.40 22.49
N ARG B 19 2.56 2.18 21.40
CA ARG B 19 1.70 1.01 21.29
C ARG B 19 2.21 -0.06 20.34
N PRO B 20 1.80 -1.28 20.62
CA PRO B 20 2.11 -2.47 19.81
C PRO B 20 1.32 -2.52 18.51
N GLU B 21 1.63 -1.63 17.56
CA GLU B 21 0.93 -1.61 16.28
C GLU B 21 1.36 -2.81 15.43
N GLU B 22 1.68 -2.56 14.17
CA GLU B 22 2.13 -3.62 13.26
C GLU B 22 2.47 -3.04 11.89
N LEU B 23 3.74 -2.71 11.74
CA LEU B 23 4.30 -2.12 10.53
C LEU B 23 4.07 -2.93 9.27
N VAL B 24 4.59 -2.39 8.16
CA VAL B 24 4.53 -3.03 6.86
C VAL B 24 5.94 -3.20 6.36
N SER B 25 6.42 -4.43 6.34
CA SER B 25 7.80 -4.70 5.92
C SER B 25 7.86 -5.04 4.44
N CYS B 26 8.75 -4.37 3.72
CA CYS B 26 8.90 -4.65 2.29
C CYS B 26 9.53 -6.03 2.14
N ALA B 27 9.06 -6.79 1.16
CA ALA B 27 9.58 -8.13 0.94
C ALA B 27 10.81 -8.09 0.06
N ASP B 28 11.34 -6.88 -0.11
CA ASP B 28 12.51 -6.66 -0.93
C ASP B 28 13.58 -5.94 -0.11
N CYS B 29 13.19 -4.81 0.45
CA CYS B 29 14.08 -3.98 1.27
C CYS B 29 14.17 -4.53 2.68
N GLY B 30 13.02 -4.58 3.32
CA GLY B 30 12.93 -5.01 4.69
C GLY B 30 12.51 -3.86 5.57
N ARG B 31 12.16 -2.75 4.93
CA ARG B 31 11.74 -1.54 5.63
C ARG B 31 10.29 -1.66 6.03
N SER B 32 9.94 -1.18 7.21
CA SER B 32 8.57 -1.28 7.68
C SER B 32 7.91 0.08 7.88
N GLY B 33 6.57 0.08 7.90
CA GLY B 33 5.83 1.32 8.08
C GLY B 33 4.56 1.12 8.90
N HIS B 34 4.14 2.10 9.68
CA HIS B 34 2.90 1.93 10.43
C HIS B 34 1.76 2.14 9.46
N PRO B 35 0.87 1.15 9.25
CA PRO B 35 -0.24 1.33 8.31
C PRO B 35 -0.96 2.66 8.53
N THR B 36 -1.18 3.02 9.78
CA THR B 36 -1.83 4.28 10.11
C THR B 36 -1.00 5.44 9.61
N CYS B 37 0.32 5.23 9.58
CA CYS B 37 1.27 6.24 9.11
C CYS B 37 1.27 6.35 7.60
N LEU B 38 1.16 5.21 6.93
CA LEU B 38 1.13 5.23 5.46
C LEU B 38 -0.26 5.63 4.96
N GLN B 39 -1.16 5.89 5.91
CA GLN B 39 -2.54 6.28 5.59
C GLN B 39 -3.32 5.10 5.04
N PHE B 40 -2.78 3.91 5.24
CA PHE B 40 -3.41 2.68 4.78
C PHE B 40 -4.79 2.49 5.39
N THR B 41 -5.37 1.32 5.13
CA THR B 41 -6.68 0.96 5.67
C THR B 41 -6.58 -0.39 6.37
N LEU B 42 -7.63 -0.82 7.05
CA LEU B 42 -7.60 -2.09 7.75
C LEU B 42 -7.34 -3.25 6.81
N ASN B 43 -8.08 -3.33 5.72
CA ASN B 43 -7.90 -4.40 4.75
C ASN B 43 -6.46 -4.44 4.23
N MET B 44 -5.96 -3.31 3.78
CA MET B 44 -4.59 -3.23 3.28
C MET B 44 -3.61 -3.64 4.34
N THR B 45 -3.81 -3.06 5.52
CA THR B 45 -2.93 -3.32 6.63
C THR B 45 -2.79 -4.81 6.83
N GLU B 46 -3.90 -5.48 7.10
CA GLU B 46 -3.90 -6.91 7.33
C GLU B 46 -3.37 -7.68 6.11
N ALA B 47 -3.80 -7.24 4.92
CA ALA B 47 -3.39 -7.87 3.67
C ALA B 47 -1.87 -7.96 3.56
N VAL B 48 -1.26 -6.80 3.63
CA VAL B 48 0.17 -6.67 3.51
C VAL B 48 0.94 -7.35 4.64
N LYS B 49 0.29 -7.59 5.76
CA LYS B 49 0.95 -8.23 6.87
C LYS B 49 1.26 -9.68 6.54
N THR B 50 0.27 -10.35 5.97
CA THR B 50 0.39 -11.74 5.61
C THR B 50 1.19 -11.97 4.32
N TYR B 51 1.05 -11.10 3.32
CA TYR B 51 1.81 -11.33 2.09
C TYR B 51 2.98 -10.34 1.90
N LYS B 52 3.47 -10.25 0.66
CA LYS B 52 4.63 -9.42 0.32
C LYS B 52 4.44 -7.93 0.58
N TRP B 53 3.48 -7.34 -0.10
CA TRP B 53 3.21 -5.91 -0.01
C TRP B 53 4.25 -5.15 -0.83
N GLN B 54 5.53 -5.39 -0.51
CA GLN B 54 6.63 -4.75 -1.21
C GLN B 54 6.46 -3.24 -1.22
N CYS B 55 7.34 -2.55 -0.51
CA CYS B 55 7.28 -1.10 -0.45
C CYS B 55 7.05 -0.50 -1.83
N ILE B 56 6.46 0.67 -1.86
CA ILE B 56 6.17 1.38 -3.09
C ILE B 56 7.38 1.37 -4.03
N GLU B 57 8.55 1.68 -3.50
CA GLU B 57 9.77 1.69 -4.30
C GLU B 57 9.95 0.37 -5.04
N CYS B 58 9.36 -0.70 -4.51
CA CYS B 58 9.47 -2.03 -5.11
C CYS B 58 8.14 -2.55 -5.62
N LYS B 59 7.07 -1.79 -5.43
CA LYS B 59 5.76 -2.22 -5.85
C LYS B 59 5.79 -2.55 -7.35
N SER B 60 4.71 -3.13 -7.86
CA SER B 60 4.66 -3.46 -9.28
C SER B 60 3.25 -3.79 -9.70
N CYS B 61 3.07 -3.91 -11.01
CA CYS B 61 1.78 -4.25 -11.56
C CYS B 61 1.49 -5.73 -11.37
N ILE B 62 0.77 -6.09 -10.32
CA ILE B 62 0.43 -7.49 -10.11
C ILE B 62 0.03 -8.08 -11.45
N LEU B 63 -0.52 -7.21 -12.30
CA LEU B 63 -0.94 -7.58 -13.64
C LEU B 63 0.29 -7.82 -14.53
N CYS B 64 1.15 -6.81 -14.63
CA CYS B 64 2.39 -6.93 -15.39
C CYS B 64 3.50 -7.45 -14.49
N GLY B 65 3.79 -6.67 -13.46
CA GLY B 65 4.83 -7.00 -12.52
C GLY B 65 6.12 -6.38 -12.97
N THR B 66 6.01 -5.21 -13.59
CA THR B 66 7.17 -4.52 -14.11
C THR B 66 7.24 -3.09 -13.61
N SER B 67 6.10 -2.58 -13.18
CA SER B 67 6.00 -1.22 -12.68
C SER B 67 6.42 -0.21 -13.74
N GLU B 68 6.54 -0.67 -14.99
CA GLU B 68 6.94 0.19 -16.11
C GLU B 68 6.15 1.50 -16.14
N ASN B 69 4.92 1.44 -16.62
CA ASN B 69 4.07 2.62 -16.75
C ASN B 69 3.44 3.01 -15.41
N ASP B 70 4.18 2.91 -14.32
CA ASP B 70 3.68 3.29 -13.00
C ASP B 70 2.87 4.57 -13.02
N ASP B 71 3.04 5.37 -14.05
CA ASP B 71 2.29 6.62 -14.18
C ASP B 71 0.81 6.28 -14.33
N GLN B 72 0.54 4.99 -14.52
CA GLN B 72 -0.80 4.48 -14.67
C GLN B 72 -1.09 3.45 -13.60
N LEU B 73 -0.03 2.93 -12.99
CA LEU B 73 -0.17 1.94 -11.96
C LEU B 73 -1.12 2.43 -10.89
N LEU B 74 -1.92 1.51 -10.44
CA LEU B 74 -2.91 1.80 -9.43
C LEU B 74 -2.58 1.04 -8.19
N PHE B 75 -2.23 1.79 -7.18
CA PHE B 75 -1.83 1.23 -5.92
C PHE B 75 -3.03 0.95 -5.07
N CYS B 76 -3.52 -0.29 -5.13
CA CYS B 76 -4.64 -0.67 -4.33
C CYS B 76 -4.26 -0.43 -2.89
N ASP B 77 -4.80 0.61 -2.28
CA ASP B 77 -4.43 0.91 -0.92
C ASP B 77 -5.18 -0.02 0.03
N ASP B 78 -5.56 -1.19 -0.48
CA ASP B 78 -6.30 -2.18 0.29
C ASP B 78 -5.52 -3.49 0.40
N CYS B 79 -4.24 -3.45 0.02
CA CYS B 79 -3.35 -4.60 0.06
C CYS B 79 -2.05 -4.25 -0.65
N ASP B 80 -2.11 -3.17 -1.44
CA ASP B 80 -0.97 -2.62 -2.17
C ASP B 80 -0.79 -3.19 -3.59
N ARG B 81 -1.72 -4.02 -4.05
CA ARG B 81 -1.65 -4.59 -5.40
C ARG B 81 -1.75 -3.49 -6.46
N GLY B 82 -0.66 -3.27 -7.21
CA GLY B 82 -0.63 -2.23 -8.24
C GLY B 82 -1.04 -2.72 -9.62
N TYR B 83 -1.91 -1.98 -10.30
CA TYR B 83 -2.35 -2.32 -11.65
C TYR B 83 -2.31 -1.09 -12.53
N HIS B 84 -1.73 -1.17 -13.70
CA HIS B 84 -1.75 0.01 -14.57
C HIS B 84 -3.22 0.23 -14.91
N MET B 85 -3.84 1.34 -14.49
CA MET B 85 -5.28 1.58 -14.77
C MET B 85 -5.77 0.89 -16.02
N TYR B 86 -4.90 0.75 -16.99
CA TYR B 86 -5.31 0.11 -18.24
C TYR B 86 -4.89 -1.35 -18.24
N CYS B 87 -4.81 -1.94 -17.04
CA CYS B 87 -4.44 -3.34 -16.92
C CYS B 87 -5.54 -4.08 -16.23
N LEU B 88 -6.29 -3.33 -15.45
CA LEU B 88 -7.39 -3.87 -14.67
C LEU B 88 -8.37 -4.64 -15.55
N ASN B 89 -9.36 -5.24 -14.90
CA ASN B 89 -10.40 -5.99 -15.58
C ASN B 89 -11.42 -4.99 -16.06
N PRO B 90 -11.76 -4.03 -15.18
CA PRO B 90 -12.61 -2.94 -15.51
C PRO B 90 -11.82 -1.64 -15.39
N PRO B 91 -10.87 -1.50 -16.32
CA PRO B 91 -9.91 -0.41 -16.37
C PRO B 91 -10.51 0.96 -16.08
N VAL B 92 -9.70 1.77 -15.43
CA VAL B 92 -10.06 3.12 -15.04
C VAL B 92 -9.24 4.09 -15.86
N ALA B 93 -9.36 5.36 -15.56
CA ALA B 93 -8.63 6.38 -16.29
C ALA B 93 -7.60 7.12 -15.44
N GLU B 94 -7.94 7.40 -14.19
CA GLU B 94 -7.05 8.15 -13.29
C GLU B 94 -7.53 8.10 -11.84
N PRO B 95 -8.80 8.47 -11.64
CA PRO B 95 -9.50 8.48 -10.37
C PRO B 95 -8.77 7.86 -9.17
N PRO B 96 -8.38 6.56 -9.22
CA PRO B 96 -7.70 5.93 -8.10
C PRO B 96 -6.29 6.44 -7.86
N GLU B 97 -6.20 7.67 -7.37
CA GLU B 97 -4.92 8.30 -7.09
C GLU B 97 -4.63 8.29 -5.58
N GLY B 98 -5.58 7.79 -4.81
CA GLY B 98 -5.40 7.73 -3.37
C GLY B 98 -6.47 6.94 -2.67
N SER B 99 -6.71 5.77 -3.21
CA SER B 99 -7.70 4.83 -2.68
C SER B 99 -7.67 3.55 -3.52
N TRP B 100 -8.77 3.28 -4.22
CA TRP B 100 -8.88 2.12 -5.08
C TRP B 100 -8.77 0.81 -4.32
N SER B 101 -9.43 -0.19 -4.87
CA SER B 101 -9.41 -1.52 -4.29
C SER B 101 -9.34 -2.54 -5.43
N CYS B 102 -8.14 -3.04 -5.66
CA CYS B 102 -7.86 -4.03 -6.70
C CYS B 102 -8.94 -5.11 -6.77
N HIS B 103 -8.76 -6.07 -7.69
CA HIS B 103 -9.72 -7.13 -7.84
C HIS B 103 -9.61 -8.13 -6.70
N LEU B 104 -8.42 -8.28 -6.12
CA LEU B 104 -8.25 -9.20 -5.01
C LEU B 104 -9.21 -8.82 -3.90
N CYS B 105 -9.18 -7.54 -3.60
CA CYS B 105 -9.99 -6.96 -2.54
C CYS B 105 -11.42 -6.85 -2.94
N TRP B 106 -11.63 -6.55 -4.19
CA TRP B 106 -12.95 -6.38 -4.71
C TRP B 106 -13.72 -7.64 -4.80
N GLU B 107 -13.15 -8.61 -5.43
CA GLU B 107 -13.83 -9.85 -5.56
C GLU B 107 -14.05 -10.39 -4.17
N LEU B 108 -13.16 -9.97 -3.26
CA LEU B 108 -13.27 -10.33 -1.87
C LEU B 108 -14.38 -9.52 -1.25
N LEU B 109 -14.58 -8.34 -1.85
CA LEU B 109 -15.61 -7.39 -1.45
C LEU B 109 -16.96 -7.98 -1.74
N LYS B 110 -17.14 -8.27 -3.01
CA LYS B 110 -18.38 -8.86 -3.51
C LYS B 110 -18.63 -10.14 -2.74
N GLU B 111 -17.55 -10.77 -2.32
CA GLU B 111 -17.60 -12.02 -1.57
C GLU B 111 -17.99 -11.80 -0.11
N LYS B 112 -17.48 -10.73 0.52
CA LYS B 112 -17.80 -10.49 1.89
C LYS B 112 -19.16 -9.82 2.03
N ALA B 113 -19.62 -9.22 0.94
CA ALA B 113 -20.90 -8.53 0.91
C ALA B 113 -22.06 -9.52 0.91
N SER B 114 -23.27 -8.99 0.79
CA SER B 114 -24.46 -9.81 0.75
C SER B 114 -25.68 -8.98 0.35
ZN ZN C . 4.77 5.39 12.30
ZN ZN D . 11.26 -2.12 -1.13
ZN ZN E . -6.20 -4.99 -3.06
ZN ZN F . 0.31 -3.39 -15.98
N GLY A 1 1.60 19.46 9.85
CA GLY A 1 0.99 18.46 8.92
C GLY A 1 0.99 18.94 7.48
N LEU A 2 1.80 18.29 6.65
CA LEU A 2 1.88 18.65 5.24
C LEU A 2 0.55 18.46 4.54
N GLY A 3 -0.20 17.45 4.97
CA GLY A 3 -1.49 17.17 4.37
C GLY A 3 -2.61 17.17 5.39
N LYS A 4 -3.16 15.99 5.67
CA LYS A 4 -4.24 15.85 6.63
C LYS A 4 -3.93 14.77 7.66
N GLY A 5 -3.43 13.63 7.19
CA GLY A 5 -3.10 12.54 8.08
C GLY A 5 -1.83 11.81 7.67
N GLY A 6 -1.96 10.89 6.71
CA GLY A 6 -0.82 10.15 6.25
C GLY A 6 -0.30 10.63 4.90
N ALA A 7 1.01 10.51 4.70
CA ALA A 7 1.63 10.95 3.46
C ALA A 7 2.46 9.82 2.84
OH ALY A 8 7.06 3.55 1.12
CH ALY A 8 7.29 3.88 2.28
CH3 ALY A 8 7.81 2.82 3.24
NZ ALY A 8 6.73 4.97 2.80
CE ALY A 8 5.48 5.50 2.29
CD ALY A 8 5.66 6.30 1.00
CG ALY A 8 6.10 7.74 1.30
CB ALY A 8 5.01 8.54 1.99
CA ALY A 8 3.98 9.16 1.04
N ALY A 8 3.14 10.14 1.74
C ALY A 8 3.14 8.08 0.38
O ALY A 8 2.95 8.07 -0.83
HH31 ALY A 8 8.12 3.28 4.16
HH32 ALY A 8 7.03 2.10 3.44
HH33 ALY A 8 8.66 2.31 2.79
HZ ALY A 8 6.96 5.20 3.72
HE3 ALY A 8 4.80 4.68 2.10
HE2 ALY A 8 5.05 6.16 3.04
HD3 ALY A 8 6.42 5.82 0.40
HD2 ALY A 8 4.72 6.32 0.47
HG3 ALY A 8 6.98 7.71 1.92
HG2 ALY A 8 6.35 8.21 0.35
HB3 ALY A 8 4.50 7.89 2.68
HB2 ALY A 8 5.49 9.33 2.55
HA ALY A 8 4.51 9.70 0.26
H ALY A 8 3.08 11.05 1.39
N ARG A 9 2.63 7.16 1.21
CA ARG A 9 1.80 6.05 0.70
C ARG A 9 2.63 5.18 -0.26
N HIS A 10 2.55 5.48 -1.54
CA HIS A 10 3.28 4.73 -2.56
C HIS A 10 3.54 5.59 -3.79
N ARG A 11 3.43 4.97 -4.97
CA ARG A 11 3.63 5.63 -6.26
C ARG A 11 5.10 5.79 -6.64
N LYS A 12 5.97 5.59 -5.66
CA LYS A 12 7.42 5.66 -5.88
C LYS A 12 7.81 6.85 -6.77
N VAL A 13 9.00 6.78 -7.36
CA VAL A 13 9.48 7.85 -8.23
C VAL A 13 9.97 7.30 -9.57
N LEU A 14 9.65 8.01 -10.64
CA LEU A 14 10.03 7.60 -11.98
C LEU A 14 11.41 8.16 -12.32
N ARG A 15 12.43 7.29 -12.26
CA ARG A 15 13.79 7.69 -12.56
C ARG A 15 14.40 6.80 -13.64
N GLY B 1 12.64 -6.49 14.44
CA GLY B 1 13.89 -6.09 13.74
C GLY B 1 13.64 -5.02 12.70
N SER B 2 12.58 -4.24 12.89
CA SER B 2 12.22 -3.18 11.95
C SER B 2 11.53 -2.03 12.65
N TYR B 3 11.02 -1.11 11.84
CA TYR B 3 10.31 0.05 12.35
C TYR B 3 9.60 0.78 11.23
N CYS B 4 8.59 1.55 11.59
CA CYS B 4 7.86 2.36 10.64
C CYS B 4 8.76 3.42 10.03
N ASP B 5 8.76 3.51 8.72
CA ASP B 5 9.58 4.50 8.02
C ASP B 5 9.14 5.93 8.35
N PHE B 6 8.13 6.05 9.21
CA PHE B 6 7.59 7.35 9.61
C PHE B 6 7.97 7.71 11.05
N CYS B 7 8.13 6.71 11.92
CA CYS B 7 8.49 6.99 13.32
C CYS B 7 9.76 6.26 13.71
N LEU B 8 10.01 5.16 13.02
CA LEU B 8 11.18 4.36 13.25
C LEU B 8 11.16 3.72 14.63
N GLY B 9 10.03 3.11 14.95
CA GLY B 9 9.87 2.42 16.22
C GLY B 9 9.76 0.93 16.04
N GLY B 10 8.58 0.46 15.68
CA GLY B 10 8.39 -0.96 15.47
C GLY B 10 6.92 -1.34 15.44
N SER B 11 6.67 -2.60 15.17
CA SER B 11 5.31 -3.10 15.08
C SER B 11 4.65 -3.10 16.44
N ASN B 12 5.12 -3.92 17.35
CA ASN B 12 4.56 -3.96 18.69
C ASN B 12 4.99 -2.75 19.50
N MET B 13 5.36 -1.67 18.80
CA MET B 13 5.80 -0.45 19.47
C MET B 13 5.79 0.76 18.55
N ASN B 14 4.83 1.66 18.78
CA ASN B 14 4.73 2.88 17.98
C ASN B 14 5.52 3.99 18.66
N LYS B 15 6.41 4.60 17.91
CA LYS B 15 7.26 5.66 18.42
C LYS B 15 6.54 6.98 18.62
N LYS B 16 5.60 7.27 17.73
CA LYS B 16 4.87 8.51 17.78
C LYS B 16 3.48 8.34 18.39
N SER B 17 3.19 7.15 18.89
CA SER B 17 1.92 6.86 19.53
C SER B 17 2.13 6.21 20.89
N GLY B 18 3.38 5.88 21.16
CA GLY B 18 3.74 5.27 22.43
C GLY B 18 3.00 3.99 22.74
N ARG B 19 2.40 3.40 21.72
CA ARG B 19 1.66 2.16 21.90
C ARG B 19 1.90 1.18 20.75
N PRO B 20 1.63 -0.09 21.00
CA PRO B 20 1.82 -1.19 20.04
C PRO B 20 1.01 -1.04 18.76
N GLU B 21 1.45 -1.75 17.73
CA GLU B 21 0.80 -1.75 16.42
C GLU B 21 1.36 -2.90 15.58
N GLU B 22 1.70 -2.62 14.31
CA GLU B 22 2.27 -3.64 13.44
C GLU B 22 2.63 -3.06 12.07
N LEU B 23 3.90 -2.72 11.92
CA LEU B 23 4.45 -2.13 10.69
C LEU B 23 4.24 -2.98 9.45
N VAL B 24 4.71 -2.44 8.32
CA VAL B 24 4.63 -3.13 7.04
C VAL B 24 6.03 -3.34 6.52
N SER B 25 6.50 -4.57 6.56
CA SER B 25 7.84 -4.88 6.11
C SER B 25 7.82 -5.29 4.65
N CYS B 26 8.58 -4.57 3.82
CA CYS B 26 8.62 -4.89 2.41
C CYS B 26 9.16 -6.30 2.23
N ALA B 27 8.60 -7.04 1.28
CA ALA B 27 9.02 -8.41 1.04
C ALA B 27 10.32 -8.44 0.26
N ASP B 28 10.87 -7.27 0.02
CA ASP B 28 12.13 -7.14 -0.70
C ASP B 28 13.15 -6.36 0.14
N CYS B 29 12.83 -5.10 0.41
CA CYS B 29 13.69 -4.22 1.19
C CYS B 29 13.86 -4.71 2.61
N GLY B 30 12.73 -4.84 3.28
CA GLY B 30 12.71 -5.22 4.67
C GLY B 30 12.35 -4.02 5.52
N ARG B 31 12.00 -2.93 4.84
CA ARG B 31 11.62 -1.68 5.48
C ARG B 31 10.20 -1.80 6.00
N SER B 32 9.93 -1.23 7.17
CA SER B 32 8.60 -1.32 7.73
C SER B 32 7.94 0.04 7.93
N GLY B 33 6.60 0.02 7.98
CA GLY B 33 5.83 1.25 8.17
C GLY B 33 4.58 1.04 9.01
N HIS B 34 4.20 2.01 9.85
CA HIS B 34 3.00 1.82 10.64
C HIS B 34 1.82 2.01 9.71
N PRO B 35 0.95 1.01 9.54
CA PRO B 35 -0.18 1.15 8.65
C PRO B 35 -0.96 2.44 8.94
N THR B 36 -0.94 2.85 10.19
CA THR B 36 -1.63 4.07 10.59
C THR B 36 -0.94 5.30 9.99
N CYS B 37 0.39 5.25 9.94
CA CYS B 37 1.18 6.33 9.38
C CYS B 37 1.14 6.30 7.87
N LEU B 38 1.00 5.10 7.29
CA LEU B 38 0.97 5.01 5.83
C LEU B 38 -0.41 5.40 5.30
N GLN B 39 -1.37 5.56 6.21
CA GLN B 39 -2.74 5.93 5.87
C GLN B 39 -3.50 4.72 5.31
N PHE B 40 -2.88 3.55 5.40
CA PHE B 40 -3.51 2.31 4.94
C PHE B 40 -4.86 2.10 5.61
N THR B 41 -5.51 1.01 5.22
CA THR B 41 -6.78 0.62 5.81
C THR B 41 -6.59 -0.70 6.53
N LEU B 42 -7.50 -1.05 7.43
CA LEU B 42 -7.38 -2.30 8.17
C LEU B 42 -7.12 -3.46 7.21
N ASN B 43 -7.91 -3.57 6.15
CA ASN B 43 -7.73 -4.64 5.18
C ASN B 43 -6.33 -4.60 4.58
N MET B 44 -5.89 -3.39 4.22
CA MET B 44 -4.55 -3.19 3.66
C MET B 44 -3.54 -3.73 4.62
N THR B 45 -3.67 -3.32 5.86
CA THR B 45 -2.76 -3.72 6.89
C THR B 45 -2.67 -5.24 6.93
N GLU B 46 -3.80 -5.90 7.12
CA GLU B 46 -3.83 -7.36 7.17
C GLU B 46 -3.23 -7.97 5.91
N ALA B 47 -3.67 -7.46 4.76
CA ALA B 47 -3.21 -7.97 3.48
C ALA B 47 -1.70 -7.88 3.35
N VAL B 48 -1.22 -6.66 3.42
CA VAL B 48 0.18 -6.36 3.31
C VAL B 48 1.00 -7.06 4.39
N LYS B 49 0.34 -7.44 5.48
CA LYS B 49 1.01 -8.10 6.57
C LYS B 49 1.45 -9.50 6.19
N THR B 50 0.53 -10.23 5.56
CA THR B 50 0.76 -11.61 5.15
C THR B 50 1.43 -11.75 3.78
N TYR B 51 0.86 -11.17 2.73
CA TYR B 51 1.44 -11.32 1.39
C TYR B 51 2.58 -10.33 1.14
N LYS B 52 3.00 -10.23 -0.12
CA LYS B 52 4.10 -9.36 -0.51
C LYS B 52 3.64 -7.92 -0.73
N TRP B 53 3.92 -7.06 0.24
CA TRP B 53 3.56 -5.65 0.14
C TRP B 53 4.63 -4.88 -0.64
N GLN B 54 5.76 -5.55 -0.88
CA GLN B 54 6.89 -4.99 -1.65
C GLN B 54 6.99 -3.48 -1.59
N CYS B 55 6.74 -2.89 -0.42
CA CYS B 55 6.78 -1.44 -0.28
C CYS B 55 6.27 -0.79 -1.56
N ILE B 56 6.82 0.36 -1.88
CA ILE B 56 6.45 1.03 -3.12
C ILE B 56 7.66 1.11 -4.06
N GLU B 57 8.85 1.17 -3.48
CA GLU B 57 10.06 1.24 -4.26
C GLU B 57 10.26 -0.03 -5.08
N CYS B 58 9.59 -1.10 -4.69
CA CYS B 58 9.69 -2.39 -5.39
C CYS B 58 8.45 -2.67 -6.21
N LYS B 59 7.42 -1.85 -6.01
CA LYS B 59 6.16 -1.99 -6.70
C LYS B 59 6.29 -2.49 -8.13
N SER B 60 5.22 -3.12 -8.59
CA SER B 60 5.13 -3.64 -9.94
C SER B 60 3.71 -4.10 -10.22
N CYS B 61 3.26 -3.80 -11.42
CA CYS B 61 1.92 -4.16 -11.86
C CYS B 61 1.64 -5.64 -11.68
N ILE B 62 0.93 -6.02 -10.64
CA ILE B 62 0.58 -7.43 -10.45
C ILE B 62 0.12 -7.98 -11.79
N LEU B 63 -0.44 -7.07 -12.60
CA LEU B 63 -0.90 -7.39 -13.93
C LEU B 63 0.28 -7.59 -14.88
N CYS B 64 1.15 -6.58 -14.96
CA CYS B 64 2.36 -6.68 -15.78
C CYS B 64 3.50 -7.25 -14.97
N GLY B 65 3.85 -6.52 -13.91
CA GLY B 65 4.95 -6.90 -13.06
C GLY B 65 6.21 -6.25 -13.52
N THR B 66 6.06 -5.05 -14.08
CA THR B 66 7.20 -4.33 -14.61
C THR B 66 7.29 -2.92 -14.05
N SER B 67 6.22 -2.48 -13.40
CA SER B 67 6.14 -1.15 -12.83
C SER B 67 6.52 -0.07 -13.86
N GLU B 68 6.55 -0.46 -15.13
CA GLU B 68 6.90 0.47 -16.22
C GLU B 68 6.13 1.78 -16.13
N ASN B 69 4.90 1.77 -16.66
CA ASN B 69 4.08 2.96 -16.68
C ASN B 69 3.45 3.26 -15.33
N ASP B 70 4.20 3.08 -14.24
CA ASP B 70 3.73 3.35 -12.89
C ASP B 70 2.88 4.62 -12.80
N ASP B 71 3.01 5.49 -13.79
CA ASP B 71 2.23 6.72 -13.82
C ASP B 71 0.76 6.36 -13.97
N GLN B 72 0.52 5.10 -14.27
CA GLN B 72 -0.82 4.57 -14.45
C GLN B 72 -1.06 3.48 -13.41
N LEU B 73 0.02 2.95 -12.87
CA LEU B 73 -0.10 1.92 -11.87
C LEU B 73 -1.01 2.37 -10.77
N LEU B 74 -1.82 1.43 -10.34
CA LEU B 74 -2.79 1.68 -9.31
C LEU B 74 -2.47 0.90 -8.08
N PHE B 75 -2.17 1.62 -7.04
CA PHE B 75 -1.81 1.03 -5.79
C PHE B 75 -3.04 0.77 -4.95
N CYS B 76 -3.57 -0.44 -5.07
CA CYS B 76 -4.73 -0.81 -4.30
C CYS B 76 -4.41 -0.58 -2.85
N ASP B 77 -4.97 0.46 -2.26
CA ASP B 77 -4.63 0.73 -0.87
C ASP B 77 -5.40 -0.20 0.07
N ASP B 78 -5.57 -1.45 -0.36
CA ASP B 78 -6.28 -2.46 0.42
C ASP B 78 -5.41 -3.70 0.55
N CYS B 79 -4.20 -3.61 0.03
CA CYS B 79 -3.24 -4.69 0.06
C CYS B 79 -1.99 -4.22 -0.66
N ASP B 80 -2.18 -3.20 -1.51
CA ASP B 80 -1.10 -2.54 -2.25
C ASP B 80 -0.87 -3.09 -3.67
N ARG B 81 -1.66 -4.06 -4.12
CA ARG B 81 -1.51 -4.61 -5.48
C ARG B 81 -1.55 -3.49 -6.52
N GLY B 82 -0.51 -3.40 -7.36
CA GLY B 82 -0.46 -2.34 -8.36
C GLY B 82 -0.91 -2.78 -9.75
N TYR B 83 -1.81 -1.99 -10.35
CA TYR B 83 -2.31 -2.27 -11.70
C TYR B 83 -2.31 -1.00 -12.52
N HIS B 84 -1.75 -1.01 -13.70
CA HIS B 84 -1.81 0.20 -14.51
C HIS B 84 -3.29 0.40 -14.83
N MET B 85 -3.91 1.51 -14.42
CA MET B 85 -5.36 1.70 -14.67
C MET B 85 -5.83 1.05 -15.95
N TYR B 86 -4.97 0.96 -16.93
CA TYR B 86 -5.37 0.36 -18.19
C TYR B 86 -4.94 -1.09 -18.23
N CYS B 87 -4.87 -1.72 -17.05
CA CYS B 87 -4.49 -3.12 -16.98
C CYS B 87 -5.57 -3.89 -16.29
N LEU B 88 -6.32 -3.16 -15.49
CA LEU B 88 -7.40 -3.75 -14.72
C LEU B 88 -8.41 -4.48 -15.61
N ASN B 89 -9.42 -5.05 -14.97
CA ASN B 89 -10.49 -5.73 -15.67
C ASN B 89 -11.50 -4.72 -16.10
N PRO B 90 -11.84 -3.79 -15.17
CA PRO B 90 -12.71 -2.69 -15.43
C PRO B 90 -11.93 -1.37 -15.32
N PRO B 91 -10.86 -1.25 -16.12
CA PRO B 91 -9.94 -0.13 -16.16
C PRO B 91 -10.53 1.20 -15.73
N VAL B 92 -9.65 2.04 -15.19
CA VAL B 92 -9.99 3.36 -14.72
C VAL B 92 -9.10 4.38 -15.40
N ALA B 93 -9.35 5.65 -15.17
CA ALA B 93 -8.57 6.71 -15.80
C ALA B 93 -7.50 7.31 -14.91
N GLU B 94 -7.81 7.52 -13.63
CA GLU B 94 -6.85 8.15 -12.69
C GLU B 94 -7.27 7.96 -11.24
N PRO B 95 -8.54 8.28 -10.94
CA PRO B 95 -9.21 8.16 -9.67
C PRO B 95 -8.48 7.42 -8.53
N PRO B 96 -7.94 6.19 -8.73
CA PRO B 96 -7.24 5.46 -7.68
C PRO B 96 -5.93 6.09 -7.23
N GLU B 97 -5.93 7.41 -7.09
CA GLU B 97 -4.75 8.13 -6.63
C GLU B 97 -4.71 8.13 -5.11
N GLY B 98 -5.74 7.54 -4.51
CA GLY B 98 -5.83 7.46 -3.06
C GLY B 98 -6.49 6.18 -2.60
N SER B 99 -7.74 6.01 -3.01
CA SER B 99 -8.49 4.83 -2.63
C SER B 99 -8.23 3.68 -3.62
N TRP B 100 -9.30 2.97 -4.01
CA TRP B 100 -9.22 1.86 -4.97
C TRP B 100 -8.91 0.56 -4.29
N SER B 101 -9.50 -0.48 -4.84
CA SER B 101 -9.31 -1.82 -4.33
C SER B 101 -9.11 -2.74 -5.52
N CYS B 102 -7.93 -3.30 -5.61
CA CYS B 102 -7.62 -4.22 -6.70
C CYS B 102 -8.70 -5.28 -6.81
N HIS B 103 -8.77 -5.96 -7.93
CA HIS B 103 -9.79 -6.96 -8.13
C HIS B 103 -9.74 -8.01 -7.04
N LEU B 104 -8.55 -8.27 -6.50
CA LEU B 104 -8.39 -9.26 -5.46
C LEU B 104 -9.22 -8.93 -4.24
N CYS B 105 -9.20 -7.66 -3.88
CA CYS B 105 -9.84 -7.20 -2.65
C CYS B 105 -11.36 -7.11 -2.67
N TRP B 106 -11.94 -6.33 -3.56
CA TRP B 106 -13.37 -6.22 -3.57
C TRP B 106 -14.00 -7.52 -3.99
N GLU B 107 -13.34 -8.28 -4.84
CA GLU B 107 -13.87 -9.57 -5.21
C GLU B 107 -13.87 -10.44 -3.97
N LEU B 108 -12.89 -10.17 -3.11
CA LEU B 108 -12.76 -10.86 -1.84
C LEU B 108 -13.88 -10.37 -0.94
N LEU B 109 -14.31 -9.15 -1.24
CA LEU B 109 -15.41 -8.49 -0.55
C LEU B 109 -16.70 -9.22 -0.87
N LYS B 110 -16.95 -9.30 -2.17
CA LYS B 110 -18.12 -9.98 -2.71
C LYS B 110 -18.18 -11.39 -2.14
N GLU B 111 -17.01 -11.95 -1.91
CA GLU B 111 -16.89 -13.29 -1.35
C GLU B 111 -17.15 -13.25 0.15
N LYS B 112 -16.62 -12.22 0.82
CA LYS B 112 -16.80 -12.05 2.24
C LYS B 112 -18.28 -11.91 2.58
N ALA B 113 -19.04 -11.36 1.65
CA ALA B 113 -20.46 -11.13 1.83
C ALA B 113 -21.17 -12.38 2.33
N SER B 114 -22.43 -12.20 2.73
CA SER B 114 -23.23 -13.32 3.22
C SER B 114 -24.69 -12.92 3.36
ZN ZN C . 4.78 5.40 12.41
ZN ZN D . 10.85 -2.68 -1.27
ZN ZN E . -5.99 -5.24 -3.08
ZN ZN F . 0.25 -3.12 -16.15
N GLY A 1 -3.22 16.21 8.55
CA GLY A 1 -3.60 17.64 8.62
C GLY A 1 -4.27 18.14 7.36
N LEU A 2 -4.83 17.21 6.59
CA LEU A 2 -5.52 17.54 5.35
C LEU A 2 -4.57 18.18 4.34
N GLY A 3 -4.39 19.50 4.47
CA GLY A 3 -3.50 20.21 3.57
C GLY A 3 -2.04 19.85 3.77
N LYS A 4 -1.64 19.70 5.03
CA LYS A 4 -0.26 19.34 5.36
C LYS A 4 -0.08 17.83 5.39
N GLY A 5 1.11 17.39 5.76
CA GLY A 5 1.38 15.97 5.83
C GLY A 5 2.15 15.46 4.62
N GLY A 6 2.97 14.43 4.83
CA GLY A 6 3.75 13.87 3.74
C GLY A 6 2.89 13.12 2.75
N ALA A 7 1.97 12.30 3.25
CA ALA A 7 1.08 11.52 2.40
C ALA A 7 1.87 10.66 1.42
OH ALY A 8 6.14 2.98 1.14
CH ALY A 8 6.91 3.51 1.94
CH3 ALY A 8 7.72 2.61 2.87
NZ ALY A 8 6.82 4.80 2.24
CE ALY A 8 5.58 5.55 2.05
CD ALY A 8 5.62 6.40 0.77
CG ALY A 8 5.92 7.86 1.08
CB ALY A 8 4.84 8.52 1.92
CA ALY A 8 3.59 8.95 1.15
N ALY A 8 2.77 9.83 1.96
C ALY A 8 2.80 7.72 0.70
O ALY A 8 2.35 7.65 -0.45
HH31 ALY A 8 8.37 3.21 3.48
HH32 ALY A 8 7.04 2.05 3.50
HH33 ALY A 8 8.32 1.92 2.28
HZ ALY A 8 7.46 5.17 2.88
HE3 ALY A 8 4.76 4.86 1.99
HE2 ALY A 8 5.45 6.21 2.89
HD3 ALY A 8 6.39 6.01 0.13
HD2 ALY A 8 4.66 6.32 0.29
HG3 ALY A 8 6.87 7.92 1.60
HG2 ALY A 8 5.99 8.39 0.13
HB3 ALY A 8 4.54 7.80 2.69
HB2 ALY A 8 5.27 9.39 2.41
HA ALY A 8 3.90 9.50 0.27
H ALY A 8 2.87 9.80 2.94
N ARG A 9 2.63 6.77 1.61
CA ARG A 9 1.90 5.54 1.32
C ARG A 9 2.55 4.80 0.15
N HIS A 10 2.10 5.11 -1.05
CA HIS A 10 2.62 4.49 -2.25
C HIS A 10 3.00 5.55 -3.29
N ARG A 11 2.62 5.31 -4.53
CA ARG A 11 2.90 6.24 -5.62
C ARG A 11 4.39 6.56 -5.70
N LYS A 12 5.08 5.77 -6.52
CA LYS A 12 6.52 5.92 -6.70
C LYS A 12 6.84 7.02 -7.71
N VAL A 13 6.42 8.25 -7.41
CA VAL A 13 6.66 9.37 -8.30
C VAL A 13 7.21 10.57 -7.54
N LEU A 14 6.82 10.71 -6.28
CA LEU A 14 7.26 11.81 -5.44
C LEU A 14 8.76 11.74 -5.21
N ARG A 15 9.23 10.61 -4.67
CA ARG A 15 10.65 10.42 -4.40
C ARG A 15 10.99 8.94 -4.27
N GLY B 1 11.34 -7.03 14.14
CA GLY B 1 12.16 -5.80 14.12
C GLY B 1 11.60 -4.72 13.21
N SER B 2 12.46 -4.10 12.41
CA SER B 2 12.05 -3.05 11.49
C SER B 2 11.36 -1.90 12.20
N TYR B 3 10.81 -1.01 11.41
CA TYR B 3 10.10 0.14 11.93
C TYR B 3 9.38 0.89 10.80
N CYS B 4 8.40 1.69 11.17
CA CYS B 4 7.66 2.50 10.21
C CYS B 4 8.57 3.54 9.59
N ASP B 5 8.54 3.64 8.28
CA ASP B 5 9.37 4.61 7.57
C ASP B 5 8.91 6.04 7.86
N PHE B 6 7.89 6.17 8.70
CA PHE B 6 7.33 7.46 9.08
C PHE B 6 7.73 7.87 10.51
N CYS B 7 7.91 6.88 11.40
CA CYS B 7 8.30 7.19 12.78
C CYS B 7 9.54 6.42 13.21
N LEU B 8 9.75 5.30 12.54
CA LEU B 8 10.88 4.45 12.81
C LEU B 8 10.80 3.81 14.19
N GLY B 9 9.65 3.22 14.47
CA GLY B 9 9.45 2.53 15.74
C GLY B 9 9.61 1.03 15.61
N GLY B 10 8.53 0.31 15.31
CA GLY B 10 8.67 -1.13 15.16
C GLY B 10 7.42 -1.94 15.47
N SER B 11 6.33 -1.63 14.78
CA SER B 11 5.08 -2.37 14.91
C SER B 11 4.49 -2.29 16.32
N ASN B 12 4.87 -3.21 17.18
CA ASN B 12 4.35 -3.25 18.54
C ASN B 12 4.80 -2.02 19.34
N MET B 13 5.27 -0.99 18.64
CA MET B 13 5.72 0.22 19.30
C MET B 13 5.73 1.41 18.35
N ASN B 14 4.67 2.19 18.37
CA ASN B 14 4.60 3.38 17.52
C ASN B 14 5.39 4.50 18.17
N LYS B 15 6.25 5.11 17.37
CA LYS B 15 7.12 6.17 17.85
C LYS B 15 6.41 7.51 17.96
N LYS B 16 5.54 7.81 17.02
CA LYS B 16 4.82 9.07 17.04
C LYS B 16 3.45 8.95 17.67
N SER B 17 3.11 7.76 18.16
CA SER B 17 1.83 7.52 18.82
C SER B 17 2.04 6.94 20.22
N GLY B 18 3.28 6.56 20.49
CA GLY B 18 3.63 6.02 21.80
C GLY B 18 2.86 4.78 22.17
N ARG B 19 2.23 4.15 21.18
CA ARG B 19 1.48 2.92 21.42
C ARG B 19 1.71 1.89 20.33
N PRO B 20 1.42 0.64 20.64
CA PRO B 20 1.61 -0.51 19.74
C PRO B 20 0.83 -0.40 18.43
N GLU B 21 1.27 -1.19 17.44
CA GLU B 21 0.66 -1.23 16.13
C GLU B 21 1.26 -2.40 15.35
N GLU B 22 1.51 -2.21 14.07
CA GLU B 22 2.11 -3.26 13.25
C GLU B 22 2.44 -2.78 11.84
N LEU B 23 3.70 -2.42 11.67
CA LEU B 23 4.25 -1.93 10.40
C LEU B 23 3.98 -2.83 9.21
N VAL B 24 4.46 -2.36 8.05
CA VAL B 24 4.36 -3.09 6.79
C VAL B 24 5.75 -3.27 6.24
N SER B 25 6.25 -4.50 6.27
CA SER B 25 7.60 -4.78 5.79
C SER B 25 7.61 -5.17 4.32
N CYS B 26 8.47 -4.53 3.53
CA CYS B 26 8.56 -4.85 2.11
C CYS B 26 9.18 -6.23 1.97
N ALA B 27 8.68 -7.02 1.02
CA ALA B 27 9.19 -8.36 0.82
C ALA B 27 10.47 -8.34 0.01
N ASP B 28 10.84 -7.15 -0.44
CA ASP B 28 12.05 -6.96 -1.20
C ASP B 28 13.12 -6.28 -0.36
N CYS B 29 12.83 -5.06 0.07
CA CYS B 29 13.74 -4.28 0.90
C CYS B 29 13.73 -4.73 2.34
N GLY B 30 12.52 -4.84 2.88
CA GLY B 30 12.35 -5.22 4.27
C GLY B 30 11.97 -4.01 5.10
N ARG B 31 11.80 -2.87 4.44
CA ARG B 31 11.43 -1.62 5.10
C ARG B 31 10.01 -1.71 5.61
N SER B 32 9.72 -1.13 6.78
CA SER B 32 8.38 -1.21 7.32
C SER B 32 7.71 0.15 7.47
N GLY B 33 6.37 0.13 7.58
CA GLY B 33 5.59 1.36 7.74
C GLY B 33 4.36 1.16 8.62
N HIS B 34 4.01 2.13 9.45
CA HIS B 34 2.82 1.97 10.26
C HIS B 34 1.61 2.15 9.36
N PRO B 35 0.75 1.14 9.24
CA PRO B 35 -0.43 1.25 8.38
C PRO B 35 -1.19 2.55 8.64
N THR B 36 -1.17 2.99 9.89
CA THR B 36 -1.85 4.23 10.27
C THR B 36 -1.16 5.44 9.62
N CYS B 37 0.16 5.40 9.56
CA CYS B 37 0.95 6.47 8.96
C CYS B 37 0.86 6.39 7.45
N LEU B 38 0.69 5.18 6.92
CA LEU B 38 0.58 5.03 5.48
C LEU B 38 -0.82 5.40 5.01
N GLN B 39 -1.70 5.65 5.99
CA GLN B 39 -3.09 6.02 5.70
C GLN B 39 -3.84 4.82 5.12
N PHE B 40 -3.29 3.64 5.36
CA PHE B 40 -3.88 2.40 4.88
C PHE B 40 -5.25 2.16 5.51
N THR B 41 -5.75 0.95 5.32
CA THR B 41 -7.01 0.53 5.90
C THR B 41 -6.82 -0.79 6.63
N LEU B 42 -7.83 -1.27 7.32
CA LEU B 42 -7.71 -2.52 8.07
C LEU B 42 -7.48 -3.71 7.14
N ASN B 43 -8.22 -3.75 6.03
CA ASN B 43 -8.08 -4.86 5.08
C ASN B 43 -6.70 -4.86 4.44
N MET B 44 -6.22 -3.69 4.04
CA MET B 44 -4.89 -3.57 3.43
C MET B 44 -3.85 -4.01 4.42
N THR B 45 -3.93 -3.44 5.60
CA THR B 45 -3.00 -3.74 6.65
C THR B 45 -2.98 -5.25 6.82
N GLU B 46 -4.17 -5.80 6.97
CA GLU B 46 -4.36 -7.23 7.13
C GLU B 46 -3.68 -8.01 5.99
N ALA B 47 -4.00 -7.61 4.77
CA ALA B 47 -3.47 -8.24 3.57
C ALA B 47 -1.96 -8.25 3.55
N VAL B 48 -1.42 -7.05 3.57
CA VAL B 48 0.00 -6.82 3.54
C VAL B 48 0.72 -7.44 4.73
N LYS B 49 -0.03 -7.69 5.79
CA LYS B 49 0.54 -8.27 6.98
C LYS B 49 0.94 -9.70 6.73
N THR B 50 0.05 -10.43 6.08
CA THR B 50 0.27 -11.84 5.78
C THR B 50 1.05 -12.08 4.49
N TYR B 51 0.89 -11.23 3.46
CA TYR B 51 1.62 -11.48 2.22
C TYR B 51 2.76 -10.48 1.96
N LYS B 52 3.23 -10.43 0.72
CA LYS B 52 4.37 -9.60 0.31
C LYS B 52 4.18 -8.11 0.57
N TRP B 53 3.17 -7.53 -0.06
CA TRP B 53 2.90 -6.10 0.03
C TRP B 53 3.87 -5.33 -0.85
N GLN B 54 5.16 -5.55 -0.65
CA GLN B 54 6.19 -4.89 -1.44
C GLN B 54 6.04 -3.38 -1.37
N CYS B 55 7.01 -2.72 -0.75
CA CYS B 55 6.98 -1.28 -0.63
C CYS B 55 6.73 -0.65 -1.99
N ILE B 56 6.30 0.60 -1.99
CA ILE B 56 6.01 1.29 -3.22
C ILE B 56 7.17 1.23 -4.21
N GLU B 57 8.37 1.46 -3.71
CA GLU B 57 9.55 1.40 -4.56
C GLU B 57 9.69 0.02 -5.21
N CYS B 58 8.77 -0.89 -4.86
CA CYS B 58 8.79 -2.25 -5.39
C CYS B 58 7.44 -2.71 -5.91
N LYS B 59 6.43 -1.83 -5.89
CA LYS B 59 5.09 -2.17 -6.36
C LYS B 59 5.07 -3.29 -7.38
N SER B 60 5.33 -2.89 -8.59
CA SER B 60 5.32 -3.75 -9.76
C SER B 60 3.94 -4.34 -9.99
N CYS B 61 3.30 -3.80 -11.00
CA CYS B 61 1.97 -4.20 -11.43
C CYS B 61 1.70 -5.69 -11.26
N ILE B 62 0.92 -6.07 -10.26
CA ILE B 62 0.56 -7.48 -10.10
C ILE B 62 0.21 -8.03 -11.48
N LEU B 63 -0.32 -7.13 -12.31
CA LEU B 63 -0.71 -7.42 -13.67
C LEU B 63 0.53 -7.63 -14.54
N CYS B 64 1.40 -6.61 -14.58
CA CYS B 64 2.64 -6.69 -15.34
C CYS B 64 3.74 -7.27 -14.47
N GLY B 65 4.03 -6.57 -13.38
CA GLY B 65 5.07 -6.98 -12.47
C GLY B 65 6.37 -6.33 -12.86
N THR B 66 6.26 -5.13 -13.42
CA THR B 66 7.42 -4.42 -13.89
C THR B 66 7.50 -3.02 -13.32
N SER B 67 6.41 -2.58 -12.69
CA SER B 67 6.33 -1.26 -12.12
C SER B 67 6.75 -0.17 -13.11
N GLU B 68 6.84 -0.55 -14.39
CA GLU B 68 7.23 0.38 -15.45
C GLU B 68 6.48 1.70 -15.39
N ASN B 69 5.28 1.70 -15.98
CA ASN B 69 4.45 2.89 -16.04
C ASN B 69 3.75 3.19 -14.72
N ASP B 70 4.45 3.03 -13.60
CA ASP B 70 3.89 3.30 -12.28
C ASP B 70 3.07 4.58 -12.24
N ASP B 71 3.24 5.43 -13.23
CA ASP B 71 2.48 6.67 -13.30
C ASP B 71 1.01 6.33 -13.54
N GLN B 72 0.77 5.06 -13.84
CA GLN B 72 -0.55 4.54 -14.09
C GLN B 72 -0.86 3.46 -13.07
N LEU B 73 0.18 2.91 -12.47
CA LEU B 73 0.00 1.89 -11.47
C LEU B 73 -0.98 2.35 -10.45
N LEU B 74 -1.86 1.44 -10.10
CA LEU B 74 -2.90 1.71 -9.15
C LEU B 74 -2.62 0.99 -7.86
N PHE B 75 -2.43 1.77 -6.84
CA PHE B 75 -2.09 1.24 -5.54
C PHE B 75 -3.33 0.88 -4.77
N CYS B 76 -3.72 -0.39 -4.86
CA CYS B 76 -4.87 -0.85 -4.13
C CYS B 76 -4.59 -0.63 -2.66
N ASP B 77 -5.18 0.39 -2.08
CA ASP B 77 -4.92 0.68 -0.68
C ASP B 77 -5.67 -0.32 0.21
N ASP B 78 -5.85 -1.55 -0.29
CA ASP B 78 -6.56 -2.59 0.43
C ASP B 78 -5.74 -3.88 0.50
N CYS B 79 -4.48 -3.77 0.07
CA CYS B 79 -3.54 -4.88 0.08
C CYS B 79 -2.25 -4.48 -0.63
N ASP B 80 -2.35 -3.38 -1.39
CA ASP B 80 -1.23 -2.77 -2.11
C ASP B 80 -1.08 -3.25 -3.57
N ARG B 81 -1.77 -4.31 -3.96
CA ARG B 81 -1.68 -4.82 -5.34
C ARG B 81 -1.76 -3.67 -6.35
N GLY B 82 -0.66 -3.43 -7.05
CA GLY B 82 -0.61 -2.35 -8.04
C GLY B 82 -0.95 -2.79 -9.45
N TYR B 83 -1.83 -2.03 -10.11
CA TYR B 83 -2.22 -2.31 -11.49
C TYR B 83 -2.19 -1.03 -12.30
N HIS B 84 -1.56 -1.03 -13.45
CA HIS B 84 -1.57 0.18 -14.24
C HIS B 84 -3.03 0.38 -14.63
N MET B 85 -3.67 1.50 -14.23
CA MET B 85 -5.11 1.71 -14.55
C MET B 85 -5.52 1.08 -15.86
N TYR B 86 -4.61 0.99 -16.80
CA TYR B 86 -4.94 0.40 -18.08
C TYR B 86 -4.52 -1.06 -18.12
N CYS B 87 -4.51 -1.71 -16.96
CA CYS B 87 -4.14 -3.10 -16.88
C CYS B 87 -5.26 -3.88 -16.26
N LEU B 88 -6.04 -3.16 -15.47
CA LEU B 88 -7.15 -3.75 -14.75
C LEU B 88 -8.12 -4.47 -15.68
N ASN B 89 -9.15 -5.05 -15.08
CA ASN B 89 -10.19 -5.75 -15.82
C ASN B 89 -11.19 -4.71 -16.29
N PRO B 90 -11.56 -3.79 -15.40
CA PRO B 90 -12.42 -2.69 -15.69
C PRO B 90 -11.65 -1.37 -15.55
N PRO B 91 -10.53 -1.27 -16.31
CA PRO B 91 -9.61 -0.14 -16.32
C PRO B 91 -10.20 1.20 -15.93
N VAL B 92 -9.34 2.03 -15.37
CA VAL B 92 -9.70 3.37 -14.93
C VAL B 92 -8.71 4.35 -15.55
N ALA B 93 -8.94 5.62 -15.32
CA ALA B 93 -8.07 6.65 -15.90
C ALA B 93 -7.15 7.31 -14.87
N GLU B 94 -7.67 7.55 -13.67
CA GLU B 94 -6.89 8.24 -12.62
C GLU B 94 -7.56 8.09 -11.26
N PRO B 95 -8.87 8.39 -11.22
CA PRO B 95 -9.76 8.29 -10.10
C PRO B 95 -9.21 7.71 -8.79
N PRO B 96 -8.65 6.48 -8.75
CA PRO B 96 -8.13 5.93 -7.50
C PRO B 96 -6.84 6.58 -7.03
N GLU B 97 -6.78 7.87 -7.14
CA GLU B 97 -5.59 8.60 -6.71
C GLU B 97 -5.44 8.55 -5.19
N GLY B 98 -6.42 7.97 -4.52
CA GLY B 98 -6.39 7.87 -3.08
C GLY B 98 -7.42 6.94 -2.51
N SER B 99 -7.36 5.69 -2.95
CA SER B 99 -8.27 4.65 -2.50
C SER B 99 -8.09 3.39 -3.36
N TRP B 100 -9.13 3.02 -4.11
CA TRP B 100 -9.09 1.86 -5.00
C TRP B 100 -8.97 0.56 -4.24
N SER B 101 -9.49 -0.46 -4.86
CA SER B 101 -9.47 -1.80 -4.34
C SER B 101 -9.27 -2.74 -5.52
N CYS B 102 -8.07 -3.28 -5.64
CA CYS B 102 -7.76 -4.19 -6.72
C CYS B 102 -8.86 -5.24 -6.83
N HIS B 103 -8.92 -5.94 -7.96
CA HIS B 103 -9.95 -6.92 -8.15
C HIS B 103 -9.96 -7.95 -7.03
N LEU B 104 -8.77 -8.30 -6.54
CA LEU B 104 -8.66 -9.30 -5.49
C LEU B 104 -9.51 -8.94 -4.30
N CYS B 105 -9.48 -7.67 -3.96
CA CYS B 105 -10.16 -7.19 -2.75
C CYS B 105 -11.67 -7.09 -2.83
N TRP B 106 -12.21 -6.31 -3.74
CA TRP B 106 -13.64 -6.20 -3.82
C TRP B 106 -14.26 -7.48 -4.30
N GLU B 107 -13.55 -8.22 -5.12
CA GLU B 107 -14.05 -9.50 -5.56
C GLU B 107 -14.11 -10.40 -4.35
N LEU B 108 -13.19 -10.14 -3.42
CA LEU B 108 -13.16 -10.86 -2.17
C LEU B 108 -14.33 -10.40 -1.34
N LEU B 109 -14.70 -9.14 -1.60
CA LEU B 109 -15.82 -8.48 -0.94
C LEU B 109 -17.10 -9.19 -1.32
N LYS B 110 -17.30 -9.28 -2.62
CA LYS B 110 -18.48 -9.93 -3.19
C LYS B 110 -18.52 -11.38 -2.73
N GLU B 111 -17.34 -11.93 -2.48
CA GLU B 111 -17.21 -13.31 -2.04
C GLU B 111 -17.48 -13.49 -0.55
N LYS B 112 -17.06 -12.53 0.28
CA LYS B 112 -17.27 -12.65 1.70
C LYS B 112 -18.66 -12.20 2.11
N ALA B 113 -19.32 -11.46 1.22
CA ALA B 113 -20.65 -10.94 1.47
C ALA B 113 -21.63 -12.06 1.79
N SER B 114 -22.88 -11.67 2.05
CA SER B 114 -23.93 -12.63 2.36
C SER B 114 -25.29 -11.96 2.41
ZN ZN C . 4.60 5.58 11.95
ZN ZN D . 10.86 -2.46 -1.48
ZN ZN E . -6.25 -5.32 -3.09
ZN ZN F . 0.53 -3.13 -15.79
N GLY A 1 -0.20 28.82 2.04
CA GLY A 1 0.39 28.49 3.37
C GLY A 1 0.99 27.10 3.42
N LEU A 2 1.63 26.77 4.54
CA LEU A 2 2.25 25.46 4.73
C LEU A 2 3.31 25.20 3.66
N GLY A 3 3.87 23.99 3.67
CA GLY A 3 4.89 23.64 2.70
C GLY A 3 4.53 22.40 1.90
N LYS A 4 3.32 22.40 1.34
CA LYS A 4 2.83 21.26 0.56
C LYS A 4 2.68 20.00 1.41
N GLY A 5 1.80 19.11 1.00
CA GLY A 5 1.57 17.88 1.73
C GLY A 5 2.63 16.83 1.46
N GLY A 6 2.54 15.71 2.16
CA GLY A 6 3.50 14.63 1.98
C GLY A 6 2.85 13.35 1.47
N ALA A 7 2.21 12.62 2.38
CA ALA A 7 1.55 11.36 2.04
C ALA A 7 2.54 10.36 1.47
OH ALY A 8 6.08 3.39 1.76
CH ALY A 8 7.06 3.38 2.51
CH3 ALY A 8 7.53 2.04 3.06
NZ ALY A 8 7.49 4.49 3.10
CE ALY A 8 6.65 5.66 3.27
CD ALY A 8 6.72 6.62 2.09
CG ALY A 8 6.49 8.05 2.50
CB ALY A 8 5.07 8.28 3.03
CA ALY A 8 4.02 8.48 1.93
N ALY A 8 3.05 9.49 2.34
C ALY A 8 3.33 7.15 1.63
O ALY A 8 3.82 6.09 1.98
HH31 ALY A 8 8.23 2.21 3.87
HH32 ALY A 8 6.68 1.49 3.44
HH33 ALY A 8 8.01 1.47 2.28
HZ ALY A 8 8.28 4.42 3.68
HE3 ALY A 8 5.63 5.33 3.40
HE2 ALY A 8 6.97 6.19 4.16
HD3 ALY A 8 7.70 6.53 1.63
HD2 ALY A 8 5.96 6.33 1.37
HG3 ALY A 8 7.19 8.31 3.28
HG2 ALY A 8 6.65 8.70 1.65
HB3 ALY A 8 4.80 7.43 3.63
HB2 ALY A 8 5.09 9.16 3.67
HA ALY A 8 4.51 8.83 1.04
H ALY A 8 2.77 9.54 3.28
N ARG A 9 2.17 7.23 0.97
CA ARG A 9 1.41 6.04 0.61
C ARG A 9 2.23 5.17 -0.33
N HIS A 10 2.07 5.41 -1.63
CA HIS A 10 2.77 4.67 -2.65
C HIS A 10 3.12 5.61 -3.79
N ARG A 11 2.78 5.22 -5.02
CA ARG A 11 3.05 6.04 -6.19
C ARG A 11 4.46 6.63 -6.13
N LYS A 12 5.42 5.80 -6.47
CA LYS A 12 6.83 6.18 -6.43
C LYS A 12 7.12 7.34 -7.37
N VAL A 13 8.35 7.85 -7.29
CA VAL A 13 8.80 8.96 -8.13
C VAL A 13 10.31 9.09 -8.09
N LEU A 14 10.92 9.24 -9.26
CA LEU A 14 12.38 9.37 -9.36
C LEU A 14 12.79 10.83 -9.55
N ARG A 15 11.94 11.74 -9.11
CA ARG A 15 12.24 13.17 -9.23
C ARG A 15 11.34 13.99 -8.31
N GLY B 1 13.01 -6.03 14.70
CA GLY B 1 13.70 -6.11 13.38
C GLY B 1 13.52 -4.85 12.56
N SER B 2 12.28 -4.58 12.16
CA SER B 2 11.97 -3.38 11.36
C SER B 2 11.34 -2.30 12.20
N TYR B 3 10.92 -1.24 11.52
CA TYR B 3 10.28 -0.11 12.15
C TYR B 3 9.55 0.72 11.11
N CYS B 4 8.53 1.45 11.55
CA CYS B 4 7.78 2.30 10.64
C CYS B 4 8.68 3.38 10.06
N ASP B 5 8.73 3.46 8.75
CA ASP B 5 9.54 4.48 8.09
C ASP B 5 9.07 5.90 8.43
N PHE B 6 8.04 5.99 9.28
CA PHE B 6 7.47 7.27 9.68
C PHE B 6 7.86 7.62 11.13
N CYS B 7 8.04 6.61 12.00
CA CYS B 7 8.42 6.87 13.40
C CYS B 7 9.68 6.09 13.77
N LEU B 8 9.88 4.98 13.08
CA LEU B 8 11.02 4.12 13.28
C LEU B 8 10.96 3.39 14.62
N GLY B 9 9.83 2.73 14.84
CA GLY B 9 9.64 1.96 16.06
C GLY B 9 9.60 0.46 15.80
N GLY B 10 8.39 -0.08 15.60
CA GLY B 10 8.28 -1.51 15.33
C GLY B 10 6.85 -2.00 15.25
N SER B 11 6.69 -3.26 14.85
CA SER B 11 5.36 -3.86 14.70
C SER B 11 4.82 -4.38 16.03
N ASN B 12 5.30 -3.78 17.10
CA ASN B 12 4.90 -4.11 18.46
C ASN B 12 5.32 -2.98 19.38
N MET B 13 5.48 -1.80 18.80
CA MET B 13 5.90 -0.63 19.54
C MET B 13 5.95 0.60 18.63
N ASN B 14 5.21 1.62 19.00
CA ASN B 14 5.18 2.86 18.24
C ASN B 14 6.25 3.79 18.78
N LYS B 15 6.65 4.76 17.97
CA LYS B 15 7.68 5.70 18.38
C LYS B 15 7.11 7.07 18.61
N LYS B 16 5.97 7.31 17.98
CA LYS B 16 5.28 8.58 18.11
C LYS B 16 4.04 8.42 19.00
N SER B 17 3.80 7.20 19.43
CA SER B 17 2.68 6.88 20.32
C SER B 17 3.16 5.98 21.44
N GLY B 18 4.13 5.17 21.09
CA GLY B 18 4.66 4.21 22.03
C GLY B 18 3.77 3.02 22.15
N ARG B 19 2.86 2.88 21.19
CA ARG B 19 1.92 1.77 21.20
C ARG B 19 2.28 0.64 20.24
N PRO B 20 1.88 -0.56 20.65
CA PRO B 20 2.08 -1.80 19.87
C PRO B 20 1.21 -1.83 18.62
N GLU B 21 1.82 -1.59 17.46
CA GLU B 21 1.09 -1.61 16.20
C GLU B 21 1.59 -2.77 15.35
N GLU B 22 1.72 -2.57 14.04
CA GLU B 22 2.20 -3.63 13.17
C GLU B 22 2.64 -3.09 11.81
N LEU B 23 3.90 -2.67 11.76
CA LEU B 23 4.50 -2.13 10.53
C LEU B 23 4.27 -2.99 9.32
N VAL B 24 4.60 -2.41 8.18
CA VAL B 24 4.53 -3.10 6.92
C VAL B 24 5.92 -3.25 6.44
N SER B 25 6.44 -4.46 6.52
CA SER B 25 7.82 -4.68 6.11
C SER B 25 7.87 -5.12 4.66
N CYS B 26 8.60 -4.36 3.86
CA CYS B 26 8.72 -4.68 2.46
C CYS B 26 9.47 -5.99 2.31
N ALA B 27 9.05 -6.82 1.35
CA ALA B 27 9.68 -8.11 1.13
C ALA B 27 10.73 -8.04 0.04
N ASP B 28 11.06 -6.83 -0.35
CA ASP B 28 12.06 -6.63 -1.39
C ASP B 28 13.31 -5.96 -0.82
N CYS B 29 13.12 -4.82 -0.16
CA CYS B 29 14.23 -4.09 0.44
C CYS B 29 14.14 -4.12 1.97
N GLY B 30 12.93 -3.96 2.50
CA GLY B 30 12.73 -4.00 3.94
C GLY B 30 12.12 -2.73 4.50
N ARG B 31 11.66 -1.84 3.63
CA ARG B 31 11.04 -0.58 4.06
C ARG B 31 9.74 -0.85 4.81
N SER B 32 9.76 -0.61 6.12
CA SER B 32 8.59 -0.82 6.94
C SER B 32 7.78 0.45 7.18
N GLY B 33 6.55 0.29 7.67
CA GLY B 33 5.70 1.44 7.94
C GLY B 33 4.51 1.14 8.84
N HIS B 34 4.12 2.06 9.72
CA HIS B 34 2.94 1.81 10.55
C HIS B 34 1.73 1.95 9.65
N PRO B 35 0.88 0.93 9.53
CA PRO B 35 -0.27 1.03 8.65
C PRO B 35 -1.03 2.33 8.84
N THR B 36 -1.25 2.71 10.10
CA THR B 36 -1.94 3.96 10.39
C THR B 36 -1.13 5.15 9.89
N CYS B 37 0.19 5.00 9.89
CA CYS B 37 1.09 6.05 9.43
C CYS B 37 1.06 6.15 7.90
N LEU B 38 0.89 5.02 7.23
CA LEU B 38 0.82 5.04 5.76
C LEU B 38 -0.57 5.42 5.29
N GLN B 39 -1.48 5.60 6.24
CA GLN B 39 -2.86 5.95 5.95
C GLN B 39 -3.61 4.75 5.39
N PHE B 40 -2.97 3.59 5.42
CA PHE B 40 -3.57 2.36 4.92
C PHE B 40 -4.94 2.12 5.55
N THR B 41 -5.67 1.19 4.96
CA THR B 41 -6.97 0.81 5.48
C THR B 41 -6.81 -0.48 6.26
N LEU B 42 -7.72 -0.77 7.18
CA LEU B 42 -7.61 -1.98 7.97
C LEU B 42 -7.34 -3.18 7.07
N ASN B 43 -8.07 -3.28 5.96
CA ASN B 43 -7.88 -4.38 5.03
C ASN B 43 -6.44 -4.41 4.54
N MET B 44 -5.95 -3.26 4.06
CA MET B 44 -4.56 -3.16 3.60
C MET B 44 -3.64 -3.72 4.63
N THR B 45 -3.81 -3.24 5.84
CA THR B 45 -2.97 -3.63 6.94
C THR B 45 -2.94 -5.14 7.02
N GLU B 46 -4.10 -5.76 7.12
CA GLU B 46 -4.17 -7.21 7.21
C GLU B 46 -3.55 -7.88 5.98
N ALA B 47 -3.94 -7.40 4.80
CA ALA B 47 -3.47 -7.96 3.54
C ALA B 47 -1.95 -8.02 3.50
N VAL B 48 -1.38 -6.85 3.62
CA VAL B 48 0.07 -6.67 3.61
C VAL B 48 0.72 -7.38 4.78
N LYS B 49 -0.08 -7.65 5.80
CA LYS B 49 0.38 -8.30 7.02
C LYS B 49 0.61 -9.80 6.81
N THR B 50 -0.12 -10.37 5.86
CA THR B 50 0.01 -11.80 5.58
C THR B 50 0.88 -12.06 4.36
N TYR B 51 0.74 -11.24 3.30
CA TYR B 51 1.55 -11.46 2.11
C TYR B 51 2.73 -10.47 2.01
N LYS B 52 3.31 -10.37 0.80
CA LYS B 52 4.50 -9.54 0.56
C LYS B 52 4.27 -8.05 0.80
N TRP B 53 3.31 -7.47 0.09
CA TRP B 53 3.04 -6.02 0.16
C TRP B 53 4.11 -5.27 -0.61
N GLN B 54 5.36 -5.40 -0.16
CA GLN B 54 6.49 -4.75 -0.81
C GLN B 54 6.26 -3.25 -0.93
N CYS B 55 7.11 -2.49 -0.25
CA CYS B 55 7.00 -1.04 -0.27
C CYS B 55 6.86 -0.52 -1.69
N ILE B 56 6.35 0.70 -1.79
CA ILE B 56 6.16 1.35 -3.08
C ILE B 56 7.42 1.31 -3.94
N GLU B 57 8.55 1.64 -3.34
CA GLU B 57 9.82 1.63 -4.06
C GLU B 57 10.06 0.29 -4.75
N CYS B 58 9.40 -0.76 -4.29
CA CYS B 58 9.57 -2.09 -4.87
C CYS B 58 8.26 -2.71 -5.33
N LYS B 59 7.16 -2.00 -5.15
CA LYS B 59 5.84 -2.49 -5.55
C LYS B 59 5.87 -2.90 -7.04
N SER B 60 4.74 -3.37 -7.58
CA SER B 60 4.69 -3.74 -9.00
C SER B 60 3.29 -4.09 -9.44
N CYS B 61 3.05 -3.92 -10.74
CA CYS B 61 1.77 -4.22 -11.33
C CYS B 61 1.49 -5.72 -11.28
N ILE B 62 0.73 -6.15 -10.29
CA ILE B 62 0.39 -7.57 -10.17
C ILE B 62 0.03 -8.10 -11.54
N LEU B 63 -0.47 -7.19 -12.37
CA LEU B 63 -0.87 -7.49 -13.73
C LEU B 63 0.39 -7.65 -14.60
N CYS B 64 1.25 -6.64 -14.60
CA CYS B 64 2.50 -6.69 -15.34
C CYS B 64 3.60 -7.26 -14.47
N GLY B 65 3.87 -6.52 -13.38
CA GLY B 65 4.91 -6.89 -12.46
C GLY B 65 6.16 -6.13 -12.83
N THR B 66 5.96 -4.92 -13.33
CA THR B 66 7.07 -4.09 -13.78
C THR B 66 7.12 -2.77 -13.06
N SER B 67 6.04 -2.42 -12.38
CA SER B 67 5.96 -1.16 -11.65
C SER B 67 6.36 0.02 -12.54
N GLU B 68 6.31 -0.21 -13.85
CA GLU B 68 6.68 0.82 -14.84
C GLU B 68 5.96 2.14 -14.64
N ASN B 69 4.97 2.39 -15.49
CA ASN B 69 4.21 3.62 -15.49
C ASN B 69 4.05 4.24 -14.10
N ASP B 70 3.66 3.44 -13.11
CA ASP B 70 3.41 3.94 -11.73
C ASP B 70 2.88 5.36 -11.74
N ASP B 71 2.19 5.61 -12.82
CA ASP B 71 1.51 6.86 -13.10
C ASP B 71 0.15 6.46 -13.60
N GLN B 72 0.12 5.20 -14.04
CA GLN B 72 -1.07 4.56 -14.50
C GLN B 72 -1.26 3.37 -13.60
N LEU B 73 -0.14 2.86 -13.10
CA LEU B 73 -0.14 1.76 -12.21
C LEU B 73 -0.95 2.18 -10.99
N LEU B 74 -1.82 1.29 -10.56
CA LEU B 74 -2.73 1.58 -9.48
C LEU B 74 -2.38 0.81 -8.25
N PHE B 75 -2.01 1.54 -7.24
CA PHE B 75 -1.59 0.97 -5.99
C PHE B 75 -2.80 0.69 -5.11
N CYS B 76 -3.30 -0.54 -5.16
CA CYS B 76 -4.44 -0.90 -4.34
C CYS B 76 -4.07 -0.61 -2.91
N ASP B 77 -4.62 0.44 -2.35
CA ASP B 77 -4.29 0.80 -0.99
C ASP B 77 -5.01 -0.13 -0.01
N ASP B 78 -5.37 -1.33 -0.49
CA ASP B 78 -6.09 -2.31 0.33
C ASP B 78 -5.30 -3.61 0.46
N CYS B 79 -4.11 -3.65 -0.13
CA CYS B 79 -3.25 -4.81 -0.07
C CYS B 79 -1.93 -4.49 -0.79
N ASP B 80 -1.99 -3.41 -1.59
CA ASP B 80 -0.83 -2.87 -2.34
C ASP B 80 -0.74 -3.36 -3.79
N ARG B 81 -1.52 -4.39 -4.15
CA ARG B 81 -1.50 -4.92 -5.51
C ARG B 81 -1.65 -3.79 -6.55
N GLY B 82 -0.57 -3.54 -7.31
CA GLY B 82 -0.60 -2.47 -8.30
C GLY B 82 -1.10 -2.93 -9.66
N TYR B 83 -1.98 -2.14 -10.27
CA TYR B 83 -2.48 -2.45 -11.62
C TYR B 83 -2.53 -1.18 -12.43
N HIS B 84 -1.86 -1.13 -13.54
CA HIS B 84 -1.93 0.07 -14.37
C HIS B 84 -3.38 0.22 -14.75
N MET B 85 -4.01 1.36 -14.43
CA MET B 85 -5.43 1.57 -14.73
C MET B 85 -5.81 0.94 -16.04
N TYR B 86 -4.86 0.82 -16.94
CA TYR B 86 -5.13 0.21 -18.22
C TYR B 86 -4.68 -1.24 -18.23
N CYS B 87 -4.70 -1.87 -17.05
CA CYS B 87 -4.31 -3.25 -16.93
C CYS B 87 -5.43 -4.03 -16.29
N LEU B 88 -6.21 -3.30 -15.50
CA LEU B 88 -7.32 -3.87 -14.78
C LEU B 88 -8.28 -4.62 -15.69
N ASN B 89 -9.32 -5.18 -15.07
CA ASN B 89 -10.36 -5.90 -15.80
C ASN B 89 -11.36 -4.88 -16.30
N PRO B 90 -11.74 -3.94 -15.42
CA PRO B 90 -12.59 -2.84 -15.75
C PRO B 90 -11.83 -1.52 -15.62
N PRO B 91 -10.72 -1.41 -16.37
CA PRO B 91 -9.80 -0.28 -16.38
C PRO B 91 -10.41 1.05 -15.99
N VAL B 92 -9.58 1.88 -15.37
CA VAL B 92 -9.97 3.20 -14.93
C VAL B 92 -9.10 4.22 -15.67
N ALA B 93 -9.42 5.49 -15.53
CA ALA B 93 -8.70 6.54 -16.25
C ALA B 93 -7.60 7.21 -15.43
N GLU B 94 -7.85 7.42 -14.14
CA GLU B 94 -6.88 8.11 -13.27
C GLU B 94 -7.31 8.06 -11.80
N PRO B 95 -8.56 8.47 -11.56
CA PRO B 95 -9.23 8.51 -10.28
C PRO B 95 -8.50 7.85 -9.09
N PRO B 96 -8.14 6.56 -9.15
CA PRO B 96 -7.46 5.90 -8.05
C PRO B 96 -6.04 6.41 -7.82
N GLU B 97 -5.94 7.63 -7.32
CA GLU B 97 -4.65 8.24 -7.04
C GLU B 97 -4.36 8.25 -5.55
N GLY B 98 -5.32 7.75 -4.76
CA GLY B 98 -5.16 7.70 -3.33
C GLY B 98 -6.24 6.90 -2.65
N SER B 99 -6.37 5.67 -3.10
CA SER B 99 -7.34 4.73 -2.56
C SER B 99 -7.38 3.48 -3.44
N TRP B 100 -8.52 3.24 -4.10
CA TRP B 100 -8.67 2.11 -5.00
C TRP B 100 -8.58 0.78 -4.27
N SER B 101 -9.29 -0.19 -4.79
CA SER B 101 -9.30 -1.53 -4.24
C SER B 101 -9.26 -2.53 -5.39
N CYS B 102 -8.10 -3.12 -5.60
CA CYS B 102 -7.87 -4.09 -6.68
C CYS B 102 -9.01 -5.10 -6.79
N HIS B 103 -8.89 -6.01 -7.76
CA HIS B 103 -9.93 -7.01 -7.97
C HIS B 103 -9.90 -8.06 -6.87
N LEU B 104 -8.72 -8.28 -6.27
CA LEU B 104 -8.62 -9.26 -5.20
C LEU B 104 -9.51 -8.85 -4.05
N CYS B 105 -9.34 -7.60 -3.68
CA CYS B 105 -10.06 -7.00 -2.57
C CYS B 105 -11.51 -6.79 -2.89
N TRP B 106 -11.74 -6.47 -4.13
CA TRP B 106 -13.08 -6.21 -4.58
C TRP B 106 -13.94 -7.40 -4.62
N GLU B 107 -13.48 -8.41 -5.27
CA GLU B 107 -14.27 -9.61 -5.34
C GLU B 107 -14.47 -10.10 -3.92
N LEU B 108 -13.51 -9.74 -3.06
CA LEU B 108 -13.57 -10.08 -1.66
C LEU B 108 -14.57 -9.14 -1.00
N LEU B 109 -14.72 -7.98 -1.63
CA LEU B 109 -15.65 -6.94 -1.21
C LEU B 109 -17.06 -7.40 -1.43
N LYS B 110 -17.32 -7.73 -2.68
CA LYS B 110 -18.61 -8.22 -3.12
C LYS B 110 -18.97 -9.43 -2.27
N GLU B 111 -17.92 -10.14 -1.87
CA GLU B 111 -18.07 -11.32 -1.03
C GLU B 111 -18.35 -10.91 0.42
N LYS B 112 -17.66 -9.86 0.90
CA LYS B 112 -17.86 -9.39 2.25
C LYS B 112 -19.32 -9.08 2.50
N ALA B 113 -19.99 -8.63 1.43
CA ALA B 113 -21.40 -8.26 1.50
C ALA B 113 -22.25 -9.33 2.15
N SER B 114 -23.50 -8.99 2.46
CA SER B 114 -24.42 -9.93 3.07
C SER B 114 -25.82 -9.33 3.17
ZN ZN C . 4.73 5.31 12.49
ZN ZN D . 11.01 -1.97 -0.77
ZN ZN E . -6.15 -5.20 -3.11
ZN ZN F . 0.39 -3.18 -15.77
N GLY A 1 -1.77 27.81 -3.96
CA GLY A 1 -1.62 26.73 -2.95
C GLY A 1 -0.21 26.19 -2.86
N LEU A 2 0.07 25.40 -1.84
CA LEU A 2 1.40 24.82 -1.64
C LEU A 2 1.36 23.31 -1.86
N GLY A 3 0.69 22.60 -0.96
CA GLY A 3 0.59 21.16 -1.07
C GLY A 3 -0.72 20.62 -0.52
N LYS A 4 -1.33 19.71 -1.26
CA LYS A 4 -2.61 19.12 -0.85
C LYS A 4 -2.39 17.71 -0.30
N GLY A 5 -1.42 17.58 0.61
CA GLY A 5 -1.13 16.29 1.21
C GLY A 5 -0.54 16.42 2.60
N GLY A 6 0.05 15.33 3.08
CA GLY A 6 0.66 15.35 4.40
C GLY A 6 1.09 13.97 4.88
N ALA A 7 1.49 13.12 3.93
CA ALA A 7 1.92 11.76 4.25
C ALA A 7 2.69 11.15 3.09
OH ALY A 8 6.61 3.38 1.68
CH ALY A 8 7.22 3.46 2.74
CH3 ALY A 8 7.65 2.16 3.43
NZ ALY A 8 7.24 4.58 3.45
CE ALY A 8 6.25 5.62 3.28
CD ALY A 8 6.68 6.67 2.26
CG ALY A 8 5.50 7.44 1.67
CB ALY A 8 4.87 8.41 2.67
CA ALY A 8 3.65 9.15 2.10
N ALY A 8 2.92 9.84 3.15
C ALY A 8 2.77 8.16 1.36
O ALY A 8 2.74 8.15 0.13
HH31 ALY A 8 8.43 2.37 4.14
HH32 ALY A 8 6.79 1.73 3.94
HH33 ALY A 8 8.01 1.46 2.69
HZ ALY A 8 7.75 4.58 4.29
HE3 ALY A 8 5.31 5.17 2.95
HE2 ALY A 8 6.09 6.12 4.23
HD3 ALY A 8 7.34 7.38 2.75
HD2 ALY A 8 7.22 6.18 1.47
HG3 ALY A 8 5.84 8.00 0.81
HG2 ALY A 8 4.75 6.73 1.36
HB3 ALY A 8 4.56 7.84 3.55
HB2 ALY A 8 5.62 9.13 2.97
HA ALY A 8 4.00 9.89 1.40
H ALY A 8 2.60 9.34 3.93
N ARG A 9 2.04 7.33 2.11
CA ARG A 9 1.21 6.30 1.50
C ARG A 9 2.08 5.48 0.57
N HIS A 10 2.01 5.78 -0.73
CA HIS A 10 2.84 5.11 -1.73
C HIS A 10 2.39 5.40 -3.16
N ARG A 11 3.34 5.89 -3.92
CA ARG A 11 3.16 6.22 -5.33
C ARG A 11 4.53 6.50 -5.94
N LYS A 12 5.54 6.36 -5.08
CA LYS A 12 6.94 6.56 -5.44
C LYS A 12 7.14 7.81 -6.28
N VAL A 13 6.41 8.87 -5.94
CA VAL A 13 6.54 10.15 -6.65
C VAL A 13 7.95 10.70 -6.51
N LEU A 14 8.46 11.31 -7.59
CA LEU A 14 9.80 11.87 -7.59
C LEU A 14 9.78 13.33 -7.17
N ARG A 15 9.23 13.60 -5.99
CA ARG A 15 9.15 14.96 -5.46
C ARG A 15 8.74 14.95 -4.00
N GLY B 1 13.21 -6.68 13.84
CA GLY B 1 14.32 -5.67 13.84
C GLY B 1 14.02 -4.49 12.93
N SER B 2 12.76 -4.34 12.56
CA SER B 2 12.34 -3.25 11.69
C SER B 2 11.62 -2.16 12.45
N TYR B 3 11.05 -1.24 11.69
CA TYR B 3 10.32 -0.13 12.26
C TYR B 3 9.60 0.66 11.17
N CYS B 4 8.57 1.38 11.57
CA CYS B 4 7.82 2.22 10.66
C CYS B 4 8.71 3.33 10.12
N ASP B 5 8.66 3.56 8.82
CA ASP B 5 9.47 4.60 8.20
C ASP B 5 8.96 6.00 8.59
N PHE B 6 7.92 6.02 9.43
CA PHE B 6 7.31 7.27 9.89
C PHE B 6 7.71 7.59 11.34
N CYS B 7 7.90 6.56 12.18
CA CYS B 7 8.30 6.79 13.58
C CYS B 7 9.55 6.02 13.94
N LEU B 8 9.81 4.97 13.18
CA LEU B 8 10.96 4.13 13.39
C LEU B 8 10.87 3.40 14.72
N GLY B 9 9.72 2.78 14.95
CA GLY B 9 9.50 2.02 16.17
C GLY B 9 9.66 0.53 15.95
N GLY B 10 8.56 -0.19 15.73
CA GLY B 10 8.69 -1.62 15.50
C GLY B 10 7.41 -2.41 15.70
N SER B 11 6.36 -2.03 14.99
CA SER B 11 5.09 -2.75 15.01
C SER B 11 4.36 -2.65 16.35
N ASN B 12 4.52 -3.65 17.21
CA ASN B 12 3.84 -3.64 18.50
C ASN B 12 4.33 -2.51 19.40
N MET B 13 4.95 -1.50 18.80
CA MET B 13 5.43 -0.37 19.59
C MET B 13 5.63 0.86 18.72
N ASN B 14 4.69 1.79 18.82
CA ASN B 14 4.79 3.04 18.08
C ASN B 14 5.82 3.93 18.75
N LYS B 15 6.39 4.84 18.00
CA LYS B 15 7.40 5.73 18.52
C LYS B 15 6.88 7.15 18.69
N LYS B 16 5.90 7.49 17.88
CA LYS B 16 5.28 8.80 17.93
C LYS B 16 4.08 8.82 18.86
N SER B 17 3.67 7.63 19.32
CA SER B 17 2.55 7.49 20.25
C SER B 17 2.93 6.58 21.39
N GLY B 18 3.82 5.66 21.07
CA GLY B 18 4.25 4.68 22.03
C GLY B 18 3.26 3.55 22.13
N ARG B 19 2.36 3.50 21.16
CA ARG B 19 1.34 2.46 21.14
C ARG B 19 1.61 1.35 20.15
N PRO B 20 1.15 0.15 20.51
CA PRO B 20 1.28 -1.06 19.70
C PRO B 20 0.59 -0.95 18.35
N GLU B 21 1.19 -1.60 17.35
CA GLU B 21 0.65 -1.62 16.00
C GLU B 21 1.27 -2.81 15.26
N GLU B 22 1.63 -2.60 14.00
CA GLU B 22 2.25 -3.65 13.21
C GLU B 22 2.67 -3.15 11.83
N LEU B 23 3.95 -2.78 11.76
CA LEU B 23 4.55 -2.25 10.54
C LEU B 23 4.31 -3.12 9.32
N VAL B 24 4.68 -2.56 8.18
CA VAL B 24 4.58 -3.27 6.93
C VAL B 24 5.97 -3.45 6.42
N SER B 25 6.48 -4.67 6.51
CA SER B 25 7.83 -4.95 6.07
C SER B 25 7.83 -5.45 4.64
N CYS B 26 8.54 -4.75 3.79
CA CYS B 26 8.62 -5.12 2.39
C CYS B 26 9.26 -6.50 2.23
N ALA B 27 8.77 -7.26 1.25
CA ALA B 27 9.27 -8.61 1.00
C ALA B 27 10.36 -8.64 -0.06
N ASP B 28 10.94 -7.49 -0.34
CA ASP B 28 11.98 -7.40 -1.36
C ASP B 28 13.16 -6.57 -0.85
N CYS B 29 12.88 -5.33 -0.46
CA CYS B 29 13.90 -4.42 0.04
C CYS B 29 14.02 -4.51 1.57
N GLY B 30 12.88 -4.38 2.27
CA GLY B 30 12.90 -4.50 3.73
C GLY B 30 12.45 -3.26 4.49
N ARG B 31 11.67 -2.39 3.85
CA ARG B 31 11.18 -1.18 4.52
C ARG B 31 9.88 -1.47 5.28
N SER B 32 9.78 -0.97 6.52
CA SER B 32 8.58 -1.19 7.31
C SER B 32 7.84 0.11 7.57
N GLY B 33 6.53 0.00 7.82
CA GLY B 33 5.71 1.18 8.07
C GLY B 33 4.49 0.91 8.92
N HIS B 34 4.10 1.84 9.79
CA HIS B 34 2.91 1.60 10.60
C HIS B 34 1.73 1.79 9.67
N PRO B 35 0.85 0.78 9.50
CA PRO B 35 -0.29 0.91 8.60
C PRO B 35 -1.03 2.23 8.81
N THR B 36 -1.32 2.55 10.06
CA THR B 36 -2.01 3.79 10.39
C THR B 36 -1.18 4.98 9.94
N CYS B 37 0.14 4.81 9.93
CA CYS B 37 1.04 5.87 9.51
C CYS B 37 1.06 6.01 7.99
N LEU B 38 0.93 4.89 7.28
CA LEU B 38 0.92 4.95 5.83
C LEU B 38 -0.45 5.32 5.30
N GLN B 39 -1.40 5.52 6.22
CA GLN B 39 -2.77 5.88 5.88
C GLN B 39 -3.51 4.68 5.30
N PHE B 40 -2.90 3.50 5.37
CA PHE B 40 -3.52 2.29 4.88
C PHE B 40 -4.87 2.08 5.55
N THR B 41 -5.64 1.14 5.05
CA THR B 41 -6.92 0.80 5.64
C THR B 41 -6.77 -0.52 6.37
N LEU B 42 -7.64 -0.81 7.32
CA LEU B 42 -7.54 -2.05 8.07
C LEU B 42 -7.38 -3.23 7.11
N ASN B 43 -8.21 -3.28 6.07
CA ASN B 43 -8.13 -4.36 5.09
C ASN B 43 -6.72 -4.41 4.48
N MET B 44 -6.17 -3.24 4.18
CA MET B 44 -4.83 -3.14 3.62
C MET B 44 -3.84 -3.70 4.58
N THR B 45 -3.96 -3.29 5.82
CA THR B 45 -3.08 -3.74 6.85
C THR B 45 -3.05 -5.26 6.83
N GLU B 46 -4.23 -5.86 6.94
CA GLU B 46 -4.34 -7.32 6.92
C GLU B 46 -3.75 -7.90 5.64
N ALA B 47 -4.14 -7.32 4.50
CA ALA B 47 -3.67 -7.79 3.19
C ALA B 47 -2.16 -7.81 3.13
N VAL B 48 -1.60 -6.64 3.30
CA VAL B 48 -0.18 -6.43 3.28
C VAL B 48 0.55 -7.19 4.39
N LYS B 49 -0.18 -7.55 5.43
CA LYS B 49 0.41 -8.27 6.55
C LYS B 49 0.77 -9.70 6.20
N THR B 50 -0.18 -10.35 5.55
CA THR B 50 -0.02 -11.74 5.15
C THR B 50 0.78 -11.92 3.87
N TYR B 51 0.49 -11.12 2.84
CA TYR B 51 1.20 -11.26 1.58
C TYR B 51 2.43 -10.35 1.52
N LYS B 52 2.99 -10.20 0.33
CA LYS B 52 4.21 -9.42 0.13
C LYS B 52 4.08 -7.93 0.48
N TRP B 53 3.20 -7.24 -0.24
CA TRP B 53 2.99 -5.79 -0.06
C TRP B 53 4.12 -5.02 -0.71
N GLN B 54 5.28 -5.68 -0.89
CA GLN B 54 6.48 -5.08 -1.50
C GLN B 54 6.38 -3.58 -1.53
N CYS B 55 7.05 -2.94 -0.57
CA CYS B 55 7.02 -1.48 -0.44
C CYS B 55 6.95 -0.79 -1.79
N ILE B 56 6.35 0.38 -1.76
CA ILE B 56 6.12 1.20 -2.93
C ILE B 56 7.31 1.29 -3.87
N GLU B 57 8.51 1.47 -3.34
CA GLU B 57 9.70 1.55 -4.17
C GLU B 57 9.84 0.33 -5.08
N CYS B 58 9.00 -0.67 -4.86
CA CYS B 58 9.05 -1.90 -5.64
C CYS B 58 7.66 -2.52 -5.86
N LYS B 59 6.64 -1.88 -5.33
CA LYS B 59 5.26 -2.36 -5.40
C LYS B 59 4.90 -3.06 -6.72
N SER B 60 5.44 -2.56 -7.80
CA SER B 60 5.20 -3.09 -9.16
C SER B 60 3.72 -3.39 -9.45
N CYS B 61 3.47 -3.75 -10.71
CA CYS B 61 2.13 -4.10 -11.17
C CYS B 61 1.84 -5.58 -10.93
N ILE B 62 1.05 -5.91 -9.92
CA ILE B 62 0.69 -7.31 -9.67
C ILE B 62 0.34 -7.94 -11.01
N LEU B 63 -0.17 -7.09 -11.90
CA LEU B 63 -0.57 -7.50 -13.24
C LEU B 63 0.67 -7.73 -14.11
N CYS B 64 1.51 -6.70 -14.22
CA CYS B 64 2.76 -6.80 -14.99
C CYS B 64 3.89 -7.29 -14.09
N GLY B 65 4.17 -6.49 -13.07
CA GLY B 65 5.24 -6.78 -12.16
C GLY B 65 6.51 -6.11 -12.64
N THR B 66 6.35 -4.95 -13.28
CA THR B 66 7.48 -4.24 -13.82
C THR B 66 7.52 -2.77 -13.40
N SER B 67 6.40 -2.30 -12.85
CA SER B 67 6.27 -0.92 -12.41
C SER B 67 6.67 0.06 -13.51
N GLU B 68 6.75 -0.43 -14.75
CA GLU B 68 7.11 0.42 -15.90
C GLU B 68 6.30 1.71 -15.94
N ASN B 69 5.10 1.63 -16.51
CA ASN B 69 4.22 2.78 -16.64
C ASN B 69 3.54 3.13 -15.34
N ASP B 70 4.24 2.97 -14.22
CA ASP B 70 3.71 3.27 -12.90
C ASP B 70 2.83 4.52 -12.87
N ASP B 71 3.00 5.40 -13.84
CA ASP B 71 2.18 6.60 -13.89
C ASP B 71 0.72 6.21 -14.07
N GLN B 72 0.51 4.92 -14.35
CA GLN B 72 -0.80 4.37 -14.52
C GLN B 72 -1.06 3.34 -13.44
N LEU B 73 0.00 2.89 -12.79
CA LEU B 73 -0.12 1.93 -11.74
C LEU B 73 -1.08 2.40 -10.68
N LEU B 74 -1.90 1.48 -10.26
CA LEU B 74 -2.91 1.77 -9.28
C LEU B 74 -2.59 1.04 -8.01
N PHE B 75 -2.37 1.82 -6.99
CA PHE B 75 -1.99 1.28 -5.71
C PHE B 75 -3.21 1.03 -4.85
N CYS B 76 -3.71 -0.20 -4.88
CA CYS B 76 -4.85 -0.53 -4.05
C CYS B 76 -4.46 -0.22 -2.64
N ASP B 77 -5.02 0.79 -2.04
CA ASP B 77 -4.63 1.08 -0.67
C ASP B 77 -5.39 0.17 0.29
N ASP B 78 -5.63 -1.06 -0.17
CA ASP B 78 -6.32 -2.08 0.61
C ASP B 78 -5.51 -3.38 0.57
N CYS B 79 -4.35 -3.32 -0.10
CA CYS B 79 -3.41 -4.44 -0.19
C CYS B 79 -2.08 -3.93 -0.71
N ASP B 80 -2.16 -2.81 -1.44
CA ASP B 80 -1.00 -2.15 -2.05
C ASP B 80 -0.75 -2.72 -3.45
N ARG B 81 -1.56 -3.70 -3.85
CA ARG B 81 -1.46 -4.31 -5.16
C ARG B 81 -1.53 -3.25 -6.26
N GLY B 82 -0.46 -3.11 -7.04
CA GLY B 82 -0.45 -2.11 -8.09
C GLY B 82 -0.84 -2.65 -9.45
N TYR B 83 -1.76 -1.96 -10.12
CA TYR B 83 -2.19 -2.34 -11.46
C TYR B 83 -2.21 -1.12 -12.34
N HIS B 84 -1.59 -1.16 -13.49
CA HIS B 84 -1.65 0.00 -14.36
C HIS B 84 -3.12 0.13 -14.74
N MET B 85 -3.80 1.23 -14.38
CA MET B 85 -5.24 1.38 -14.68
C MET B 85 -5.66 0.66 -15.94
N TYR B 86 -4.77 0.53 -16.89
CA TYR B 86 -5.10 -0.16 -18.11
C TYR B 86 -4.62 -1.59 -18.06
N CYS B 87 -4.55 -2.15 -16.86
CA CYS B 87 -4.12 -3.53 -16.68
C CYS B 87 -5.22 -4.30 -16.02
N LEU B 88 -6.02 -3.57 -15.27
CA LEU B 88 -7.10 -4.14 -14.51
C LEU B 88 -8.06 -4.93 -15.41
N ASN B 89 -9.06 -5.53 -14.78
CA ASN B 89 -10.08 -6.28 -15.49
C ASN B 89 -11.12 -5.32 -15.99
N PRO B 90 -11.52 -4.37 -15.12
CA PRO B 90 -12.42 -3.31 -15.44
C PRO B 90 -11.70 -1.97 -15.37
N PRO B 91 -10.60 -1.85 -16.16
CA PRO B 91 -9.72 -0.70 -16.22
C PRO B 91 -10.37 0.64 -15.90
N VAL B 92 -9.53 1.54 -15.39
CA VAL B 92 -9.94 2.88 -15.02
C VAL B 92 -9.05 3.86 -15.78
N ALA B 93 -9.36 5.13 -15.69
CA ALA B 93 -8.60 6.13 -16.43
C ALA B 93 -7.55 6.86 -15.59
N GLU B 94 -7.89 7.19 -14.35
CA GLU B 94 -6.97 7.94 -13.47
C GLU B 94 -7.44 7.92 -12.02
N PRO B 95 -8.70 8.31 -11.81
CA PRO B 95 -9.41 8.36 -10.55
C PRO B 95 -8.69 7.75 -9.34
N PRO B 96 -8.32 6.44 -9.37
CA PRO B 96 -7.66 5.81 -8.24
C PRO B 96 -6.23 6.27 -8.02
N GLU B 97 -6.06 7.52 -7.59
CA GLU B 97 -4.74 8.07 -7.33
C GLU B 97 -4.33 7.83 -5.89
N GLY B 98 -5.25 7.27 -5.11
CA GLY B 98 -5.00 7.00 -3.71
C GLY B 98 -5.81 5.84 -3.19
N SER B 99 -7.12 5.99 -3.25
CA SER B 99 -8.03 4.96 -2.77
C SER B 99 -7.89 3.67 -3.59
N TRP B 100 -8.95 3.32 -4.34
CA TRP B 100 -8.94 2.11 -5.15
C TRP B 100 -8.89 0.89 -4.27
N SER B 101 -9.28 -0.23 -4.82
CA SER B 101 -9.32 -1.47 -4.04
C SER B 101 -8.71 -2.68 -4.72
N CYS B 102 -8.33 -2.57 -5.98
CA CYS B 102 -7.79 -3.71 -6.73
C CYS B 102 -8.88 -4.74 -6.92
N HIS B 103 -8.72 -5.66 -7.87
CA HIS B 103 -9.74 -6.65 -8.11
C HIS B 103 -9.85 -7.61 -6.94
N LEU B 104 -8.73 -7.87 -6.30
CA LEU B 104 -8.70 -8.80 -5.18
C LEU B 104 -9.70 -8.42 -4.11
N CYS B 105 -9.78 -7.13 -3.85
CA CYS B 105 -10.61 -6.61 -2.75
C CYS B 105 -12.11 -6.72 -2.88
N TRP B 106 -12.67 -6.02 -3.84
CA TRP B 106 -14.10 -6.03 -4.00
C TRP B 106 -14.59 -7.37 -4.45
N GLU B 107 -13.78 -8.07 -5.22
CA GLU B 107 -14.15 -9.41 -5.63
C GLU B 107 -14.17 -10.28 -4.40
N LEU B 108 -13.29 -9.92 -3.46
CA LEU B 108 -13.18 -10.58 -2.17
C LEU B 108 -14.41 -10.22 -1.36
N LEU B 109 -14.93 -9.05 -1.68
CA LEU B 109 -16.11 -8.50 -1.06
C LEU B 109 -17.32 -9.31 -1.50
N LYS B 110 -17.44 -9.42 -2.81
CA LYS B 110 -18.50 -10.17 -3.45
C LYS B 110 -18.47 -11.62 -3.01
N GLU B 111 -17.26 -12.11 -2.73
CA GLU B 111 -17.08 -13.49 -2.31
C GLU B 111 -17.32 -13.70 -0.83
N LYS B 112 -16.77 -12.83 0.02
CA LYS B 112 -16.93 -12.97 1.45
C LYS B 112 -18.34 -12.63 1.90
N ALA B 113 -18.97 -11.68 1.22
CA ALA B 113 -20.33 -11.24 1.55
C ALA B 113 -21.31 -12.40 1.48
N SER B 114 -22.57 -12.11 1.77
CA SER B 114 -23.62 -13.11 1.74
C SER B 114 -24.99 -12.48 1.95
ZN ZN C . 4.68 5.12 12.60
ZN ZN D . 10.37 -2.98 -1.49
ZN ZN E . -6.87 -4.73 -2.56
ZN ZN F . 0.58 -3.34 -15.61
N GLY A 1 -0.02 23.37 14.54
CA GLY A 1 -0.87 23.08 13.36
C GLY A 1 -0.94 21.60 13.04
N LEU A 2 -0.38 21.22 11.90
CA LEU A 2 -0.38 19.82 11.48
C LEU A 2 0.83 19.09 12.05
N GLY A 3 0.69 17.77 12.20
CA GLY A 3 1.79 16.98 12.74
C GLY A 3 1.48 15.50 12.74
N LYS A 4 0.67 15.08 13.72
CA LYS A 4 0.31 13.66 13.84
C LYS A 4 -0.59 13.23 12.69
N GLY A 5 -0.46 11.97 12.29
CA GLY A 5 -1.27 11.46 11.19
C GLY A 5 -0.43 10.74 10.15
N GLY A 6 -0.84 10.85 8.89
CA GLY A 6 -0.12 10.21 7.82
C GLY A 6 0.97 11.10 7.24
N ALA A 7 1.81 10.52 6.38
CA ALA A 7 2.90 11.28 5.77
C ALA A 7 3.07 10.91 4.30
OH ALY A 8 5.63 3.90 1.61
CH ALY A 8 6.70 3.63 2.15
CH3 ALY A 8 7.07 2.16 2.32
NZ ALY A 8 7.33 4.53 2.91
CE ALY A 8 6.61 5.63 3.56
CD ALY A 8 6.29 6.76 2.60
CG ALY A 8 5.80 8.00 3.33
CB ALY A 8 5.12 8.98 2.39
CA ALY A 8 3.63 9.18 2.68
N ALY A 8 3.43 9.65 4.04
C ALY A 8 2.87 7.87 2.43
O ALY A 8 3.19 6.85 3.03
HH31 ALY A 8 8.14 2.08 2.45
HH32 ALY A 8 6.58 1.76 3.19
HH33 ALY A 8 6.78 1.61 1.44
HZ ALY A 8 8.17 4.26 3.32
HE3 ALY A 8 5.68 5.25 3.97
HE2 ALY A 8 7.22 6.02 4.36
HD3 ALY A 8 7.18 7.01 2.04
HD2 ALY A 8 5.52 6.44 1.91
HG3 ALY A 8 5.09 7.69 4.09
HG2 ALY A 8 6.64 8.49 3.80
HB3 ALY A 8 5.61 9.94 2.49
HB2 ALY A 8 5.24 8.64 1.38
HA ALY A 8 3.23 9.92 2.01
H ALY A 8 3.56 9.03 4.79
N ARG A 9 1.89 7.91 1.54
CA ARG A 9 1.13 6.72 1.20
C ARG A 9 2.00 5.80 0.35
N HIS A 10 1.84 5.90 -0.96
CA HIS A 10 2.63 5.11 -1.90
C HIS A 10 2.11 5.26 -3.33
N ARG A 11 2.96 5.82 -4.17
CA ARG A 11 2.63 6.04 -5.56
C ARG A 11 3.87 5.82 -6.41
N LYS A 12 5.02 5.94 -5.76
CA LYS A 12 6.29 5.71 -6.43
C LYS A 12 6.55 6.70 -7.55
N VAL A 13 7.67 7.41 -7.46
CA VAL A 13 8.04 8.39 -8.47
C VAL A 13 9.50 8.18 -8.90
N LEU A 14 10.05 7.04 -8.50
CA LEU A 14 11.43 6.70 -8.83
C LEU A 14 12.39 7.79 -8.35
N ARG A 15 11.95 8.54 -7.33
CA ARG A 15 12.76 9.60 -6.76
C ARG A 15 13.20 10.60 -7.84
N GLY B 1 16.02 -5.94 12.92
CA GLY B 1 14.73 -5.35 13.37
C GLY B 1 14.31 -4.17 12.52
N SER B 2 13.04 -4.15 12.12
CA SER B 2 12.51 -3.08 11.29
C SER B 2 11.83 -2.01 12.12
N TYR B 3 11.14 -1.11 11.42
CA TYR B 3 10.44 -0.03 12.05
C TYR B 3 9.66 0.76 11.01
N CYS B 4 8.62 1.42 11.45
CA CYS B 4 7.83 2.27 10.57
C CYS B 4 8.72 3.35 9.98
N ASP B 5 8.60 3.59 8.68
CA ASP B 5 9.41 4.62 8.03
C ASP B 5 8.93 6.02 8.41
N PHE B 6 7.93 6.06 9.29
CA PHE B 6 7.34 7.32 9.74
C PHE B 6 7.77 7.65 11.18
N CYS B 7 8.01 6.65 12.02
CA CYS B 7 8.44 6.90 13.41
C CYS B 7 9.71 6.13 13.74
N LEU B 8 9.95 5.09 12.97
CA LEU B 8 11.12 4.26 13.15
C LEU B 8 11.09 3.53 14.49
N GLY B 9 9.95 2.92 14.78
CA GLY B 9 9.80 2.18 16.02
C GLY B 9 9.97 0.68 15.81
N GLY B 10 8.87 -0.02 15.54
CA GLY B 10 8.98 -1.45 15.34
C GLY B 10 7.67 -2.20 15.43
N SER B 11 6.69 -1.73 14.65
CA SER B 11 5.39 -2.37 14.55
C SER B 11 4.61 -2.37 15.87
N ASN B 12 4.82 -3.40 16.70
CA ASN B 12 4.14 -3.51 18.00
C ASN B 12 4.70 -2.50 19.00
N MET B 13 5.26 -1.42 18.47
CA MET B 13 5.82 -0.38 19.33
C MET B 13 5.97 0.93 18.56
N ASN B 14 4.97 1.78 18.66
CA ASN B 14 5.03 3.08 17.99
C ASN B 14 6.03 3.97 18.69
N LYS B 15 6.61 4.88 17.94
CA LYS B 15 7.61 5.77 18.47
C LYS B 15 7.06 7.17 18.69
N LYS B 16 6.06 7.52 17.89
CA LYS B 16 5.43 8.82 17.98
C LYS B 16 4.20 8.78 18.90
N SER B 17 3.84 7.57 19.36
CA SER B 17 2.71 7.39 20.26
C SER B 17 3.09 6.48 21.39
N GLY B 18 4.06 5.63 21.11
CA GLY B 18 4.49 4.67 22.08
C GLY B 18 3.51 3.54 22.18
N ARG B 19 2.65 3.42 21.16
CA ARG B 19 1.65 2.37 21.15
C ARG B 19 1.93 1.28 20.13
N PRO B 20 1.50 0.08 20.48
CA PRO B 20 1.65 -1.10 19.63
C PRO B 20 0.89 -0.98 18.32
N GLU B 21 1.42 -1.65 17.30
CA GLU B 21 0.80 -1.66 15.97
C GLU B 21 1.30 -2.89 15.21
N GLU B 22 1.61 -2.71 13.95
CA GLU B 22 2.11 -3.80 13.12
C GLU B 22 2.55 -3.31 11.76
N LEU B 23 3.84 -3.09 11.71
CA LEU B 23 4.56 -2.61 10.54
C LEU B 23 4.25 -3.33 9.25
N VAL B 24 4.65 -2.66 8.17
CA VAL B 24 4.52 -3.21 6.84
C VAL B 24 5.91 -3.27 6.26
N SER B 25 6.46 -4.46 6.14
CA SER B 25 7.82 -4.63 5.64
C SER B 25 7.84 -5.04 4.18
N CYS B 26 8.69 -4.41 3.38
CA CYS B 26 8.78 -4.75 1.96
C CYS B 26 9.32 -6.16 1.80
N ALA B 27 8.80 -6.88 0.82
CA ALA B 27 9.21 -8.25 0.55
C ALA B 27 10.63 -8.30 0.01
N ASP B 28 11.29 -7.15 -0.06
CA ASP B 28 12.65 -7.09 -0.58
C ASP B 28 13.51 -6.10 0.19
N CYS B 29 13.03 -4.86 0.29
CA CYS B 29 13.77 -3.81 0.98
C CYS B 29 13.78 -4.01 2.48
N GLY B 30 12.70 -4.57 2.99
CA GLY B 30 12.59 -4.78 4.42
C GLY B 30 12.07 -3.53 5.11
N ARG B 31 11.86 -2.47 4.33
CA ARG B 31 11.35 -1.21 4.85
C ARG B 31 9.99 -1.43 5.48
N SER B 32 9.81 -0.97 6.71
CA SER B 32 8.54 -1.16 7.37
C SER B 32 7.81 0.15 7.61
N GLY B 33 6.52 0.03 7.91
CA GLY B 33 5.71 1.21 8.16
C GLY B 33 4.52 0.94 9.06
N HIS B 34 4.09 1.91 9.84
CA HIS B 34 2.92 1.69 10.68
C HIS B 34 1.71 1.89 9.79
N PRO B 35 0.82 0.89 9.63
CA PRO B 35 -0.34 1.05 8.75
C PRO B 35 -1.06 2.37 8.99
N THR B 36 -1.31 2.70 10.25
CA THR B 36 -1.97 3.95 10.60
C THR B 36 -1.16 5.14 10.11
N CYS B 37 0.16 4.94 10.04
CA CYS B 37 1.06 5.99 9.58
C CYS B 37 1.03 6.12 8.07
N LEU B 38 0.88 5.00 7.37
CA LEU B 38 0.83 5.04 5.91
C LEU B 38 -0.56 5.43 5.41
N GLN B 39 -1.49 5.66 6.35
CA GLN B 39 -2.86 6.02 6.01
C GLN B 39 -3.61 4.83 5.43
N PHE B 40 -3.04 3.65 5.60
CA PHE B 40 -3.63 2.41 5.10
C PHE B 40 -5.02 2.21 5.69
N THR B 41 -5.62 1.08 5.35
CA THR B 41 -6.93 0.71 5.86
C THR B 41 -6.85 -0.64 6.56
N LEU B 42 -7.91 -1.06 7.21
CA LEU B 42 -7.89 -2.34 7.91
C LEU B 42 -7.67 -3.50 6.94
N ASN B 43 -8.32 -3.43 5.78
CA ASN B 43 -8.18 -4.50 4.79
C ASN B 43 -6.75 -4.55 4.24
N MET B 44 -6.21 -3.40 3.82
CA MET B 44 -4.83 -3.36 3.32
C MET B 44 -3.90 -3.87 4.38
N THR B 45 -4.01 -3.30 5.56
CA THR B 45 -3.18 -3.68 6.66
C THR B 45 -3.25 -5.19 6.78
N GLU B 46 -4.47 -5.69 6.82
CA GLU B 46 -4.73 -7.11 6.92
C GLU B 46 -4.00 -7.90 5.82
N ALA B 47 -4.18 -7.44 4.58
CA ALA B 47 -3.58 -8.08 3.42
C ALA B 47 -2.06 -8.08 3.51
N VAL B 48 -1.55 -6.87 3.53
CA VAL B 48 -0.13 -6.62 3.61
C VAL B 48 0.52 -7.32 4.80
N LYS B 49 -0.32 -7.70 5.77
CA LYS B 49 0.17 -8.38 6.95
C LYS B 49 0.51 -9.83 6.67
N THR B 50 -0.40 -10.49 5.96
CA THR B 50 -0.25 -11.91 5.63
C THR B 50 0.57 -12.17 4.36
N TYR B 51 0.17 -11.58 3.23
CA TYR B 51 0.87 -11.84 1.97
C TYR B 51 2.04 -10.86 1.74
N LYS B 52 2.50 -10.79 0.50
CA LYS B 52 3.61 -9.92 0.14
C LYS B 52 3.12 -8.53 -0.22
N TRP B 53 3.40 -7.58 0.67
CA TRP B 53 3.00 -6.20 0.49
C TRP B 53 3.91 -5.47 -0.47
N GLN B 54 5.22 -5.68 -0.31
CA GLN B 54 6.21 -5.04 -1.17
C GLN B 54 6.05 -3.53 -1.16
N CYS B 55 7.05 -2.83 -0.63
CA CYS B 55 6.99 -1.37 -0.56
C CYS B 55 6.60 -0.78 -1.90
N ILE B 56 6.18 0.45 -1.86
CA ILE B 56 5.75 1.18 -3.04
C ILE B 56 6.75 1.05 -4.18
N GLU B 57 8.00 1.36 -3.93
CA GLU B 57 9.02 1.27 -4.97
C GLU B 57 9.02 -0.12 -5.63
N CYS B 58 8.48 -1.11 -4.92
CA CYS B 58 8.43 -2.48 -5.42
C CYS B 58 6.99 -2.98 -5.59
N LYS B 59 6.04 -2.10 -5.36
CA LYS B 59 4.63 -2.47 -5.44
C LYS B 59 4.28 -3.09 -6.80
N SER B 60 5.03 -2.67 -7.80
CA SER B 60 4.88 -3.13 -9.19
C SER B 60 3.44 -3.39 -9.60
N CYS B 61 3.28 -3.86 -10.82
CA CYS B 61 1.98 -4.20 -11.35
C CYS B 61 1.70 -5.69 -11.16
N ILE B 62 0.97 -6.05 -10.12
CA ILE B 62 0.61 -7.46 -9.91
C ILE B 62 0.24 -8.07 -11.25
N LEU B 63 -0.28 -7.21 -12.11
CA LEU B 63 -0.67 -7.57 -13.47
C LEU B 63 0.56 -7.79 -14.33
N CYS B 64 1.42 -6.76 -14.42
CA CYS B 64 2.67 -6.86 -15.19
C CYS B 64 3.79 -7.36 -14.29
N GLY B 65 4.06 -6.59 -13.26
CA GLY B 65 5.12 -6.88 -12.33
C GLY B 65 6.39 -6.25 -12.83
N THR B 66 6.24 -5.09 -13.46
CA THR B 66 7.37 -4.39 -14.04
C THR B 66 7.48 -2.96 -13.52
N SER B 67 6.39 -2.49 -12.92
CA SER B 67 6.33 -1.14 -12.40
C SER B 67 6.80 -0.12 -13.43
N GLU B 68 6.76 -0.51 -14.70
CA GLU B 68 7.17 0.38 -15.80
C GLU B 68 6.47 1.73 -15.75
N ASN B 69 5.38 1.86 -16.50
CA ASN B 69 4.61 3.10 -16.53
C ASN B 69 4.55 3.74 -15.16
N ASP B 70 4.20 2.91 -14.18
CA ASP B 70 4.03 3.34 -12.78
C ASP B 70 3.36 4.70 -12.64
N ASP B 71 2.92 5.25 -13.75
CA ASP B 71 2.21 6.51 -13.76
C ASP B 71 0.77 6.15 -13.96
N GLN B 72 0.58 4.89 -14.37
CA GLN B 72 -0.73 4.33 -14.57
C GLN B 72 -1.00 3.30 -13.51
N LEU B 73 0.06 2.87 -12.85
CA LEU B 73 -0.05 1.89 -11.80
C LEU B 73 -1.03 2.38 -10.76
N LEU B 74 -1.84 1.46 -10.32
CA LEU B 74 -2.87 1.75 -9.35
C LEU B 74 -2.56 1.06 -8.06
N PHE B 75 -2.44 1.87 -7.04
CA PHE B 75 -2.09 1.36 -5.74
C PHE B 75 -3.32 1.08 -4.92
N CYS B 76 -3.77 -0.17 -4.96
CA CYS B 76 -4.92 -0.53 -4.18
C CYS B 76 -4.55 -0.33 -2.73
N ASP B 77 -5.08 0.70 -2.13
CA ASP B 77 -4.74 0.97 -0.76
C ASP B 77 -5.52 0.03 0.16
N ASP B 78 -5.79 -1.18 -0.34
CA ASP B 78 -6.53 -2.17 0.41
C ASP B 78 -5.78 -3.51 0.44
N CYS B 79 -4.50 -3.46 0.05
CA CYS B 79 -3.62 -4.61 0.04
C CYS B 79 -2.29 -4.21 -0.61
N ASP B 80 -2.34 -3.08 -1.31
CA ASP B 80 -1.16 -2.49 -1.98
C ASP B 80 -0.91 -3.03 -3.38
N ARG B 81 -1.74 -3.97 -3.85
CA ARG B 81 -1.58 -4.54 -5.19
C ARG B 81 -1.65 -3.43 -6.26
N GLY B 82 -0.59 -3.31 -7.06
CA GLY B 82 -0.55 -2.26 -8.08
C GLY B 82 -0.92 -2.77 -9.46
N TYR B 83 -1.82 -2.07 -10.14
CA TYR B 83 -2.21 -2.43 -11.51
C TYR B 83 -2.21 -1.18 -12.37
N HIS B 84 -1.58 -1.21 -13.53
CA HIS B 84 -1.63 -0.03 -14.37
C HIS B 84 -3.10 0.10 -14.75
N MET B 85 -3.77 1.20 -14.39
CA MET B 85 -5.21 1.35 -14.70
C MET B 85 -5.60 0.63 -15.97
N TYR B 86 -4.71 0.62 -16.94
CA TYR B 86 -5.02 -0.01 -18.21
C TYR B 86 -4.58 -1.47 -18.19
N CYS B 87 -4.53 -2.05 -17.00
CA CYS B 87 -4.15 -3.44 -16.85
C CYS B 87 -5.26 -4.18 -16.17
N LEU B 88 -6.08 -3.42 -15.48
CA LEU B 88 -7.19 -3.98 -14.73
C LEU B 88 -8.10 -4.82 -15.62
N ASN B 89 -9.19 -5.25 -15.01
CA ASN B 89 -10.22 -6.02 -15.70
C ASN B 89 -11.20 -5.04 -16.29
N PRO B 90 -11.62 -4.05 -15.48
CA PRO B 90 -12.47 -2.98 -15.88
C PRO B 90 -11.72 -1.65 -15.77
N PRO B 91 -10.55 -1.57 -16.45
CA PRO B 91 -9.64 -0.44 -16.46
C PRO B 91 -10.25 0.90 -16.13
N VAL B 92 -9.44 1.72 -15.48
CA VAL B 92 -9.82 3.06 -15.07
C VAL B 92 -8.88 4.04 -15.77
N ALA B 93 -9.15 5.31 -15.62
CA ALA B 93 -8.35 6.33 -16.30
C ALA B 93 -7.33 7.02 -15.38
N GLU B 94 -7.73 7.33 -14.16
CA GLU B 94 -6.85 8.04 -13.23
C GLU B 94 -7.39 7.98 -11.80
N PRO B 95 -8.66 8.36 -11.62
CA PRO B 95 -9.41 8.36 -10.40
C PRO B 95 -8.72 7.72 -9.18
N PRO B 96 -8.34 6.43 -9.23
CA PRO B 96 -7.69 5.78 -8.09
C PRO B 96 -6.29 6.32 -7.79
N GLU B 97 -6.24 7.56 -7.32
CA GLU B 97 -4.98 8.21 -6.98
C GLU B 97 -4.75 8.20 -5.47
N GLY B 98 -5.76 7.69 -4.74
CA GLY B 98 -5.67 7.62 -3.30
C GLY B 98 -6.81 6.86 -2.69
N SER B 99 -7.07 5.72 -3.29
CA SER B 99 -8.13 4.83 -2.85
C SER B 99 -8.01 3.50 -3.61
N TRP B 100 -9.02 3.18 -4.41
CA TRP B 100 -9.02 1.96 -5.21
C TRP B 100 -8.98 0.73 -4.33
N SER B 101 -9.45 -0.38 -4.88
CA SER B 101 -9.47 -1.62 -4.12
C SER B 101 -9.07 -2.85 -4.94
N CYS B 102 -8.44 -2.64 -6.09
CA CYS B 102 -8.01 -3.74 -6.96
C CYS B 102 -9.09 -4.79 -7.15
N HIS B 103 -8.79 -5.85 -7.90
CA HIS B 103 -9.74 -6.91 -8.13
C HIS B 103 -9.79 -7.89 -6.96
N LEU B 104 -8.64 -8.09 -6.30
CA LEU B 104 -8.56 -9.02 -5.17
C LEU B 104 -9.52 -8.65 -4.06
N CYS B 105 -9.44 -7.40 -3.67
CA CYS B 105 -10.26 -6.89 -2.56
C CYS B 105 -11.68 -6.74 -2.95
N TRP B 106 -11.89 -6.42 -4.19
CA TRP B 106 -13.21 -6.21 -4.69
C TRP B 106 -14.00 -7.45 -4.78
N GLU B 107 -13.46 -8.43 -5.43
CA GLU B 107 -14.18 -9.66 -5.54
C GLU B 107 -14.42 -10.18 -4.14
N LEU B 108 -13.51 -9.80 -3.25
CA LEU B 108 -13.61 -10.16 -1.86
C LEU B 108 -14.68 -9.30 -1.22
N LEU B 109 -14.84 -8.11 -1.82
CA LEU B 109 -15.81 -7.12 -1.41
C LEU B 109 -17.20 -7.63 -1.68
N LYS B 110 -17.40 -7.99 -2.94
CA LYS B 110 -18.66 -8.53 -3.40
C LYS B 110 -18.97 -9.74 -2.53
N GLU B 111 -17.90 -10.39 -2.08
CA GLU B 111 -18.00 -11.53 -1.21
C GLU B 111 -18.38 -11.08 0.21
N LYS B 112 -17.89 -9.91 0.63
CA LYS B 112 -18.22 -9.39 1.93
C LYS B 112 -19.73 -9.34 2.12
N ALA B 113 -20.39 -8.70 1.16
CA ALA B 113 -21.84 -8.54 1.18
C ALA B 113 -22.53 -9.82 1.57
N SER B 114 -22.42 -10.81 0.71
CA SER B 114 -23.04 -12.12 0.94
C SER B 114 -22.49 -12.76 2.21
ZN ZN C . 4.77 5.23 12.57
ZN ZN D . 10.82 -2.41 -1.74
ZN ZN E . -6.52 -4.85 -3.06
ZN ZN F . 0.54 -3.35 -15.78
N GLY A 1 0.49 18.86 4.01
CA GLY A 1 0.26 19.38 2.64
C GLY A 1 1.35 18.98 1.66
N LEU A 2 2.04 19.98 1.10
CA LEU A 2 3.11 19.72 0.15
C LEU A 2 4.34 19.18 0.87
N GLY A 3 4.76 19.88 1.92
CA GLY A 3 5.93 19.46 2.68
C GLY A 3 5.55 18.84 4.01
N LYS A 4 5.63 17.51 4.10
CA LYS A 4 5.30 16.78 5.31
C LYS A 4 3.82 16.92 5.67
N GLY A 5 3.26 15.87 6.24
CA GLY A 5 1.86 15.89 6.63
C GLY A 5 0.93 15.61 5.46
N GLY A 6 1.35 14.71 4.58
CA GLY A 6 0.55 14.36 3.43
C GLY A 6 0.64 12.89 3.08
N ALA A 7 1.48 12.15 3.81
CA ALA A 7 1.67 10.73 3.58
C ALA A 7 2.30 10.46 2.22
OH ALY A 8 6.21 3.42 1.33
CH ALY A 8 7.10 3.37 2.18
CH3 ALY A 8 7.53 1.99 2.69
NZ ALY A 8 7.40 4.43 2.92
CE ALY A 8 6.42 5.49 3.17
CD ALY A 8 6.51 6.61 2.15
CG ALY A 8 5.36 7.59 2.31
CB ALY A 8 5.47 8.74 1.32
CA ALY A 8 4.13 9.41 0.99
N ALY A 8 3.41 9.74 2.22
C ALY A 8 3.29 8.49 0.10
O ALY A 8 3.12 8.74 -1.08
HH31 ALY A 8 8.56 2.03 3.00
HH32 ALY A 8 6.90 1.71 3.53
HH33 ALY A 8 7.42 1.26 1.89
HZ ALY A 8 8.12 4.33 3.57
HE3 ALY A 8 5.43 5.05 3.15
HE2 ALY A 8 6.62 5.90 4.15
HD3 ALY A 8 7.45 7.14 2.29
HD2 ALY A 8 6.48 6.18 1.16
HG3 ALY A 8 4.43 7.07 2.14
HG2 ALY A 8 5.38 7.99 3.31
HB3 ALY A 8 6.14 9.48 1.73
HB2 ALY A 8 5.90 8.36 0.40
HA ALY A 8 4.31 10.32 0.46
H ALY A 8 3.77 9.43 3.08
N ARG A 9 2.78 7.41 0.69
CA ARG A 9 1.96 6.45 -0.03
C ARG A 9 2.73 5.84 -1.19
N HIS A 10 2.13 4.82 -1.81
CA HIS A 10 2.74 4.13 -2.93
C HIS A 10 2.55 4.91 -4.24
N ARG A 11 3.65 5.29 -4.85
CA ARG A 11 3.62 6.00 -6.11
C ARG A 11 4.97 5.87 -6.84
N LYS A 12 6.05 5.86 -6.05
CA LYS A 12 7.42 5.75 -6.57
C LYS A 12 7.67 6.65 -7.78
N VAL A 13 8.81 6.44 -8.44
CA VAL A 13 9.21 7.22 -9.61
C VAL A 13 8.92 8.71 -9.45
N LEU A 14 8.88 9.43 -10.56
CA LEU A 14 8.61 10.86 -10.53
C LEU A 14 7.17 11.15 -10.95
N ARG A 15 6.89 12.43 -11.21
CA ARG A 15 5.54 12.84 -11.62
C ARG A 15 5.22 12.31 -13.01
N GLY B 1 14.72 -5.61 14.59
CA GLY B 1 13.85 -5.99 13.43
C GLY B 1 13.60 -4.82 12.50
N SER B 2 12.44 -4.21 12.63
CA SER B 2 12.08 -3.07 11.77
C SER B 2 11.42 -1.96 12.56
N TYR B 3 10.97 -0.96 11.82
CA TYR B 3 10.30 0.19 12.40
C TYR B 3 9.56 0.95 11.30
N CYS B 4 8.48 1.60 11.67
CA CYS B 4 7.72 2.38 10.71
C CYS B 4 8.60 3.46 10.11
N ASP B 5 8.63 3.53 8.79
CA ASP B 5 9.45 4.53 8.10
C ASP B 5 8.95 5.96 8.42
N PHE B 6 7.92 6.06 9.25
CA PHE B 6 7.34 7.35 9.63
C PHE B 6 7.70 7.75 11.06
N CYS B 7 7.89 6.77 11.97
CA CYS B 7 8.25 7.09 13.36
C CYS B 7 9.52 6.38 13.77
N LEU B 8 9.81 5.30 13.06
CA LEU B 8 10.97 4.51 13.31
C LEU B 8 10.91 3.84 14.68
N GLY B 9 9.72 3.37 15.02
CA GLY B 9 9.52 2.70 16.29
C GLY B 9 9.53 1.19 16.13
N GLY B 10 8.38 0.64 15.73
CA GLY B 10 8.29 -0.79 15.53
C GLY B 10 6.86 -1.26 15.61
N SER B 11 6.66 -2.56 15.41
CA SER B 11 5.34 -3.12 15.48
C SER B 11 4.93 -3.23 16.92
N ASN B 12 3.63 -3.37 17.14
CA ASN B 12 3.07 -3.44 18.48
C ASN B 12 3.67 -2.36 19.37
N MET B 13 4.14 -1.27 18.74
CA MET B 13 4.74 -0.16 19.44
C MET B 13 4.90 1.06 18.55
N ASN B 14 4.00 2.02 18.67
CA ASN B 14 4.07 3.23 17.87
C ASN B 14 4.87 4.29 18.62
N LYS B 15 5.78 4.93 17.91
CA LYS B 15 6.64 5.95 18.47
C LYS B 15 5.97 7.31 18.57
N LYS B 16 5.18 7.64 17.57
CA LYS B 16 4.50 8.92 17.52
C LYS B 16 3.06 8.82 18.03
N SER B 17 2.66 7.62 18.45
CA SER B 17 1.32 7.41 18.98
C SER B 17 1.40 6.78 20.36
N GLY B 18 2.59 6.37 20.74
CA GLY B 18 2.83 5.77 22.04
C GLY B 18 1.97 4.55 22.32
N ARG B 19 1.41 3.98 21.27
CA ARG B 19 0.58 2.79 21.43
C ARG B 19 0.90 1.73 20.37
N PRO B 20 0.54 0.48 20.69
CA PRO B 20 0.78 -0.70 19.84
C PRO B 20 0.17 -0.61 18.44
N GLU B 21 0.73 -1.40 17.53
CA GLU B 21 0.28 -1.47 16.14
C GLU B 21 0.92 -2.68 15.47
N GLU B 22 1.32 -2.51 14.20
CA GLU B 22 1.97 -3.59 13.45
C GLU B 22 2.41 -3.11 12.08
N LEU B 23 3.68 -2.76 12.01
CA LEU B 23 4.33 -2.25 10.80
C LEU B 23 4.08 -3.05 9.55
N VAL B 24 4.53 -2.49 8.43
CA VAL B 24 4.46 -3.13 7.15
C VAL B 24 5.86 -3.30 6.64
N SER B 25 6.35 -4.52 6.62
CA SER B 25 7.70 -4.79 6.17
C SER B 25 7.70 -5.14 4.69
N CYS B 26 8.48 -4.41 3.90
CA CYS B 26 8.55 -4.68 2.48
C CYS B 26 8.91 -6.13 2.26
N ALA B 27 8.30 -6.74 1.25
CA ALA B 27 8.55 -8.14 0.96
C ALA B 27 9.86 -8.31 0.19
N ASP B 28 10.72 -7.31 0.31
CA ASP B 28 12.02 -7.34 -0.35
C ASP B 28 13.07 -6.68 0.52
N CYS B 29 12.88 -5.39 0.77
CA CYS B 29 13.80 -4.60 1.59
C CYS B 29 13.76 -5.03 3.05
N GLY B 30 12.56 -4.95 3.62
CA GLY B 30 12.37 -5.28 5.02
C GLY B 30 12.01 -4.05 5.82
N ARG B 31 11.85 -2.92 5.12
CA ARG B 31 11.49 -1.66 5.76
C ARG B 31 10.05 -1.70 6.23
N SER B 32 9.79 -1.10 7.39
CA SER B 32 8.45 -1.12 7.93
C SER B 32 7.75 0.22 7.82
N GLY B 33 6.44 0.16 8.07
CA GLY B 33 5.60 1.35 8.10
C GLY B 33 4.40 1.12 8.99
N HIS B 34 3.99 2.10 9.79
CA HIS B 34 2.81 1.87 10.60
C HIS B 34 1.61 1.99 9.69
N PRO B 35 0.77 0.95 9.55
CA PRO B 35 -0.37 1.03 8.65
C PRO B 35 -1.15 2.34 8.81
N THR B 36 -1.34 2.77 10.05
CA THR B 36 -2.05 4.01 10.30
C THR B 36 -1.24 5.19 9.77
N CYS B 37 0.08 5.05 9.81
CA CYS B 37 0.99 6.09 9.33
C CYS B 37 0.96 6.16 7.82
N LEU B 38 0.78 5.01 7.16
CA LEU B 38 0.72 5.00 5.70
C LEU B 38 -0.68 5.34 5.22
N GLN B 39 -1.60 5.50 6.17
CA GLN B 39 -3.00 5.84 5.87
C GLN B 39 -3.72 4.64 5.28
N PHE B 40 -3.18 3.44 5.51
CA PHE B 40 -3.79 2.22 5.02
C PHE B 40 -5.17 2.00 5.63
N THR B 41 -5.68 0.78 5.50
CA THR B 41 -6.95 0.40 6.05
C THR B 41 -6.82 -0.96 6.73
N LEU B 42 -7.85 -1.41 7.43
CA LEU B 42 -7.78 -2.70 8.11
C LEU B 42 -7.50 -3.82 7.11
N ASN B 43 -8.15 -3.76 5.95
CA ASN B 43 -7.96 -4.79 4.93
C ASN B 43 -6.55 -4.71 4.36
N MET B 44 -6.06 -3.50 4.11
CA MET B 44 -4.69 -3.32 3.60
C MET B 44 -3.73 -3.90 4.58
N THR B 45 -3.85 -3.40 5.79
CA THR B 45 -2.99 -3.82 6.86
C THR B 45 -2.99 -5.32 6.91
N GLU B 46 -4.19 -5.87 6.98
CA GLU B 46 -4.39 -7.32 7.02
C GLU B 46 -3.67 -8.01 5.85
N ALA B 47 -3.93 -7.53 4.65
CA ALA B 47 -3.35 -8.09 3.43
C ALA B 47 -1.84 -8.05 3.46
N VAL B 48 -1.33 -6.84 3.55
CA VAL B 48 0.09 -6.58 3.59
C VAL B 48 0.77 -7.26 4.75
N LYS B 49 0.00 -7.62 5.75
CA LYS B 49 0.55 -8.28 6.92
C LYS B 49 0.99 -9.69 6.59
N THR B 50 0.13 -10.39 5.87
CA THR B 50 0.37 -11.78 5.49
C THR B 50 1.12 -11.97 4.17
N TYR B 51 0.67 -11.34 3.08
CA TYR B 51 1.30 -11.54 1.79
C TYR B 51 2.39 -10.50 1.46
N LYS B 52 2.79 -10.46 0.20
CA LYS B 52 3.84 -9.55 -0.27
C LYS B 52 3.29 -8.15 -0.48
N TRP B 53 3.65 -7.24 0.41
CA TRP B 53 3.18 -5.87 0.32
C TRP B 53 4.13 -5.03 -0.53
N GLN B 54 5.41 -5.42 -0.56
CA GLN B 54 6.44 -4.73 -1.35
C GLN B 54 6.38 -3.21 -1.18
N CYS B 55 7.36 -2.64 -0.48
CA CYS B 55 7.38 -1.20 -0.31
C CYS B 55 7.19 -0.55 -1.66
N ILE B 56 6.78 0.70 -1.65
CA ILE B 56 6.53 1.39 -2.88
C ILE B 56 7.74 1.36 -3.83
N GLU B 57 8.91 1.66 -3.31
CA GLU B 57 10.12 1.65 -4.12
C GLU B 57 10.27 0.33 -4.88
N CYS B 58 9.56 -0.70 -4.43
CA CYS B 58 9.62 -2.02 -5.07
C CYS B 58 8.39 -2.28 -5.93
N LYS B 59 7.34 -1.48 -5.71
CA LYS B 59 6.09 -1.60 -6.43
C LYS B 59 6.22 -2.10 -7.87
N SER B 60 5.14 -2.73 -8.31
CA SER B 60 5.01 -3.22 -9.67
C SER B 60 3.56 -3.51 -9.91
N CYS B 61 3.29 -4.00 -11.09
CA CYS B 61 1.97 -4.32 -11.51
C CYS B 61 1.66 -5.81 -11.36
N ILE B 62 0.88 -6.17 -10.35
CA ILE B 62 0.48 -7.56 -10.17
C ILE B 62 0.06 -8.11 -11.53
N LEU B 63 -0.53 -7.22 -12.32
CA LEU B 63 -1.02 -7.54 -13.64
C LEU B 63 0.10 -7.89 -14.60
N CYS B 64 0.98 -6.94 -14.90
CA CYS B 64 2.08 -7.21 -15.81
C CYS B 64 3.42 -7.42 -15.08
N GLY B 65 3.60 -6.76 -13.91
CA GLY B 65 4.80 -6.98 -13.12
C GLY B 65 6.03 -6.41 -13.75
N THR B 66 5.97 -5.15 -14.09
CA THR B 66 7.09 -4.49 -14.71
C THR B 66 7.23 -3.05 -14.22
N SER B 67 6.16 -2.54 -13.64
CA SER B 67 6.15 -1.18 -13.12
C SER B 67 6.49 -0.17 -14.22
N GLU B 68 6.51 -0.65 -15.47
CA GLU B 68 6.83 0.20 -16.63
C GLU B 68 6.23 1.58 -16.51
N ASN B 69 4.90 1.64 -16.58
CA ASN B 69 4.21 2.91 -16.52
C ASN B 69 3.55 3.17 -15.16
N ASP B 70 4.30 2.97 -14.08
CA ASP B 70 3.79 3.23 -12.73
C ASP B 70 2.96 4.50 -12.67
N ASP B 71 3.12 5.37 -13.65
CA ASP B 71 2.35 6.61 -13.70
C ASP B 71 0.88 6.25 -13.85
N GLN B 72 0.62 4.97 -14.13
CA GLN B 72 -0.71 4.45 -14.29
C GLN B 72 -0.97 3.38 -13.25
N LEU B 73 0.11 2.84 -12.70
CA LEU B 73 -0.02 1.82 -11.70
C LEU B 73 -0.95 2.29 -10.62
N LEU B 74 -1.83 1.40 -10.24
CA LEU B 74 -2.83 1.69 -9.25
C LEU B 74 -2.52 0.94 -7.99
N PHE B 75 -2.26 1.71 -6.96
CA PHE B 75 -1.91 1.16 -5.68
C PHE B 75 -3.15 0.92 -4.86
N CYS B 76 -3.65 -0.30 -4.92
CA CYS B 76 -4.82 -0.64 -4.15
C CYS B 76 -4.50 -0.41 -2.70
N ASP B 77 -5.04 0.64 -2.14
CA ASP B 77 -4.74 0.93 -0.75
C ASP B 77 -5.56 0.00 0.17
N ASP B 78 -5.62 -1.28 -0.21
CA ASP B 78 -6.37 -2.30 0.54
C ASP B 78 -5.61 -3.63 0.60
N CYS B 79 -4.44 -3.67 -0.02
CA CYS B 79 -3.58 -4.83 -0.04
C CYS B 79 -2.27 -4.44 -0.70
N ASP B 80 -2.35 -3.37 -1.49
CA ASP B 80 -1.20 -2.77 -2.17
C ASP B 80 -0.90 -3.37 -3.54
N ARG B 81 -1.81 -4.16 -4.08
CA ARG B 81 -1.64 -4.73 -5.42
C ARG B 81 -1.69 -3.62 -6.48
N GLY B 82 -0.56 -3.39 -7.15
CA GLY B 82 -0.51 -2.33 -8.17
C GLY B 82 -0.91 -2.81 -9.55
N TYR B 83 -1.80 -2.05 -10.20
CA TYR B 83 -2.25 -2.37 -11.56
C TYR B 83 -2.24 -1.12 -12.39
N HIS B 84 -1.64 -1.15 -13.55
CA HIS B 84 -1.68 0.04 -14.38
C HIS B 84 -3.15 0.25 -14.72
N MET B 85 -3.75 1.39 -14.37
CA MET B 85 -5.18 1.60 -14.67
C MET B 85 -5.59 0.98 -15.99
N TYR B 86 -4.66 0.84 -16.89
CA TYR B 86 -4.97 0.26 -18.18
C TYR B 86 -4.48 -1.18 -18.25
N CYS B 87 -4.45 -1.84 -17.09
CA CYS B 87 -4.03 -3.23 -17.02
C CYS B 87 -5.17 -4.02 -16.41
N LEU B 88 -5.96 -3.30 -15.61
CA LEU B 88 -7.09 -3.89 -14.91
C LEU B 88 -8.04 -4.63 -15.85
N ASN B 89 -9.07 -5.24 -15.26
CA ASN B 89 -10.08 -5.95 -16.02
C ASN B 89 -11.10 -4.95 -16.48
N PRO B 90 -11.50 -4.04 -15.56
CA PRO B 90 -12.39 -2.96 -15.85
C PRO B 90 -11.65 -1.63 -15.69
N PRO B 91 -10.55 -1.49 -16.46
CA PRO B 91 -9.65 -0.35 -16.44
C PRO B 91 -10.27 0.98 -16.04
N VAL B 92 -9.44 1.83 -15.46
CA VAL B 92 -9.83 3.15 -15.03
C VAL B 92 -8.91 4.15 -15.71
N ALA B 93 -9.23 5.42 -15.58
CA ALA B 93 -8.46 6.47 -16.24
C ALA B 93 -7.45 7.15 -15.33
N GLU B 94 -7.83 7.40 -14.08
CA GLU B 94 -6.96 8.11 -13.12
C GLU B 94 -7.50 8.01 -11.70
N PRO B 95 -8.77 8.37 -11.53
CA PRO B 95 -9.53 8.35 -10.30
C PRO B 95 -8.86 7.72 -9.09
N PRO B 96 -8.43 6.44 -9.12
CA PRO B 96 -7.77 5.81 -7.99
C PRO B 96 -6.40 6.39 -7.67
N GLU B 97 -6.39 7.65 -7.23
CA GLU B 97 -5.15 8.34 -6.89
C GLU B 97 -4.95 8.33 -5.38
N GLY B 98 -5.97 7.84 -4.66
CA GLY B 98 -5.90 7.76 -3.22
C GLY B 98 -7.03 6.94 -2.65
N SER B 99 -7.13 5.72 -3.17
CA SER B 99 -8.15 4.78 -2.74
C SER B 99 -8.01 3.47 -3.52
N TRP B 100 -9.03 3.12 -4.30
CA TRP B 100 -8.99 1.92 -5.11
C TRP B 100 -8.89 0.68 -4.24
N SER B 101 -9.30 -0.43 -4.80
CA SER B 101 -9.26 -1.69 -4.06
C SER B 101 -8.83 -2.87 -4.92
N CYS B 102 -8.22 -2.59 -6.06
CA CYS B 102 -7.79 -3.67 -6.97
C CYS B 102 -8.94 -4.62 -7.22
N HIS B 103 -8.76 -5.63 -8.05
CA HIS B 103 -9.85 -6.56 -8.29
C HIS B 103 -10.00 -7.52 -7.13
N LEU B 104 -8.86 -7.89 -6.54
CA LEU B 104 -8.82 -8.88 -5.47
C LEU B 104 -9.72 -8.54 -4.29
N CYS B 105 -9.60 -7.31 -3.81
CA CYS B 105 -10.29 -6.90 -2.58
C CYS B 105 -11.81 -6.82 -2.63
N TRP B 106 -12.37 -5.98 -3.48
CA TRP B 106 -13.81 -5.85 -3.53
C TRP B 106 -14.45 -7.11 -4.07
N GLU B 107 -13.77 -7.79 -4.96
CA GLU B 107 -14.30 -9.03 -5.47
C GLU B 107 -14.27 -10.04 -4.35
N LEU B 108 -13.32 -9.85 -3.44
CA LEU B 108 -13.19 -10.67 -2.26
C LEU B 108 -14.30 -10.29 -1.32
N LEU B 109 -14.74 -9.06 -1.47
CA LEU B 109 -15.82 -8.49 -0.70
C LEU B 109 -17.10 -9.20 -1.04
N LYS B 110 -17.37 -9.20 -2.33
CA LYS B 110 -18.55 -9.85 -2.89
C LYS B 110 -18.55 -11.34 -2.58
N GLU B 111 -17.35 -11.91 -2.51
CA GLU B 111 -17.19 -13.33 -2.23
C GLU B 111 -17.34 -13.64 -0.75
N LYS B 112 -16.71 -12.85 0.12
CA LYS B 112 -16.77 -13.08 1.54
C LYS B 112 -18.13 -12.71 2.12
N ALA B 113 -18.80 -11.76 1.48
CA ALA B 113 -20.11 -11.29 1.93
C ALA B 113 -21.14 -12.41 1.90
N SER B 114 -22.40 -12.00 1.94
CA SER B 114 -23.53 -12.91 1.90
C SER B 114 -23.58 -13.76 3.16
ZN ZN C . 4.61 5.42 12.45
ZN ZN D . 11.21 -2.65 -1.02
ZN ZN E . -6.45 -5.00 -3.06
ZN ZN F . 0.65 -3.30 -15.79
N GLY A 1 -2.31 22.97 9.40
CA GLY A 1 -1.55 21.70 9.47
C GLY A 1 -0.33 21.80 10.36
N LEU A 2 -0.13 20.80 11.22
CA LEU A 2 1.01 20.79 12.13
C LEU A 2 2.18 20.04 11.51
N GLY A 3 2.07 18.71 11.47
CA GLY A 3 3.13 17.90 10.90
C GLY A 3 2.61 16.70 10.16
N LYS A 4 1.53 16.10 10.68
CA LYS A 4 0.91 14.93 10.07
C LYS A 4 1.86 13.73 10.08
N GLY A 5 2.80 13.70 9.14
CA GLY A 5 3.75 12.61 9.07
C GLY A 5 4.29 12.38 7.67
N GLY A 6 3.56 12.86 6.67
CA GLY A 6 3.99 12.68 5.29
C GLY A 6 2.93 12.00 4.45
N ALA A 7 2.37 10.92 4.98
CA ALA A 7 1.33 10.16 4.29
C ALA A 7 1.79 9.72 2.90
OH ALY A 8 7.52 3.28 4.73
CH ALY A 8 7.68 3.33 3.52
CH3 ALY A 8 7.48 2.03 2.72
NZ ALY A 8 7.61 4.47 2.85
CE ALY A 8 6.86 5.61 3.36
CD ALY A 8 6.53 6.62 2.28
CG ALY A 8 5.57 7.69 2.78
CB ALY A 8 5.03 8.54 1.64
CA ALY A 8 3.50 8.61 1.58
N ALY A 8 2.96 9.09 2.84
C ALY A 8 2.91 7.24 1.23
O ALY A 8 3.59 6.22 1.32
HH31 ALY A 8 8.16 1.27 3.09
HH32 ALY A 8 6.46 1.69 2.84
HH33 ALY A 8 7.69 2.21 1.67
HZ ALY A 8 7.77 4.45 1.88
HE3 ALY A 8 5.93 5.25 3.79
HE2 ALY A 8 7.44 6.10 4.13
HD3 ALY A 8 7.45 7.10 1.95
HD2 ALY A 8 6.08 6.10 1.44
HG3 ALY A 8 4.74 7.20 3.26
HG2 ALY A 8 6.08 8.32 3.48
HB3 ALY A 8 5.43 9.54 1.75
HB2 ALY A 8 5.40 8.12 0.71
HA ALY A 8 3.22 9.31 0.81
H ALY A 8 3.48 8.96 3.66
N ARG A 9 1.64 7.25 0.84
CA ARG A 9 0.94 6.02 0.47
C ARG A 9 1.77 5.18 -0.51
N HIS A 10 1.60 5.45 -1.80
CA HIS A 10 2.31 4.74 -2.83
C HIS A 10 2.68 5.72 -3.96
N ARG A 11 2.64 5.21 -5.20
CA ARG A 11 2.93 6.03 -6.39
C ARG A 11 4.41 6.26 -6.62
N LYS A 12 5.23 6.01 -5.60
CA LYS A 12 6.68 6.15 -5.68
C LYS A 12 7.09 7.40 -6.48
N VAL A 13 7.15 8.54 -5.78
CA VAL A 13 7.53 9.80 -6.39
C VAL A 13 8.61 10.51 -5.59
N LEU A 14 9.72 9.80 -5.34
CA LEU A 14 10.83 10.35 -4.58
C LEU A 14 11.37 11.63 -5.22
N ARG A 15 11.27 11.71 -6.54
CA ARG A 15 11.75 12.89 -7.26
C ARG A 15 10.90 14.10 -6.94
N GLY B 1 13.67 -7.90 12.87
CA GLY B 1 13.65 -6.57 13.52
C GLY B 1 13.45 -5.44 12.53
N SER B 2 12.41 -4.64 12.74
CA SER B 2 12.10 -3.53 11.85
C SER B 2 11.41 -2.40 12.59
N TYR B 3 10.96 -1.42 11.82
CA TYR B 3 10.27 -0.27 12.37
C TYR B 3 9.59 0.52 11.27
N CYS B 4 8.61 1.32 11.66
CA CYS B 4 7.92 2.18 10.73
C CYS B 4 8.88 3.22 10.16
N ASP B 5 8.83 3.42 8.86
CA ASP B 5 9.72 4.39 8.21
C ASP B 5 9.28 5.83 8.54
N PHE B 6 8.26 5.94 9.38
CA PHE B 6 7.72 7.24 9.79
C PHE B 6 8.10 7.57 11.23
N CYS B 7 8.25 6.55 12.09
CA CYS B 7 8.62 6.79 13.49
C CYS B 7 9.84 5.98 13.90
N LEU B 8 10.04 4.88 13.19
CA LEU B 8 11.16 4.01 13.43
C LEU B 8 11.05 3.29 14.77
N GLY B 9 9.88 2.71 15.00
CA GLY B 9 9.64 1.96 16.23
C GLY B 9 9.60 0.47 15.99
N GLY B 10 8.44 -0.07 15.62
CA GLY B 10 8.34 -1.49 15.37
C GLY B 10 6.92 -2.00 15.28
N SER B 11 6.78 -3.27 14.93
CA SER B 11 5.48 -3.91 14.77
C SER B 11 4.88 -4.31 16.11
N ASN B 12 5.39 -3.71 17.17
CA ASN B 12 4.92 -3.95 18.51
C ASN B 12 5.32 -2.80 19.41
N MET B 13 5.58 -1.66 18.78
CA MET B 13 5.99 -0.46 19.51
C MET B 13 5.99 0.76 18.61
N ASN B 14 5.00 1.62 18.82
CA ASN B 14 4.90 2.85 18.05
C ASN B 14 5.71 3.95 18.72
N LYS B 15 6.64 4.51 17.97
CA LYS B 15 7.52 5.53 18.48
C LYS B 15 6.82 6.87 18.68
N LYS B 16 5.79 7.12 17.89
CA LYS B 16 5.06 8.37 17.99
C LYS B 16 3.69 8.19 18.64
N SER B 17 3.42 6.99 19.11
CA SER B 17 2.15 6.70 19.79
C SER B 17 2.39 5.99 21.11
N GLY B 18 3.65 5.64 21.34
CA GLY B 18 4.04 4.98 22.57
C GLY B 18 3.30 3.69 22.83
N ARG B 19 2.67 3.15 21.82
CA ARG B 19 1.94 1.90 21.95
C ARG B 19 2.16 0.96 20.76
N PRO B 20 1.92 -0.32 20.98
CA PRO B 20 2.11 -1.37 19.98
C PRO B 20 1.25 -1.20 18.73
N GLU B 21 1.70 -1.82 17.64
CA GLU B 21 1.00 -1.80 16.37
C GLU B 21 1.51 -2.93 15.49
N GLU B 22 1.75 -2.68 14.21
CA GLU B 22 2.28 -3.70 13.30
C GLU B 22 2.61 -3.11 11.94
N LEU B 23 3.89 -2.77 11.80
CA LEU B 23 4.44 -2.18 10.58
C LEU B 23 4.18 -3.00 9.32
N VAL B 24 4.68 -2.47 8.20
CA VAL B 24 4.60 -3.13 6.90
C VAL B 24 6.00 -3.29 6.36
N SER B 25 6.48 -4.51 6.33
CA SER B 25 7.82 -4.78 5.85
C SER B 25 7.83 -5.12 4.37
N CYS B 26 8.68 -4.43 3.60
CA CYS B 26 8.76 -4.69 2.17
C CYS B 26 9.25 -6.11 1.93
N ALA B 27 8.69 -6.76 0.92
CA ALA B 27 9.05 -8.14 0.60
C ALA B 27 10.34 -8.18 -0.22
N ASP B 28 11.06 -7.07 -0.21
CA ASP B 28 12.31 -6.97 -0.94
C ASP B 28 13.37 -6.26 -0.10
N CYS B 29 13.09 -5.00 0.22
CA CYS B 29 13.99 -4.17 1.00
C CYS B 29 14.10 -4.66 2.44
N GLY B 30 12.94 -4.80 3.07
CA GLY B 30 12.90 -5.22 4.46
C GLY B 30 12.56 -4.06 5.38
N ARG B 31 12.19 -2.93 4.80
CA ARG B 31 11.83 -1.74 5.57
C ARG B 31 10.37 -1.82 5.98
N SER B 32 10.03 -1.28 7.14
CA SER B 32 8.65 -1.37 7.60
C SER B 32 8.00 0.01 7.81
N GLY B 33 6.66 0.00 7.89
CA GLY B 33 5.91 1.25 8.09
C GLY B 33 4.66 1.05 8.94
N HIS B 34 4.26 2.02 9.75
CA HIS B 34 3.04 1.84 10.53
C HIS B 34 1.87 2.04 9.58
N PRO B 35 0.98 1.06 9.42
CA PRO B 35 -0.15 1.20 8.52
C PRO B 35 -0.85 2.55 8.70
N THR B 36 -1.10 2.92 9.96
CA THR B 36 -1.75 4.19 10.26
C THR B 36 -0.88 5.34 9.77
N CYS B 37 0.43 5.13 9.76
CA CYS B 37 1.37 6.14 9.31
C CYS B 37 1.39 6.25 7.79
N LEU B 38 1.19 5.13 7.11
CA LEU B 38 1.18 5.14 5.64
C LEU B 38 -0.19 5.53 5.10
N GLN B 39 -1.13 5.81 6.00
CA GLN B 39 -2.50 6.20 5.63
C GLN B 39 -3.29 4.98 5.16
N PHE B 40 -2.70 3.81 5.35
CA PHE B 40 -3.34 2.55 4.96
C PHE B 40 -4.69 2.38 5.64
N THR B 41 -5.33 1.27 5.32
CA THR B 41 -6.61 0.90 5.91
C THR B 41 -6.48 -0.44 6.61
N LEU B 42 -7.43 -0.77 7.46
CA LEU B 42 -7.36 -2.04 8.19
C LEU B 42 -7.17 -3.21 7.24
N ASN B 43 -7.93 -3.27 6.15
CA ASN B 43 -7.82 -4.36 5.21
C ASN B 43 -6.43 -4.43 4.58
N MET B 44 -5.96 -3.32 4.02
CA MET B 44 -4.63 -3.28 3.42
C MET B 44 -3.62 -3.77 4.41
N THR B 45 -3.75 -3.27 5.62
CA THR B 45 -2.85 -3.61 6.69
C THR B 45 -2.80 -5.13 6.82
N GLU B 46 -3.96 -5.76 7.02
CA GLU B 46 -4.03 -7.21 7.16
C GLU B 46 -3.40 -7.89 5.93
N ALA B 47 -3.79 -7.43 4.76
CA ALA B 47 -3.32 -7.99 3.50
C ALA B 47 -1.81 -8.01 3.44
N VAL B 48 -1.25 -6.82 3.51
CA VAL B 48 0.19 -6.60 3.46
C VAL B 48 0.91 -7.23 4.63
N LYS B 49 0.18 -7.51 5.68
CA LYS B 49 0.77 -8.11 6.85
C LYS B 49 1.21 -9.53 6.57
N THR B 50 0.34 -10.25 5.89
CA THR B 50 0.58 -11.64 5.54
C THR B 50 1.31 -11.84 4.22
N TYR B 51 1.09 -10.97 3.22
CA TYR B 51 1.76 -11.17 1.93
C TYR B 51 2.89 -10.15 1.69
N LYS B 52 3.34 -10.08 0.43
CA LYS B 52 4.46 -9.23 0.02
C LYS B 52 4.30 -7.75 0.37
N TRP B 53 3.35 -7.10 -0.31
CA TRP B 53 3.09 -5.67 -0.14
C TRP B 53 4.09 -4.84 -0.94
N GLN B 54 5.34 -5.33 -1.01
CA GLN B 54 6.41 -4.66 -1.75
C GLN B 54 6.34 -3.15 -1.59
N CYS B 55 7.20 -2.58 -0.75
CA CYS B 55 7.20 -1.14 -0.54
C CYS B 55 6.99 -0.40 -1.84
N ILE B 56 6.32 0.72 -1.75
CA ILE B 56 6.04 1.54 -2.91
C ILE B 56 7.29 1.77 -3.75
N GLU B 57 8.38 2.15 -3.09
CA GLU B 57 9.62 2.38 -3.80
C GLU B 57 9.90 1.23 -4.76
N CYS B 58 9.45 0.04 -4.39
CA CYS B 58 9.59 -1.13 -5.23
C CYS B 58 8.45 -1.17 -6.24
N LYS B 59 7.23 -1.33 -5.71
CA LYS B 59 6.01 -1.42 -6.49
C LYS B 59 6.14 -2.18 -7.81
N SER B 60 4.99 -2.61 -8.31
CA SER B 60 4.89 -3.33 -9.57
C SER B 60 3.46 -3.71 -9.86
N CYS B 61 3.19 -3.93 -11.12
CA CYS B 61 1.87 -4.29 -11.59
C CYS B 61 1.59 -5.77 -11.37
N ILE B 62 0.86 -6.13 -10.31
CA ILE B 62 0.50 -7.53 -10.09
C ILE B 62 0.11 -8.14 -11.43
N LEU B 63 -0.43 -7.28 -12.29
CA LEU B 63 -0.84 -7.66 -13.62
C LEU B 63 0.39 -7.90 -14.49
N CYS B 64 1.27 -6.90 -14.56
CA CYS B 64 2.52 -7.02 -15.32
C CYS B 64 3.64 -7.49 -14.40
N GLY B 65 3.94 -6.67 -13.40
CA GLY B 65 4.99 -6.96 -12.47
C GLY B 65 6.26 -6.29 -12.93
N THR B 66 6.11 -5.12 -13.52
CA THR B 66 7.24 -4.39 -14.07
C THR B 66 7.31 -2.95 -13.57
N SER B 67 6.21 -2.49 -12.98
CA SER B 67 6.12 -1.13 -12.47
C SER B 67 6.49 -0.11 -13.54
N GLU B 68 6.53 -0.55 -14.80
CA GLU B 68 6.87 0.32 -15.93
C GLU B 68 6.11 1.65 -15.90
N ASN B 69 4.90 1.63 -16.46
CA ASN B 69 4.09 2.84 -16.51
C ASN B 69 3.39 3.12 -15.19
N ASP B 70 4.15 3.10 -14.10
CA ASP B 70 3.60 3.39 -12.78
C ASP B 70 2.80 4.68 -12.75
N ASP B 71 2.89 5.47 -13.80
CA ASP B 71 2.14 6.70 -13.89
C ASP B 71 0.67 6.37 -14.08
N GLN B 72 0.42 5.09 -14.37
CA GLN B 72 -0.92 4.58 -14.58
C GLN B 72 -1.22 3.53 -13.52
N LEU B 73 -0.15 2.92 -13.00
CA LEU B 73 -0.28 1.90 -11.99
C LEU B 73 -1.25 2.37 -10.92
N LEU B 74 -1.99 1.42 -10.44
CA LEU B 74 -2.99 1.69 -9.44
C LEU B 74 -2.65 0.96 -8.18
N PHE B 75 -2.42 1.73 -7.15
CA PHE B 75 -2.03 1.18 -5.89
C PHE B 75 -3.23 0.91 -5.02
N CYS B 76 -3.70 -0.32 -5.06
CA CYS B 76 -4.82 -0.72 -4.24
C CYS B 76 -4.44 -0.46 -2.81
N ASP B 77 -5.00 0.59 -2.23
CA ASP B 77 -4.65 0.91 -0.85
C ASP B 77 -5.33 -0.06 0.12
N ASP B 78 -5.66 -1.26 -0.37
CA ASP B 78 -6.33 -2.27 0.44
C ASP B 78 -5.51 -3.55 0.51
N CYS B 79 -4.25 -3.46 0.09
CA CYS B 79 -3.32 -4.57 0.11
C CYS B 79 -2.05 -4.17 -0.64
N ASP B 80 -2.18 -3.10 -1.42
CA ASP B 80 -1.09 -2.50 -2.20
C ASP B 80 -0.88 -3.12 -3.59
N ARG B 81 -1.76 -4.01 -4.03
CA ARG B 81 -1.65 -4.61 -5.36
C ARG B 81 -1.73 -3.53 -6.44
N GLY B 82 -0.63 -3.34 -7.19
CA GLY B 82 -0.61 -2.32 -8.23
C GLY B 82 -0.98 -2.85 -9.61
N TYR B 83 -1.87 -2.14 -10.28
CA TYR B 83 -2.29 -2.50 -11.64
C TYR B 83 -2.23 -1.28 -12.51
N HIS B 84 -1.64 -1.36 -13.68
CA HIS B 84 -1.65 -0.19 -14.52
C HIS B 84 -3.13 0.01 -14.79
N MET B 85 -3.70 1.12 -14.33
CA MET B 85 -5.11 1.37 -14.49
C MET B 85 -5.66 0.87 -15.81
N TYR B 86 -4.80 0.72 -16.78
CA TYR B 86 -5.23 0.19 -18.06
C TYR B 86 -4.81 -1.28 -18.17
N CYS B 87 -4.73 -1.96 -17.01
CA CYS B 87 -4.35 -3.36 -16.98
C CYS B 87 -5.46 -4.14 -16.34
N LEU B 88 -6.22 -3.44 -15.53
CA LEU B 88 -7.32 -4.03 -14.80
C LEU B 88 -8.29 -4.74 -15.73
N ASN B 89 -9.33 -5.30 -15.14
CA ASN B 89 -10.37 -5.98 -15.89
C ASN B 89 -11.35 -4.93 -16.35
N PRO B 90 -11.73 -4.02 -15.44
CA PRO B 90 -12.58 -2.91 -15.71
C PRO B 90 -11.82 -1.60 -15.51
N PRO B 91 -10.69 -1.45 -16.23
CA PRO B 91 -9.78 -0.32 -16.16
C PRO B 91 -10.45 1.00 -15.81
N VAL B 92 -9.69 1.87 -15.15
CA VAL B 92 -10.22 3.17 -14.75
C VAL B 92 -9.58 4.29 -15.61
N ALA B 93 -8.82 5.20 -15.02
CA ALA B 93 -8.21 6.27 -15.82
C ALA B 93 -7.11 7.00 -15.05
N GLU B 94 -7.45 7.39 -13.82
CA GLU B 94 -6.53 8.13 -12.96
C GLU B 94 -7.05 8.14 -11.54
N PRO B 95 -8.31 8.52 -11.38
CA PRO B 95 -9.05 8.57 -10.14
C PRO B 95 -8.40 7.83 -8.95
N PRO B 96 -8.09 6.52 -9.06
CA PRO B 96 -7.47 5.77 -7.98
C PRO B 96 -6.10 6.32 -7.57
N GLU B 97 -5.19 5.40 -7.31
CA GLU B 97 -3.82 5.72 -6.88
C GLU B 97 -3.79 6.08 -5.39
N GLY B 98 -4.91 6.62 -4.91
CA GLY B 98 -5.00 6.96 -3.50
C GLY B 98 -5.73 5.87 -2.76
N SER B 99 -6.99 5.69 -3.13
CA SER B 99 -7.82 4.67 -2.54
C SER B 99 -7.76 3.42 -3.41
N TRP B 100 -8.80 3.18 -4.20
CA TRP B 100 -8.86 2.04 -5.10
C TRP B 100 -8.75 0.72 -4.36
N SER B 101 -9.42 -0.27 -4.91
CA SER B 101 -9.40 -1.61 -4.36
C SER B 101 -9.24 -2.58 -5.51
N CYS B 102 -8.06 -3.17 -5.60
CA CYS B 102 -7.77 -4.13 -6.64
C CYS B 102 -8.87 -5.17 -6.71
N HIS B 103 -8.91 -5.94 -7.78
CA HIS B 103 -9.93 -6.94 -7.95
C HIS B 103 -9.91 -7.94 -6.81
N LEU B 104 -8.73 -8.19 -6.26
CA LEU B 104 -8.60 -9.15 -5.17
C LEU B 104 -9.44 -8.75 -3.97
N CYS B 105 -9.41 -7.45 -3.69
CA CYS B 105 -10.07 -6.94 -2.48
C CYS B 105 -11.57 -6.82 -2.52
N TRP B 106 -12.14 -6.07 -3.44
CA TRP B 106 -13.58 -5.95 -3.47
C TRP B 106 -14.22 -7.26 -3.85
N GLU B 107 -13.55 -8.05 -4.66
CA GLU B 107 -14.09 -9.35 -5.00
C GLU B 107 -14.13 -10.15 -3.72
N LEU B 108 -13.15 -9.88 -2.85
CA LEU B 108 -13.07 -10.52 -1.57
C LEU B 108 -14.22 -10.00 -0.73
N LEU B 109 -14.60 -8.76 -1.05
CA LEU B 109 -15.70 -8.06 -0.41
C LEU B 109 -16.99 -8.79 -0.71
N LYS B 110 -17.21 -8.96 -2.01
CA LYS B 110 -18.38 -9.64 -2.52
C LYS B 110 -18.42 -11.06 -1.97
N GLU B 111 -17.24 -11.59 -1.70
CA GLU B 111 -17.10 -12.94 -1.18
C GLU B 111 -17.35 -13.01 0.33
N LYS B 112 -16.92 -11.99 1.09
CA LYS B 112 -17.10 -12.01 2.51
C LYS B 112 -18.50 -11.54 2.91
N ALA B 113 -19.17 -10.88 1.97
CA ALA B 113 -20.51 -10.36 2.18
C ALA B 113 -21.49 -11.47 2.52
N SER B 114 -22.75 -11.08 2.69
CA SER B 114 -23.80 -12.04 3.00
C SER B 114 -25.15 -11.57 2.44
ZN ZN C . 4.91 5.31 12.48
ZN ZN D . 11.09 -2.34 -1.36
ZN ZN E . -6.17 -5.09 -2.98
ZN ZN F . 0.37 -3.52 -16.00
N GLY A 1 2.32 26.80 0.32
CA GLY A 1 3.09 26.23 1.47
C GLY A 1 3.00 24.72 1.52
N LEU A 2 2.11 24.22 2.37
CA LEU A 2 1.93 22.78 2.53
C LEU A 2 3.24 22.09 2.91
N GLY A 3 3.24 20.76 2.88
CA GLY A 3 4.43 20.00 3.22
C GLY A 3 4.37 19.45 4.63
N LYS A 4 3.76 20.21 5.54
CA LYS A 4 3.63 19.78 6.93
C LYS A 4 2.38 18.93 7.12
N GLY A 5 2.57 17.67 7.49
CA GLY A 5 1.44 16.78 7.71
C GLY A 5 0.85 16.28 6.40
N GLY A 6 0.69 14.96 6.30
CA GLY A 6 0.14 14.37 5.09
C GLY A 6 0.58 12.94 4.90
N ALA A 7 1.76 12.61 5.42
CA ALA A 7 2.30 11.26 5.30
C ALA A 7 2.49 10.85 3.84
OH ALY A 8 5.07 3.99 1.44
CH ALY A 8 6.13 3.68 1.99
CH3 ALY A 8 6.40 2.21 2.25
NZ ALY A 8 6.83 4.57 2.69
CE ALY A 8 6.19 5.73 3.31
CD ALY A 8 5.84 6.80 2.28
CG ALY A 8 5.47 8.10 2.95
CB ALY A 8 4.72 9.03 2.00
CA ALY A 8 3.23 9.14 2.28
N ALY A 8 2.99 9.65 3.63
C ALY A 8 2.55 7.78 2.10
O ALY A 8 2.84 6.83 2.82
HH31 ALY A 8 7.45 2.06 2.48
HH32 ALY A 8 5.81 1.87 3.08
HH33 ALY A 8 6.14 1.63 1.37
HZ ALY A 8 7.67 4.27 3.09
HE3 ALY A 8 5.29 5.40 3.79
HE2 ALY A 8 6.86 6.15 4.03
HD3 ALY A 8 6.70 6.97 1.64
HD2 ALY A 8 5.01 6.45 1.69
HG3 ALY A 8 4.83 7.89 3.80
HG2 ALY A 8 6.37 8.59 3.29
HB3 ALY A 8 5.16 10.01 2.08
HB2 ALY A 8 4.86 8.66 0.99
HA ALY A 8 2.78 9.83 1.58
H ALY A 8 3.21 9.08 4.39
N ARG A 9 1.65 7.70 1.13
CA ARG A 9 0.93 6.46 0.85
C ARG A 9 1.71 5.59 -0.13
N HIS A 10 1.46 5.81 -1.41
CA HIS A 10 2.13 5.07 -2.48
C HIS A 10 2.59 6.01 -3.57
N ARG A 11 2.28 5.66 -4.82
CA ARG A 11 2.67 6.48 -5.95
C ARG A 11 4.17 6.72 -5.98
N LYS A 12 4.87 5.92 -6.76
CA LYS A 12 6.32 6.02 -6.87
C LYS A 12 6.72 7.04 -7.94
N VAL A 13 6.57 8.32 -7.61
CA VAL A 13 6.93 9.39 -8.54
C VAL A 13 7.78 10.44 -7.86
N LEU A 14 8.86 10.85 -8.54
CA LEU A 14 9.77 11.86 -8.01
C LEU A 14 10.35 12.71 -9.14
N ARG A 15 11.28 13.59 -8.79
CA ARG A 15 11.92 14.45 -9.77
C ARG A 15 13.39 14.66 -9.44
N GLY B 1 13.47 -6.41 13.38
CA GLY B 1 14.50 -6.10 12.34
C GLY B 1 14.06 -4.99 11.40
N SER B 2 13.03 -4.25 11.79
CA SER B 2 12.52 -3.16 10.98
C SER B 2 11.84 -2.09 11.81
N TYR B 3 11.20 -1.16 11.11
CA TYR B 3 10.49 -0.08 11.77
C TYR B 3 9.67 0.71 10.75
N CYS B 4 8.69 1.45 11.23
CA CYS B 4 7.88 2.30 10.38
C CYS B 4 8.75 3.38 9.76
N ASP B 5 8.57 3.63 8.49
CA ASP B 5 9.35 4.66 7.81
C ASP B 5 8.88 6.06 8.22
N PHE B 6 7.93 6.11 9.14
CA PHE B 6 7.36 7.35 9.64
C PHE B 6 7.84 7.66 11.07
N CYS B 7 8.10 6.63 11.89
CA CYS B 7 8.56 6.85 13.26
C CYS B 7 9.77 5.99 13.60
N LEU B 8 10.07 5.06 12.72
CA LEU B 8 11.20 4.18 12.86
C LEU B 8 11.20 3.39 14.17
N GLY B 9 10.04 2.85 14.51
CA GLY B 9 9.94 2.04 15.72
C GLY B 9 9.97 0.55 15.42
N GLY B 10 8.80 -0.05 15.22
CA GLY B 10 8.75 -1.47 14.91
C GLY B 10 7.36 -2.05 14.96
N SER B 11 7.23 -3.30 14.52
CA SER B 11 5.94 -3.98 14.49
C SER B 11 5.58 -4.55 15.85
N ASN B 12 6.38 -4.19 16.84
CA ASN B 12 6.18 -4.61 18.22
C ASN B 12 6.59 -3.47 19.13
N MET B 13 6.66 -2.28 18.55
CA MET B 13 7.04 -1.09 19.29
C MET B 13 6.80 0.17 18.48
N ASN B 14 6.18 1.16 19.11
CA ASN B 14 5.92 2.43 18.45
C ASN B 14 6.93 3.46 18.94
N LYS B 15 7.16 4.46 18.12
CA LYS B 15 8.12 5.51 18.45
C LYS B 15 7.44 6.79 18.81
N LYS B 16 6.20 6.91 18.42
CA LYS B 16 5.42 8.09 18.69
C LYS B 16 4.15 7.75 19.49
N SER B 17 4.11 6.51 19.96
CA SER B 17 3.01 6.02 20.77
C SER B 17 3.53 5.12 21.86
N GLY B 18 4.63 4.47 21.55
CA GLY B 18 5.24 3.55 22.46
C GLY B 18 4.44 2.27 22.52
N ARG B 19 3.64 2.05 21.48
CA ARG B 19 2.82 0.85 21.42
C ARG B 19 3.29 -0.19 20.41
N PRO B 20 3.00 -1.45 20.74
CA PRO B 20 3.29 -2.61 19.91
C PRO B 20 2.39 -2.68 18.68
N GLU B 21 2.58 -1.76 17.73
CA GLU B 21 1.76 -1.76 16.52
C GLU B 21 2.15 -2.92 15.63
N GLU B 22 2.29 -2.65 14.34
CA GLU B 22 2.67 -3.69 13.37
C GLU B 22 2.91 -3.10 12.00
N LEU B 23 4.16 -2.74 11.75
CA LEU B 23 4.60 -2.15 10.50
C LEU B 23 4.26 -2.99 9.29
N VAL B 24 4.59 -2.45 8.12
CA VAL B 24 4.41 -3.14 6.87
C VAL B 24 5.76 -3.33 6.25
N SER B 25 6.25 -4.56 6.27
CA SER B 25 7.58 -4.83 5.74
C SER B 25 7.51 -5.20 4.26
N CYS B 26 8.22 -4.44 3.46
CA CYS B 26 8.25 -4.66 2.02
C CYS B 26 8.92 -6.00 1.72
N ALA B 27 8.41 -6.71 0.72
CA ALA B 27 8.96 -8.00 0.35
C ALA B 27 9.93 -7.88 -0.81
N ASP B 28 10.29 -6.65 -1.14
CA ASP B 28 11.22 -6.39 -2.22
C ASP B 28 12.54 -5.84 -1.69
N CYS B 29 12.45 -4.73 -0.96
CA CYS B 29 13.65 -4.11 -0.40
C CYS B 29 13.72 -4.33 1.12
N GLY B 30 12.60 -4.13 1.82
CA GLY B 30 12.58 -4.36 3.26
C GLY B 30 12.19 -3.15 4.11
N ARG B 31 11.45 -2.20 3.53
CA ARG B 31 11.03 -1.02 4.28
C ARG B 31 9.71 -1.30 5.02
N SER B 32 9.64 -0.91 6.29
CA SER B 32 8.43 -1.13 7.07
C SER B 32 7.72 0.18 7.39
N GLY B 33 6.40 0.10 7.62
CA GLY B 33 5.63 1.30 7.94
C GLY B 33 4.46 1.04 8.86
N HIS B 34 4.12 1.97 9.74
CA HIS B 34 2.97 1.75 10.61
C HIS B 34 1.73 1.93 9.75
N PRO B 35 0.84 0.94 9.65
CA PRO B 35 -0.35 1.08 8.82
C PRO B 35 -1.06 2.41 9.04
N THR B 36 -1.30 2.74 10.30
CA THR B 36 -1.96 4.00 10.64
C THR B 36 -1.14 5.18 10.12
N CYS B 37 0.17 4.99 10.02
CA CYS B 37 1.07 6.02 9.53
C CYS B 37 1.00 6.15 8.02
N LEU B 38 0.82 5.01 7.32
CA LEU B 38 0.76 5.06 5.86
C LEU B 38 -0.64 5.43 5.38
N GLN B 39 -1.55 5.67 6.33
CA GLN B 39 -2.93 6.04 6.01
C GLN B 39 -3.72 4.84 5.50
N PHE B 40 -3.09 3.66 5.52
CA PHE B 40 -3.73 2.43 5.09
C PHE B 40 -5.08 2.26 5.78
N THR B 41 -5.87 1.32 5.26
CA THR B 41 -7.16 1.01 5.87
C THR B 41 -7.02 -0.27 6.67
N LEU B 42 -8.05 -0.65 7.40
CA LEU B 42 -7.98 -1.87 8.21
C LEU B 42 -7.75 -3.09 7.33
N ASN B 43 -8.57 -3.26 6.30
CA ASN B 43 -8.45 -4.40 5.40
C ASN B 43 -7.05 -4.50 4.83
N MET B 44 -6.59 -3.40 4.24
CA MET B 44 -5.26 -3.34 3.66
C MET B 44 -4.22 -3.73 4.68
N THR B 45 -4.35 -3.17 5.87
CA THR B 45 -3.43 -3.49 6.94
C THR B 45 -3.36 -5.00 7.10
N GLU B 46 -4.50 -5.63 7.31
CA GLU B 46 -4.57 -7.08 7.46
C GLU B 46 -3.94 -7.79 6.26
N ALA B 47 -4.31 -7.35 5.07
CA ALA B 47 -3.81 -7.94 3.83
C ALA B 47 -2.30 -7.88 3.75
N VAL B 48 -1.80 -6.66 3.78
CA VAL B 48 -0.39 -6.38 3.71
C VAL B 48 0.37 -7.02 4.86
N LYS B 49 -0.34 -7.32 5.93
CA LYS B 49 0.26 -7.92 7.11
C LYS B 49 0.72 -9.34 6.86
N THR B 50 -0.18 -10.10 6.22
CA THR B 50 0.07 -11.50 5.93
C THR B 50 0.80 -11.73 4.60
N TYR B 51 0.57 -10.91 3.58
CA TYR B 51 1.22 -11.13 2.29
C TYR B 51 2.33 -10.11 2.01
N LYS B 52 2.79 -10.10 0.75
CA LYS B 52 3.89 -9.25 0.31
C LYS B 52 3.72 -7.76 0.64
N TRP B 53 2.71 -7.14 0.01
CA TRP B 53 2.44 -5.71 0.18
C TRP B 53 3.40 -4.89 -0.68
N GLN B 54 4.69 -5.03 -0.42
CA GLN B 54 5.72 -4.30 -1.16
C GLN B 54 5.55 -2.79 -1.03
N CYS B 55 6.56 -2.14 -0.48
CA CYS B 55 6.54 -0.70 -0.32
C CYS B 55 6.31 -0.04 -1.67
N ILE B 56 6.12 1.27 -1.69
CA ILE B 56 5.86 1.96 -2.92
C ILE B 56 7.02 1.92 -3.91
N GLU B 57 8.20 2.29 -3.46
CA GLU B 57 9.37 2.28 -4.34
C GLU B 57 9.51 0.97 -5.11
N CYS B 58 8.83 -0.07 -4.63
CA CYS B 58 8.89 -1.37 -5.29
C CYS B 58 7.54 -1.75 -5.91
N LYS B 59 6.44 -1.22 -5.34
CA LYS B 59 5.09 -1.47 -5.80
C LYS B 59 4.94 -2.55 -6.85
N SER B 60 5.24 -2.18 -8.05
CA SER B 60 5.11 -3.06 -9.21
C SER B 60 3.66 -3.45 -9.45
N CYS B 61 3.41 -3.89 -10.65
CA CYS B 61 2.08 -4.29 -11.11
C CYS B 61 1.80 -5.77 -10.85
N ILE B 62 0.96 -6.09 -9.86
CA ILE B 62 0.60 -7.49 -9.61
C ILE B 62 0.28 -8.13 -10.96
N LEU B 63 -0.19 -7.28 -11.88
CA LEU B 63 -0.54 -7.67 -13.23
C LEU B 63 0.73 -7.90 -14.04
N CYS B 64 1.60 -6.89 -14.08
CA CYS B 64 2.88 -7.00 -14.79
C CYS B 64 3.96 -7.47 -13.83
N GLY B 65 4.19 -6.66 -12.81
CA GLY B 65 5.23 -6.94 -11.85
C GLY B 65 6.52 -6.35 -12.30
N THR B 66 6.40 -5.21 -12.99
CA THR B 66 7.57 -4.54 -13.53
C THR B 66 7.67 -3.10 -13.07
N SER B 67 6.54 -2.55 -12.62
CA SER B 67 6.50 -1.18 -12.16
C SER B 67 6.97 -0.21 -13.24
N GLU B 68 7.07 -0.69 -14.47
CA GLU B 68 7.52 0.13 -15.60
C GLU B 68 6.86 1.51 -15.61
N ASN B 69 5.69 1.59 -16.23
CA ASN B 69 4.97 2.86 -16.32
C ASN B 69 4.87 3.54 -14.97
N ASP B 70 4.60 2.78 -13.92
CA ASP B 70 4.40 3.31 -12.55
C ASP B 70 3.90 4.74 -12.54
N ASP B 71 3.25 5.10 -13.63
CA ASP B 71 2.61 6.38 -13.80
C ASP B 71 1.15 6.07 -14.05
N GLN B 72 0.93 4.80 -14.40
CA GLN B 72 -0.39 4.29 -14.63
C GLN B 72 -0.69 3.27 -13.56
N LEU B 73 0.34 2.84 -12.86
CA LEU B 73 0.18 1.89 -11.80
C LEU B 73 -0.81 2.42 -10.79
N LEU B 74 -1.60 1.53 -10.30
CA LEU B 74 -2.63 1.86 -9.33
C LEU B 74 -2.22 1.26 -8.02
N PHE B 75 -2.73 1.82 -6.95
CA PHE B 75 -2.38 1.32 -5.64
C PHE B 75 -3.60 0.96 -4.85
N CYS B 76 -3.96 -0.31 -4.92
CA CYS B 76 -5.11 -0.79 -4.18
C CYS B 76 -4.80 -0.60 -2.73
N ASP B 77 -5.33 0.44 -2.13
CA ASP B 77 -5.03 0.70 -0.73
C ASP B 77 -5.83 -0.24 0.18
N ASP B 78 -6.12 -1.45 -0.31
CA ASP B 78 -6.87 -2.45 0.44
C ASP B 78 -6.05 -3.71 0.60
N CYS B 79 -4.79 -3.61 0.19
CA CYS B 79 -3.84 -4.71 0.27
C CYS B 79 -2.53 -4.25 -0.36
N ASP B 80 -2.64 -3.14 -1.09
CA ASP B 80 -1.51 -2.49 -1.75
C ASP B 80 -1.19 -3.01 -3.15
N ARG B 81 -1.96 -3.97 -3.66
CA ARG B 81 -1.71 -4.49 -5.00
C ARG B 81 -1.71 -3.37 -6.04
N GLY B 82 -0.71 -3.37 -6.92
CA GLY B 82 -0.62 -2.33 -7.93
C GLY B 82 -0.92 -2.82 -9.33
N TYR B 83 -1.74 -2.07 -10.04
CA TYR B 83 -2.10 -2.40 -11.42
C TYR B 83 -2.03 -1.17 -12.29
N HIS B 84 -1.39 -1.24 -13.44
CA HIS B 84 -1.38 -0.08 -14.30
C HIS B 84 -2.82 0.10 -14.74
N MET B 85 -3.49 1.20 -14.36
CA MET B 85 -4.92 1.41 -14.72
C MET B 85 -5.31 0.72 -16.01
N TYR B 86 -4.38 0.58 -16.92
CA TYR B 86 -4.69 -0.07 -18.18
C TYR B 86 -4.28 -1.53 -18.15
N CYS B 87 -4.27 -2.12 -16.96
CA CYS B 87 -3.90 -3.51 -16.80
C CYS B 87 -5.04 -4.25 -16.16
N LEU B 88 -5.84 -3.51 -15.44
CA LEU B 88 -6.97 -4.05 -14.72
C LEU B 88 -7.92 -4.81 -15.64
N ASN B 89 -8.94 -5.38 -15.04
CA ASN B 89 -9.97 -6.10 -15.78
C ASN B 89 -10.94 -5.08 -16.30
N PRO B 90 -11.32 -4.13 -15.43
CA PRO B 90 -12.14 -3.02 -15.78
C PRO B 90 -11.34 -1.74 -15.61
N PRO B 91 -10.34 -1.61 -16.49
CA PRO B 91 -9.37 -0.53 -16.48
C PRO B 91 -9.96 0.85 -16.22
N VAL B 92 -9.17 1.67 -15.54
CA VAL B 92 -9.55 3.02 -15.19
C VAL B 92 -8.61 3.99 -15.89
N ALA B 93 -8.91 5.27 -15.77
CA ALA B 93 -8.11 6.29 -16.45
C ALA B 93 -7.08 6.97 -15.56
N GLU B 94 -7.47 7.27 -14.33
CA GLU B 94 -6.57 7.98 -13.39
C GLU B 94 -7.11 7.92 -11.96
N PRO B 95 -8.37 8.32 -11.79
CA PRO B 95 -9.12 8.35 -10.56
C PRO B 95 -8.47 7.70 -9.33
N PRO B 96 -8.11 6.39 -9.37
CA PRO B 96 -7.50 5.72 -8.23
C PRO B 96 -6.10 6.22 -7.90
N GLU B 97 -6.02 7.42 -7.35
CA GLU B 97 -4.75 8.02 -6.96
C GLU B 97 -4.64 8.06 -5.43
N GLY B 98 -5.68 7.60 -4.76
CA GLY B 98 -5.70 7.59 -3.31
C GLY B 98 -6.87 6.83 -2.77
N SER B 99 -7.00 5.60 -3.23
CA SER B 99 -8.06 4.69 -2.82
C SER B 99 -7.98 3.42 -3.67
N TRP B 100 -9.05 3.13 -4.41
CA TRP B 100 -9.07 1.96 -5.29
C TRP B 100 -8.98 0.65 -4.52
N SER B 101 -9.56 -0.37 -5.12
CA SER B 101 -9.54 -1.70 -4.57
C SER B 101 -9.30 -2.67 -5.71
N CYS B 102 -8.12 -3.25 -5.74
CA CYS B 102 -7.77 -4.19 -6.79
C CYS B 102 -8.88 -5.19 -7.02
N HIS B 103 -8.96 -5.73 -8.22
CA HIS B 103 -10.01 -6.67 -8.56
C HIS B 103 -10.07 -7.81 -7.56
N LEU B 104 -8.93 -8.12 -6.94
CA LEU B 104 -8.86 -9.21 -5.99
C LEU B 104 -9.60 -8.88 -4.69
N CYS B 105 -9.57 -7.61 -4.32
CA CYS B 105 -10.20 -7.19 -3.06
C CYS B 105 -11.71 -7.10 -3.11
N TRP B 106 -12.25 -6.31 -3.99
CA TRP B 106 -13.68 -6.18 -4.05
C TRP B 106 -14.31 -7.48 -4.51
N GLU B 107 -13.61 -8.22 -5.35
CA GLU B 107 -14.15 -9.51 -5.75
C GLU B 107 -14.21 -10.37 -4.51
N LEU B 108 -13.26 -10.12 -3.62
CA LEU B 108 -13.20 -10.81 -2.34
C LEU B 108 -14.34 -10.30 -1.48
N LEU B 109 -14.74 -9.07 -1.80
CA LEU B 109 -15.86 -8.39 -1.14
C LEU B 109 -17.14 -9.09 -1.51
N LYS B 110 -17.34 -9.20 -2.82
CA LYS B 110 -18.49 -9.85 -3.40
C LYS B 110 -18.62 -11.23 -2.79
N GLU B 111 -17.47 -11.79 -2.44
CA GLU B 111 -17.40 -13.10 -1.80
C GLU B 111 -17.69 -12.97 -0.31
N LYS B 112 -17.12 -11.94 0.31
CA LYS B 112 -17.31 -11.68 1.72
C LYS B 112 -18.79 -11.59 2.08
N ALA B 113 -19.56 -11.05 1.14
CA ALA B 113 -20.99 -10.85 1.33
C ALA B 113 -21.67 -12.09 1.92
N SER B 114 -22.91 -11.91 2.36
CA SER B 114 -23.67 -13.00 2.93
C SER B 114 -25.12 -12.58 3.20
ZN ZN C . 4.86 5.27 12.39
ZN ZN D . 10.42 -1.83 -1.18
ZN ZN E . -6.35 -5.27 -3.09
ZN ZN F . 0.75 -3.50 -15.57
N GLY A 1 6.81 28.49 -3.38
CA GLY A 1 7.58 28.99 -2.22
C GLY A 1 7.93 27.91 -1.22
N LEU A 2 6.92 27.12 -0.85
CA LEU A 2 7.11 26.02 0.10
C LEU A 2 7.93 24.90 -0.52
N GLY A 3 8.61 24.13 0.32
CA GLY A 3 9.42 23.02 -0.17
C GLY A 3 9.14 21.73 0.56
N LYS A 4 7.96 21.64 1.17
CA LYS A 4 7.58 20.44 1.91
C LYS A 4 6.66 19.55 1.07
N GLY A 5 6.82 18.24 1.22
CA GLY A 5 5.99 17.31 0.47
C GLY A 5 4.77 16.87 1.24
N GLY A 6 3.76 16.41 0.52
CA GLY A 6 2.53 15.96 1.16
C GLY A 6 2.67 14.59 1.80
N ALA A 7 1.68 13.73 1.55
CA ALA A 7 1.69 12.38 2.11
C ALA A 7 2.49 11.43 1.22
OH ALY A 8 6.40 3.28 1.75
CH ALY A 8 7.01 3.91 2.61
CH3 ALY A 8 7.90 3.13 3.58
NZ ALY A 8 6.70 5.17 2.90
CE ALY A 8 5.42 5.76 2.52
CD ALY A 8 5.52 6.53 1.20
CG ALY A 8 6.02 7.95 1.41
CB ALY A 8 4.98 8.83 2.10
CA ALY A 8 3.98 9.50 1.15
N ALY A 8 3.18 10.48 1.86
C ALY A 8 3.08 8.46 0.49
O ALY A 8 2.92 8.42 -0.73
HH31 ALY A 8 8.36 3.82 4.28
HH32 ALY A 8 7.30 2.41 4.13
HH33 ALY A 8 8.67 2.62 3.03
HZ ALY A 8 7.22 5.62 3.60
HE3 ALY A 8 4.68 4.98 2.42
HE2 ALY A 8 5.12 6.46 3.29
HD3 ALY A 8 6.20 6.01 0.55
HD2 ALY A 8 4.54 6.56 0.75
HG3 ALY A 8 6.91 7.93 2.01
HG2 ALY A 8 6.24 8.38 0.44
HB3 ALY A 8 4.42 8.21 2.80
HB2 ALY A 8 5.50 9.59 2.65
HA ALY A 8 4.53 10.02 0.37
H ALY A 8 3.15 10.46 2.85
N ARG A 9 2.48 7.60 1.33
CA ARG A 9 1.59 6.55 0.85
C ARG A 9 2.26 5.69 -0.21
N HIS A 10 1.94 5.95 -1.48
CA HIS A 10 2.50 5.19 -2.58
C HIS A 10 2.81 6.10 -3.76
N ARG A 11 2.64 5.57 -4.98
CA ARG A 11 2.86 6.30 -6.23
C ARG A 11 4.34 6.38 -6.65
N LYS A 12 5.24 6.36 -5.67
CA LYS A 12 6.69 6.44 -5.93
C LYS A 12 7.02 7.54 -6.94
N VAL A 13 8.27 7.54 -7.41
CA VAL A 13 8.72 8.54 -8.38
C VAL A 13 10.11 8.17 -8.92
N LEU A 14 10.36 6.87 -9.01
CA LEU A 14 11.65 6.36 -9.50
C LEU A 14 12.79 6.75 -8.56
N ARG A 15 13.87 5.98 -8.61
CA ARG A 15 15.03 6.23 -7.77
C ARG A 15 16.00 7.20 -8.46
N GLY B 1 16.16 -6.18 12.18
CA GLY B 1 14.91 -5.59 12.75
C GLY B 1 14.41 -4.40 11.94
N SER B 2 13.10 -4.35 11.73
CA SER B 2 12.50 -3.25 10.97
C SER B 2 11.81 -2.26 11.87
N TYR B 3 11.08 -1.34 11.23
CA TYR B 3 10.35 -0.32 11.93
C TYR B 3 9.55 0.53 10.94
N CYS B 4 8.55 1.23 11.44
CA CYS B 4 7.77 2.11 10.61
C CYS B 4 8.65 3.24 10.07
N ASP B 5 8.55 3.50 8.79
CA ASP B 5 9.35 4.57 8.17
C ASP B 5 8.87 5.95 8.63
N PHE B 6 7.90 5.95 9.53
CA PHE B 6 7.32 7.19 10.06
C PHE B 6 7.70 7.43 11.52
N CYS B 7 7.94 6.35 12.30
CA CYS B 7 8.34 6.51 13.71
C CYS B 7 9.61 5.74 14.01
N LEU B 8 9.88 4.74 13.17
CA LEU B 8 11.04 3.91 13.30
C LEU B 8 11.02 3.08 14.58
N GLY B 9 9.91 2.41 14.80
CA GLY B 9 9.76 1.55 15.97
C GLY B 9 9.77 0.08 15.62
N GLY B 10 8.61 -0.50 15.35
CA GLY B 10 8.56 -1.89 14.98
C GLY B 10 7.16 -2.48 15.03
N SER B 11 7.01 -3.67 14.47
CA SER B 11 5.72 -4.35 14.43
C SER B 11 5.46 -5.06 15.74
N ASN B 12 4.98 -4.27 16.70
CA ASN B 12 4.68 -4.69 18.08
C ASN B 12 5.15 -3.61 19.04
N MET B 13 5.71 -2.54 18.48
CA MET B 13 6.19 -1.42 19.29
C MET B 13 6.23 -0.13 18.49
N ASN B 14 5.45 0.85 18.94
CA ASN B 14 5.41 2.14 18.28
C ASN B 14 6.52 3.02 18.84
N LYS B 15 6.77 4.15 18.19
CA LYS B 15 7.80 5.07 18.63
C LYS B 15 7.20 6.43 18.99
N LYS B 16 6.13 6.77 18.31
CA LYS B 16 5.44 8.01 18.53
C LYS B 16 4.31 7.82 19.54
N SER B 17 4.06 6.56 19.90
CA SER B 17 3.05 6.21 20.88
C SER B 17 3.61 5.20 21.85
N GLY B 18 4.54 4.42 21.35
CA GLY B 18 5.15 3.38 22.14
C GLY B 18 4.25 2.20 22.27
N ARG B 19 3.24 2.15 21.42
CA ARG B 19 2.26 1.06 21.46
C ARG B 19 2.53 -0.02 20.43
N PRO B 20 2.10 -1.24 20.78
CA PRO B 20 2.21 -2.42 19.92
C PRO B 20 1.37 -2.29 18.66
N GLU B 21 2.00 -2.54 17.51
CA GLU B 21 1.30 -2.47 16.24
C GLU B 21 1.78 -3.55 15.30
N GLU B 22 1.90 -3.21 14.03
CA GLU B 22 2.36 -4.14 13.01
C GLU B 22 2.68 -3.41 11.72
N LEU B 23 3.96 -3.09 11.56
CA LEU B 23 4.45 -2.38 10.38
C LEU B 23 4.18 -3.13 9.09
N VAL B 24 4.53 -2.50 7.99
CA VAL B 24 4.41 -3.09 6.68
C VAL B 24 5.81 -3.29 6.16
N SER B 25 6.25 -4.53 6.13
CA SER B 25 7.61 -4.82 5.68
C SER B 25 7.66 -5.13 4.21
N CYS B 26 8.46 -4.36 3.49
CA CYS B 26 8.62 -4.54 2.07
C CYS B 26 9.34 -5.86 1.79
N ALA B 27 8.92 -6.55 0.75
CA ALA B 27 9.52 -7.83 0.39
C ALA B 27 10.61 -7.66 -0.64
N ASP B 28 10.98 -6.40 -0.87
CA ASP B 28 12.03 -6.09 -1.83
C ASP B 28 13.27 -5.56 -1.12
N CYS B 29 13.10 -4.43 -0.42
CA CYS B 29 14.22 -3.83 0.30
C CYS B 29 14.14 -4.15 1.80
N GLY B 30 12.94 -4.04 2.36
CA GLY B 30 12.76 -4.38 3.77
C GLY B 30 12.35 -3.20 4.66
N ARG B 31 11.87 -2.12 4.06
CA ARG B 31 11.44 -0.96 4.84
C ARG B 31 10.04 -1.21 5.37
N SER B 32 9.82 -0.93 6.65
CA SER B 32 8.51 -1.15 7.24
C SER B 32 7.78 0.15 7.57
N GLY B 33 6.46 0.06 7.75
CA GLY B 33 5.66 1.24 8.08
C GLY B 33 4.44 0.92 8.93
N HIS B 34 4.05 1.81 9.83
CA HIS B 34 2.84 1.53 10.61
C HIS B 34 1.67 1.83 9.67
N PRO B 35 0.77 0.87 9.38
CA PRO B 35 -0.32 1.16 8.45
C PRO B 35 -1.04 2.48 8.77
N THR B 36 -1.37 2.69 10.03
CA THR B 36 -2.03 3.92 10.43
C THR B 36 -1.16 5.13 10.05
N CYS B 37 0.15 4.90 10.02
CA CYS B 37 1.10 5.95 9.66
C CYS B 37 1.12 6.18 8.15
N LEU B 38 1.03 5.11 7.37
CA LEU B 38 1.02 5.25 5.91
C LEU B 38 -0.39 5.57 5.42
N GLN B 39 -1.27 5.86 6.37
CA GLN B 39 -2.68 6.15 6.09
C GLN B 39 -3.42 4.84 5.90
N PHE B 40 -3.02 4.14 4.84
CA PHE B 40 -3.59 2.83 4.50
C PHE B 40 -5.05 2.69 4.97
N THR B 41 -5.39 1.47 5.36
CA THR B 41 -6.72 1.14 5.86
C THR B 41 -6.69 -0.24 6.47
N LEU B 42 -7.74 -0.62 7.18
CA LEU B 42 -7.77 -1.93 7.82
C LEU B 42 -7.51 -3.05 6.81
N ASN B 43 -8.28 -3.09 5.73
CA ASN B 43 -8.10 -4.15 4.73
C ASN B 43 -6.67 -4.19 4.18
N MET B 44 -6.16 -3.05 3.71
CA MET B 44 -4.79 -3.00 3.18
C MET B 44 -3.84 -3.48 4.21
N THR B 45 -4.03 -2.99 5.42
CA THR B 45 -3.17 -3.34 6.50
C THR B 45 -3.10 -4.85 6.59
N GLU B 46 -4.25 -5.49 6.74
CA GLU B 46 -4.31 -6.93 6.85
C GLU B 46 -3.67 -7.60 5.62
N ALA B 47 -4.03 -7.10 4.43
CA ALA B 47 -3.53 -7.64 3.17
C ALA B 47 -2.02 -7.68 3.19
N VAL B 48 -1.44 -6.51 3.37
CA VAL B 48 -0.02 -6.33 3.40
C VAL B 48 0.63 -6.97 4.62
N LYS B 49 -0.18 -7.24 5.64
CA LYS B 49 0.33 -7.84 6.86
C LYS B 49 0.81 -9.25 6.58
N THR B 50 0.01 -9.96 5.79
CA THR B 50 0.31 -11.35 5.45
C THR B 50 1.11 -11.52 4.16
N TYR B 51 0.92 -10.65 3.16
CA TYR B 51 1.65 -10.82 1.90
C TYR B 51 2.79 -9.80 1.70
N LYS B 52 3.29 -9.73 0.47
CA LYS B 52 4.41 -8.87 0.10
C LYS B 52 4.20 -7.39 0.40
N TRP B 53 3.31 -6.76 -0.36
CA TRP B 53 3.02 -5.33 -0.24
C TRP B 53 4.10 -4.53 -0.94
N GLN B 54 5.37 -4.91 -0.73
CA GLN B 54 6.51 -4.22 -1.35
C GLN B 54 6.35 -2.72 -1.28
N CYS B 55 7.11 -2.08 -0.39
CA CYS B 55 7.04 -0.65 -0.23
C CYS B 55 6.94 0.04 -1.58
N ILE B 56 6.25 1.15 -1.58
CA ILE B 56 6.03 1.92 -2.78
C ILE B 56 7.29 2.06 -3.63
N GLU B 57 8.40 2.39 -3.00
CA GLU B 57 9.66 2.54 -3.71
C GLU B 57 9.95 1.33 -4.60
N CYS B 58 9.58 0.15 -4.10
CA CYS B 58 9.79 -1.10 -4.84
C CYS B 58 8.47 -1.64 -5.39
N LYS B 59 7.55 -0.75 -5.64
CA LYS B 59 6.25 -1.09 -6.16
C LYS B 59 6.31 -1.96 -7.40
N SER B 60 5.13 -2.41 -7.84
CA SER B 60 5.00 -3.24 -9.03
C SER B 60 3.56 -3.60 -9.30
N CYS B 61 3.32 -4.00 -10.53
CA CYS B 61 2.00 -4.40 -10.99
C CYS B 61 1.69 -5.86 -10.68
N ILE B 62 0.86 -6.13 -9.67
CA ILE B 62 0.50 -7.51 -9.36
C ILE B 62 0.17 -8.21 -10.68
N LEU B 63 -0.31 -7.39 -11.62
CA LEU B 63 -0.68 -7.84 -12.95
C LEU B 63 0.59 -8.11 -13.77
N CYS B 64 1.45 -7.10 -13.87
CA CYS B 64 2.73 -7.24 -14.59
C CYS B 64 3.83 -7.67 -13.63
N GLY B 65 4.09 -6.82 -12.65
CA GLY B 65 5.12 -7.06 -11.68
C GLY B 65 6.42 -6.46 -12.15
N THR B 66 6.29 -5.32 -12.83
CA THR B 66 7.44 -4.64 -13.40
C THR B 66 7.51 -3.17 -12.99
N SER B 67 6.40 -2.67 -12.44
CA SER B 67 6.31 -1.28 -12.02
C SER B 67 6.69 -0.33 -13.16
N GLU B 68 6.71 -0.86 -14.39
CA GLU B 68 7.07 -0.06 -15.57
C GLU B 68 6.31 1.26 -15.63
N ASN B 69 5.09 1.21 -16.19
CA ASN B 69 4.27 2.40 -16.34
C ASN B 69 3.56 2.82 -15.06
N ASP B 70 4.29 2.88 -13.95
CA ASP B 70 3.72 3.31 -12.67
C ASP B 70 2.94 4.62 -12.80
N ASP B 71 2.99 5.24 -13.97
CA ASP B 71 2.25 6.46 -14.19
C ASP B 71 0.82 6.06 -14.48
N GLN B 72 0.62 4.75 -14.43
CA GLN B 72 -0.65 4.13 -14.66
C GLN B 72 -0.95 3.13 -13.54
N LEU B 73 0.08 2.64 -12.89
CA LEU B 73 -0.08 1.69 -11.82
C LEU B 73 -1.07 2.21 -10.81
N LEU B 74 -1.89 1.30 -10.34
CA LEU B 74 -2.91 1.61 -9.39
C LEU B 74 -2.63 0.92 -8.08
N PHE B 75 -2.37 1.74 -7.10
CA PHE B 75 -2.01 1.27 -5.79
C PHE B 75 -3.24 1.03 -4.94
N CYS B 76 -3.69 -0.22 -4.90
CA CYS B 76 -4.84 -0.53 -4.07
C CYS B 76 -4.50 -0.11 -2.68
N ASP B 77 -5.12 0.93 -2.19
CA ASP B 77 -4.81 1.35 -0.83
C ASP B 77 -5.52 0.44 0.15
N ASP B 78 -5.87 -0.75 -0.34
CA ASP B 78 -6.57 -1.76 0.44
C ASP B 78 -5.82 -3.10 0.42
N CYS B 79 -4.60 -3.08 -0.14
CA CYS B 79 -3.68 -4.23 -0.20
C CYS B 79 -2.34 -3.77 -0.68
N ASP B 80 -2.39 -2.72 -1.48
CA ASP B 80 -1.22 -2.10 -2.10
C ASP B 80 -0.97 -2.71 -3.47
N ARG B 81 -1.81 -3.67 -3.82
CA ARG B 81 -1.72 -4.36 -5.10
C ARG B 81 -1.74 -3.36 -6.25
N GLY B 82 -0.61 -3.21 -6.93
CA GLY B 82 -0.53 -2.25 -8.03
C GLY B 82 -0.92 -2.84 -9.38
N TYR B 83 -1.80 -2.15 -10.09
CA TYR B 83 -2.21 -2.57 -11.43
C TYR B 83 -2.17 -1.38 -12.35
N HIS B 84 -1.53 -1.48 -13.49
CA HIS B 84 -1.55 -0.35 -14.39
C HIS B 84 -3.00 -0.18 -14.79
N MET B 85 -3.66 0.95 -14.46
CA MET B 85 -5.10 1.12 -14.79
C MET B 85 -5.53 0.36 -16.03
N TYR B 86 -4.61 0.19 -16.96
CA TYR B 86 -4.94 -0.51 -18.18
C TYR B 86 -4.50 -1.96 -18.09
N CYS B 87 -4.49 -2.50 -16.86
CA CYS B 87 -4.11 -3.88 -16.64
C CYS B 87 -5.23 -4.60 -15.96
N LEU B 88 -6.03 -3.80 -15.27
CA LEU B 88 -7.16 -4.31 -14.52
C LEU B 88 -8.13 -5.11 -15.39
N ASN B 89 -9.18 -5.61 -14.75
CA ASN B 89 -10.22 -6.36 -15.43
C ASN B 89 -11.19 -5.36 -15.99
N PRO B 90 -11.54 -4.35 -15.17
CA PRO B 90 -12.36 -3.25 -15.56
C PRO B 90 -11.53 -1.98 -15.47
N PRO B 91 -10.55 -1.89 -16.36
CA PRO B 91 -9.57 -0.82 -16.43
C PRO B 91 -10.15 0.58 -16.23
N VAL B 92 -9.31 1.45 -15.66
CA VAL B 92 -9.67 2.83 -15.39
C VAL B 92 -8.69 3.74 -16.10
N ALA B 93 -8.92 5.03 -16.04
CA ALA B 93 -8.06 6.01 -16.72
C ALA B 93 -7.05 6.71 -15.81
N GLU B 94 -7.46 7.06 -14.60
CA GLU B 94 -6.57 7.79 -13.67
C GLU B 94 -7.12 7.80 -12.25
N PRO B 95 -8.40 8.17 -12.13
CA PRO B 95 -9.22 8.23 -10.92
C PRO B 95 -8.68 7.59 -9.63
N PRO B 96 -8.17 6.33 -9.63
CA PRO B 96 -7.72 5.70 -8.41
C PRO B 96 -6.41 6.25 -7.85
N GLU B 97 -6.32 7.57 -7.76
CA GLU B 97 -5.15 8.22 -7.21
C GLU B 97 -5.18 8.17 -5.68
N GLY B 98 -6.24 7.58 -5.14
CA GLY B 98 -6.38 7.47 -3.70
C GLY B 98 -7.77 7.06 -3.27
N SER B 99 -8.11 5.79 -3.53
CA SER B 99 -9.43 5.26 -3.17
C SER B 99 -9.59 3.82 -3.66
N TRP B 100 -8.97 3.54 -4.80
CA TRP B 100 -9.02 2.25 -5.45
C TRP B 100 -9.02 1.08 -4.48
N SER B 101 -9.51 -0.04 -4.97
CA SER B 101 -9.63 -1.25 -4.16
C SER B 101 -9.04 -2.52 -4.78
N CYS B 102 -8.65 -2.48 -6.04
CA CYS B 102 -8.12 -3.67 -6.73
C CYS B 102 -9.20 -4.74 -6.89
N HIS B 103 -8.90 -5.79 -7.65
CA HIS B 103 -9.84 -6.87 -7.87
C HIS B 103 -9.95 -7.79 -6.66
N LEU B 104 -8.84 -7.97 -5.93
CA LEU B 104 -8.84 -8.84 -4.76
C LEU B 104 -9.91 -8.41 -3.78
N CYS B 105 -9.91 -7.12 -3.52
CA CYS B 105 -10.84 -6.51 -2.58
C CYS B 105 -12.25 -6.58 -3.00
N TRP B 106 -12.45 -6.29 -4.24
CA TRP B 106 -13.77 -6.21 -4.78
C TRP B 106 -14.48 -7.49 -4.81
N GLU B 107 -13.85 -8.48 -5.35
CA GLU B 107 -14.50 -9.75 -5.40
C GLU B 107 -14.75 -10.19 -3.97
N LEU B 108 -13.88 -9.71 -3.09
CA LEU B 108 -13.99 -9.98 -1.68
C LEU B 108 -15.12 -9.14 -1.12
N LEU B 109 -15.34 -8.03 -1.79
CA LEU B 109 -16.36 -7.05 -1.46
C LEU B 109 -17.73 -7.63 -1.75
N LYS B 110 -17.88 -8.07 -2.98
CA LYS B 110 -19.10 -8.68 -3.44
C LYS B 110 -19.42 -9.83 -2.51
N GLU B 111 -18.37 -10.42 -1.97
CA GLU B 111 -18.49 -11.50 -1.00
C GLU B 111 -18.91 -10.94 0.36
N LYS B 112 -18.39 -9.75 0.70
CA LYS B 112 -18.73 -9.11 1.95
C LYS B 112 -20.24 -9.03 2.12
N ALA B 113 -20.91 -8.62 1.04
CA ALA B 113 -22.35 -8.46 1.03
C ALA B 113 -23.06 -9.70 1.56
N SER B 114 -24.36 -9.57 1.77
CA SER B 114 -25.17 -10.68 2.26
C SER B 114 -26.64 -10.43 2.03
ZN ZN C . 4.68 4.94 12.71
ZN ZN D . 11.06 -1.53 -0.73
ZN ZN E . -7.12 -4.58 -2.57
ZN ZN F . 0.57 -3.80 -15.48
N GLY A 1 1.47 21.84 1.44
CA GLY A 1 0.24 22.53 0.98
C GLY A 1 -0.20 23.62 1.95
N LEU A 2 -1.36 24.21 1.68
CA LEU A 2 -1.90 25.26 2.53
C LEU A 2 -2.64 24.67 3.73
N GLY A 3 -3.36 23.58 3.49
CA GLY A 3 -4.10 22.93 4.56
C GLY A 3 -3.22 22.13 5.49
N LYS A 4 -3.71 20.96 5.87
CA LYS A 4 -2.97 20.08 6.78
C LYS A 4 -2.92 18.65 6.25
N GLY A 5 -2.33 17.75 7.03
CA GLY A 5 -2.24 16.37 6.62
C GLY A 5 -0.81 15.95 6.30
N GLY A 6 -0.67 14.85 5.56
CA GLY A 6 0.65 14.36 5.20
C GLY A 6 0.61 12.97 4.62
N ALA A 7 1.42 12.07 5.18
CA ALA A 7 1.48 10.68 4.74
C ALA A 7 2.01 10.58 3.31
OH ALY A 8 5.53 3.97 1.16
CH ALY A 8 6.59 3.73 1.77
CH3 ALY A 8 6.95 2.26 1.99
NZ ALY A 8 7.15 4.65 2.55
CE ALY A 8 6.39 5.73 3.16
CD ALY A 8 6.13 6.87 2.20
CG ALY A 8 5.17 7.89 2.80
CB ALY A 8 4.87 9.02 1.83
CA ALY A 8 3.37 9.34 1.71
N ALY A 8 2.80 9.55 3.04
C ALY A 8 2.65 8.21 0.99
O ALY A 8 2.73 8.10 -0.24
HH31 ALY A 8 7.99 2.20 2.31
HH32 ALY A 8 6.31 1.85 2.75
HH33 ALY A 8 6.82 1.71 1.07
HZ ALY A 8 7.99 4.40 2.99
HE3 ALY A 8 5.44 5.32 3.49
HE2 ALY A 8 6.93 6.10 4.01
HD3 ALY A 8 7.06 7.36 1.98
HD2 ALY A 8 5.70 6.48 1.29
HG3 ALY A 8 4.24 7.39 3.05
HG2 ALY A 8 5.61 8.30 3.69
HB3 ALY A 8 5.39 9.90 2.16
HB2 ALY A 8 5.23 8.74 0.85
HA ALY A 8 3.25 10.25 1.16
H ALY A 8 3.00 8.90 3.76
N ARG A 9 1.96 7.36 1.74
CA ARG A 9 1.24 6.23 1.16
C ARG A 9 2.21 5.39 0.32
N HIS A 10 2.12 5.55 -1.00
CA HIS A 10 2.98 4.84 -1.94
C HIS A 10 2.49 5.05 -3.38
N ARG A 11 3.38 5.56 -4.21
CA ARG A 11 3.05 5.81 -5.60
C ARG A 11 4.27 5.60 -6.49
N LYS A 12 5.45 5.71 -5.90
CA LYS A 12 6.68 5.50 -6.65
C LYS A 12 6.79 6.48 -7.81
N VAL A 13 7.14 7.73 -7.50
CA VAL A 13 7.28 8.75 -8.52
C VAL A 13 8.59 9.51 -8.35
N LEU A 14 9.08 9.58 -7.12
CA LEU A 14 10.33 10.27 -6.82
C LEU A 14 11.53 9.44 -7.27
N ARG A 15 11.27 8.18 -7.60
CA ARG A 15 12.33 7.28 -8.04
C ARG A 15 11.82 6.33 -9.13
N GLY B 1 12.62 -5.21 15.58
CA GLY B 1 12.70 -5.53 14.12
C GLY B 1 12.09 -4.45 13.26
N SER B 2 12.93 -3.71 12.53
CA SER B 2 12.47 -2.63 11.67
C SER B 2 11.68 -1.59 12.42
N TYR B 3 11.10 -0.68 11.66
CA TYR B 3 10.31 0.39 12.22
C TYR B 3 9.52 1.11 11.13
N CYS B 4 8.48 1.82 11.53
CA CYS B 4 7.68 2.59 10.60
C CYS B 4 8.52 3.71 10.01
N ASP B 5 8.46 3.87 8.71
CA ASP B 5 9.23 4.92 8.03
C ASP B 5 8.65 6.31 8.35
N PHE B 6 7.64 6.32 9.21
CA PHE B 6 6.96 7.57 9.62
C PHE B 6 7.32 7.95 11.07
N CYS B 7 7.58 6.96 11.94
CA CYS B 7 7.95 7.26 13.33
C CYS B 7 9.25 6.59 13.72
N LEU B 8 9.56 5.50 13.02
CA LEU B 8 10.76 4.75 13.25
C LEU B 8 10.75 4.03 14.59
N GLY B 9 9.66 3.31 14.84
CA GLY B 9 9.53 2.55 16.07
C GLY B 9 9.60 1.06 15.83
N GLY B 10 8.46 0.43 15.55
CA GLY B 10 8.46 -1.00 15.29
C GLY B 10 7.06 -1.61 15.26
N SER B 11 7.00 -2.89 14.87
CA SER B 11 5.74 -3.61 14.76
C SER B 11 5.26 -4.11 16.12
N ASN B 12 5.91 -3.62 17.16
CA ASN B 12 5.58 -3.96 18.54
C ASN B 12 5.87 -2.77 19.41
N MET B 13 5.95 -1.61 18.77
CA MET B 13 6.23 -0.37 19.46
C MET B 13 6.17 0.83 18.52
N ASN B 14 5.27 1.75 18.78
CA ASN B 14 5.15 2.95 17.96
C ASN B 14 6.00 4.04 18.57
N LYS B 15 6.40 5.01 17.76
CA LYS B 15 7.24 6.10 18.23
C LYS B 15 6.45 7.38 18.41
N LYS B 16 5.30 7.43 17.77
CA LYS B 16 4.43 8.59 17.87
C LYS B 16 3.18 8.27 18.68
N SER B 17 3.08 7.00 19.10
CA SER B 17 1.96 6.55 19.91
C SER B 17 2.47 5.76 21.09
N GLY B 18 3.61 5.13 20.88
CA GLY B 18 4.18 4.30 21.90
C GLY B 18 3.41 3.02 22.04
N ARG B 19 2.68 2.67 20.98
CA ARG B 19 1.88 1.45 21.00
C ARG B 19 2.44 0.32 20.15
N PRO B 20 2.13 -0.89 20.57
CA PRO B 20 2.51 -2.13 19.87
C PRO B 20 1.71 -2.34 18.57
N GLU B 21 1.92 -1.49 17.57
CA GLU B 21 1.21 -1.62 16.31
C GLU B 21 1.76 -2.80 15.50
N GLU B 22 2.00 -2.58 14.21
CA GLU B 22 2.54 -3.63 13.35
C GLU B 22 2.86 -3.08 11.95
N LEU B 23 4.10 -2.63 11.82
CA LEU B 23 4.60 -2.05 10.57
C LEU B 23 4.41 -2.93 9.34
N VAL B 24 4.83 -2.38 8.21
CA VAL B 24 4.80 -3.08 6.93
C VAL B 24 6.21 -3.16 6.41
N SER B 25 6.80 -4.34 6.44
CA SER B 25 8.17 -4.51 6.00
C SER B 25 8.23 -4.95 4.54
N CYS B 26 9.03 -4.26 3.75
CA CYS B 26 9.18 -4.62 2.35
C CYS B 26 9.81 -6.00 2.28
N ALA B 27 9.34 -6.84 1.38
CA ALA B 27 9.86 -8.19 1.26
C ALA B 27 11.14 -8.18 0.45
N ASP B 28 11.65 -6.97 0.22
CA ASP B 28 12.86 -6.78 -0.54
C ASP B 28 13.88 -5.99 0.28
N CYS B 29 13.48 -4.76 0.62
CA CYS B 29 14.32 -3.85 1.40
C CYS B 29 14.26 -4.15 2.88
N GLY B 30 13.05 -4.46 3.33
CA GLY B 30 12.84 -4.72 4.74
C GLY B 30 12.35 -3.49 5.47
N ARG B 31 12.19 -2.38 4.73
CA ARG B 31 11.73 -1.13 5.30
C ARG B 31 10.31 -1.30 5.82
N SER B 32 10.01 -0.75 6.98
CA SER B 32 8.68 -0.92 7.53
C SER B 32 7.92 0.39 7.74
N GLY B 33 6.60 0.27 7.82
CA GLY B 33 5.74 1.43 8.01
C GLY B 33 4.51 1.12 8.87
N HIS B 34 4.05 2.05 9.70
CA HIS B 34 2.86 1.77 10.48
C HIS B 34 1.69 1.87 9.55
N PRO B 35 0.88 0.82 9.38
CA PRO B 35 -0.25 0.88 8.45
C PRO B 35 -1.07 2.16 8.66
N THR B 36 -1.41 2.46 9.91
CA THR B 36 -2.16 3.67 10.22
C THR B 36 -1.41 4.91 9.74
N CYS B 37 -0.08 4.81 9.72
CA CYS B 37 0.78 5.91 9.28
C CYS B 37 0.79 6.03 7.77
N LEU B 38 0.78 4.89 7.07
CA LEU B 38 0.78 4.92 5.61
C LEU B 38 -0.62 5.23 5.08
N GLN B 39 -1.56 5.45 6.00
CA GLN B 39 -2.94 5.74 5.65
C GLN B 39 -3.63 4.48 5.15
N PHE B 40 -3.00 3.35 5.43
CA PHE B 40 -3.53 2.04 5.03
C PHE B 40 -4.89 1.79 5.65
N THR B 41 -5.38 0.58 5.46
CA THR B 41 -6.67 0.16 6.00
C THR B 41 -6.53 -1.22 6.62
N LEU B 42 -7.61 -1.77 7.15
CA LEU B 42 -7.55 -3.09 7.77
C LEU B 42 -7.30 -4.19 6.74
N ASN B 43 -7.96 -4.11 5.58
CA ASN B 43 -7.78 -5.11 4.53
C ASN B 43 -6.35 -5.05 3.96
N MET B 44 -5.82 -3.84 3.80
CA MET B 44 -4.45 -3.68 3.30
C MET B 44 -3.49 -4.17 4.32
N THR B 45 -3.61 -3.64 5.52
CA THR B 45 -2.73 -4.03 6.59
C THR B 45 -2.74 -5.54 6.65
N GLU B 46 -3.95 -6.06 6.71
CA GLU B 46 -4.20 -7.49 6.74
C GLU B 46 -3.48 -8.21 5.58
N ALA B 47 -3.71 -7.70 4.37
CA ALA B 47 -3.12 -8.30 3.16
C ALA B 47 -1.61 -8.28 3.23
N VAL B 48 -1.09 -7.08 3.30
CA VAL B 48 0.33 -6.81 3.36
C VAL B 48 1.00 -7.53 4.52
N LYS B 49 0.20 -7.91 5.51
CA LYS B 49 0.73 -8.61 6.68
C LYS B 49 1.09 -10.05 6.33
N THR B 50 0.18 -10.69 5.61
CA THR B 50 0.35 -12.09 5.22
C THR B 50 1.27 -12.27 4.01
N TYR B 51 1.15 -11.45 2.97
CA TYR B 51 2.00 -11.66 1.80
C TYR B 51 3.19 -10.68 1.75
N LYS B 52 3.70 -10.43 0.54
CA LYS B 52 4.89 -9.60 0.34
C LYS B 52 4.67 -8.12 0.62
N TRP B 53 3.66 -7.55 -0.03
CA TRP B 53 3.36 -6.12 0.07
C TRP B 53 4.43 -5.35 -0.70
N GLN B 54 5.69 -5.51 -0.27
CA GLN B 54 6.82 -4.86 -0.91
C GLN B 54 6.65 -3.35 -0.95
N CYS B 55 7.65 -2.63 -0.46
CA CYS B 55 7.58 -1.19 -0.44
C CYS B 55 7.25 -0.68 -1.84
N ILE B 56 6.72 0.52 -1.89
CA ILE B 56 6.31 1.15 -3.13
C ILE B 56 7.37 1.05 -4.22
N GLU B 57 8.58 1.49 -3.93
CA GLU B 57 9.65 1.44 -4.91
C GLU B 57 9.81 0.03 -5.49
N CYS B 58 9.35 -0.98 -4.73
CA CYS B 58 9.44 -2.37 -5.18
C CYS B 58 8.08 -2.92 -5.59
N LYS B 59 7.03 -2.13 -5.41
CA LYS B 59 5.70 -2.58 -5.77
C LYS B 59 5.67 -2.88 -7.26
N SER B 60 4.64 -3.55 -7.73
CA SER B 60 4.54 -3.88 -9.14
C SER B 60 3.12 -4.14 -9.56
N CYS B 61 2.93 -4.20 -10.87
CA CYS B 61 1.62 -4.45 -11.42
C CYS B 61 1.25 -5.91 -11.26
N ILE B 62 0.51 -6.24 -10.21
CA ILE B 62 0.07 -7.61 -10.00
C ILE B 62 -0.39 -8.17 -11.34
N LEU B 63 -0.84 -7.25 -12.19
CA LEU B 63 -1.28 -7.57 -13.54
C LEU B 63 -0.07 -7.87 -14.42
N CYS B 64 0.85 -6.92 -14.51
CA CYS B 64 2.09 -7.11 -15.28
C CYS B 64 3.17 -7.70 -14.39
N GLY B 65 3.52 -6.95 -13.37
CA GLY B 65 4.55 -7.34 -12.44
C GLY B 65 5.87 -6.79 -12.90
N THR B 66 5.82 -5.61 -13.51
CA THR B 66 7.00 -4.97 -14.05
C THR B 66 7.17 -3.55 -13.53
N SER B 67 6.11 -3.02 -12.96
CA SER B 67 6.09 -1.66 -12.42
C SER B 67 6.59 -0.66 -13.46
N GLU B 68 6.60 -1.07 -14.72
CA GLU B 68 7.04 -0.20 -15.81
C GLU B 68 6.37 1.18 -15.77
N ASN B 69 5.13 1.24 -16.22
CA ASN B 69 4.38 2.49 -16.27
C ASN B 69 3.74 2.85 -14.93
N ASP B 70 4.49 2.76 -13.83
CA ASP B 70 3.99 3.10 -12.50
C ASP B 70 3.20 4.40 -12.49
N ASP B 71 3.37 5.22 -13.53
CA ASP B 71 2.64 6.48 -13.63
C ASP B 71 1.16 6.18 -13.84
N GLN B 72 0.88 4.91 -14.10
CA GLN B 72 -0.47 4.44 -14.33
C GLN B 72 -0.82 3.38 -13.30
N LEU B 73 0.21 2.81 -12.69
CA LEU B 73 0.01 1.81 -11.68
C LEU B 73 -0.91 2.32 -10.62
N LEU B 74 -1.84 1.47 -10.25
CA LEU B 74 -2.84 1.80 -9.26
C LEU B 74 -2.56 1.06 -8.00
N PHE B 75 -2.26 1.81 -6.99
CA PHE B 75 -1.91 1.27 -5.72
C PHE B 75 -3.13 1.01 -4.87
N CYS B 76 -3.62 -0.22 -4.94
CA CYS B 76 -4.76 -0.60 -4.13
C CYS B 76 -4.34 -0.36 -2.69
N ASP B 77 -4.95 0.59 -2.03
CA ASP B 77 -4.56 0.86 -0.67
C ASP B 77 -5.23 -0.11 0.29
N ASP B 78 -5.71 -1.25 -0.24
CA ASP B 78 -6.39 -2.24 0.57
C ASP B 78 -5.66 -3.61 0.57
N CYS B 79 -4.50 -3.66 -0.07
CA CYS B 79 -3.65 -4.84 -0.14
C CYS B 79 -2.29 -4.40 -0.67
N ASP B 80 -2.32 -3.26 -1.36
CA ASP B 80 -1.14 -2.64 -1.96
C ASP B 80 -0.87 -3.17 -3.38
N ARG B 81 -1.81 -3.96 -3.90
CA ARG B 81 -1.72 -4.51 -5.25
C ARG B 81 -1.76 -3.41 -6.30
N GLY B 82 -0.71 -3.30 -7.10
CA GLY B 82 -0.65 -2.26 -8.13
C GLY B 82 -1.10 -2.75 -9.49
N TYR B 83 -1.95 -1.98 -10.15
CA TYR B 83 -2.42 -2.29 -11.51
C TYR B 83 -2.33 -1.06 -12.37
N HIS B 84 -1.71 -1.14 -13.53
CA HIS B 84 -1.66 0.05 -14.36
C HIS B 84 -3.11 0.34 -14.73
N MET B 85 -3.68 1.49 -14.31
CA MET B 85 -5.10 1.81 -14.59
C MET B 85 -5.61 1.15 -15.86
N TYR B 86 -4.74 0.97 -16.83
CA TYR B 86 -5.15 0.37 -18.07
C TYR B 86 -4.80 -1.11 -18.09
N CYS B 87 -4.77 -1.72 -16.91
CA CYS B 87 -4.47 -3.13 -16.81
C CYS B 87 -5.62 -3.83 -16.15
N LEU B 88 -6.31 -3.07 -15.34
CA LEU B 88 -7.45 -3.56 -14.60
C LEU B 88 -8.55 -4.05 -15.52
N ASN B 89 -9.63 -4.51 -14.92
CA ASN B 89 -10.79 -4.86 -15.65
C ASN B 89 -11.42 -3.52 -15.83
N PRO B 90 -12.57 -3.34 -16.50
CA PRO B 90 -13.10 -2.03 -16.73
C PRO B 90 -12.18 -0.90 -16.24
N PRO B 91 -10.94 -0.89 -16.79
CA PRO B 91 -9.85 0.07 -16.50
C PRO B 91 -10.32 1.47 -16.14
N VAL B 92 -9.39 2.25 -15.56
CA VAL B 92 -9.65 3.61 -15.17
C VAL B 92 -8.63 4.52 -15.86
N ALA B 93 -8.83 5.82 -15.76
CA ALA B 93 -7.94 6.77 -16.43
C ALA B 93 -6.89 7.40 -15.51
N GLU B 94 -7.26 7.69 -14.26
CA GLU B 94 -6.33 8.34 -13.31
C GLU B 94 -6.87 8.31 -11.88
N PRO B 95 -8.13 8.74 -11.73
CA PRO B 95 -8.93 8.78 -10.52
C PRO B 95 -8.43 8.07 -9.27
N PRO B 96 -8.00 6.79 -9.31
CA PRO B 96 -7.59 6.07 -8.11
C PRO B 96 -6.24 6.51 -7.55
N GLU B 97 -6.06 7.82 -7.41
CA GLU B 97 -4.83 8.35 -6.85
C GLU B 97 -4.84 8.20 -5.32
N GLY B 98 -5.94 7.65 -4.80
CA GLY B 98 -6.07 7.45 -3.36
C GLY B 98 -7.47 7.14 -2.91
N SER B 99 -7.88 5.89 -3.09
CA SER B 99 -9.20 5.41 -2.69
C SER B 99 -9.47 4.03 -3.29
N TRP B 100 -8.89 3.82 -4.45
CA TRP B 100 -9.03 2.59 -5.21
C TRP B 100 -9.03 1.34 -4.37
N SER B 101 -9.53 0.30 -5.01
CA SER B 101 -9.63 -1.03 -4.46
C SER B 101 -9.43 -2.04 -5.59
N CYS B 102 -8.34 -2.77 -5.53
CA CYS B 102 -8.00 -3.74 -6.57
C CYS B 102 -9.12 -4.77 -6.76
N HIS B 103 -8.97 -5.65 -7.77
CA HIS B 103 -9.98 -6.65 -8.02
C HIS B 103 -10.01 -7.66 -6.89
N LEU B 104 -8.88 -7.86 -6.22
CA LEU B 104 -8.83 -8.78 -5.09
C LEU B 104 -9.77 -8.27 -4.02
N CYS B 105 -9.67 -6.96 -3.84
CA CYS B 105 -10.48 -6.24 -2.87
C CYS B 105 -11.94 -6.42 -3.10
N TRP B 106 -12.29 -6.22 -4.33
CA TRP B 106 -13.66 -6.23 -4.75
C TRP B 106 -14.33 -7.54 -4.57
N GLU B 107 -13.73 -8.56 -5.07
CA GLU B 107 -14.32 -9.84 -4.94
C GLU B 107 -14.40 -10.15 -3.47
N LEU B 108 -13.48 -9.55 -2.72
CA LEU B 108 -13.42 -9.69 -1.29
C LEU B 108 -14.53 -8.86 -0.69
N LEU B 109 -14.90 -7.84 -1.45
CA LEU B 109 -15.94 -6.90 -1.11
C LEU B 109 -17.30 -7.55 -1.24
N LYS B 110 -17.56 -8.02 -2.45
CA LYS B 110 -18.80 -8.68 -2.77
C LYS B 110 -19.04 -9.84 -1.81
N GLU B 111 -17.94 -10.44 -1.36
CA GLU B 111 -18.00 -11.57 -0.44
C GLU B 111 -18.06 -11.15 1.02
N LYS B 112 -17.27 -10.15 1.43
CA LYS B 112 -17.26 -9.74 2.81
C LYS B 112 -18.53 -8.98 3.19
N ALA B 113 -19.02 -8.18 2.25
CA ALA B 113 -20.22 -7.37 2.46
C ALA B 113 -21.47 -8.23 2.41
N SER B 114 -22.63 -7.59 2.58
CA SER B 114 -23.91 -8.28 2.56
C SER B 114 -25.06 -7.30 2.61
ZN ZN C . 4.40 5.40 12.40
ZN ZN D . 11.49 -2.30 -1.27
ZN ZN E . -6.77 -4.73 -2.77
ZN ZN F . 0.23 -3.44 -15.82
N GLY A 1 -17.07 20.59 2.42
CA GLY A 1 -16.57 19.56 3.37
C GLY A 1 -16.18 18.27 2.67
N LEU A 2 -14.90 17.91 2.76
CA LEU A 2 -14.41 16.70 2.14
C LEU A 2 -13.18 16.15 2.88
N GLY A 3 -12.80 14.93 2.55
CA GLY A 3 -11.65 14.31 3.19
C GLY A 3 -10.42 14.32 2.31
N LYS A 4 -9.47 15.19 2.62
CA LYS A 4 -8.24 15.30 1.86
C LYS A 4 -7.02 15.27 2.78
N GLY A 5 -6.19 14.25 2.63
CA GLY A 5 -5.01 14.12 3.45
C GLY A 5 -4.17 12.91 3.09
N GLY A 6 -3.67 12.88 1.86
CA GLY A 6 -2.85 11.77 1.42
C GLY A 6 -1.45 11.82 1.98
N ALA A 7 -1.00 10.70 2.52
CA ALA A 7 0.34 10.62 3.10
C ALA A 7 1.31 9.90 2.16
OH ALY A 8 6.35 3.38 4.83
CH ALY A 8 6.72 3.55 3.67
CH3 ALY A 8 6.42 2.46 2.64
NZ ALY A 8 7.03 4.76 3.23
CE ALY A 8 6.51 5.97 3.85
CD ALY A 8 6.84 7.23 3.04
CG ALY A 8 5.72 7.61 2.09
CB ALY A 8 4.69 8.50 2.77
CA ALY A 8 3.49 8.85 1.90
N ALY A 8 2.47 9.54 2.69
C ALY A 8 2.93 7.59 1.26
O ALY A 8 2.82 7.49 0.05
HH31 ALY A 8 6.93 1.55 2.92
HH32 ALY A 8 5.36 2.30 2.60
HH33 ALY A 8 6.77 2.78 1.67
HZ ALY A 8 7.33 4.84 2.30
HE3 ALY A 8 5.43 5.88 3.93
HE2 ALY A 8 6.93 6.07 4.84
HD3 ALY A 8 7.02 8.04 3.72
HD2 ALY A 8 7.74 7.03 2.47
HG3 ALY A 8 6.14 8.15 1.25
HG2 ALY A 8 5.23 6.71 1.74
HB3 ALY A 8 4.34 7.98 3.65
HB2 ALY A 8 5.18 9.40 3.08
HA ALY A 8 3.82 9.51 1.12
H ALY A 8 2.67 9.76 3.63
N ARG A 9 2.56 6.61 2.10
CA ARG A 9 2.02 5.35 1.62
C ARG A 9 2.99 4.75 0.60
N HIS A 10 2.69 4.90 -0.68
CA HIS A 10 3.58 4.41 -1.73
C HIS A 10 3.65 5.40 -2.88
N ARG A 11 3.17 5.01 -4.06
CA ARG A 11 3.21 5.88 -5.24
C ARG A 11 4.65 6.34 -5.51
N LYS A 12 5.31 5.67 -6.45
CA LYS A 12 6.69 5.99 -6.79
C LYS A 12 6.76 7.03 -7.90
N VAL A 13 7.79 7.88 -7.84
CA VAL A 13 7.98 8.92 -8.83
C VAL A 13 9.41 8.90 -9.38
N LEU A 14 9.55 9.25 -10.66
CA LEU A 14 10.87 9.26 -11.29
C LEU A 14 11.38 10.69 -11.47
N ARG A 15 10.50 11.57 -11.94
CA ARG A 15 10.86 12.96 -12.17
C ARG A 15 10.58 13.81 -10.93
N GLY B 1 13.95 -6.69 12.49
CA GLY B 1 14.72 -5.43 12.64
C GLY B 1 14.27 -4.36 11.67
N SER B 2 13.20 -3.65 12.01
CA SER B 2 12.67 -2.60 11.15
C SER B 2 11.92 -1.55 11.95
N TYR B 3 11.26 -0.66 11.23
CA TYR B 3 10.49 0.40 11.82
C TYR B 3 9.61 1.09 10.79
N CYS B 4 8.59 1.79 11.27
CA CYS B 4 7.71 2.54 10.41
C CYS B 4 8.46 3.69 9.76
N ASP B 5 8.30 3.85 8.46
CA ASP B 5 8.97 4.93 7.75
C ASP B 5 8.42 6.28 8.16
N PHE B 6 7.40 6.25 9.01
CA PHE B 6 6.73 7.47 9.48
C PHE B 6 7.21 7.87 10.89
N CYS B 7 7.58 6.89 11.73
CA CYS B 7 8.05 7.21 13.09
C CYS B 7 9.38 6.55 13.37
N LEU B 8 9.65 5.48 12.65
CA LEU B 8 10.87 4.73 12.79
C LEU B 8 10.95 4.02 14.14
N GLY B 9 9.87 3.33 14.49
CA GLY B 9 9.83 2.57 15.74
C GLY B 9 10.13 1.10 15.52
N GLY B 10 9.08 0.27 15.38
CA GLY B 10 9.34 -1.15 15.14
C GLY B 10 8.19 -2.07 15.48
N SER B 11 7.03 -1.82 14.89
CA SER B 11 5.85 -2.66 15.04
C SER B 11 5.35 -2.71 16.48
N ASN B 12 5.83 -3.68 17.25
CA ASN B 12 5.41 -3.84 18.64
C ASN B 12 5.79 -2.63 19.49
N MET B 13 6.18 -1.53 18.84
CA MET B 13 6.55 -0.32 19.57
C MET B 13 6.46 0.92 18.69
N ASN B 14 5.32 1.58 18.73
CA ASN B 14 5.13 2.80 17.96
C ASN B 14 6.01 3.89 18.55
N LYS B 15 6.40 4.85 17.74
CA LYS B 15 7.26 5.93 18.19
C LYS B 15 6.50 7.23 18.40
N LYS B 16 5.47 7.43 17.59
CA LYS B 16 4.67 8.64 17.69
C LYS B 16 3.33 8.36 18.34
N SER B 17 3.15 7.13 18.82
CA SER B 17 1.92 6.73 19.49
C SER B 17 2.21 6.18 20.87
N GLY B 18 3.48 5.89 21.11
CA GLY B 18 3.91 5.37 22.40
C GLY B 18 3.29 4.04 22.76
N ARG B 19 2.73 3.37 21.77
CA ARG B 19 2.11 2.07 22.01
C ARG B 19 2.41 1.09 20.87
N PRO B 20 2.25 -0.20 21.15
CA PRO B 20 2.50 -1.29 20.20
C PRO B 20 1.63 -1.22 18.95
N GLU B 21 2.12 -1.85 17.88
CA GLU B 21 1.42 -1.90 16.61
C GLU B 21 2.08 -2.98 15.74
N GLU B 22 2.19 -2.74 14.45
CA GLU B 22 2.84 -3.70 13.55
C GLU B 22 3.06 -3.13 12.16
N LEU B 23 4.29 -2.70 11.94
CA LEU B 23 4.72 -2.11 10.66
C LEU B 23 4.42 -2.98 9.47
N VAL B 24 4.63 -2.38 8.30
CA VAL B 24 4.47 -3.09 7.04
C VAL B 24 5.84 -3.31 6.49
N SER B 25 6.32 -4.53 6.58
CA SER B 25 7.67 -4.82 6.11
C SER B 25 7.63 -5.27 4.66
N CYS B 26 8.35 -4.54 3.82
CA CYS B 26 8.41 -4.87 2.41
C CYS B 26 8.99 -6.26 2.22
N ALA B 27 8.47 -6.99 1.23
CA ALA B 27 8.92 -8.34 0.95
C ALA B 27 10.01 -8.38 -0.12
N ASP B 28 10.64 -7.24 -0.36
CA ASP B 28 11.68 -7.16 -1.37
C ASP B 28 12.89 -6.41 -0.85
N CYS B 29 12.67 -5.17 -0.42
CA CYS B 29 13.74 -4.32 0.09
C CYS B 29 13.84 -4.44 1.61
N GLY B 30 12.72 -4.27 2.30
CA GLY B 30 12.72 -4.40 3.76
C GLY B 30 12.26 -3.15 4.50
N ARG B 31 11.58 -2.23 3.82
CA ARG B 31 11.09 -1.00 4.47
C ARG B 31 9.79 -1.29 5.23
N SER B 32 9.68 -0.75 6.44
CA SER B 32 8.48 -0.99 7.24
C SER B 32 7.70 0.30 7.52
N GLY B 33 6.39 0.14 7.79
CA GLY B 33 5.54 1.29 8.07
C GLY B 33 4.40 0.99 9.04
N HIS B 34 4.02 1.91 9.90
CA HIS B 34 2.90 1.60 10.79
C HIS B 34 1.66 1.70 9.91
N PRO B 35 0.88 0.64 9.73
CA PRO B 35 -0.26 0.71 8.83
C PRO B 35 -1.11 1.97 9.03
N THR B 36 -1.41 2.29 10.29
CA THR B 36 -2.19 3.50 10.57
C THR B 36 -1.48 4.72 10.03
N CYS B 37 -0.15 4.67 10.08
CA CYS B 37 0.70 5.76 9.58
C CYS B 37 0.69 5.80 8.06
N LEU B 38 0.78 4.63 7.44
CA LEU B 38 0.78 4.53 5.99
C LEU B 38 -0.45 5.15 5.37
N GLN B 39 -1.52 5.25 6.17
CA GLN B 39 -2.81 5.76 5.71
C GLN B 39 -3.62 4.62 5.12
N PHE B 40 -3.09 3.39 5.31
CA PHE B 40 -3.74 2.17 4.85
C PHE B 40 -5.10 2.01 5.51
N THR B 41 -5.63 0.79 5.42
CA THR B 41 -6.90 0.46 6.03
C THR B 41 -6.76 -0.87 6.76
N LEU B 42 -7.74 -1.24 7.56
CA LEU B 42 -7.66 -2.51 8.28
C LEU B 42 -7.40 -3.66 7.31
N ASN B 43 -8.20 -3.73 6.26
CA ASN B 43 -8.04 -4.79 5.26
C ASN B 43 -6.62 -4.78 4.70
N MET B 44 -6.18 -3.60 4.29
CA MET B 44 -4.84 -3.44 3.74
C MET B 44 -3.83 -3.98 4.72
N THR B 45 -3.94 -3.52 5.95
CA THR B 45 -3.02 -3.93 6.97
C THR B 45 -2.94 -5.45 7.00
N GLU B 46 -4.09 -6.09 7.16
CA GLU B 46 -4.15 -7.54 7.20
C GLU B 46 -3.51 -8.16 5.95
N ALA B 47 -3.89 -7.64 4.79
CA ALA B 47 -3.38 -8.14 3.51
C ALA B 47 -1.88 -8.05 3.45
N VAL B 48 -1.41 -6.82 3.52
CA VAL B 48 -0.01 -6.50 3.48
C VAL B 48 0.78 -7.17 4.60
N LYS B 49 0.07 -7.57 5.64
CA LYS B 49 0.69 -8.22 6.78
C LYS B 49 1.16 -9.63 6.45
N THR B 50 0.27 -10.36 5.79
CA THR B 50 0.53 -11.76 5.44
C THR B 50 1.21 -11.93 4.08
N TYR B 51 0.64 -11.38 3.00
CA TYR B 51 1.22 -11.57 1.68
C TYR B 51 2.30 -10.53 1.38
N LYS B 52 2.70 -10.44 0.12
CA LYS B 52 3.76 -9.54 -0.30
C LYS B 52 3.21 -8.12 -0.50
N TRP B 53 3.66 -7.20 0.34
CA TRP B 53 3.21 -5.82 0.25
C TRP B 53 4.19 -4.96 -0.53
N GLN B 54 5.46 -5.40 -0.61
CA GLN B 54 6.52 -4.68 -1.32
C GLN B 54 6.35 -3.18 -1.23
N CYS B 55 7.21 -2.52 -0.47
CA CYS B 55 7.11 -1.07 -0.31
C CYS B 55 7.02 -0.40 -1.69
N ILE B 56 6.94 0.91 -1.73
CA ILE B 56 6.77 1.59 -2.99
C ILE B 56 7.98 1.54 -3.91
N GLU B 57 9.14 1.92 -3.40
CA GLU B 57 10.37 1.96 -4.20
C GLU B 57 10.46 0.77 -5.15
N CYS B 58 9.98 -0.37 -4.69
CA CYS B 58 9.98 -1.57 -5.52
C CYS B 58 8.73 -1.58 -6.37
N LYS B 59 7.60 -1.66 -5.68
CA LYS B 59 6.29 -1.73 -6.29
C LYS B 59 6.26 -2.54 -7.59
N SER B 60 5.07 -2.64 -8.18
CA SER B 60 4.89 -3.37 -9.45
C SER B 60 3.42 -3.60 -9.75
N CYS B 61 3.20 -4.04 -10.97
CA CYS B 61 1.87 -4.36 -11.46
C CYS B 61 1.57 -5.83 -11.30
N ILE B 62 0.80 -6.21 -10.27
CA ILE B 62 0.41 -7.60 -10.11
C ILE B 62 0.02 -8.15 -11.48
N LEU B 63 -0.48 -7.24 -12.30
CA LEU B 63 -0.89 -7.54 -13.65
C LEU B 63 0.34 -7.76 -14.54
N CYS B 64 1.23 -6.77 -14.57
CA CYS B 64 2.47 -6.88 -15.33
C CYS B 64 3.58 -7.44 -14.45
N GLY B 65 3.87 -6.70 -13.39
CA GLY B 65 4.93 -7.07 -12.48
C GLY B 65 6.23 -6.49 -12.94
N THR B 66 6.13 -5.29 -13.52
CA THR B 66 7.30 -4.62 -14.06
C THR B 66 7.44 -3.20 -13.54
N SER B 67 6.36 -2.70 -12.94
CA SER B 67 6.34 -1.35 -12.40
C SER B 67 6.75 -0.32 -13.45
N GLU B 68 6.76 -0.74 -14.72
CA GLU B 68 7.14 0.14 -15.83
C GLU B 68 6.41 1.49 -15.77
N ASN B 69 5.19 1.50 -16.29
CA ASN B 69 4.39 2.73 -16.33
C ASN B 69 3.73 3.03 -14.99
N ASP B 70 4.47 2.86 -13.88
CA ASP B 70 3.93 3.12 -12.55
C ASP B 70 3.13 4.42 -12.48
N ASP B 71 3.30 5.28 -13.47
CA ASP B 71 2.53 6.52 -13.51
C ASP B 71 1.06 6.20 -13.72
N GLN B 72 0.81 4.93 -14.01
CA GLN B 72 -0.52 4.42 -14.22
C GLN B 72 -0.82 3.33 -13.20
N LEU B 73 0.23 2.81 -12.59
CA LEU B 73 0.07 1.78 -11.61
C LEU B 73 -0.87 2.25 -10.53
N LEU B 74 -1.75 1.36 -10.16
CA LEU B 74 -2.76 1.65 -9.18
C LEU B 74 -2.49 0.88 -7.93
N PHE B 75 -2.21 1.62 -6.88
CA PHE B 75 -1.89 1.03 -5.62
C PHE B 75 -3.14 0.84 -4.80
N CYS B 76 -3.70 -0.36 -4.89
CA CYS B 76 -4.88 -0.66 -4.11
C CYS B 76 -4.51 -0.51 -2.67
N ASP B 77 -4.99 0.54 -2.03
CA ASP B 77 -4.63 0.72 -0.65
C ASP B 77 -5.46 -0.17 0.27
N ASP B 78 -5.68 -1.42 -0.16
CA ASP B 78 -6.41 -2.40 0.62
C ASP B 78 -5.66 -3.72 0.65
N CYS B 79 -4.43 -3.68 0.11
CA CYS B 79 -3.56 -4.84 0.07
C CYS B 79 -2.25 -4.47 -0.61
N ASP B 80 -2.28 -3.39 -1.41
CA ASP B 80 -1.11 -2.84 -2.11
C ASP B 80 -0.97 -3.31 -3.57
N ARG B 81 -1.70 -4.34 -3.97
CA ARG B 81 -1.63 -4.83 -5.35
C ARG B 81 -1.70 -3.69 -6.36
N GLY B 82 -0.60 -3.48 -7.10
CA GLY B 82 -0.54 -2.40 -8.08
C GLY B 82 -0.94 -2.85 -9.48
N TYR B 83 -1.81 -2.07 -10.13
CA TYR B 83 -2.24 -2.38 -11.51
C TYR B 83 -2.21 -1.11 -12.33
N HIS B 84 -1.60 -1.13 -13.49
CA HIS B 84 -1.60 0.08 -14.31
C HIS B 84 -3.06 0.30 -14.66
N MET B 85 -3.68 1.43 -14.26
CA MET B 85 -5.11 1.66 -14.55
C MET B 85 -5.58 1.02 -15.84
N TYR B 86 -4.68 0.91 -16.79
CA TYR B 86 -5.06 0.31 -18.06
C TYR B 86 -4.66 -1.16 -18.11
N CYS B 87 -4.62 -1.79 -16.94
CA CYS B 87 -4.27 -3.19 -16.86
C CYS B 87 -5.38 -3.95 -16.20
N LEU B 88 -6.12 -3.23 -15.39
CA LEU B 88 -7.23 -3.79 -14.63
C LEU B 88 -8.23 -4.52 -15.53
N ASN B 89 -9.24 -5.09 -14.90
CA ASN B 89 -10.30 -5.79 -15.59
C ASN B 89 -11.29 -4.76 -16.06
N PRO B 90 -11.60 -3.80 -15.16
CA PRO B 90 -12.43 -2.67 -15.46
C PRO B 90 -11.60 -1.41 -15.31
N PRO B 91 -10.64 -1.29 -16.23
CA PRO B 91 -9.65 -0.21 -16.26
C PRO B 91 -10.21 1.17 -15.96
N VAL B 92 -9.37 1.97 -15.33
CA VAL B 92 -9.71 3.33 -14.96
C VAL B 92 -8.75 4.28 -15.68
N ALA B 93 -8.99 5.57 -15.56
CA ALA B 93 -8.17 6.56 -16.25
C ALA B 93 -7.08 7.17 -15.38
N GLU B 94 -7.38 7.47 -14.11
CA GLU B 94 -6.41 8.11 -13.21
C GLU B 94 -6.87 8.03 -11.75
N PRO B 95 -8.12 8.45 -11.52
CA PRO B 95 -8.83 8.47 -10.26
C PRO B 95 -8.22 7.73 -9.06
N PRO B 96 -7.83 6.44 -9.15
CA PRO B 96 -7.31 5.73 -8.01
C PRO B 96 -5.89 6.08 -7.64
N GLU B 97 -5.59 7.37 -7.60
CA GLU B 97 -4.25 7.82 -7.23
C GLU B 97 -4.09 7.74 -5.71
N GLY B 98 -5.17 7.32 -5.05
CA GLY B 98 -5.16 7.19 -3.61
C GLY B 98 -5.94 5.99 -3.13
N SER B 99 -7.26 6.05 -3.29
CA SER B 99 -8.13 4.98 -2.84
C SER B 99 -7.93 3.71 -3.69
N TRP B 100 -9.04 3.18 -4.24
CA TRP B 100 -9.01 1.98 -5.07
C TRP B 100 -8.89 0.74 -4.21
N SER B 101 -9.33 -0.37 -4.77
CA SER B 101 -9.29 -1.63 -4.03
C SER B 101 -8.86 -2.82 -4.88
N CYS B 102 -8.24 -2.57 -6.02
CA CYS B 102 -7.81 -3.67 -6.92
C CYS B 102 -8.98 -4.62 -7.14
N HIS B 103 -8.81 -5.62 -7.98
CA HIS B 103 -9.91 -6.53 -8.20
C HIS B 103 -10.05 -7.50 -7.04
N LEU B 104 -8.91 -7.88 -6.47
CA LEU B 104 -8.86 -8.85 -5.38
C LEU B 104 -9.74 -8.50 -4.20
N CYS B 105 -9.67 -7.25 -3.78
CA CYS B 105 -10.34 -6.84 -2.54
C CYS B 105 -11.87 -6.72 -2.59
N TRP B 106 -12.40 -5.86 -3.43
CA TRP B 106 -13.85 -5.72 -3.49
C TRP B 106 -14.49 -6.98 -4.01
N GLU B 107 -13.82 -7.68 -4.89
CA GLU B 107 -14.35 -8.92 -5.38
C GLU B 107 -14.35 -9.91 -4.23
N LEU B 108 -13.41 -9.71 -3.32
CA LEU B 108 -13.30 -10.51 -2.12
C LEU B 108 -14.42 -10.09 -1.20
N LEU B 109 -14.82 -8.84 -1.37
CA LEU B 109 -15.91 -8.25 -0.61
C LEU B 109 -17.17 -8.99 -0.98
N LYS B 110 -17.41 -9.02 -2.27
CA LYS B 110 -18.55 -9.71 -2.84
C LYS B 110 -18.44 -11.18 -2.48
N GLU B 111 -17.19 -11.64 -2.36
CA GLU B 111 -16.90 -13.02 -2.00
C GLU B 111 -17.39 -13.33 -0.60
N LYS B 112 -16.96 -12.54 0.39
CA LYS B 112 -17.37 -12.77 1.74
C LYS B 112 -18.82 -12.37 1.97
N ALA B 113 -19.31 -11.46 1.11
CA ALA B 113 -20.67 -10.97 1.20
C ALA B 113 -21.69 -12.10 1.11
N SER B 114 -22.97 -11.74 1.28
CA SER B 114 -24.04 -12.72 1.20
C SER B 114 -25.40 -12.03 1.31
ZN ZN C . 4.50 5.27 12.48
ZN ZN D . 10.30 -2.59 -1.33
ZN ZN E . -6.48 -4.99 -2.99
ZN ZN F . 0.43 -3.31 -15.84
N GLY A 1 -1.79 23.61 -4.74
CA GLY A 1 -2.54 22.55 -5.49
C GLY A 1 -1.63 21.70 -6.35
N LEU A 2 -0.35 21.66 -6.01
CA LEU A 2 0.62 20.87 -6.74
C LEU A 2 1.07 19.65 -5.94
N GLY A 3 0.59 19.57 -4.71
CA GLY A 3 0.95 18.45 -3.85
C GLY A 3 -0.27 17.77 -3.26
N LYS A 4 -0.05 16.60 -2.65
CA LYS A 4 -1.13 15.85 -2.04
C LYS A 4 -1.09 15.95 -0.51
N GLY A 5 -0.51 17.05 -0.02
CA GLY A 5 -0.40 17.25 1.41
C GLY A 5 0.98 16.93 1.93
N GLY A 6 1.04 15.99 2.88
CA GLY A 6 2.31 15.59 3.46
C GLY A 6 2.31 14.15 3.93
N ALA A 7 1.64 13.29 3.17
CA ALA A 7 1.56 11.87 3.50
C ALA A 7 2.56 11.05 2.69
OH ALY A 8 6.43 3.56 4.62
CH ALY A 8 6.74 3.53 3.43
CH3 ALY A 8 6.56 2.22 2.66
NZ ALY A 8 6.86 4.64 2.72
CE ALY A 8 6.19 5.89 3.10
CD ALY A 8 6.02 6.82 1.91
CG ALY A 8 6.11 8.29 2.31
CB ALY A 8 4.93 8.74 3.15
CA ALY A 8 3.61 8.87 2.36
N ALY A 8 2.70 9.78 3.05
C ALY A 8 2.97 7.51 2.19
O ALY A 8 2.46 6.93 3.15
HH31 ALY A 8 7.26 1.49 3.01
HH32 ALY A 8 5.55 1.86 2.82
HH33 ALY A 8 6.70 2.40 1.60
HZ ALY A 8 7.11 4.56 1.78
HE3 ALY A 8 5.20 5.64 3.50
HE2 ALY A 8 6.77 6.38 3.87
HD3 ALY A 8 6.80 6.61 1.20
HD2 ALY A 8 5.07 6.64 1.46
HG3 ALY A 8 7.01 8.44 2.89
HG2 ALY A 8 6.15 8.89 1.42
HB3 ALY A 8 4.77 8.02 3.94
HB2 ALY A 8 5.16 9.69 3.59
HA ALY A 8 3.82 9.29 1.38
H ALY A 8 2.17 9.44 3.81
N ARG A 9 2.97 6.99 0.97
CA ARG A 9 2.38 5.69 0.70
C ARG A 9 3.04 5.01 -0.50
N HIS A 10 2.40 5.12 -1.67
CA HIS A 10 2.91 4.50 -2.88
C HIS A 10 3.16 5.53 -3.97
N ARG A 11 3.10 5.08 -5.21
CA ARG A 11 3.30 5.90 -6.40
C ARG A 11 4.75 6.33 -6.56
N LYS A 12 5.57 5.97 -5.59
CA LYS A 12 7.00 6.27 -5.61
C LYS A 12 7.31 7.62 -6.28
N VAL A 13 6.82 8.69 -5.68
CA VAL A 13 7.05 10.03 -6.20
C VAL A 13 8.04 10.80 -5.34
N LEU A 14 8.28 10.29 -4.13
CA LEU A 14 9.20 10.92 -3.20
C LEU A 14 10.52 10.13 -3.10
N ARG A 15 10.45 8.96 -2.49
CA ARG A 15 11.63 8.11 -2.32
C ARG A 15 12.75 8.85 -1.58
N GLY B 1 14.99 -5.00 14.71
CA GLY B 1 14.44 -5.45 13.40
C GLY B 1 14.13 -4.30 12.48
N SER B 2 12.83 -3.97 12.37
CA SER B 2 12.39 -2.87 11.51
C SER B 2 11.67 -1.79 12.30
N TYR B 3 11.09 -0.87 11.56
CA TYR B 3 10.34 0.23 12.14
C TYR B 3 9.55 0.98 11.08
N CYS B 4 8.54 1.70 11.51
CA CYS B 4 7.75 2.50 10.60
C CYS B 4 8.62 3.59 9.99
N ASP B 5 8.48 3.79 8.70
CA ASP B 5 9.28 4.82 8.02
C ASP B 5 8.76 6.23 8.36
N PHE B 6 7.76 6.27 9.25
CA PHE B 6 7.16 7.53 9.69
C PHE B 6 7.56 7.89 11.12
N CYS B 7 7.81 6.88 11.98
CA CYS B 7 8.21 7.16 13.37
C CYS B 7 9.46 6.38 13.75
N LEU B 8 9.75 5.35 12.98
CA LEU B 8 10.92 4.52 13.18
C LEU B 8 10.91 3.78 14.51
N GLY B 9 9.75 3.23 14.86
CA GLY B 9 9.65 2.47 16.09
C GLY B 9 9.74 0.98 15.84
N GLY B 10 8.61 0.34 15.55
CA GLY B 10 8.64 -1.09 15.28
C GLY B 10 7.28 -1.74 15.30
N SER B 11 7.24 -3.01 14.91
CA SER B 11 6.01 -3.78 14.85
C SER B 11 5.62 -4.31 16.22
N ASN B 12 6.19 -3.69 17.24
CA ASN B 12 5.92 -4.06 18.62
C ASN B 12 6.21 -2.86 19.50
N MET B 13 6.21 -1.68 18.88
CA MET B 13 6.50 -0.45 19.60
C MET B 13 6.31 0.77 18.70
N ASN B 14 5.55 1.74 19.17
CA ASN B 14 5.32 2.96 18.43
C ASN B 14 6.22 4.07 18.96
N LYS B 15 6.68 4.92 18.08
CA LYS B 15 7.57 6.01 18.45
C LYS B 15 6.83 7.30 18.75
N LYS B 16 5.58 7.35 18.32
CA LYS B 16 4.77 8.53 18.53
C LYS B 16 3.44 8.19 19.18
N SER B 17 3.34 6.97 19.71
CA SER B 17 2.13 6.52 20.39
C SER B 17 2.49 5.85 21.71
N GLY B 18 3.77 5.65 21.91
CA GLY B 18 4.26 5.03 23.13
C GLY B 18 3.68 3.65 23.39
N ARG B 19 3.12 3.06 22.36
CA ARG B 19 2.54 1.72 22.48
C ARG B 19 2.84 0.85 21.28
N PRO B 20 2.73 -0.47 21.46
CA PRO B 20 3.00 -1.47 20.43
C PRO B 20 2.01 -1.40 19.26
N GLU B 21 2.50 -1.82 18.09
CA GLU B 21 1.71 -1.86 16.88
C GLU B 21 2.23 -2.98 15.98
N GLU B 22 2.26 -2.73 14.67
CA GLU B 22 2.77 -3.71 13.73
C GLU B 22 2.92 -3.10 12.34
N LEU B 23 4.16 -2.74 12.05
CA LEU B 23 4.55 -2.12 10.78
C LEU B 23 4.28 -2.97 9.57
N VAL B 24 4.61 -2.40 8.42
CA VAL B 24 4.48 -3.09 7.15
C VAL B 24 5.87 -3.33 6.63
N SER B 25 6.32 -4.56 6.71
CA SER B 25 7.65 -4.87 6.25
C SER B 25 7.62 -5.34 4.81
N CYS B 26 8.37 -4.63 3.97
CA CYS B 26 8.41 -4.96 2.57
C CYS B 26 8.92 -6.39 2.36
N ALA B 27 8.36 -7.07 1.37
CA ALA B 27 8.73 -8.46 1.09
C ALA B 27 9.90 -8.57 0.12
N ASP B 28 10.59 -7.46 -0.10
CA ASP B 28 11.73 -7.45 -1.01
C ASP B 28 12.94 -6.74 -0.38
N CYS B 29 12.75 -5.47 -0.05
CA CYS B 29 13.82 -4.68 0.56
C CYS B 29 13.85 -4.91 2.07
N GLY B 30 12.71 -4.74 2.74
CA GLY B 30 12.65 -4.98 4.18
C GLY B 30 12.34 -3.75 5.02
N ARG B 31 11.89 -2.66 4.41
CA ARG B 31 11.55 -1.46 5.18
C ARG B 31 10.14 -1.59 5.74
N SER B 32 9.87 -0.95 6.88
CA SER B 32 8.54 -1.07 7.48
C SER B 32 7.83 0.27 7.70
N GLY B 33 6.52 0.20 7.88
CA GLY B 33 5.71 1.40 8.11
C GLY B 33 4.51 1.12 9.02
N HIS B 34 4.03 2.11 9.78
CA HIS B 34 2.86 1.84 10.61
C HIS B 34 1.65 1.98 9.71
N PRO B 35 0.80 0.95 9.53
CA PRO B 35 -0.36 1.08 8.65
C PRO B 35 -1.15 2.36 8.90
N THR B 36 -1.36 2.68 10.18
CA THR B 36 -2.08 3.88 10.54
C THR B 36 -1.32 5.12 10.04
N CYS B 37 -0.01 4.99 9.94
CA CYS B 37 0.84 6.06 9.47
C CYS B 37 0.78 6.19 7.95
N LEU B 38 0.70 5.07 7.26
CA LEU B 38 0.61 5.11 5.80
C LEU B 38 -0.83 5.35 5.39
N GLN B 39 -1.69 5.53 6.40
CA GLN B 39 -3.12 5.72 6.18
C GLN B 39 -3.76 4.38 5.87
N PHE B 40 -3.28 3.74 4.80
CA PHE B 40 -3.77 2.43 4.38
C PHE B 40 -5.23 2.21 4.79
N THR B 41 -5.54 1.00 5.25
CA THR B 41 -6.87 0.64 5.73
C THR B 41 -6.81 -0.72 6.41
N LEU B 42 -7.90 -1.15 7.02
CA LEU B 42 -7.90 -2.43 7.72
C LEU B 42 -7.61 -3.60 6.77
N ASN B 43 -8.31 -3.64 5.65
CA ASN B 43 -8.10 -4.73 4.69
C ASN B 43 -6.68 -4.74 4.16
N MET B 44 -6.18 -3.57 3.76
CA MET B 44 -4.83 -3.45 3.24
C MET B 44 -3.82 -3.77 4.31
N THR B 45 -4.02 -3.19 5.47
CA THR B 45 -3.11 -3.41 6.57
C THR B 45 -2.95 -4.90 6.77
N GLU B 46 -4.06 -5.59 7.01
CA GLU B 46 -4.04 -7.03 7.20
C GLU B 46 -3.42 -7.75 6.01
N ALA B 47 -3.87 -7.37 4.82
CA ALA B 47 -3.38 -7.97 3.58
C ALA B 47 -1.87 -7.92 3.50
N VAL B 48 -1.38 -6.70 3.53
CA VAL B 48 0.04 -6.42 3.44
C VAL B 48 0.84 -7.08 4.56
N LYS B 49 0.20 -7.44 5.66
CA LYS B 49 0.91 -8.06 6.75
C LYS B 49 1.28 -9.50 6.42
N THR B 50 0.33 -10.22 5.82
CA THR B 50 0.52 -11.62 5.47
C THR B 50 1.19 -11.84 4.11
N TYR B 51 0.60 -11.35 3.02
CA TYR B 51 1.16 -11.57 1.69
C TYR B 51 2.29 -10.59 1.38
N LYS B 52 2.68 -10.52 0.12
CA LYS B 52 3.78 -9.66 -0.32
C LYS B 52 3.31 -8.23 -0.54
N TRP B 53 3.75 -7.33 0.32
CA TRP B 53 3.38 -5.92 0.22
C TRP B 53 4.45 -5.12 -0.53
N GLN B 54 5.62 -5.74 -0.75
CA GLN B 54 6.77 -5.10 -1.44
C GLN B 54 6.59 -3.60 -1.50
N CYS B 55 7.22 -2.90 -0.56
CA CYS B 55 7.12 -1.45 -0.48
C CYS B 55 7.13 -0.81 -1.86
N ILE B 56 6.44 0.30 -1.97
CA ILE B 56 6.30 1.03 -3.22
C ILE B 56 7.63 1.17 -3.98
N GLU B 57 8.71 1.49 -3.30
CA GLU B 57 10.00 1.65 -3.97
C GLU B 57 10.36 0.43 -4.83
N CYS B 58 9.59 -0.63 -4.68
CA CYS B 58 9.84 -1.86 -5.44
C CYS B 58 8.56 -2.49 -5.95
N LYS B 59 7.41 -1.96 -5.54
CA LYS B 59 6.13 -2.54 -5.96
C LYS B 59 6.11 -2.79 -7.48
N SER B 60 5.08 -3.48 -7.96
CA SER B 60 4.97 -3.76 -9.38
C SER B 60 3.54 -4.10 -9.78
N CYS B 61 3.28 -4.02 -11.08
CA CYS B 61 1.96 -4.31 -11.60
C CYS B 61 1.64 -5.80 -11.47
N ILE B 62 0.89 -6.17 -10.45
CA ILE B 62 0.51 -7.58 -10.28
C ILE B 62 0.11 -8.13 -11.64
N LEU B 63 -0.39 -7.22 -12.47
CA LEU B 63 -0.81 -7.53 -13.82
C LEU B 63 0.40 -7.74 -14.72
N CYS B 64 1.27 -6.73 -14.78
CA CYS B 64 2.52 -6.83 -15.56
C CYS B 64 3.62 -7.39 -14.70
N GLY B 65 3.93 -6.65 -13.65
CA GLY B 65 5.00 -7.02 -12.75
C GLY B 65 6.28 -6.36 -13.18
N THR B 66 6.14 -5.16 -13.74
CA THR B 66 7.28 -4.42 -14.24
C THR B 66 7.36 -3.01 -13.69
N SER B 67 6.27 -2.56 -13.08
CA SER B 67 6.18 -1.23 -12.52
C SER B 67 6.60 -0.16 -13.54
N GLU B 68 6.63 -0.54 -14.81
CA GLU B 68 7.01 0.38 -15.89
C GLU B 68 6.21 1.69 -15.86
N ASN B 69 5.01 1.66 -16.43
CA ASN B 69 4.16 2.84 -16.51
C ASN B 69 3.50 3.18 -15.17
N ASP B 70 4.25 3.10 -14.07
CA ASP B 70 3.72 3.42 -12.76
C ASP B 70 2.88 4.67 -12.73
N ASP B 71 3.02 5.51 -13.75
CA ASP B 71 2.23 6.74 -13.83
C ASP B 71 0.77 6.36 -14.03
N GLN B 72 0.55 5.07 -14.29
CA GLN B 72 -0.77 4.53 -14.50
C GLN B 72 -1.03 3.46 -13.46
N LEU B 73 0.04 2.92 -12.89
CA LEU B 73 -0.10 1.90 -11.89
C LEU B 73 -1.05 2.34 -10.82
N LEU B 74 -1.82 1.39 -10.37
CA LEU B 74 -2.82 1.64 -9.37
C LEU B 74 -2.51 0.86 -8.13
N PHE B 75 -2.24 1.61 -7.10
CA PHE B 75 -1.88 1.03 -5.85
C PHE B 75 -3.10 0.81 -5.00
N CYS B 76 -3.65 -0.39 -5.10
CA CYS B 76 -4.81 -0.70 -4.30
C CYS B 76 -4.43 -0.52 -2.87
N ASP B 77 -4.91 0.52 -2.25
CA ASP B 77 -4.55 0.74 -0.87
C ASP B 77 -5.40 -0.17 0.03
N ASP B 78 -5.66 -1.38 -0.46
CA ASP B 78 -6.44 -2.36 0.26
C ASP B 78 -5.69 -3.69 0.32
N CYS B 79 -4.42 -3.62 -0.08
CA CYS B 79 -3.51 -4.76 -0.07
C CYS B 79 -2.19 -4.36 -0.73
N ASP B 80 -2.25 -3.31 -1.57
CA ASP B 80 -1.09 -2.73 -2.27
C ASP B 80 -0.91 -3.24 -3.72
N ARG B 81 -1.68 -4.23 -4.13
CA ARG B 81 -1.58 -4.75 -5.50
C ARG B 81 -1.64 -3.61 -6.54
N GLY B 82 -0.55 -3.43 -7.28
CA GLY B 82 -0.49 -2.37 -8.27
C GLY B 82 -0.91 -2.83 -9.67
N TYR B 83 -1.79 -2.08 -10.32
CA TYR B 83 -2.22 -2.39 -11.69
C TYR B 83 -2.22 -1.12 -12.52
N HIS B 84 -1.64 -1.13 -13.69
CA HIS B 84 -1.68 0.06 -14.50
C HIS B 84 -3.15 0.27 -14.84
N MET B 85 -3.78 1.38 -14.43
CA MET B 85 -5.22 1.59 -14.71
C MET B 85 -5.68 0.94 -15.99
N TYR B 86 -4.79 0.83 -16.95
CA TYR B 86 -5.17 0.23 -18.22
C TYR B 86 -4.74 -1.24 -18.27
N CYS B 87 -4.67 -1.85 -17.09
CA CYS B 87 -4.29 -3.26 -16.99
C CYS B 87 -5.40 -4.03 -16.35
N LEU B 88 -6.15 -3.30 -15.54
CA LEU B 88 -7.26 -3.87 -14.79
C LEU B 88 -8.26 -4.60 -15.69
N ASN B 89 -9.28 -5.15 -15.04
CA ASN B 89 -10.34 -5.86 -15.73
C ASN B 89 -11.33 -4.83 -16.18
N PRO B 90 -11.66 -3.89 -15.28
CA PRO B 90 -12.49 -2.76 -15.56
C PRO B 90 -11.67 -1.49 -15.40
N PRO B 91 -10.72 -1.34 -16.33
CA PRO B 91 -9.74 -0.26 -16.35
C PRO B 91 -10.31 1.11 -16.03
N VAL B 92 -9.48 1.92 -15.41
CA VAL B 92 -9.84 3.26 -15.01
C VAL B 92 -8.91 4.26 -15.70
N ALA B 93 -9.18 5.53 -15.55
CA ALA B 93 -8.39 6.56 -16.22
C ALA B 93 -7.33 7.20 -15.33
N GLU B 94 -7.65 7.45 -14.07
CA GLU B 94 -6.71 8.11 -13.14
C GLU B 94 -7.17 7.98 -11.69
N PRO B 95 -8.44 8.36 -11.47
CA PRO B 95 -9.17 8.32 -10.21
C PRO B 95 -8.54 7.60 -9.02
N PRO B 96 -8.06 6.34 -9.13
CA PRO B 96 -7.50 5.65 -7.98
C PRO B 96 -6.11 6.12 -7.58
N GLU B 97 -5.93 7.43 -7.54
CA GLU B 97 -4.65 8.01 -7.13
C GLU B 97 -4.56 8.06 -5.61
N GLY B 98 -5.65 7.65 -4.96
CA GLY B 98 -5.70 7.66 -3.51
C GLY B 98 -6.88 6.91 -2.97
N SER B 99 -6.98 5.65 -3.38
CA SER B 99 -8.04 4.76 -2.96
C SER B 99 -7.93 3.44 -3.71
N TRP B 100 -8.98 3.04 -4.41
CA TRP B 100 -8.98 1.82 -5.21
C TRP B 100 -8.89 0.59 -4.33
N SER B 101 -9.32 -0.52 -4.88
CA SER B 101 -9.31 -1.77 -4.13
C SER B 101 -8.85 -2.96 -4.97
N CYS B 102 -8.25 -2.71 -6.13
CA CYS B 102 -7.82 -3.78 -7.03
C CYS B 102 -8.97 -4.78 -7.22
N HIS B 103 -8.79 -5.79 -8.05
CA HIS B 103 -9.85 -6.75 -8.27
C HIS B 103 -9.94 -7.72 -7.09
N LEU B 104 -8.78 -8.03 -6.52
CA LEU B 104 -8.69 -8.99 -5.42
C LEU B 104 -9.56 -8.64 -4.22
N CYS B 105 -9.51 -7.38 -3.83
CA CYS B 105 -10.19 -6.95 -2.59
C CYS B 105 -11.70 -6.86 -2.63
N TRP B 106 -12.26 -6.05 -3.48
CA TRP B 106 -13.72 -5.92 -3.50
C TRP B 106 -14.35 -7.20 -3.97
N GLU B 107 -13.68 -7.93 -4.84
CA GLU B 107 -14.22 -9.19 -5.26
C GLU B 107 -14.21 -10.13 -4.06
N LEU B 108 -13.23 -9.88 -3.19
CA LEU B 108 -13.10 -10.63 -1.96
C LEU B 108 -14.21 -10.17 -1.03
N LEU B 109 -14.65 -8.93 -1.27
CA LEU B 109 -15.73 -8.31 -0.54
C LEU B 109 -17.01 -9.06 -0.84
N LYS B 110 -17.27 -9.14 -2.14
CA LYS B 110 -18.44 -9.84 -2.65
C LYS B 110 -18.46 -11.26 -2.10
N GLU B 111 -17.27 -11.80 -1.89
CA GLU B 111 -17.11 -13.13 -1.33
C GLU B 111 -17.38 -13.10 0.17
N LYS B 112 -16.88 -12.05 0.84
CA LYS B 112 -17.06 -11.89 2.26
C LYS B 112 -18.53 -11.78 2.61
N ALA B 113 -19.27 -11.10 1.74
CA ALA B 113 -20.69 -10.88 1.93
C ALA B 113 -21.46 -12.19 2.09
N SER B 114 -22.77 -12.09 2.25
CA SER B 114 -23.60 -13.27 2.40
C SER B 114 -25.06 -12.95 2.05
ZN ZN C . 4.58 5.43 12.42
ZN ZN D . 10.53 -2.92 -1.16
ZN ZN E . -6.37 -5.04 -3.13
ZN ZN F . 0.43 -3.28 -15.99
N GLY A 1 5.95 25.37 3.18
CA GLY A 1 6.76 24.11 3.18
C GLY A 1 7.03 23.59 1.78
N LEU A 2 6.32 24.15 0.79
CA LEU A 2 6.48 23.74 -0.60
C LEU A 2 6.21 22.25 -0.77
N GLY A 3 5.08 21.80 -0.24
CA GLY A 3 4.72 20.39 -0.35
C GLY A 3 5.25 19.56 0.80
N LYS A 4 4.45 18.58 1.24
CA LYS A 4 4.84 17.71 2.33
C LYS A 4 4.29 16.31 2.14
N GLY A 5 2.98 16.22 1.87
CA GLY A 5 2.35 14.94 1.65
C GLY A 5 1.46 14.53 2.82
N GLY A 6 1.91 14.81 4.03
CA GLY A 6 1.14 14.47 5.21
C GLY A 6 1.38 13.04 5.65
N ALA A 7 1.28 12.11 4.71
CA ALA A 7 1.50 10.69 4.99
C ALA A 7 1.90 9.94 3.73
OH ALY A 8 7.03 3.59 4.53
CH ALY A 8 7.26 3.44 3.33
CH3 ALY A 8 7.37 2.01 2.79
NZ ALY A 8 7.03 4.42 2.46
CE ALY A 8 6.12 5.53 2.76
CD ALY A 8 5.63 6.23 1.51
CG ALY A 8 5.82 7.74 1.58
CB ALY A 8 5.13 8.35 2.80
CA ALY A 8 3.65 8.71 2.56
N ALY A 8 3.14 9.45 3.71
C ALY A 8 2.83 7.47 2.30
O ALY A 8 2.82 6.53 3.11
HH31 ALY A 8 8.31 1.59 3.09
HH32 ALY A 8 6.57 1.43 3.19
HH33 ALY A 8 7.31 2.04 1.72
HZ ALY A 8 7.23 4.26 1.52
HE3 ALY A 8 5.27 5.12 3.29
HE2 ALY A 8 6.62 6.24 3.39
HD3 ALY A 8 6.18 5.86 0.65
HD2 ALY A 8 4.57 6.02 1.38
HG3 ALY A 8 6.87 7.95 1.65
HG2 ALY A 8 5.42 8.18 0.69
HB3 ALY A 8 5.17 7.65 3.61
HB2 ALY A 8 5.66 9.24 3.08
HA ALY A 8 3.59 9.36 1.70
H ALY A 8 3.72 9.60 4.49
N ARG A 9 2.14 7.45 1.18
CA ARG A 9 1.31 6.30 0.80
C ARG A 9 2.02 5.45 -0.24
N HIS A 10 1.73 5.73 -1.52
CA HIS A 10 2.32 5.01 -2.63
C HIS A 10 2.66 5.99 -3.74
N ARG A 11 2.47 5.57 -4.99
CA ARG A 11 2.74 6.42 -6.14
C ARG A 11 4.21 6.80 -6.23
N LYS A 12 5.01 6.25 -5.31
CA LYS A 12 6.46 6.46 -5.26
C LYS A 12 6.86 7.90 -5.60
N VAL A 13 5.99 8.86 -5.31
CA VAL A 13 6.28 10.26 -5.59
C VAL A 13 5.64 11.17 -4.55
N LEU A 14 4.35 11.47 -4.75
CA LEU A 14 3.61 12.33 -3.83
C LEU A 14 4.36 13.63 -3.56
N ARG A 15 4.39 14.51 -4.56
CA ARG A 15 5.08 15.79 -4.44
C ARG A 15 4.37 16.68 -3.43
N GLY B 1 14.01 -5.30 14.77
CA GLY B 1 14.73 -5.28 13.47
C GLY B 1 14.31 -4.14 12.58
N SER B 2 13.05 -4.15 12.16
CA SER B 2 12.52 -3.10 11.30
C SER B 2 11.81 -2.03 12.09
N TYR B 3 11.16 -1.13 11.36
CA TYR B 3 10.43 -0.03 11.96
C TYR B 3 9.63 0.73 10.90
N CYS B 4 8.64 1.46 11.34
CA CYS B 4 7.85 2.28 10.45
C CYS B 4 8.70 3.37 9.84
N ASP B 5 8.65 3.51 8.54
CA ASP B 5 9.43 4.53 7.84
C ASP B 5 8.95 5.95 8.19
N PHE B 6 7.97 6.02 9.10
CA PHE B 6 7.38 7.29 9.53
C PHE B 6 7.80 7.64 10.97
N CYS B 7 8.03 6.63 11.83
CA CYS B 7 8.45 6.90 13.21
C CYS B 7 9.74 6.17 13.55
N LEU B 8 9.98 5.09 12.82
CA LEU B 8 11.15 4.28 12.99
C LEU B 8 11.15 3.59 14.35
N GLY B 9 10.01 2.95 14.65
CA GLY B 9 9.86 2.22 15.90
C GLY B 9 9.88 0.73 15.70
N GLY B 10 8.74 0.14 15.35
CA GLY B 10 8.68 -1.29 15.14
C GLY B 10 7.26 -1.83 15.18
N SER B 11 7.12 -3.13 14.91
CA SER B 11 5.82 -3.78 14.87
C SER B 11 5.35 -4.18 16.27
N ASN B 12 6.14 -3.82 17.28
CA ASN B 12 5.80 -4.06 18.67
C ASN B 12 6.13 -2.83 19.47
N MET B 13 6.37 -1.75 18.73
CA MET B 13 6.71 -0.47 19.32
C MET B 13 6.47 0.63 18.29
N ASN B 14 5.45 1.43 18.53
CA ASN B 14 5.09 2.51 17.63
C ASN B 14 5.67 3.81 18.12
N LYS B 15 6.86 4.17 17.63
CA LYS B 15 7.47 5.40 18.05
C LYS B 15 6.46 6.51 17.98
N LYS B 16 6.83 7.65 18.50
CA LYS B 16 5.96 8.78 18.57
C LYS B 16 4.73 8.49 19.47
N SER B 17 4.57 7.22 19.86
CA SER B 17 3.49 6.79 20.74
C SER B 17 3.99 5.76 21.73
N GLY B 18 5.01 5.06 21.29
CA GLY B 18 5.58 4.00 22.09
C GLY B 18 4.64 2.83 22.25
N ARG B 19 3.68 2.70 21.33
CA ARG B 19 2.73 1.60 21.43
C ARG B 19 2.97 0.46 20.45
N PRO B 20 2.69 -0.75 20.92
CA PRO B 20 2.84 -1.96 20.13
C PRO B 20 1.86 -2.04 18.95
N GLU B 21 2.32 -1.67 17.77
CA GLU B 21 1.49 -1.71 16.57
C GLU B 21 1.90 -2.91 15.71
N GLU B 22 2.12 -2.68 14.42
CA GLU B 22 2.55 -3.75 13.51
C GLU B 22 2.84 -3.20 12.13
N LEU B 23 4.09 -2.83 11.93
CA LEU B 23 4.58 -2.27 10.67
C LEU B 23 4.24 -3.12 9.47
N VAL B 24 4.56 -2.58 8.30
CA VAL B 24 4.38 -3.26 7.04
C VAL B 24 5.74 -3.49 6.47
N SER B 25 6.20 -4.73 6.48
CA SER B 25 7.52 -5.04 5.97
C SER B 25 7.43 -5.46 4.51
N CYS B 26 8.14 -4.74 3.65
CA CYS B 26 8.13 -5.04 2.24
C CYS B 26 8.78 -6.39 1.99
N ALA B 27 8.22 -7.14 1.04
CA ALA B 27 8.73 -8.47 0.72
C ALA B 27 9.73 -8.41 -0.42
N ASP B 28 10.13 -7.20 -0.78
CA ASP B 28 11.09 -7.03 -1.86
C ASP B 28 12.39 -6.43 -1.33
N CYS B 29 12.32 -5.19 -0.83
CA CYS B 29 13.51 -4.53 -0.28
C CYS B 29 13.59 -4.73 1.23
N GLY B 30 12.48 -4.54 1.94
CA GLY B 30 12.50 -4.75 3.40
C GLY B 30 12.17 -3.53 4.24
N ARG B 31 11.48 -2.54 3.68
CA ARG B 31 11.12 -1.35 4.46
C ARG B 31 9.81 -1.57 5.20
N SER B 32 9.71 -1.11 6.45
CA SER B 32 8.48 -1.29 7.22
C SER B 32 7.78 0.05 7.48
N GLY B 33 6.48 -0.02 7.76
CA GLY B 33 5.70 1.20 8.02
C GLY B 33 4.51 0.95 8.93
N HIS B 34 4.10 1.94 9.71
CA HIS B 34 2.92 1.73 10.55
C HIS B 34 1.71 1.91 9.67
N PRO B 35 0.81 0.91 9.55
CA PRO B 35 -0.35 1.04 8.69
C PRO B 35 -1.07 2.38 8.90
N THR B 36 -1.31 2.72 10.15
CA THR B 36 -1.98 3.98 10.49
C THR B 36 -1.15 5.16 9.97
N CYS B 37 0.16 4.97 9.90
CA CYS B 37 1.07 6.01 9.42
C CYS B 37 1.03 6.11 7.91
N LEU B 38 0.87 4.98 7.22
CA LEU B 38 0.79 5.00 5.77
C LEU B 38 -0.61 5.37 5.30
N GLN B 39 -1.50 5.63 6.26
CA GLN B 39 -2.88 6.00 5.97
C GLN B 39 -3.65 4.78 5.46
N PHE B 40 -3.04 3.61 5.62
CA PHE B 40 -3.64 2.36 5.19
C PHE B 40 -5.02 2.15 5.83
N THR B 41 -5.68 1.08 5.43
CA THR B 41 -6.98 0.72 5.97
C THR B 41 -6.89 -0.63 6.66
N LEU B 42 -7.97 -1.08 7.28
CA LEU B 42 -7.96 -2.35 7.96
C LEU B 42 -7.75 -3.50 6.98
N ASN B 43 -8.42 -3.46 5.83
CA ASN B 43 -8.28 -4.50 4.83
C ASN B 43 -6.86 -4.56 4.29
N MET B 44 -6.31 -3.40 3.92
CA MET B 44 -4.94 -3.34 3.42
C MET B 44 -4.01 -3.87 4.47
N THR B 45 -4.11 -3.32 5.66
CA THR B 45 -3.25 -3.73 6.74
C THR B 45 -3.32 -5.24 6.84
N GLU B 46 -4.54 -5.73 6.83
CA GLU B 46 -4.81 -7.16 6.91
C GLU B 46 -4.09 -7.91 5.78
N ALA B 47 -4.29 -7.44 4.56
CA ALA B 47 -3.70 -8.05 3.37
C ALA B 47 -2.19 -8.06 3.46
N VAL B 48 -1.66 -6.87 3.54
CA VAL B 48 -0.24 -6.62 3.62
C VAL B 48 0.40 -7.34 4.80
N LYS B 49 -0.41 -7.73 5.78
CA LYS B 49 0.08 -8.44 6.94
C LYS B 49 0.41 -9.88 6.61
N THR B 50 -0.49 -10.52 5.88
CA THR B 50 -0.33 -11.93 5.50
C THR B 50 0.44 -12.15 4.19
N TYR B 51 -0.01 -11.53 3.10
CA TYR B 51 0.64 -11.75 1.81
C TYR B 51 1.82 -10.80 1.56
N LYS B 52 2.27 -10.73 0.31
CA LYS B 52 3.39 -9.89 -0.09
C LYS B 52 2.97 -8.44 -0.29
N TRP B 53 3.13 -7.64 0.77
CA TRP B 53 2.76 -6.24 0.70
C TRP B 53 3.59 -5.49 -0.34
N GLN B 54 4.91 -5.72 -0.31
CA GLN B 54 5.80 -5.07 -1.27
C GLN B 54 5.57 -3.56 -1.28
N CYS B 55 6.38 -2.84 -0.52
CA CYS B 55 6.27 -1.39 -0.44
C CYS B 55 6.09 -0.75 -1.81
N ILE B 56 5.69 0.52 -1.80
CA ILE B 56 5.47 1.27 -3.02
C ILE B 56 6.64 1.14 -3.99
N GLU B 57 7.84 1.37 -3.51
CA GLU B 57 9.01 1.29 -4.36
C GLU B 57 9.10 -0.07 -5.09
N CYS B 58 8.43 -1.08 -4.53
CA CYS B 58 8.44 -2.42 -5.10
C CYS B 58 7.01 -2.95 -5.32
N LYS B 59 6.04 -2.05 -5.27
CA LYS B 59 4.63 -2.41 -5.43
C LYS B 59 4.32 -3.00 -6.81
N SER B 60 5.30 -2.89 -7.69
CA SER B 60 5.24 -3.38 -9.09
C SER B 60 3.92 -4.02 -9.47
N CYS B 61 3.40 -3.57 -10.61
CA CYS B 61 2.13 -4.04 -11.15
C CYS B 61 1.90 -5.53 -10.91
N ILE B 62 1.14 -5.88 -9.89
CA ILE B 62 0.82 -7.29 -9.62
C ILE B 62 0.47 -7.95 -10.94
N LEU B 63 -0.05 -7.13 -11.86
CA LEU B 63 -0.42 -7.57 -13.18
C LEU B 63 0.83 -7.79 -14.03
N CYS B 64 1.66 -6.75 -14.14
CA CYS B 64 2.91 -6.83 -14.89
C CYS B 64 4.04 -7.28 -13.96
N GLY B 65 4.30 -6.44 -12.97
CA GLY B 65 5.35 -6.70 -12.03
C GLY B 65 6.61 -6.02 -12.50
N THR B 66 6.43 -4.89 -13.18
CA THR B 66 7.54 -4.15 -13.73
C THR B 66 7.54 -2.70 -13.28
N SER B 67 6.41 -2.28 -12.73
CA SER B 67 6.23 -0.91 -12.26
C SER B 67 6.60 0.10 -13.36
N GLU B 68 6.67 -0.38 -14.61
CA GLU B 68 7.02 0.47 -15.75
C GLU B 68 6.25 1.79 -15.75
N ASN B 69 5.02 1.75 -16.29
CA ASN B 69 4.20 2.94 -16.38
C ASN B 69 3.55 3.30 -15.05
N ASP B 70 4.33 3.25 -13.97
CA ASP B 70 3.84 3.60 -12.64
C ASP B 70 3.12 4.93 -12.62
N ASP B 71 3.30 5.72 -13.66
CA ASP B 71 2.62 7.01 -13.75
C ASP B 71 1.13 6.76 -13.93
N GLN B 72 0.79 5.51 -14.18
CA GLN B 72 -0.56 5.07 -14.37
C GLN B 72 -0.92 4.09 -13.26
N LEU B 73 0.05 3.24 -12.92
CA LEU B 73 -0.13 2.23 -11.89
C LEU B 73 -1.09 2.67 -10.82
N LEU B 74 -1.85 1.71 -10.36
CA LEU B 74 -2.83 1.94 -9.35
C LEU B 74 -2.44 1.22 -8.10
N PHE B 75 -2.46 1.93 -7.03
CA PHE B 75 -2.06 1.37 -5.78
C PHE B 75 -3.28 1.15 -4.92
N CYS B 76 -3.85 -0.05 -5.01
CA CYS B 76 -5.01 -0.36 -4.22
C CYS B 76 -4.58 -0.24 -2.79
N ASP B 77 -5.07 0.78 -2.14
CA ASP B 77 -4.67 1.01 -0.77
C ASP B 77 -5.44 0.09 0.17
N ASP B 78 -5.82 -1.09 -0.35
CA ASP B 78 -6.56 -2.07 0.42
C ASP B 78 -5.79 -3.39 0.48
N CYS B 79 -4.52 -3.31 0.08
CA CYS B 79 -3.61 -4.45 0.08
C CYS B 79 -2.24 -4.01 -0.46
N ASP B 80 -2.25 -2.83 -1.12
CA ASP B 80 -1.04 -2.16 -1.64
C ASP B 80 -0.59 -2.54 -3.06
N ARG B 81 -0.75 -3.79 -3.51
CA ARG B 81 -0.30 -4.14 -4.88
C ARG B 81 -0.69 -3.07 -5.90
N GLY B 82 -0.10 -3.12 -7.09
CA GLY B 82 -0.41 -2.12 -8.08
C GLY B 82 -0.77 -2.68 -9.43
N TYR B 83 -1.66 -1.97 -10.15
CA TYR B 83 -2.06 -2.37 -11.49
C TYR B 83 -2.05 -1.15 -12.39
N HIS B 84 -1.47 -1.24 -13.57
CA HIS B 84 -1.55 -0.08 -14.45
C HIS B 84 -3.04 -0.03 -14.79
N MET B 85 -3.78 1.00 -14.35
CA MET B 85 -5.24 1.08 -14.61
C MET B 85 -5.67 0.54 -15.95
N TYR B 86 -4.72 0.38 -16.85
CA TYR B 86 -5.04 -0.22 -18.13
C TYR B 86 -4.54 -1.66 -18.16
N CYS B 87 -4.46 -2.27 -16.97
CA CYS B 87 -4.02 -3.65 -16.82
C CYS B 87 -5.11 -4.44 -16.14
N LEU B 88 -5.94 -3.70 -15.45
CA LEU B 88 -7.05 -4.24 -14.67
C LEU B 88 -8.03 -5.03 -15.53
N ASN B 89 -9.05 -5.57 -14.87
CA ASN B 89 -10.10 -6.30 -15.54
C ASN B 89 -11.14 -5.32 -16.00
N PRO B 90 -11.49 -4.36 -15.11
CA PRO B 90 -12.38 -3.27 -15.40
C PRO B 90 -11.63 -1.95 -15.35
N PRO B 91 -10.55 -1.86 -16.15
CA PRO B 91 -9.65 -0.72 -16.23
C PRO B 91 -10.25 0.65 -15.94
N VAL B 92 -9.40 1.52 -15.44
CA VAL B 92 -9.76 2.89 -15.12
C VAL B 92 -8.74 3.79 -15.82
N ALA B 93 -8.94 5.08 -15.74
CA ALA B 93 -8.06 6.02 -16.44
C ALA B 93 -7.06 6.73 -15.54
N GLU B 94 -7.51 7.19 -14.38
CA GLU B 94 -6.65 7.94 -13.46
C GLU B 94 -7.21 7.97 -12.05
N PRO B 95 -8.48 8.37 -11.92
CA PRO B 95 -9.25 8.44 -10.70
C PRO B 95 -8.62 7.80 -9.46
N PRO B 96 -8.26 6.49 -9.50
CA PRO B 96 -7.66 5.81 -8.35
C PRO B 96 -6.25 6.28 -8.04
N GLU B 97 -6.13 7.52 -7.56
CA GLU B 97 -4.84 8.09 -7.19
C GLU B 97 -4.70 8.18 -5.68
N GLY B 98 -5.76 7.78 -4.98
CA GLY B 98 -5.76 7.80 -3.54
C GLY B 98 -6.89 7.00 -2.95
N SER B 99 -6.98 5.77 -3.42
CA SER B 99 -8.00 4.83 -2.99
C SER B 99 -7.90 3.55 -3.81
N TRP B 100 -8.96 3.23 -4.56
CA TRP B 100 -8.98 2.04 -5.39
C TRP B 100 -8.90 0.78 -4.54
N SER B 101 -9.51 -0.30 -5.02
CA SER B 101 -9.53 -1.53 -4.25
C SER B 101 -9.10 -2.79 -5.01
N CYS B 102 -8.51 -2.64 -6.19
CA CYS B 102 -8.05 -3.78 -6.99
C CYS B 102 -9.10 -4.90 -7.07
N HIS B 103 -8.76 -5.98 -7.77
CA HIS B 103 -9.66 -7.11 -7.91
C HIS B 103 -9.59 -8.03 -6.69
N LEU B 104 -8.41 -8.15 -6.08
CA LEU B 104 -8.23 -9.03 -4.91
C LEU B 104 -9.20 -8.68 -3.80
N CYS B 105 -9.23 -7.41 -3.47
CA CYS B 105 -10.07 -6.91 -2.39
C CYS B 105 -11.50 -6.91 -2.75
N TRP B 106 -11.76 -6.69 -4.01
CA TRP B 106 -13.11 -6.62 -4.48
C TRP B 106 -13.79 -7.92 -4.46
N GLU B 107 -13.20 -8.90 -5.05
CA GLU B 107 -13.81 -10.19 -5.05
C GLU B 107 -13.99 -10.61 -3.60
N LEU B 108 -13.10 -10.09 -2.76
CA LEU B 108 -13.17 -10.34 -1.34
C LEU B 108 -14.29 -9.51 -0.76
N LEU B 109 -14.55 -8.40 -1.44
CA LEU B 109 -15.58 -7.45 -1.09
C LEU B 109 -16.94 -8.08 -1.29
N LYS B 110 -17.12 -8.57 -2.51
CA LYS B 110 -18.34 -9.24 -2.90
C LYS B 110 -18.57 -10.37 -1.91
N GLU B 111 -17.46 -10.91 -1.42
CA GLU B 111 -17.48 -11.96 -0.43
C GLU B 111 -17.86 -11.40 0.94
N LYS B 112 -17.43 -10.16 1.24
CA LYS B 112 -17.76 -9.53 2.51
C LYS B 112 -19.26 -9.56 2.76
N ALA B 113 -20.02 -9.43 1.68
CA ALA B 113 -21.47 -9.39 1.75
C ALA B 113 -22.03 -10.55 2.57
N SER B 114 -23.33 -10.51 2.82
CA SER B 114 -24.00 -11.56 3.58
C SER B 114 -25.50 -11.58 3.29
ZN ZN C . 4.79 5.26 12.41
ZN ZN D . 10.20 -2.35 -1.13
ZN ZN E . -6.51 -4.66 -3.02
ZN ZN F . 0.68 -3.41 -15.64
N GLY A 1 -7.53 24.26 7.91
CA GLY A 1 -7.75 24.36 6.44
C GLY A 1 -6.85 23.43 5.66
N LEU A 2 -5.61 23.85 5.43
CA LEU A 2 -4.65 23.05 4.68
C LEU A 2 -4.05 21.97 5.58
N GLY A 3 -3.17 22.38 6.49
CA GLY A 3 -2.54 21.44 7.40
C GLY A 3 -1.41 20.68 6.73
N LYS A 4 -0.23 20.73 7.34
CA LYS A 4 0.94 20.04 6.80
C LYS A 4 0.74 18.53 6.83
N GLY A 5 1.71 17.80 6.29
CA GLY A 5 1.62 16.35 6.27
C GLY A 5 0.66 15.85 5.20
N GLY A 6 1.17 15.65 4.00
CA GLY A 6 0.32 15.18 2.91
C GLY A 6 -0.05 13.72 3.06
N ALA A 7 0.41 12.89 2.14
CA ALA A 7 0.11 11.46 2.17
C ALA A 7 1.04 10.68 1.25
OH ALY A 8 5.22 3.23 1.26
CH ALY A 8 6.18 3.60 1.94
CH3 ALY A 8 7.07 2.53 2.57
NZ ALY A 8 6.31 4.85 2.34
CE ALY A 8 5.19 5.79 2.36
CD ALY A 8 5.04 6.52 1.03
CG ALY A 8 5.19 8.03 1.19
CB ALY A 8 4.03 8.63 1.96
CA ALY A 8 2.87 9.08 1.08
N ALY A 8 1.91 9.87 1.84
C ALY A 8 2.17 7.87 0.47
O ALY A 8 2.08 7.75 -0.75
HH31 ALY A 8 8.10 2.83 2.49
HH32 ALY A 8 6.81 2.43 3.62
HH33 ALY A 8 6.92 1.59 2.07
HZ ALY A 8 7.09 5.09 2.88
HE3 ALY A 8 4.28 5.25 2.57
HE2 ALY A 8 5.36 6.52 3.13
HD3 ALY A 8 5.79 6.16 0.34
HD2 ALY A 8 4.05 6.30 0.63
HG3 ALY A 8 6.11 8.22 1.73
HG2 ALY A 8 5.24 8.47 0.22
HB3 ALY A 8 3.67 7.90 2.67
HB2 ALY A 8 4.40 9.49 2.51
HA ALY A 8 3.25 9.70 0.28
H ALY A 8 1.93 9.82 2.82
N ARG A 9 1.71 6.96 1.32
CA ARG A 9 1.03 5.75 0.87
C ARG A 9 1.92 4.93 -0.06
N HIS A 10 1.81 5.20 -1.35
CA HIS A 10 2.59 4.50 -2.36
C HIS A 10 2.96 5.49 -3.48
N ARG A 11 2.61 5.14 -4.71
CA ARG A 11 2.85 6.00 -5.89
C ARG A 11 4.25 5.88 -6.49
N LYS A 12 5.29 5.97 -5.65
CA LYS A 12 6.68 5.87 -6.13
C LYS A 12 7.15 7.20 -6.72
N VAL A 13 8.26 7.15 -7.45
CA VAL A 13 8.82 8.35 -8.07
C VAL A 13 8.02 8.74 -9.31
N LEU A 14 8.58 9.66 -10.10
CA LEU A 14 7.91 10.13 -11.32
C LEU A 14 6.54 10.70 -11.00
N ARG A 15 6.50 11.96 -10.57
CA ARG A 15 5.25 12.61 -10.23
C ARG A 15 4.69 13.37 -11.43
N GLY B 1 14.37 -5.37 13.77
CA GLY B 1 12.92 -5.66 13.62
C GLY B 1 12.20 -4.61 12.80
N SER B 2 12.95 -3.90 11.97
CA SER B 2 12.38 -2.85 11.12
C SER B 2 11.68 -1.78 11.92
N TYR B 3 11.00 -0.91 11.19
CA TYR B 3 10.26 0.18 11.80
C TYR B 3 9.45 0.94 10.75
N CYS B 4 8.46 1.70 11.20
CA CYS B 4 7.66 2.50 10.30
C CYS B 4 8.50 3.60 9.68
N ASP B 5 8.39 3.74 8.38
CA ASP B 5 9.15 4.77 7.67
C ASP B 5 8.65 6.17 8.03
N PHE B 6 7.68 6.23 8.94
CA PHE B 6 7.10 7.50 9.39
C PHE B 6 7.52 7.84 10.82
N CYS B 7 7.77 6.83 11.67
CA CYS B 7 8.18 7.10 13.06
C CYS B 7 9.45 6.35 13.41
N LEU B 8 9.70 5.28 12.68
CA LEU B 8 10.87 4.46 12.87
C LEU B 8 10.86 3.74 14.21
N GLY B 9 9.75 3.07 14.49
CA GLY B 9 9.63 2.31 15.74
C GLY B 9 9.86 0.83 15.53
N GLY B 10 8.79 0.05 15.33
CA GLY B 10 8.99 -1.37 15.10
C GLY B 10 7.79 -2.25 15.41
N SER B 11 6.66 -1.93 14.80
CA SER B 11 5.43 -2.71 14.94
C SER B 11 4.94 -2.79 16.37
N ASN B 12 5.46 -3.76 17.14
CA ASN B 12 5.06 -3.93 18.54
C ASN B 12 5.48 -2.74 19.39
N MET B 13 5.79 -1.62 18.73
CA MET B 13 6.20 -0.43 19.45
C MET B 13 6.17 0.80 18.54
N ASN B 14 5.23 1.69 18.79
CA ASN B 14 5.11 2.91 18.01
C ASN B 14 6.13 3.93 18.52
N LYS B 15 6.41 4.94 17.72
CA LYS B 15 7.38 5.94 18.11
C LYS B 15 6.73 7.30 18.28
N LYS B 16 5.61 7.49 17.61
CA LYS B 16 4.87 8.74 17.69
C LYS B 16 3.60 8.55 18.51
N SER B 17 3.38 7.32 18.96
CA SER B 17 2.23 6.97 19.78
C SER B 17 2.68 6.14 20.95
N GLY B 18 3.75 5.41 20.71
CA GLY B 18 4.28 4.52 21.71
C GLY B 18 3.41 3.30 21.86
N ARG B 19 2.61 3.03 20.83
CA ARG B 19 1.72 1.87 20.88
C ARG B 19 2.21 0.70 20.04
N PRO B 20 1.86 -0.49 20.50
CA PRO B 20 2.17 -1.77 19.84
C PRO B 20 1.38 -1.98 18.55
N GLU B 21 1.72 -1.24 17.50
CA GLU B 21 1.05 -1.39 16.23
C GLU B 21 1.65 -2.55 15.46
N GLU B 22 1.81 -2.40 14.16
CA GLU B 22 2.40 -3.46 13.33
C GLU B 22 2.71 -2.96 11.92
N LEU B 23 3.95 -2.54 11.76
CA LEU B 23 4.45 -2.02 10.48
C LEU B 23 4.19 -2.94 9.31
N VAL B 24 4.54 -2.42 8.13
CA VAL B 24 4.42 -3.16 6.90
C VAL B 24 5.80 -3.38 6.38
N SER B 25 6.30 -4.60 6.45
CA SER B 25 7.64 -4.88 5.98
C SER B 25 7.63 -5.29 4.53
N CYS B 26 8.36 -4.54 3.73
CA CYS B 26 8.45 -4.82 2.32
C CYS B 26 9.10 -6.18 2.09
N ALA B 27 8.62 -6.91 1.10
CA ALA B 27 9.15 -8.24 0.80
C ALA B 27 10.26 -8.19 -0.23
N ASP B 28 10.55 -6.99 -0.71
CA ASP B 28 11.59 -6.78 -1.70
C ASP B 28 12.80 -6.12 -1.07
N CYS B 29 12.63 -4.90 -0.60
CA CYS B 29 13.69 -4.13 0.03
C CYS B 29 13.75 -4.43 1.53
N GLY B 30 12.59 -4.41 2.18
CA GLY B 30 12.51 -4.72 3.60
C GLY B 30 12.19 -3.54 4.52
N ARG B 31 11.77 -2.41 3.96
CA ARG B 31 11.42 -1.25 4.77
C ARG B 31 10.01 -1.42 5.34
N SER B 32 9.78 -0.93 6.56
CA SER B 32 8.46 -1.08 7.17
C SER B 32 7.72 0.25 7.38
N GLY B 33 6.40 0.14 7.62
CA GLY B 33 5.58 1.33 7.84
C GLY B 33 4.38 1.08 8.75
N HIS B 34 4.03 2.00 9.64
CA HIS B 34 2.86 1.77 10.48
C HIS B 34 1.63 1.94 9.61
N PRO B 35 0.78 0.92 9.47
CA PRO B 35 -0.41 1.03 8.63
C PRO B 35 -1.18 2.32 8.92
N THR B 36 -1.24 2.69 10.20
CA THR B 36 -1.94 3.91 10.60
C THR B 36 -1.29 5.14 9.97
N CYS B 37 0.04 5.15 9.94
CA CYS B 37 0.79 6.26 9.36
C CYS B 37 0.71 6.24 7.85
N LEU B 38 0.59 5.04 7.28
CA LEU B 38 0.50 4.92 5.82
C LEU B 38 -0.90 5.28 5.33
N GLN B 39 -1.81 5.50 6.28
CA GLN B 39 -3.20 5.84 5.97
C GLN B 39 -3.91 4.62 5.39
N PHE B 40 -3.32 3.45 5.64
CA PHE B 40 -3.87 2.19 5.16
C PHE B 40 -5.24 1.91 5.77
N THR B 41 -5.71 0.68 5.55
CA THR B 41 -6.97 0.20 6.09
C THR B 41 -6.78 -1.17 6.71
N LEU B 42 -7.83 -1.76 7.25
CA LEU B 42 -7.72 -3.08 7.87
C LEU B 42 -7.44 -4.16 6.83
N ASN B 43 -8.17 -4.15 5.73
CA ASN B 43 -7.98 -5.14 4.68
C ASN B 43 -6.57 -5.07 4.11
N MET B 44 -6.07 -3.85 3.94
CA MET B 44 -4.72 -3.66 3.42
C MET B 44 -3.70 -4.11 4.43
N THR B 45 -3.84 -3.61 5.65
CA THR B 45 -2.91 -3.95 6.70
C THR B 45 -2.83 -5.46 6.80
N GLU B 46 -3.98 -6.07 6.99
CA GLU B 46 -4.09 -7.51 7.06
C GLU B 46 -3.46 -8.18 5.83
N ALA B 47 -3.87 -7.73 4.65
CA ALA B 47 -3.36 -8.28 3.40
C ALA B 47 -1.83 -8.26 3.36
N VAL B 48 -1.31 -7.05 3.44
CA VAL B 48 0.12 -6.80 3.41
C VAL B 48 0.85 -7.46 4.55
N LYS B 49 0.14 -7.77 5.61
CA LYS B 49 0.75 -8.38 6.77
C LYS B 49 1.20 -9.80 6.47
N THR B 50 0.33 -10.53 5.78
CA THR B 50 0.59 -11.92 5.43
C THR B 50 1.29 -12.11 4.08
N TYR B 51 0.80 -11.45 3.01
CA TYR B 51 1.40 -11.64 1.70
C TYR B 51 2.47 -10.59 1.39
N LYS B 52 2.87 -10.52 0.12
CA LYS B 52 3.90 -9.58 -0.32
C LYS B 52 3.34 -8.19 -0.51
N TRP B 53 3.91 -7.21 0.19
CA TRP B 53 3.42 -5.84 0.11
C TRP B 53 4.40 -4.94 -0.65
N GLN B 54 5.67 -5.36 -0.78
CA GLN B 54 6.73 -4.58 -1.46
C GLN B 54 6.46 -3.09 -1.35
N CYS B 55 7.19 -2.42 -0.48
CA CYS B 55 7.02 -0.98 -0.30
C CYS B 55 6.88 -0.29 -1.64
N ILE B 56 6.50 0.97 -1.65
CA ILE B 56 6.26 1.65 -2.89
C ILE B 56 7.45 1.72 -3.85
N GLU B 57 8.54 2.34 -3.45
CA GLU B 57 9.68 2.52 -4.35
C GLU B 57 9.91 1.31 -5.26
N CYS B 58 9.66 0.13 -4.73
CA CYS B 58 9.81 -1.08 -5.54
C CYS B 58 8.53 -1.28 -6.35
N LYS B 59 7.43 -1.42 -5.63
CA LYS B 59 6.12 -1.65 -6.20
C LYS B 59 6.15 -2.50 -7.47
N SER B 60 5.03 -2.53 -8.17
CA SER B 60 4.86 -3.27 -9.42
C SER B 60 3.41 -3.54 -9.71
N CYS B 61 3.18 -4.05 -10.90
CA CYS B 61 1.87 -4.37 -11.38
C CYS B 61 1.54 -5.85 -11.19
N ILE B 62 0.80 -6.22 -10.16
CA ILE B 62 0.42 -7.61 -9.96
C ILE B 62 0.06 -8.19 -11.32
N LEU B 63 -0.46 -7.31 -12.16
CA LEU B 63 -0.85 -7.65 -13.52
C LEU B 63 0.40 -7.88 -14.37
N CYS B 64 1.28 -6.88 -14.44
CA CYS B 64 2.55 -7.00 -15.16
C CYS B 64 3.64 -7.50 -14.21
N GLY B 65 3.87 -6.71 -13.17
CA GLY B 65 4.88 -7.00 -12.18
C GLY B 65 6.20 -6.45 -12.61
N THR B 66 6.14 -5.29 -13.26
CA THR B 66 7.34 -4.66 -13.77
C THR B 66 7.50 -3.26 -13.22
N SER B 67 6.45 -2.77 -12.58
CA SER B 67 6.43 -1.44 -12.00
C SER B 67 6.85 -0.39 -13.03
N GLU B 68 6.87 -0.78 -14.31
CA GLU B 68 7.27 0.13 -15.39
C GLU B 68 6.50 1.45 -15.36
N ASN B 69 5.31 1.45 -15.95
CA ASN B 69 4.50 2.65 -16.03
C ASN B 69 3.78 2.98 -14.72
N ASP B 70 4.51 2.96 -13.60
CA ASP B 70 3.93 3.28 -12.30
C ASP B 70 3.10 4.55 -12.35
N ASP B 71 3.27 5.34 -13.40
CA ASP B 71 2.50 6.57 -13.56
C ASP B 71 1.03 6.22 -13.79
N GLN B 72 0.81 4.94 -14.05
CA GLN B 72 -0.51 4.41 -14.29
C GLN B 72 -0.83 3.36 -13.24
N LEU B 73 0.22 2.78 -12.67
CA LEU B 73 0.05 1.78 -11.65
C LEU B 73 -0.90 2.28 -10.60
N LEU B 74 -1.76 1.39 -10.20
CA LEU B 74 -2.78 1.70 -9.22
C LEU B 74 -2.46 0.98 -7.95
N PHE B 75 -2.16 1.75 -6.95
CA PHE B 75 -1.78 1.20 -5.68
C PHE B 75 -3.00 0.94 -4.85
N CYS B 76 -3.46 -0.29 -4.92
CA CYS B 76 -4.58 -0.68 -4.13
C CYS B 76 -4.20 -0.46 -2.69
N ASP B 77 -4.81 0.49 -2.04
CA ASP B 77 -4.45 0.72 -0.67
C ASP B 77 -5.29 -0.20 0.24
N ASP B 78 -5.65 -1.37 -0.30
CA ASP B 78 -6.47 -2.35 0.41
C ASP B 78 -5.75 -3.70 0.52
N CYS B 79 -4.58 -3.78 -0.10
CA CYS B 79 -3.74 -4.95 -0.08
C CYS B 79 -2.37 -4.57 -0.63
N ASP B 80 -2.36 -3.48 -1.41
CA ASP B 80 -1.16 -2.92 -2.04
C ASP B 80 -0.99 -3.33 -3.51
N ARG B 81 -1.61 -4.42 -3.91
CA ARG B 81 -1.53 -4.90 -5.29
C ARG B 81 -1.67 -3.75 -6.30
N GLY B 82 -0.59 -3.48 -7.05
CA GLY B 82 -0.60 -2.40 -8.03
C GLY B 82 -0.99 -2.87 -9.43
N TYR B 83 -1.84 -2.11 -10.10
CA TYR B 83 -2.27 -2.42 -11.47
C TYR B 83 -2.21 -1.17 -12.31
N HIS B 84 -1.60 -1.23 -13.47
CA HIS B 84 -1.57 -0.03 -14.30
C HIS B 84 -3.03 0.22 -14.66
N MET B 85 -3.63 1.35 -14.29
CA MET B 85 -5.06 1.60 -14.60
C MET B 85 -5.50 0.96 -15.89
N TYR B 86 -4.59 0.82 -16.83
CA TYR B 86 -4.94 0.22 -18.09
C TYR B 86 -4.56 -1.26 -18.11
N CYS B 87 -4.57 -1.88 -16.93
CA CYS B 87 -4.25 -3.29 -16.82
C CYS B 87 -5.39 -4.01 -16.17
N LEU B 88 -6.14 -3.26 -15.41
CA LEU B 88 -7.27 -3.78 -14.67
C LEU B 88 -8.27 -4.49 -15.59
N ASN B 89 -9.33 -5.01 -14.98
CA ASN B 89 -10.39 -5.67 -15.71
C ASN B 89 -11.35 -4.62 -16.20
N PRO B 90 -11.69 -3.66 -15.32
CA PRO B 90 -12.51 -2.54 -15.63
C PRO B 90 -11.68 -1.26 -15.52
N PRO B 91 -10.57 -1.20 -16.28
CA PRO B 91 -9.61 -0.11 -16.29
C PRO B 91 -10.17 1.26 -15.93
N VAL B 92 -9.29 2.09 -15.38
CA VAL B 92 -9.62 3.44 -14.96
C VAL B 92 -8.65 4.39 -15.63
N ALA B 93 -8.86 5.68 -15.44
CA ALA B 93 -8.01 6.68 -16.10
C ALA B 93 -6.97 7.33 -15.17
N GLU B 94 -7.34 7.56 -13.92
CA GLU B 94 -6.43 8.22 -12.96
C GLU B 94 -6.96 8.17 -11.53
N PRO B 95 -8.22 8.59 -11.37
CA PRO B 95 -8.99 8.63 -10.14
C PRO B 95 -8.39 7.89 -8.94
N PRO B 96 -8.09 6.58 -9.03
CA PRO B 96 -7.55 5.82 -7.91
C PRO B 96 -6.16 6.26 -7.49
N GLU B 97 -6.10 7.39 -6.80
CA GLU B 97 -4.84 7.93 -6.29
C GLU B 97 -4.75 7.72 -4.78
N GLY B 98 -5.82 7.18 -4.20
CA GLY B 98 -5.84 6.95 -2.76
C GLY B 98 -7.19 6.50 -2.25
N SER B 99 -7.58 5.29 -2.63
CA SER B 99 -8.85 4.71 -2.21
C SER B 99 -9.09 3.38 -2.92
N TRP B 100 -8.61 3.31 -4.17
CA TRP B 100 -8.73 2.15 -5.02
C TRP B 100 -8.60 0.85 -4.26
N SER B 101 -9.34 -0.10 -4.75
CA SER B 101 -9.35 -1.44 -4.23
C SER B 101 -9.13 -2.40 -5.40
N CYS B 102 -7.97 -3.07 -5.42
CA CYS B 102 -7.68 -4.00 -6.49
C CYS B 102 -8.78 -5.06 -6.49
N HIS B 103 -8.92 -5.82 -7.56
CA HIS B 103 -9.99 -6.79 -7.60
C HIS B 103 -9.95 -7.68 -6.38
N LEU B 104 -8.75 -7.90 -5.86
CA LEU B 104 -8.59 -8.75 -4.69
C LEU B 104 -9.41 -8.28 -3.49
N CYS B 105 -9.49 -6.96 -3.30
CA CYS B 105 -10.17 -6.42 -2.12
C CYS B 105 -11.69 -6.51 -2.20
N TRP B 106 -12.26 -5.89 -3.20
CA TRP B 106 -13.68 -5.88 -3.33
C TRP B 106 -14.20 -7.25 -3.70
N GLU B 107 -13.42 -8.02 -4.42
CA GLU B 107 -13.85 -9.38 -4.73
C GLU B 107 -13.88 -10.14 -3.43
N LEU B 108 -13.00 -9.73 -2.53
CA LEU B 108 -12.93 -10.29 -1.20
C LEU B 108 -14.17 -9.85 -0.45
N LEU B 109 -14.67 -8.71 -0.88
CA LEU B 109 -15.87 -8.09 -0.35
C LEU B 109 -17.07 -8.94 -0.74
N LYS B 110 -17.19 -9.13 -2.05
CA LYS B 110 -18.27 -9.90 -2.64
C LYS B 110 -18.21 -11.34 -2.13
N GLU B 111 -17.00 -11.79 -1.85
CA GLU B 111 -16.76 -13.13 -1.33
C GLU B 111 -17.15 -13.26 0.13
N LYS B 112 -16.57 -12.41 0.98
CA LYS B 112 -16.84 -12.45 2.40
C LYS B 112 -18.31 -12.15 2.70
N ALA B 113 -18.93 -11.40 1.80
CA ALA B 113 -20.33 -11.00 1.94
C ALA B 113 -21.24 -12.21 2.18
N SER B 114 -22.53 -11.93 2.36
CA SER B 114 -23.50 -12.99 2.58
C SER B 114 -24.93 -12.46 2.38
ZN ZN C . 4.52 5.38 12.24
ZN ZN D . 10.29 -2.32 -1.32
ZN ZN E . -6.52 -4.87 -3.01
ZN ZN F . 0.46 -3.45 -15.78
#